data_2N02
#
_entry.id   2N02
#
loop_
_entity.id
_entity.type
_entity.pdbx_description
1 polymer 'Translocator protein'
2 non-polymer N-[(2R)-butan-2-yl]-1-(2-chlorophenyl)-N-methylisoquinoline-3-carboxamide
#
_entity_poly.entity_id   1
_entity_poly.type   'polypeptide(L)'
_entity_poly.pdbx_seq_one_letter_code
;MPESWVPAVGLTLVPSLGGFMGAYFVRGEGLRWYAGLQKPSWHPPRWTLAPIWGTLYSAMGYGSYIVWKELGGFTEDAMV
PLGLYTGQLALNWAWPPIFFGARQMGWALADLLLVSGVATATTLAWHRVSPPAARLLYPYLAWLAFTTVLNYYVWRDNSG
RRGGSRLAE
;
_entity_poly.pdbx_strand_id   A
#
loop_
_chem_comp.id
_chem_comp.type
_chem_comp.name
_chem_comp.formula
PKA non-polymer N-[(2R)-butan-2-yl]-1-(2-chlorophenyl)-N-methylisoquinoline-3-carboxamide 'C21 H21 Cl N2 O'
#
# COMPACT_ATOMS: atom_id res chain seq x y z
N MET A 1 -3.67 20.13 23.56
CA MET A 1 -4.83 20.41 22.72
C MET A 1 -5.23 19.15 21.95
N PRO A 2 -6.52 18.92 21.81
CA PRO A 2 -7.02 17.71 21.08
C PRO A 2 -6.49 17.64 19.64
N GLU A 3 -6.10 18.79 19.12
CA GLU A 3 -5.58 18.88 17.75
C GLU A 3 -4.39 17.96 17.52
N SER A 4 -3.63 17.67 18.58
CA SER A 4 -2.44 16.83 18.43
C SER A 4 -2.77 15.46 17.82
N TRP A 5 -3.85 14.84 18.26
CA TRP A 5 -4.24 13.53 17.75
C TRP A 5 -4.92 13.61 16.39
N VAL A 6 -5.63 14.71 16.14
CA VAL A 6 -6.35 14.89 14.88
C VAL A 6 -5.52 14.41 13.69
N PRO A 7 -4.22 14.66 13.67
CA PRO A 7 -3.37 14.20 12.55
C PRO A 7 -3.47 12.70 12.28
N ALA A 8 -3.88 11.94 13.30
CA ALA A 8 -3.99 10.49 13.13
C ALA A 8 -4.85 10.19 11.91
N VAL A 9 -5.91 10.96 11.73
CA VAL A 9 -6.76 10.76 10.57
C VAL A 9 -5.96 11.07 9.32
N GLY A 10 -5.18 12.15 9.39
CA GLY A 10 -4.34 12.55 8.27
C GLY A 10 -3.26 11.51 8.00
N LEU A 11 -2.78 10.86 9.06
CA LEU A 11 -1.74 9.84 8.90
C LEU A 11 -2.19 8.76 7.92
N THR A 12 -3.43 8.30 8.05
CA THR A 12 -3.93 7.25 7.15
C THR A 12 -4.32 7.81 5.77
N LEU A 13 -4.84 9.04 5.73
CA LEU A 13 -5.24 9.64 4.46
C LEU A 13 -4.04 9.88 3.54
N VAL A 14 -2.90 10.23 4.12
CA VAL A 14 -1.71 10.51 3.34
C VAL A 14 -1.35 9.36 2.39
N PRO A 15 -1.14 8.16 2.89
CA PRO A 15 -0.77 7.01 2.01
C PRO A 15 -1.82 6.72 0.94
N SER A 16 -3.09 6.94 1.28
CA SER A 16 -4.16 6.68 0.33
C SER A 16 -3.99 7.51 -0.94
N LEU A 17 -3.54 8.75 -0.79
CA LEU A 17 -3.34 9.62 -1.93
C LEU A 17 -2.27 9.09 -2.87
N GLY A 18 -1.20 8.51 -2.32
CA GLY A 18 -0.12 7.99 -3.14
C GLY A 18 -0.57 6.79 -3.97
N GLY A 19 -1.14 5.80 -3.31
CA GLY A 19 -1.60 4.59 -4.01
C GLY A 19 -2.64 4.93 -5.06
N PHE A 20 -3.49 5.90 -4.76
CA PHE A 20 -4.54 6.31 -5.69
C PHE A 20 -3.95 6.77 -7.02
N MET A 21 -2.88 7.57 -6.96
CA MET A 21 -2.26 8.07 -8.18
C MET A 21 -1.74 6.93 -9.05
N GLY A 22 -1.16 5.92 -8.40
CA GLY A 22 -0.63 4.77 -9.12
C GLY A 22 -1.75 3.96 -9.76
N ALA A 23 -2.82 3.77 -9.00
CA ALA A 23 -3.98 3.03 -9.47
C ALA A 23 -4.71 3.80 -10.55
N TYR A 24 -4.59 5.12 -10.49
CA TYR A 24 -5.22 5.98 -11.47
C TYR A 24 -4.68 5.69 -12.88
N PHE A 25 -3.40 5.35 -12.96
CA PHE A 25 -2.77 5.08 -14.26
C PHE A 25 -3.40 3.89 -14.98
N VAL A 26 -3.55 2.78 -14.29
CA VAL A 26 -4.14 1.59 -14.92
C VAL A 26 -5.61 1.81 -15.14
N ARG A 27 -6.19 2.54 -14.23
CA ARG A 27 -7.61 2.88 -14.26
C ARG A 27 -8.00 3.68 -15.50
N GLY A 28 -7.16 4.63 -15.87
CA GLY A 28 -7.45 5.51 -16.98
C GLY A 28 -6.90 5.00 -18.32
N GLU A 29 -6.09 5.83 -18.97
CA GLU A 29 -5.50 5.48 -20.27
C GLU A 29 -4.73 4.17 -20.19
N GLY A 30 -4.19 3.87 -19.02
CA GLY A 30 -3.43 2.64 -18.86
C GLY A 30 -4.23 1.46 -19.39
N LEU A 31 -5.56 1.53 -19.25
CA LEU A 31 -6.41 0.44 -19.74
C LEU A 31 -6.04 0.12 -21.18
N ARG A 32 -5.83 1.15 -21.98
CA ARG A 32 -5.45 0.95 -23.37
C ARG A 32 -4.12 0.21 -23.43
N TRP A 33 -3.20 0.64 -22.57
CA TRP A 33 -1.88 0.03 -22.50
C TRP A 33 -1.98 -1.44 -22.07
N TYR A 34 -2.88 -1.70 -21.12
CA TYR A 34 -3.06 -3.06 -20.61
C TYR A 34 -3.57 -4.00 -21.69
N ALA A 35 -4.22 -3.46 -22.73
CA ALA A 35 -4.72 -4.33 -23.79
C ALA A 35 -3.60 -5.25 -24.24
N GLY A 36 -2.39 -4.69 -24.33
CA GLY A 36 -1.23 -5.47 -24.72
C GLY A 36 -0.86 -6.47 -23.62
N LEU A 37 -1.13 -6.07 -22.38
CA LEU A 37 -0.82 -6.91 -21.22
C LEU A 37 -2.01 -7.80 -20.87
N GLN A 38 -1.72 -8.99 -20.34
CA GLN A 38 -2.78 -9.91 -19.96
C GLN A 38 -3.06 -9.82 -18.47
N LYS A 39 -4.32 -9.63 -18.11
CA LYS A 39 -4.73 -9.54 -16.71
C LYS A 39 -5.44 -10.83 -16.31
N PRO A 40 -5.16 -11.36 -15.14
CA PRO A 40 -5.82 -12.62 -14.72
C PRO A 40 -7.35 -12.52 -14.76
N SER A 41 -7.99 -13.60 -15.18
CA SER A 41 -9.44 -13.63 -15.30
C SER A 41 -10.14 -13.44 -13.95
N TRP A 42 -9.51 -13.87 -12.87
CA TRP A 42 -10.12 -13.73 -11.56
C TRP A 42 -9.98 -12.30 -11.03
N HIS A 43 -9.36 -11.44 -11.83
CA HIS A 43 -9.17 -10.05 -11.45
C HIS A 43 -10.53 -9.39 -11.21
N PRO A 44 -10.74 -8.76 -10.08
CA PRO A 44 -12.04 -8.09 -9.79
C PRO A 44 -12.12 -6.71 -10.44
N PRO A 45 -13.30 -6.13 -10.48
CA PRO A 45 -13.48 -4.78 -11.09
C PRO A 45 -12.49 -3.77 -10.50
N ARG A 46 -11.98 -2.90 -11.35
CA ARG A 46 -11.02 -1.89 -10.91
C ARG A 46 -11.63 -0.98 -9.84
N TRP A 47 -12.92 -0.68 -9.99
CA TRP A 47 -13.60 0.20 -9.03
C TRP A 47 -13.88 -0.51 -7.70
N THR A 48 -13.73 -1.82 -7.69
CA THR A 48 -13.98 -2.58 -6.46
C THR A 48 -12.85 -2.42 -5.45
N LEU A 49 -11.69 -3.00 -5.77
CA LEU A 49 -10.55 -2.90 -4.87
C LEU A 49 -10.03 -1.47 -4.75
N ALA A 50 -10.08 -0.69 -5.81
CA ALA A 50 -9.58 0.68 -5.72
C ALA A 50 -10.04 1.32 -4.40
N PRO A 51 -11.25 1.09 -3.98
CA PRO A 51 -11.80 1.64 -2.70
C PRO A 51 -11.13 1.06 -1.44
N ILE A 52 -10.27 0.06 -1.60
CA ILE A 52 -9.61 -0.58 -0.44
C ILE A 52 -9.14 0.45 0.58
N TRP A 53 -8.60 1.56 0.11
CA TRP A 53 -8.10 2.57 1.03
C TRP A 53 -9.17 2.95 2.03
N GLY A 54 -10.42 2.92 1.61
CA GLY A 54 -11.50 3.24 2.53
C GLY A 54 -11.49 2.22 3.68
N THR A 55 -11.21 0.96 3.33
CA THR A 55 -11.16 -0.11 4.32
C THR A 55 -9.95 0.05 5.24
N LEU A 56 -8.78 0.22 4.65
CA LEU A 56 -7.55 0.41 5.43
C LEU A 56 -7.58 1.74 6.17
N TYR A 57 -8.21 2.72 5.53
CA TYR A 57 -8.32 4.06 6.09
C TYR A 57 -8.85 4.05 7.52
N SER A 58 -10.02 3.47 7.71
CA SER A 58 -10.62 3.41 9.04
C SER A 58 -9.80 2.56 9.99
N ALA A 59 -9.24 1.45 9.50
CA ALA A 59 -8.46 0.57 10.34
C ALA A 59 -7.23 1.27 10.88
N MET A 60 -6.54 2.01 10.02
CA MET A 60 -5.34 2.72 10.43
C MET A 60 -5.65 3.73 11.53
N GLY A 61 -6.79 4.40 11.44
CA GLY A 61 -7.15 5.39 12.46
C GLY A 61 -7.40 4.72 13.81
N TYR A 62 -8.31 3.75 13.81
CA TYR A 62 -8.64 3.05 15.05
C TYR A 62 -7.42 2.29 15.59
N GLY A 63 -6.61 1.71 14.71
CA GLY A 63 -5.43 0.98 15.16
C GLY A 63 -4.51 1.88 15.98
N SER A 64 -4.34 3.12 15.53
CA SER A 64 -3.50 4.05 16.25
C SER A 64 -4.08 4.32 17.62
N TYR A 65 -5.41 4.26 17.72
CA TYR A 65 -6.06 4.49 19.00
C TYR A 65 -5.55 3.48 20.02
N ILE A 66 -5.44 2.21 19.58
CA ILE A 66 -4.94 1.16 20.45
C ILE A 66 -3.59 1.56 21.02
N VAL A 67 -2.74 2.09 20.16
CA VAL A 67 -1.42 2.52 20.62
C VAL A 67 -1.59 3.61 21.67
N TRP A 68 -2.55 4.51 21.44
CA TRP A 68 -2.84 5.59 22.39
C TRP A 68 -3.33 5.02 23.73
N LYS A 69 -4.04 3.89 23.67
CA LYS A 69 -4.58 3.28 24.89
C LYS A 69 -3.45 2.84 25.83
N GLU A 70 -2.43 2.23 25.26
CA GLU A 70 -1.32 1.74 26.07
C GLU A 70 -0.48 2.88 26.62
N LEU A 71 -0.16 3.85 25.76
CA LEU A 71 0.67 4.98 26.17
C LEU A 71 -0.11 5.97 27.04
N GLY A 72 -1.43 6.02 26.84
CA GLY A 72 -2.28 6.92 27.61
C GLY A 72 -2.48 8.25 26.90
N GLY A 73 -1.89 8.39 25.71
CA GLY A 73 -2.03 9.63 24.94
C GLY A 73 -0.79 9.87 24.08
N PHE A 74 -0.61 11.11 23.64
CA PHE A 74 0.55 11.44 22.82
C PHE A 74 1.68 11.97 23.70
N THR A 75 2.69 11.14 23.84
CA THR A 75 3.87 11.45 24.61
C THR A 75 5.10 11.08 23.79
N GLU A 76 6.27 11.51 24.21
CA GLU A 76 7.47 11.22 23.45
C GLU A 76 7.46 9.76 23.00
N ASP A 77 6.92 8.87 23.84
CA ASP A 77 6.86 7.45 23.49
C ASP A 77 5.96 7.21 22.28
N ALA A 78 4.82 7.89 22.24
CA ALA A 78 3.86 7.74 21.13
C ALA A 78 4.38 8.32 19.82
N MET A 79 5.17 9.38 19.92
CA MET A 79 5.69 10.03 18.72
C MET A 79 6.56 9.08 17.89
N VAL A 80 7.29 8.19 18.56
CA VAL A 80 8.17 7.25 17.88
C VAL A 80 7.43 6.34 16.89
N PRO A 81 6.34 5.73 17.27
CA PRO A 81 5.59 4.82 16.37
C PRO A 81 4.81 5.56 15.27
N LEU A 82 3.84 6.37 15.66
CA LEU A 82 3.05 7.10 14.67
C LEU A 82 3.93 8.04 13.85
N GLY A 83 4.86 8.71 14.52
CA GLY A 83 5.77 9.64 13.82
C GLY A 83 6.57 8.91 12.75
N LEU A 84 7.05 7.72 13.08
CA LEU A 84 7.85 6.93 12.14
C LEU A 84 7.04 6.63 10.88
N TYR A 85 5.76 6.31 11.07
CA TYR A 85 4.91 5.99 9.94
C TYR A 85 4.83 7.16 8.97
N THR A 86 4.66 8.36 9.50
CA THR A 86 4.58 9.55 8.66
C THR A 86 5.91 9.80 7.94
N GLY A 87 7.01 9.65 8.69
CA GLY A 87 8.34 9.88 8.13
C GLY A 87 8.77 8.78 7.16
N GLN A 88 8.76 7.53 7.62
CA GLN A 88 9.19 6.42 6.79
C GLN A 88 8.35 6.34 5.51
N LEU A 89 7.05 6.55 5.63
CA LEU A 89 6.18 6.48 4.47
C LEU A 89 6.59 7.53 3.44
N ALA A 90 6.99 8.70 3.91
CA ALA A 90 7.41 9.77 3.01
C ALA A 90 8.68 9.39 2.25
N LEU A 91 9.67 8.86 2.98
CA LEU A 91 10.91 8.47 2.33
C LEU A 91 10.60 7.48 1.22
N ASN A 92 9.71 6.55 1.51
CA ASN A 92 9.30 5.55 0.53
C ASN A 92 8.56 6.22 -0.64
N TRP A 93 7.78 7.24 -0.35
CA TRP A 93 7.04 7.94 -1.41
C TRP A 93 8.00 8.35 -2.51
N ALA A 94 9.25 8.63 -2.14
CA ALA A 94 10.27 9.05 -3.10
C ALA A 94 10.70 7.90 -4.02
N TRP A 95 10.46 6.66 -3.60
CA TRP A 95 10.85 5.47 -4.37
C TRP A 95 10.16 5.33 -5.74
N PRO A 96 8.83 5.30 -5.77
CA PRO A 96 8.09 5.10 -7.04
C PRO A 96 8.47 6.11 -8.12
N PRO A 97 8.74 5.67 -9.33
CA PRO A 97 9.07 6.59 -10.45
C PRO A 97 7.92 6.66 -11.44
N ILE A 98 7.14 5.58 -11.48
CA ILE A 98 6.00 5.45 -12.38
C ILE A 98 4.94 6.52 -12.14
N PHE A 99 4.85 7.06 -10.94
CA PHE A 99 3.83 8.07 -10.67
C PHE A 99 3.85 9.18 -11.71
N PHE A 100 5.04 9.64 -12.07
CA PHE A 100 5.16 10.72 -13.05
C PHE A 100 4.63 10.30 -14.43
N GLY A 101 5.08 9.14 -14.92
CA GLY A 101 4.65 8.66 -16.24
C GLY A 101 3.81 7.39 -16.14
N ALA A 102 4.45 6.29 -15.75
CA ALA A 102 3.75 5.01 -15.65
C ALA A 102 3.51 4.41 -17.03
N ARG A 103 3.90 5.16 -18.07
CA ARG A 103 3.72 4.68 -19.43
C ARG A 103 4.37 3.32 -19.62
N GLN A 104 5.48 3.11 -18.93
CA GLN A 104 6.20 1.83 -19.01
C GLN A 104 5.64 0.81 -18.03
N MET A 105 5.84 -0.46 -18.36
CA MET A 105 5.37 -1.57 -17.53
C MET A 105 5.91 -1.48 -16.11
N GLY A 106 6.93 -0.66 -15.89
CA GLY A 106 7.53 -0.53 -14.55
C GLY A 106 6.50 -0.43 -13.42
N TRP A 107 5.21 -0.54 -13.76
CA TRP A 107 4.16 -0.47 -12.75
C TRP A 107 4.46 -1.36 -11.55
N ALA A 108 5.32 -2.36 -11.77
CA ALA A 108 5.67 -3.30 -10.71
C ALA A 108 6.20 -2.58 -9.48
N LEU A 109 6.78 -1.42 -9.69
CA LEU A 109 7.32 -0.64 -8.58
C LEU A 109 6.23 -0.27 -7.58
N ALA A 110 5.01 -0.03 -8.08
CA ALA A 110 3.90 0.31 -7.18
C ALA A 110 3.67 -0.83 -6.19
N ASP A 111 3.84 -2.05 -6.69
CA ASP A 111 3.64 -3.24 -5.87
C ASP A 111 4.60 -3.31 -4.69
N LEU A 112 5.88 -3.02 -4.93
CA LEU A 112 6.88 -3.07 -3.86
C LEU A 112 6.63 -2.00 -2.80
N LEU A 113 6.42 -0.77 -3.24
CA LEU A 113 6.17 0.31 -2.30
C LEU A 113 4.83 0.10 -1.61
N LEU A 114 3.85 -0.34 -2.38
CA LEU A 114 2.53 -0.60 -1.85
C LEU A 114 2.58 -1.54 -0.66
N VAL A 115 3.09 -2.73 -0.91
CA VAL A 115 3.15 -3.78 0.09
C VAL A 115 4.17 -3.50 1.19
N SER A 116 5.43 -3.44 0.81
CA SER A 116 6.49 -3.22 1.79
C SER A 116 6.41 -1.84 2.44
N GLY A 117 6.06 -0.83 1.67
CA GLY A 117 6.00 0.53 2.21
C GLY A 117 4.98 0.68 3.33
N VAL A 118 3.73 0.33 3.06
CA VAL A 118 2.69 0.45 4.06
C VAL A 118 2.87 -0.55 5.20
N ALA A 119 3.30 -1.76 4.87
CA ALA A 119 3.46 -2.81 5.88
C ALA A 119 4.73 -2.63 6.72
N THR A 120 5.86 -2.36 6.07
CA THR A 120 7.13 -2.22 6.79
C THR A 120 7.08 -1.09 7.81
N ALA A 121 6.51 0.05 7.45
CA ALA A 121 6.45 1.17 8.38
C ALA A 121 5.51 0.89 9.54
N THR A 122 4.30 0.46 9.23
CA THR A 122 3.29 0.17 10.25
C THR A 122 3.70 -1.00 11.14
N THR A 123 4.25 -2.05 10.54
CA THR A 123 4.62 -3.24 11.29
C THR A 123 5.65 -2.95 12.38
N LEU A 124 6.70 -2.21 12.06
CA LEU A 124 7.74 -1.92 13.04
C LEU A 124 7.23 -1.04 14.18
N ALA A 125 6.34 -0.11 13.87
CA ALA A 125 5.84 0.81 14.90
C ALA A 125 4.69 0.21 15.73
N TRP A 126 3.56 -0.07 15.08
CA TRP A 126 2.38 -0.58 15.78
C TRP A 126 2.57 -1.98 16.37
N HIS A 127 3.22 -2.88 15.63
CA HIS A 127 3.38 -4.25 16.12
C HIS A 127 4.12 -4.29 17.46
N ARG A 128 5.23 -3.59 17.54
CA ARG A 128 6.03 -3.60 18.76
C ARG A 128 5.29 -2.94 19.93
N VAL A 129 4.69 -1.78 19.67
CA VAL A 129 3.97 -1.06 20.73
C VAL A 129 2.60 -1.65 20.98
N SER A 130 1.84 -1.92 19.93
CA SER A 130 0.49 -2.48 20.07
C SER A 130 0.30 -3.71 19.20
N PRO A 131 0.72 -4.86 19.68
CA PRO A 131 0.57 -6.12 18.92
C PRO A 131 -0.89 -6.36 18.48
N PRO A 132 -1.85 -6.13 19.35
CA PRO A 132 -3.28 -6.35 18.98
C PRO A 132 -3.68 -5.53 17.76
N ALA A 133 -3.09 -4.34 17.63
CA ALA A 133 -3.41 -3.47 16.50
C ALA A 133 -3.02 -4.14 15.19
N ALA A 134 -2.01 -4.99 15.24
CA ALA A 134 -1.57 -5.68 14.04
C ALA A 134 -2.72 -6.50 13.46
N ARG A 135 -3.52 -7.10 14.33
CA ARG A 135 -4.66 -7.89 13.86
C ARG A 135 -5.64 -7.00 13.12
N LEU A 136 -5.83 -5.79 13.61
CA LEU A 136 -6.74 -4.86 12.97
C LEU A 136 -6.40 -4.72 11.50
N LEU A 137 -5.11 -4.71 11.22
CA LEU A 137 -4.64 -4.58 9.85
C LEU A 137 -5.16 -5.74 9.00
N TYR A 138 -5.43 -6.87 9.65
CA TYR A 138 -5.93 -8.08 8.97
C TYR A 138 -6.18 -7.89 7.46
N PRO A 139 -7.16 -7.07 7.08
CA PRO A 139 -7.45 -6.87 5.62
C PRO A 139 -6.22 -6.43 4.82
N TYR A 140 -5.31 -5.72 5.46
CA TYR A 140 -4.11 -5.25 4.81
C TYR A 140 -3.34 -6.43 4.21
N LEU A 141 -3.28 -7.53 4.95
CA LEU A 141 -2.59 -8.73 4.49
C LEU A 141 -3.25 -9.29 3.23
N ALA A 142 -4.57 -9.33 3.23
CA ALA A 142 -5.30 -9.86 2.09
C ALA A 142 -5.15 -8.96 0.86
N TRP A 143 -5.30 -7.65 1.07
CA TRP A 143 -5.17 -6.71 -0.03
C TRP A 143 -3.77 -6.77 -0.63
N LEU A 144 -2.76 -6.69 0.22
CA LEU A 144 -1.39 -6.75 -0.24
C LEU A 144 -1.10 -8.11 -0.88
N ALA A 145 -1.71 -9.16 -0.34
CA ALA A 145 -1.49 -10.50 -0.86
C ALA A 145 -1.94 -10.61 -2.32
N PHE A 146 -3.07 -10.00 -2.64
CA PHE A 146 -3.58 -10.04 -4.02
C PHE A 146 -2.60 -9.41 -4.99
N THR A 147 -2.00 -8.28 -4.60
CA THR A 147 -1.06 -7.61 -5.48
C THR A 147 0.14 -8.50 -5.81
N THR A 148 0.62 -9.25 -4.83
CA THR A 148 1.76 -10.12 -5.08
C THR A 148 1.46 -11.12 -6.20
N VAL A 149 0.34 -11.82 -6.08
CA VAL A 149 -0.05 -12.80 -7.09
C VAL A 149 -0.48 -12.11 -8.38
N LEU A 150 -1.27 -11.06 -8.25
CA LEU A 150 -1.76 -10.30 -9.39
C LEU A 150 -0.60 -9.74 -10.22
N ASN A 151 0.43 -9.25 -9.55
CA ASN A 151 1.59 -8.70 -10.26
C ASN A 151 2.30 -9.76 -11.08
N TYR A 152 2.44 -10.97 -10.54
CA TYR A 152 3.12 -12.03 -11.27
C TYR A 152 2.42 -12.37 -12.57
N TYR A 153 1.08 -12.40 -12.55
CA TYR A 153 0.34 -12.73 -13.75
C TYR A 153 0.64 -11.76 -14.89
N VAL A 154 0.63 -10.46 -14.60
CA VAL A 154 0.90 -9.47 -15.62
C VAL A 154 2.38 -9.45 -16.03
N TRP A 155 3.26 -9.37 -15.04
CA TRP A 155 4.69 -9.32 -15.33
C TRP A 155 5.20 -10.65 -15.91
N ARG A 156 4.76 -11.76 -15.32
CA ARG A 156 5.22 -13.07 -15.80
C ARG A 156 4.83 -13.27 -17.27
N ASP A 157 3.65 -12.81 -17.65
CA ASP A 157 3.19 -12.96 -19.02
C ASP A 157 4.15 -12.29 -20.00
N ASN A 158 4.61 -11.09 -19.64
CA ASN A 158 5.55 -10.36 -20.48
C ASN A 158 6.98 -10.77 -20.18
N SER A 159 7.34 -10.64 -18.90
CA SER A 159 8.68 -11.00 -18.44
C SER A 159 8.98 -12.47 -18.70
N GLY A 160 7.93 -13.28 -18.77
CA GLY A 160 8.09 -14.71 -19.00
C GLY A 160 8.95 -14.96 -20.24
N ARG A 161 8.88 -14.05 -21.21
CA ARG A 161 9.65 -14.19 -22.43
C ARG A 161 11.15 -14.29 -22.10
N ARG A 162 11.55 -13.63 -21.03
CA ARG A 162 12.96 -13.64 -20.62
C ARG A 162 13.08 -14.27 -19.23
N GLY A 163 14.21 -14.96 -19.01
CA GLY A 163 14.44 -15.61 -17.73
C GLY A 163 13.81 -16.99 -17.70
N GLY A 164 13.43 -17.50 -18.87
CA GLY A 164 12.80 -18.80 -18.96
C GLY A 164 13.67 -19.86 -18.27
N SER A 165 14.98 -19.70 -18.36
CA SER A 165 15.90 -20.63 -17.73
C SER A 165 15.69 -20.65 -16.23
N ARG A 166 15.20 -19.53 -15.69
CA ARG A 166 14.96 -19.41 -14.26
C ARG A 166 14.02 -20.52 -13.77
N LEU A 167 13.09 -20.94 -14.62
CA LEU A 167 12.16 -21.99 -14.24
C LEU A 167 12.74 -23.37 -14.56
N ALA A 168 12.41 -24.34 -13.72
CA ALA A 168 12.90 -25.71 -13.93
C ALA A 168 11.82 -26.59 -14.52
N GLU A 169 12.25 -27.58 -15.29
CA GLU A 169 11.34 -28.51 -15.96
C GLU A 169 9.99 -28.57 -15.25
C1 PKA B . -4.69 -3.60 -11.93
C2 PKA B . -6.00 -3.80 -11.16
C3 PKA B . -5.95 -3.03 -9.83
C4 PKA B . -6.68 -1.69 -9.93
N5 PKA B . -6.57 -3.81 -8.76
C6 PKA B . -7.78 -4.59 -9.05
C7 PKA B . -6.21 -3.63 -7.46
O8 PKA B . -6.79 -4.23 -6.56
C9 PKA B . -5.11 -2.69 -7.14
N18 PKA B . -3.87 -2.82 -7.77
C17 PKA B . -2.82 -1.93 -7.46
C10 PKA B . -5.30 -1.68 -6.18
C11 PKA B . -4.25 -0.80 -5.86
C12 PKA B . -4.44 0.21 -4.91
C16 PKA B . -3.01 -0.92 -6.50
C13 PKA B . -3.39 1.08 -4.59
C14 PKA B . -2.16 0.95 -5.24
C15 PKA B . -1.97 -0.05 -6.19
C19 PKA B . -1.52 -2.07 -8.15
C24 PKA B . -1.07 -1.07 -9.01
C23 PKA B . 0.16 -1.20 -9.66
C20 PKA B . -0.73 -3.20 -7.92
C21 PKA B . 0.49 -3.34 -8.57
C22 PKA B . 0.94 -2.34 -9.43
CL PKA B . -2.04 0.34 -9.28
H1C PKA B . -3.96 -4.34 -11.61
H1A PKA B . -4.29 -2.61 -11.74
H1B PKA B . -4.87 -3.72 -12.99
H2A PKA B . -6.13 -4.86 -10.96
H2B PKA B . -6.82 -3.45 -11.75
H3 PKA B . -4.92 -2.85 -9.58
H4C PKA B . -6.85 -1.30 -8.93
H4A PKA B . -7.61 -1.81 -10.44
H4B PKA B . -6.06 -0.99 -10.48
H6A PKA B . -8.42 -4.60 -8.19
H6B PKA B . -7.50 -5.60 -9.32
H6C PKA B . -8.30 -4.13 -9.87
H10 PKA B . -6.23 -1.64 -5.63
H12 PKA B . -5.35 0.21 -4.32
H13 PKA B . -3.49 1.73 -3.75
H14 PKA B . -1.32 1.55 -4.91
H15 PKA B . -1.00 -0.18 -6.64
H23 PKA B . 0.49 -0.46 -10.37
H20 PKA B . -1.07 -3.95 -7.22
H21 PKA B . 1.09 -4.22 -8.41
H22 PKA B . 1.87 -2.47 -9.97
N MET A 1 -6.37 18.22 25.02
CA MET A 1 -5.74 18.67 23.78
C MET A 1 -6.08 17.72 22.64
N PRO A 2 -7.35 17.45 22.44
CA PRO A 2 -7.79 16.54 21.35
C PRO A 2 -7.31 17.00 19.98
N GLU A 3 -7.00 18.28 19.86
CA GLU A 3 -6.53 18.82 18.59
C GLU A 3 -5.24 18.13 18.16
N SER A 4 -4.40 17.78 19.13
CA SER A 4 -3.14 17.11 18.83
C SER A 4 -3.39 15.75 18.18
N TRP A 5 -4.39 15.04 18.68
CA TRP A 5 -4.74 13.72 18.15
C TRP A 5 -5.38 13.81 16.77
N VAL A 6 -6.16 14.87 16.56
CA VAL A 6 -6.86 15.04 15.28
C VAL A 6 -5.99 14.71 14.07
N PRO A 7 -4.73 15.10 14.06
CA PRO A 7 -3.85 14.78 12.92
C PRO A 7 -3.83 13.29 12.61
N ALA A 8 -4.18 12.49 13.61
CA ALA A 8 -4.19 11.04 13.43
C ALA A 8 -5.04 10.67 12.22
N VAL A 9 -6.09 11.44 11.99
CA VAL A 9 -6.96 11.18 10.85
C VAL A 9 -6.14 11.32 9.57
N GLY A 10 -5.29 12.35 9.53
CA GLY A 10 -4.44 12.59 8.38
C GLY A 10 -3.43 11.46 8.19
N LEU A 11 -2.95 10.90 9.29
CA LEU A 11 -1.96 9.83 9.24
C LEU A 11 -2.48 8.66 8.41
N THR A 12 -3.76 8.32 8.58
CA THR A 12 -4.32 7.20 7.82
C THR A 12 -4.70 7.64 6.39
N LEU A 13 -5.16 8.88 6.23
CA LEU A 13 -5.54 9.39 4.92
C LEU A 13 -4.33 9.55 3.98
N VAL A 14 -3.19 9.95 4.55
CA VAL A 14 -1.99 10.17 3.75
C VAL A 14 -1.69 9.02 2.79
N PRO A 15 -1.56 7.81 3.27
CA PRO A 15 -1.26 6.65 2.37
C PRO A 15 -2.31 6.44 1.29
N SER A 16 -3.56 6.71 1.62
CA SER A 16 -4.65 6.52 0.66
C SER A 16 -4.43 7.37 -0.59
N LEU A 17 -3.96 8.59 -0.41
CA LEU A 17 -3.73 9.48 -1.56
C LEU A 17 -2.65 8.90 -2.48
N GLY A 18 -1.63 8.29 -1.88
CA GLY A 18 -0.54 7.72 -2.65
C GLY A 18 -1.04 6.62 -3.58
N GLY A 19 -1.96 5.80 -3.08
CA GLY A 19 -2.50 4.71 -3.88
C GLY A 19 -3.20 5.20 -5.14
N PHE A 20 -4.00 6.25 -5.00
CA PHE A 20 -4.73 6.80 -6.15
C PHE A 20 -3.78 7.34 -7.21
N MET A 21 -2.75 8.07 -6.79
CA MET A 21 -1.81 8.66 -7.74
C MET A 21 -1.08 7.58 -8.54
N GLY A 22 -0.69 6.50 -7.89
CA GLY A 22 0.02 5.42 -8.57
C GLY A 22 -0.95 4.55 -9.38
N ALA A 23 -2.07 4.20 -8.76
CA ALA A 23 -3.08 3.37 -9.41
C ALA A 23 -3.76 4.15 -10.52
N TYR A 24 -3.74 5.47 -10.38
CA TYR A 24 -4.35 6.34 -11.37
C TYR A 24 -3.81 6.02 -12.76
N PHE A 25 -2.53 5.67 -12.84
CA PHE A 25 -1.89 5.35 -14.11
C PHE A 25 -2.55 4.16 -14.81
N VAL A 26 -2.80 3.08 -14.08
CA VAL A 26 -3.43 1.90 -14.67
C VAL A 26 -4.90 2.18 -14.91
N ARG A 27 -5.46 2.98 -14.03
CA ARG A 27 -6.86 3.37 -14.07
C ARG A 27 -7.23 4.15 -15.33
N GLY A 28 -6.37 5.07 -15.71
CA GLY A 28 -6.64 5.93 -16.87
C GLY A 28 -6.31 5.24 -18.19
N GLU A 29 -5.60 5.96 -19.05
CA GLU A 29 -5.24 5.44 -20.36
C GLU A 29 -4.48 4.13 -20.24
N GLY A 30 -3.81 3.94 -19.11
CA GLY A 30 -3.05 2.73 -18.89
C GLY A 30 -3.87 1.49 -19.26
N LEU A 31 -5.19 1.57 -19.03
CA LEU A 31 -6.06 0.44 -19.38
C LEU A 31 -5.82 0.02 -20.82
N ARG A 32 -5.68 1.02 -21.69
CA ARG A 32 -5.42 0.72 -23.09
C ARG A 32 -4.09 0.00 -23.25
N TRP A 33 -3.10 0.48 -22.50
CA TRP A 33 -1.78 -0.12 -22.54
C TRP A 33 -1.81 -1.58 -22.10
N TYR A 34 -2.63 -1.86 -21.07
CA TYR A 34 -2.76 -3.22 -20.58
C TYR A 34 -3.39 -4.12 -21.62
N ALA A 35 -4.11 -3.55 -22.57
CA ALA A 35 -4.74 -4.36 -23.61
C ALA A 35 -3.71 -5.31 -24.20
N GLY A 36 -2.50 -4.79 -24.42
CA GLY A 36 -1.42 -5.62 -24.94
C GLY A 36 -1.08 -6.70 -23.94
N LEU A 37 -1.24 -6.36 -22.65
CA LEU A 37 -0.95 -7.28 -21.56
C LEU A 37 -2.21 -8.07 -21.18
N GLN A 38 -2.02 -9.29 -20.70
CA GLN A 38 -3.15 -10.11 -20.32
C GLN A 38 -3.41 -9.98 -18.81
N LYS A 39 -4.65 -9.65 -18.46
CA LYS A 39 -5.03 -9.51 -17.06
C LYS A 39 -5.80 -10.76 -16.61
N PRO A 40 -5.58 -11.21 -15.39
CA PRO A 40 -6.29 -12.42 -14.89
C PRO A 40 -7.81 -12.27 -14.94
N SER A 41 -8.49 -13.37 -15.23
CA SER A 41 -9.95 -13.35 -15.31
C SER A 41 -10.60 -13.03 -13.96
N TRP A 42 -9.94 -13.42 -12.86
CA TRP A 42 -10.51 -13.17 -11.54
C TRP A 42 -10.31 -11.72 -11.10
N HIS A 43 -9.74 -10.89 -11.98
CA HIS A 43 -9.53 -9.48 -11.65
C HIS A 43 -10.88 -8.80 -11.34
N PRO A 44 -10.93 -7.94 -10.35
CA PRO A 44 -12.22 -7.24 -10.01
C PRO A 44 -12.33 -5.87 -10.65
N PRO A 45 -13.50 -5.27 -10.59
CA PRO A 45 -13.75 -3.92 -11.17
C PRO A 45 -12.76 -2.88 -10.65
N ARG A 46 -12.44 -1.89 -11.49
CA ARG A 46 -11.51 -0.84 -11.09
C ARG A 46 -12.00 -0.12 -9.83
N TRP A 47 -13.31 0.09 -9.75
CA TRP A 47 -13.89 0.79 -8.60
C TRP A 47 -14.07 -0.12 -7.39
N THR A 48 -13.80 -1.41 -7.56
CA THR A 48 -13.97 -2.35 -6.45
C THR A 48 -12.83 -2.25 -5.43
N LEU A 49 -11.68 -2.81 -5.78
CA LEU A 49 -10.53 -2.77 -4.88
C LEU A 49 -10.02 -1.35 -4.67
N ALA A 50 -10.12 -0.50 -5.67
CA ALA A 50 -9.61 0.87 -5.51
C ALA A 50 -9.99 1.42 -4.13
N PRO A 51 -11.20 1.19 -3.68
CA PRO A 51 -11.69 1.64 -2.35
C PRO A 51 -10.95 1.01 -1.17
N ILE A 52 -10.07 0.03 -1.44
CA ILE A 52 -9.34 -0.64 -0.37
C ILE A 52 -8.85 0.35 0.69
N TRP A 53 -8.30 1.48 0.26
CA TRP A 53 -7.81 2.45 1.22
C TRP A 53 -8.90 2.83 2.20
N GLY A 54 -10.14 2.83 1.74
CA GLY A 54 -11.24 3.14 2.63
C GLY A 54 -11.29 2.12 3.75
N THR A 55 -11.05 0.85 3.40
CA THR A 55 -11.04 -0.24 4.36
C THR A 55 -9.85 -0.12 5.32
N LEU A 56 -8.66 0.02 4.75
CA LEU A 56 -7.45 0.16 5.56
C LEU A 56 -7.48 1.48 6.32
N TYR A 57 -8.10 2.48 5.70
CA TYR A 57 -8.20 3.81 6.28
C TYR A 57 -8.75 3.76 7.70
N SER A 58 -9.86 3.05 7.88
CA SER A 58 -10.46 2.97 9.20
C SER A 58 -9.62 2.12 10.15
N ALA A 59 -8.99 1.07 9.63
CA ALA A 59 -8.18 0.20 10.47
C ALA A 59 -6.94 0.95 10.98
N MET A 60 -6.33 1.72 10.11
CA MET A 60 -5.14 2.48 10.49
C MET A 60 -5.44 3.49 11.59
N GLY A 61 -6.60 4.13 11.51
CA GLY A 61 -6.98 5.11 12.51
C GLY A 61 -7.22 4.44 13.87
N TYR A 62 -8.12 3.47 13.89
CA TYR A 62 -8.43 2.74 15.10
C TYR A 62 -7.21 1.99 15.62
N GLY A 63 -6.41 1.44 14.71
CA GLY A 63 -5.21 0.72 15.13
C GLY A 63 -4.30 1.62 15.95
N SER A 64 -4.16 2.87 15.52
CA SER A 64 -3.33 3.81 16.23
C SER A 64 -3.91 4.06 17.62
N TYR A 65 -5.23 3.93 17.74
CA TYR A 65 -5.88 4.14 19.03
C TYR A 65 -5.30 3.17 20.06
N ILE A 66 -5.13 1.92 19.64
CA ILE A 66 -4.58 0.91 20.54
C ILE A 66 -3.20 1.34 21.03
N VAL A 67 -2.37 1.79 20.09
CA VAL A 67 -1.04 2.25 20.45
C VAL A 67 -1.15 3.41 21.42
N TRP A 68 -2.11 4.29 21.14
CA TRP A 68 -2.37 5.45 21.97
C TRP A 68 -2.82 5.05 23.38
N LYS A 69 -3.56 3.93 23.49
CA LYS A 69 -4.01 3.47 24.81
C LYS A 69 -2.85 3.09 25.72
N GLU A 70 -1.88 2.40 25.15
CA GLU A 70 -0.73 1.93 25.91
C GLU A 70 0.17 3.06 26.41
N LEU A 71 0.32 4.10 25.59
CA LEU A 71 1.19 5.21 25.96
C LEU A 71 0.45 6.28 26.75
N GLY A 72 -0.86 6.10 26.91
CA GLY A 72 -1.65 7.07 27.68
C GLY A 72 -1.88 8.35 26.89
N GLY A 73 -2.28 8.20 25.63
CA GLY A 73 -2.54 9.36 24.78
C GLY A 73 -1.32 9.72 23.96
N PHE A 74 -1.28 10.96 23.47
CA PHE A 74 -0.13 11.38 22.68
C PHE A 74 0.98 11.85 23.60
N THR A 75 2.06 11.08 23.63
CA THR A 75 3.23 11.42 24.44
C THR A 75 4.48 11.34 23.59
N GLU A 76 5.56 11.96 24.02
CA GLU A 76 6.80 11.97 23.24
C GLU A 76 7.14 10.56 22.74
N ASP A 77 6.93 9.55 23.56
CA ASP A 77 7.23 8.18 23.15
C ASP A 77 6.35 7.77 21.98
N ALA A 78 5.07 8.17 22.03
CA ALA A 78 4.11 7.84 20.98
C ALA A 78 4.42 8.54 19.66
N MET A 79 4.99 9.73 19.74
CA MET A 79 5.29 10.50 18.53
C MET A 79 6.23 9.72 17.61
N VAL A 80 7.13 8.95 18.20
CA VAL A 80 8.09 8.19 17.41
C VAL A 80 7.39 7.23 16.43
N PRO A 81 6.60 6.30 16.92
CA PRO A 81 5.90 5.32 16.01
C PRO A 81 4.93 6.01 15.05
N LEU A 82 4.00 6.81 15.58
CA LEU A 82 3.05 7.50 14.74
C LEU A 82 3.76 8.50 13.82
N GLY A 83 4.72 9.23 14.39
CA GLY A 83 5.48 10.22 13.62
C GLY A 83 6.31 9.56 12.53
N LEU A 84 6.94 8.44 12.86
CA LEU A 84 7.76 7.72 11.89
C LEU A 84 6.94 7.34 10.67
N TYR A 85 5.69 6.96 10.91
CA TYR A 85 4.82 6.55 9.82
C TYR A 85 4.60 7.70 8.83
N THR A 86 4.36 8.90 9.34
CA THR A 86 4.13 10.05 8.48
C THR A 86 5.37 10.41 7.66
N GLY A 87 6.53 10.38 8.30
CA GLY A 87 7.77 10.74 7.60
C GLY A 87 8.24 9.66 6.64
N GLN A 88 8.47 8.45 7.17
CA GLN A 88 8.96 7.36 6.34
C GLN A 88 8.02 7.07 5.17
N LEU A 89 6.72 7.11 5.43
CA LEU A 89 5.74 6.83 4.38
C LEU A 89 5.82 7.85 3.24
N ALA A 90 6.00 9.12 3.58
CA ALA A 90 6.06 10.17 2.56
C ALA A 90 7.30 10.00 1.67
N LEU A 91 8.47 9.89 2.30
CA LEU A 91 9.70 9.72 1.55
C LEU A 91 9.61 8.45 0.70
N ASN A 92 8.99 7.43 1.25
CA ASN A 92 8.84 6.17 0.55
C ASN A 92 8.01 6.35 -0.72
N TRP A 93 6.93 7.12 -0.63
CA TRP A 93 6.06 7.36 -1.79
C TRP A 93 6.85 7.96 -2.95
N ALA A 94 7.87 8.73 -2.63
CA ALA A 94 8.68 9.37 -3.66
C ALA A 94 9.37 8.33 -4.56
N TRP A 95 9.65 7.15 -4.00
CA TRP A 95 10.34 6.11 -4.76
C TRP A 95 9.61 5.74 -6.08
N PRO A 96 8.35 5.39 -6.03
CA PRO A 96 7.60 5.02 -7.26
C PRO A 96 7.94 5.88 -8.46
N PRO A 97 9.02 5.60 -9.14
CA PRO A 97 9.40 6.40 -10.33
C PRO A 97 8.36 6.32 -11.44
N ILE A 98 7.58 5.23 -11.43
CA ILE A 98 6.55 5.02 -12.43
C ILE A 98 5.48 6.11 -12.38
N PHE A 99 5.27 6.66 -11.19
CA PHE A 99 4.25 7.71 -11.04
C PHE A 99 4.49 8.84 -12.06
N PHE A 100 5.73 9.30 -12.15
CA PHE A 100 6.05 10.38 -13.07
C PHE A 100 5.86 9.96 -14.53
N GLY A 101 6.38 8.77 -14.87
CA GLY A 101 6.26 8.27 -16.24
C GLY A 101 5.31 7.09 -16.32
N ALA A 102 5.67 5.99 -15.67
CA ALA A 102 4.84 4.79 -15.68
C ALA A 102 4.63 4.29 -17.10
N ARG A 103 5.20 4.99 -18.06
CA ARG A 103 5.07 4.60 -19.46
C ARG A 103 5.49 3.14 -19.64
N GLN A 104 6.47 2.71 -18.85
CA GLN A 104 6.95 1.33 -18.95
C GLN A 104 6.21 0.40 -17.99
N MET A 105 6.13 -0.87 -18.36
CA MET A 105 5.45 -1.89 -17.57
C MET A 105 6.11 -2.08 -16.20
N GLY A 106 7.33 -1.58 -16.04
CA GLY A 106 8.07 -1.75 -14.78
C GLY A 106 7.30 -1.21 -13.56
N TRP A 107 5.98 -1.31 -13.60
CA TRP A 107 5.11 -0.82 -12.52
C TRP A 107 5.32 -1.56 -11.19
N ALA A 108 5.91 -2.75 -11.22
CA ALA A 108 6.10 -3.54 -10.00
C ALA A 108 6.58 -2.68 -8.85
N LEU A 109 7.16 -1.55 -9.17
CA LEU A 109 7.66 -0.66 -8.14
C LEU A 109 6.53 -0.25 -7.21
N ALA A 110 5.32 -0.10 -7.77
CA ALA A 110 4.17 0.26 -6.96
C ALA A 110 3.90 -0.87 -5.97
N ASP A 111 4.05 -2.10 -6.45
CA ASP A 111 3.79 -3.28 -5.62
C ASP A 111 4.75 -3.41 -4.43
N LEU A 112 6.05 -3.25 -4.69
CA LEU A 112 7.03 -3.40 -3.62
C LEU A 112 6.81 -2.38 -2.52
N LEU A 113 6.68 -1.11 -2.90
CA LEU A 113 6.44 -0.07 -1.91
C LEU A 113 5.08 -0.26 -1.27
N LEU A 114 4.10 -0.59 -2.10
CA LEU A 114 2.75 -0.81 -1.63
C LEU A 114 2.75 -1.79 -0.46
N VAL A 115 3.23 -2.98 -0.73
CA VAL A 115 3.25 -4.05 0.24
C VAL A 115 4.25 -3.82 1.37
N SER A 116 5.53 -3.77 1.02
CA SER A 116 6.59 -3.58 2.01
C SER A 116 6.55 -2.21 2.67
N GLY A 117 6.25 -1.17 1.90
CA GLY A 117 6.23 0.19 2.44
C GLY A 117 5.18 0.36 3.52
N VAL A 118 3.92 0.05 3.20
CA VAL A 118 2.86 0.21 4.18
C VAL A 118 3.04 -0.75 5.36
N ALA A 119 3.51 -1.96 5.05
CA ALA A 119 3.70 -2.97 6.09
C ALA A 119 4.96 -2.72 6.92
N THR A 120 6.09 -2.56 6.25
CA THR A 120 7.36 -2.36 6.94
C THR A 120 7.31 -1.19 7.91
N ALA A 121 6.69 -0.09 7.50
CA ALA A 121 6.63 1.08 8.35
C ALA A 121 5.69 0.86 9.55
N THR A 122 4.42 0.59 9.25
CA THR A 122 3.42 0.40 10.30
C THR A 122 3.69 -0.85 11.14
N THR A 123 4.08 -1.95 10.48
CA THR A 123 4.31 -3.19 11.20
C THR A 123 5.37 -3.05 12.29
N LEU A 124 6.49 -2.44 11.96
CA LEU A 124 7.56 -2.27 12.94
C LEU A 124 7.17 -1.35 14.08
N ALA A 125 6.37 -0.33 13.79
CA ALA A 125 5.98 0.65 14.81
C ALA A 125 4.88 0.13 15.74
N TRP A 126 3.69 -0.13 15.17
CA TRP A 126 2.54 -0.57 15.97
C TRP A 126 2.72 -1.93 16.64
N HIS A 127 3.23 -2.91 15.90
CA HIS A 127 3.38 -4.25 16.47
C HIS A 127 4.29 -4.26 17.69
N ARG A 128 5.41 -3.56 17.61
CA ARG A 128 6.34 -3.53 18.74
C ARG A 128 5.68 -2.93 19.99
N VAL A 129 4.94 -1.84 19.79
CA VAL A 129 4.27 -1.18 20.91
C VAL A 129 2.97 -1.88 21.28
N SER A 130 2.12 -2.10 20.26
CA SER A 130 0.82 -2.75 20.47
C SER A 130 0.64 -3.92 19.50
N PRO A 131 1.07 -5.09 19.89
CA PRO A 131 0.92 -6.29 19.02
C PRO A 131 -0.50 -6.50 18.51
N PRO A 132 -1.51 -6.28 19.33
CA PRO A 132 -2.92 -6.49 18.88
C PRO A 132 -3.28 -5.66 17.65
N ALA A 133 -2.60 -4.53 17.48
CA ALA A 133 -2.88 -3.65 16.34
C ALA A 133 -2.63 -4.39 15.02
N ALA A 134 -1.63 -5.26 15.03
CA ALA A 134 -1.31 -6.01 13.83
C ALA A 134 -2.50 -6.87 13.41
N ARG A 135 -3.19 -7.44 14.39
CA ARG A 135 -4.37 -8.26 14.12
C ARG A 135 -5.43 -7.46 13.40
N LEU A 136 -5.57 -6.20 13.80
CA LEU A 136 -6.57 -5.32 13.20
C LEU A 136 -6.35 -5.20 11.70
N LEU A 137 -5.10 -5.14 11.30
CA LEU A 137 -4.76 -4.98 9.90
C LEU A 137 -5.36 -6.08 9.04
N TYR A 138 -5.48 -7.28 9.59
CA TYR A 138 -6.04 -8.45 8.88
C TYR A 138 -6.25 -8.19 7.37
N PRO A 139 -7.24 -7.41 6.98
CA PRO A 139 -7.49 -7.16 5.52
C PRO A 139 -6.25 -6.68 4.75
N TYR A 140 -5.33 -6.04 5.44
CA TYR A 140 -4.13 -5.54 4.80
C TYR A 140 -3.38 -6.69 4.10
N LEU A 141 -3.30 -7.83 4.78
CA LEU A 141 -2.62 -8.99 4.21
C LEU A 141 -3.36 -9.47 2.98
N ALA A 142 -4.69 -9.48 3.04
CA ALA A 142 -5.50 -9.93 1.92
C ALA A 142 -5.32 -9.00 0.72
N TRP A 143 -5.31 -7.70 0.98
CA TRP A 143 -5.15 -6.72 -0.08
C TRP A 143 -3.74 -6.81 -0.69
N LEU A 144 -2.73 -6.75 0.17
CA LEU A 144 -1.36 -6.85 -0.30
C LEU A 144 -1.12 -8.20 -0.97
N ALA A 145 -1.78 -9.23 -0.48
CA ALA A 145 -1.62 -10.58 -1.04
C ALA A 145 -2.08 -10.63 -2.50
N PHE A 146 -3.19 -9.97 -2.79
CA PHE A 146 -3.72 -9.96 -4.16
C PHE A 146 -2.71 -9.37 -5.13
N THR A 147 -2.05 -8.29 -4.73
CA THR A 147 -1.08 -7.66 -5.61
C THR A 147 0.07 -8.60 -5.95
N THR A 148 0.45 -9.45 -4.99
CA THR A 148 1.55 -10.37 -5.24
C THR A 148 1.23 -11.33 -6.40
N VAL A 149 0.08 -12.00 -6.31
CA VAL A 149 -0.32 -12.94 -7.35
C VAL A 149 -0.72 -12.20 -8.63
N LEU A 150 -1.47 -11.12 -8.45
CA LEU A 150 -1.93 -10.31 -9.58
C LEU A 150 -0.76 -9.82 -10.42
N ASN A 151 0.30 -9.36 -9.75
CA ASN A 151 1.46 -8.84 -10.46
C ASN A 151 2.15 -9.92 -11.30
N TYR A 152 2.27 -11.13 -10.75
CA TYR A 152 2.93 -12.21 -11.49
C TYR A 152 2.14 -12.59 -12.74
N TYR A 153 0.81 -12.56 -12.65
CA TYR A 153 -0.01 -12.94 -13.79
C TYR A 153 0.28 -12.05 -15.00
N VAL A 154 0.32 -10.74 -14.79
CA VAL A 154 0.58 -9.81 -15.88
C VAL A 154 2.04 -9.84 -16.33
N TRP A 155 2.95 -9.73 -15.37
CA TRP A 155 4.37 -9.71 -15.69
C TRP A 155 4.81 -11.03 -16.36
N ARG A 156 4.35 -12.15 -15.83
CA ARG A 156 4.71 -13.45 -16.39
C ARG A 156 4.21 -13.60 -17.82
N ASP A 157 3.04 -13.03 -18.10
CA ASP A 157 2.48 -13.14 -19.44
C ASP A 157 3.45 -12.61 -20.49
N ASN A 158 4.11 -11.50 -20.18
CA ASN A 158 5.07 -10.91 -21.10
C ASN A 158 6.48 -11.41 -20.78
N SER A 159 6.84 -11.33 -19.51
CA SER A 159 8.16 -11.76 -19.06
C SER A 159 8.35 -13.27 -19.16
N GLY A 160 7.24 -14.00 -19.18
CA GLY A 160 7.32 -15.46 -19.26
C GLY A 160 7.53 -15.94 -20.69
N ARG A 161 7.66 -17.25 -20.85
CA ARG A 161 7.88 -17.85 -22.15
C ARG A 161 6.64 -17.73 -23.03
N ARG A 162 6.85 -17.56 -24.33
CA ARG A 162 5.73 -17.44 -25.26
C ARG A 162 4.85 -18.69 -25.21
N GLY A 163 5.48 -19.84 -24.96
CA GLY A 163 4.75 -21.10 -24.89
C GLY A 163 3.61 -21.02 -23.88
N GLY A 164 3.81 -20.24 -22.82
CA GLY A 164 2.78 -20.09 -21.79
C GLY A 164 1.46 -19.65 -22.41
N SER A 165 1.54 -18.86 -23.47
CA SER A 165 0.36 -18.36 -24.15
C SER A 165 -0.48 -19.52 -24.69
N ARG A 166 0.17 -20.65 -24.96
CA ARG A 166 -0.53 -21.81 -25.48
C ARG A 166 -1.71 -22.18 -24.58
N LEU A 167 -1.52 -22.03 -23.27
CA LEU A 167 -2.58 -22.34 -22.32
C LEU A 167 -3.76 -21.40 -22.54
N ALA A 168 -3.46 -20.16 -22.94
CA ALA A 168 -4.50 -19.17 -23.16
C ALA A 168 -5.24 -19.45 -24.47
N GLU A 169 -6.42 -18.85 -24.58
CA GLU A 169 -7.23 -19.02 -25.77
C GLU A 169 -6.40 -18.86 -27.03
C1 PKA B . -4.58 -3.07 -12.07
C2 PKA B . -5.76 -3.50 -11.20
C3 PKA B . -5.71 -2.78 -9.84
C4 PKA B . -6.40 -1.42 -9.91
N5 PKA B . -6.37 -3.58 -8.82
C6 PKA B . -7.62 -4.26 -9.15
C7 PKA B . -5.99 -3.50 -7.53
O8 PKA B . -6.56 -4.16 -6.66
C9 PKA B . -4.85 -2.62 -7.15
N18 PKA B . -3.60 -2.80 -7.74
C17 PKA B . -2.53 -1.98 -7.39
C10 PKA B . -5.04 -1.60 -6.21
C11 PKA B . -3.96 -0.78 -5.85
C12 PKA B . -4.15 0.23 -4.90
C16 PKA B . -2.71 -0.96 -6.44
C13 PKA B . -3.08 1.05 -4.54
C14 PKA B . -1.82 0.88 -5.13
C15 PKA B . -1.63 -0.14 -6.08
C19 PKA B . -1.22 -2.18 -8.03
C24 PKA B . -0.67 -1.20 -8.87
C23 PKA B . 0.57 -1.41 -9.47
C20 PKA B . -0.51 -3.37 -7.79
C21 PKA B . 0.74 -3.57 -8.40
C22 PKA B . 1.27 -2.59 -9.24
CL PKA B . -1.55 0.27 -9.15
H1C PKA B . -3.66 -3.09 -11.50
H1A PKA B . -4.74 -2.06 -12.44
H1B PKA B . -4.49 -3.74 -12.91
H2A PKA B . -5.72 -4.56 -11.04
H2B PKA B . -6.68 -3.25 -11.70
H3 PKA B . -4.67 -2.63 -9.59
H4C PKA B . -5.77 -0.72 -10.46
H4A PKA B . -6.56 -1.04 -8.91
H4B PKA B . -7.35 -1.52 -10.41
H6A PKA B . -7.41 -5.28 -9.44
H6B PKA B . -8.10 -3.74 -9.97
H6C PKA B . -8.27 -4.27 -8.29
H10 PKA B . -5.98 -1.51 -5.69
H12 PKA B . -5.07 0.28 -4.34
H13 PKA B . -3.18 1.70 -3.69
H14 PKA B . -0.97 1.41 -4.75
H15 PKA B . -0.66 -0.32 -6.48
H23 PKA B . 0.93 -0.70 -10.21
H20 PKA B . -0.89 -4.09 -7.10
H21 PKA B . 1.26 -4.51 -8.26
H22 PKA B . 2.17 -2.81 -9.81
N MET A 1 -7.71 16.35 26.33
CA MET A 1 -7.60 17.10 25.08
C MET A 1 -7.69 16.16 23.88
N PRO A 2 -8.87 15.74 23.55
CA PRO A 2 -9.10 14.82 22.40
C PRO A 2 -8.53 15.36 21.09
N GLU A 3 -8.29 16.67 21.07
CA GLU A 3 -7.75 17.31 19.89
C GLU A 3 -6.42 16.69 19.49
N SER A 4 -5.65 16.22 20.47
CA SER A 4 -4.36 15.62 20.19
C SER A 4 -4.48 14.38 19.28
N TRP A 5 -5.47 13.54 19.57
CA TRP A 5 -5.67 12.32 18.77
C TRP A 5 -6.32 12.64 17.41
N VAL A 6 -7.16 13.66 17.40
CA VAL A 6 -7.87 14.05 16.19
C VAL A 6 -6.98 14.00 14.94
N PRO A 7 -5.81 14.59 14.96
CA PRO A 7 -4.92 14.55 13.75
C PRO A 7 -4.62 13.13 13.28
N ALA A 8 -4.79 12.17 14.17
CA ALA A 8 -4.52 10.77 13.83
C ALA A 8 -5.29 10.37 12.58
N VAL A 9 -6.48 10.90 12.42
CA VAL A 9 -7.28 10.59 11.24
C VAL A 9 -6.52 11.00 10.00
N GLY A 10 -5.86 12.15 10.07
CA GLY A 10 -5.09 12.65 8.95
C GLY A 10 -3.95 11.71 8.59
N LEU A 11 -3.35 11.08 9.61
CA LEU A 11 -2.24 10.16 9.38
C LEU A 11 -2.64 9.01 8.47
N THR A 12 -3.84 8.46 8.67
CA THR A 12 -4.29 7.34 7.85
C THR A 12 -4.72 7.80 6.45
N LEU A 13 -5.35 8.96 6.36
CA LEU A 13 -5.83 9.47 5.07
C LEU A 13 -4.68 9.70 4.09
N VAL A 14 -3.54 10.17 4.59
CA VAL A 14 -2.40 10.45 3.72
C VAL A 14 -2.08 9.25 2.81
N PRO A 15 -2.09 8.05 3.32
CA PRO A 15 -1.79 6.85 2.49
C PRO A 15 -2.75 6.70 1.31
N SER A 16 -4.01 7.06 1.53
CA SER A 16 -5.01 6.94 0.47
C SER A 16 -4.69 7.84 -0.72
N LEU A 17 -4.18 9.03 -0.44
CA LEU A 17 -3.84 9.97 -1.51
C LEU A 17 -2.66 9.47 -2.33
N GLY A 18 -1.66 8.90 -1.66
CA GLY A 18 -0.49 8.40 -2.35
C GLY A 18 -0.84 7.25 -3.28
N GLY A 19 -1.59 6.29 -2.76
CA GLY A 19 -2.00 5.14 -3.54
C GLY A 19 -2.91 5.54 -4.69
N PHE A 20 -3.83 6.45 -4.43
CA PHE A 20 -4.76 6.88 -5.47
C PHE A 20 -4.02 7.50 -6.66
N MET A 21 -3.10 8.40 -6.38
CA MET A 21 -2.34 9.06 -7.43
C MET A 21 -1.47 8.06 -8.20
N GLY A 22 -0.87 7.11 -7.48
CA GLY A 22 -0.02 6.11 -8.11
C GLY A 22 -0.81 5.16 -8.99
N ALA A 23 -1.94 4.69 -8.48
CA ALA A 23 -2.79 3.76 -9.22
C ALA A 23 -3.49 4.44 -10.39
N TYR A 24 -3.42 5.77 -10.43
CA TYR A 24 -4.07 6.53 -11.49
C TYR A 24 -3.57 6.12 -12.89
N PHE A 25 -2.32 5.70 -12.97
CA PHE A 25 -1.74 5.31 -14.27
C PHE A 25 -2.48 4.14 -14.90
N VAL A 26 -2.72 3.08 -14.14
CA VAL A 26 -3.41 1.92 -14.69
C VAL A 26 -4.86 2.25 -14.94
N ARG A 27 -5.37 3.11 -14.09
CA ARG A 27 -6.75 3.56 -14.15
C ARG A 27 -7.06 4.33 -15.44
N GLY A 28 -6.13 5.16 -15.85
CA GLY A 28 -6.33 5.99 -17.03
C GLY A 28 -5.81 5.35 -18.32
N GLU A 29 -5.01 6.12 -19.05
CA GLU A 29 -4.43 5.66 -20.31
C GLU A 29 -3.79 4.29 -20.17
N GLY A 30 -3.28 4.00 -18.98
CA GLY A 30 -2.64 2.72 -18.74
C GLY A 30 -3.54 1.58 -19.21
N LEU A 31 -4.85 1.77 -19.08
CA LEU A 31 -5.79 0.73 -19.50
C LEU A 31 -5.47 0.28 -20.91
N ARG A 32 -5.21 1.23 -21.80
CA ARG A 32 -4.87 0.88 -23.17
C ARG A 32 -3.59 0.07 -23.20
N TRP A 33 -2.62 0.51 -22.41
CA TRP A 33 -1.34 -0.17 -22.33
C TRP A 33 -1.56 -1.59 -21.82
N TYR A 34 -2.45 -1.74 -20.85
CA TYR A 34 -2.75 -3.05 -20.29
C TYR A 34 -3.40 -3.94 -21.34
N ALA A 35 -4.01 -3.35 -22.35
CA ALA A 35 -4.64 -4.15 -23.38
C ALA A 35 -3.67 -5.21 -23.88
N GLY A 36 -2.41 -4.80 -24.03
CA GLY A 36 -1.36 -5.73 -24.45
C GLY A 36 -1.15 -6.79 -23.39
N LEU A 37 -1.34 -6.38 -22.13
CA LEU A 37 -1.17 -7.27 -20.99
C LEU A 37 -2.49 -7.94 -20.60
N GLN A 38 -2.41 -9.14 -20.04
CA GLN A 38 -3.61 -9.84 -19.63
C GLN A 38 -3.79 -9.72 -18.12
N LYS A 39 -4.98 -9.27 -17.70
CA LYS A 39 -5.26 -9.13 -16.27
C LYS A 39 -6.23 -10.22 -15.82
N PRO A 40 -6.03 -10.76 -14.64
CA PRO A 40 -6.93 -11.84 -14.14
C PRO A 40 -8.39 -11.37 -14.09
N SER A 41 -9.27 -12.17 -14.66
CA SER A 41 -10.69 -11.82 -14.69
C SER A 41 -11.35 -12.04 -13.33
N TRP A 42 -10.68 -12.74 -12.42
CA TRP A 42 -11.26 -13.00 -11.11
C TRP A 42 -11.18 -11.78 -10.20
N HIS A 43 -10.36 -10.80 -10.57
CA HIS A 43 -10.23 -9.60 -9.76
C HIS A 43 -11.43 -8.68 -9.95
N PRO A 44 -11.84 -7.96 -8.93
CA PRO A 44 -13.01 -7.03 -9.07
C PRO A 44 -12.63 -5.80 -9.89
N PRO A 45 -13.61 -5.10 -10.40
CA PRO A 45 -13.38 -3.88 -11.22
C PRO A 45 -12.42 -2.90 -10.53
N ARG A 46 -11.67 -2.14 -11.33
CA ARG A 46 -10.71 -1.19 -10.78
C ARG A 46 -11.35 -0.19 -9.83
N TRP A 47 -12.57 0.25 -10.13
CA TRP A 47 -13.23 1.21 -9.27
C TRP A 47 -13.51 0.62 -7.90
N THR A 48 -13.56 -0.70 -7.81
CA THR A 48 -13.81 -1.37 -6.55
C THR A 48 -12.56 -1.41 -5.67
N LEU A 49 -11.53 -2.09 -6.14
CA LEU A 49 -10.30 -2.22 -5.37
C LEU A 49 -9.63 -0.86 -5.14
N ALA A 50 -9.66 0.03 -6.11
CA ALA A 50 -9.04 1.32 -5.91
C ALA A 50 -9.41 1.88 -4.53
N PRO A 51 -10.66 1.73 -4.14
CA PRO A 51 -11.16 2.19 -2.82
C PRO A 51 -10.55 1.47 -1.62
N ILE A 52 -9.75 0.42 -1.87
CA ILE A 52 -9.16 -0.34 -0.77
C ILE A 52 -8.64 0.59 0.33
N TRP A 53 -8.01 1.70 -0.05
CA TRP A 53 -7.51 2.62 0.94
C TRP A 53 -8.60 2.97 1.93
N GLY A 54 -9.84 3.03 1.45
CA GLY A 54 -10.96 3.32 2.34
C GLY A 54 -11.05 2.25 3.42
N THR A 55 -10.81 1.00 3.01
CA THR A 55 -10.86 -0.12 3.95
C THR A 55 -9.69 -0.05 4.94
N LEU A 56 -8.48 0.09 4.41
CA LEU A 56 -7.30 0.19 5.26
C LEU A 56 -7.35 1.48 6.08
N TYR A 57 -7.94 2.50 5.48
CA TYR A 57 -8.06 3.80 6.14
C TYR A 57 -8.68 3.68 7.52
N SER A 58 -9.79 2.96 7.63
CA SER A 58 -10.44 2.80 8.92
C SER A 58 -9.59 1.94 9.85
N ALA A 59 -8.92 0.93 9.31
CA ALA A 59 -8.08 0.06 10.13
C ALA A 59 -6.87 0.82 10.65
N MET A 60 -6.24 1.58 9.76
CA MET A 60 -5.06 2.36 10.13
C MET A 60 -5.38 3.38 11.21
N GLY A 61 -6.56 3.98 11.15
CA GLY A 61 -6.94 4.98 12.14
C GLY A 61 -7.04 4.35 13.53
N TYR A 62 -7.95 3.39 13.67
CA TYR A 62 -8.14 2.71 14.94
C TYR A 62 -6.86 1.98 15.35
N GLY A 63 -6.14 1.42 14.39
CA GLY A 63 -4.90 0.73 14.73
C GLY A 63 -4.01 1.63 15.56
N SER A 64 -3.92 2.89 15.17
CA SER A 64 -3.11 3.86 15.89
C SER A 64 -3.71 4.11 17.28
N TYR A 65 -5.04 3.93 17.39
CA TYR A 65 -5.71 4.16 18.66
C TYR A 65 -5.07 3.33 19.76
N ILE A 66 -4.90 2.04 19.50
CA ILE A 66 -4.30 1.14 20.49
C ILE A 66 -2.84 1.49 20.73
N VAL A 67 -2.13 1.88 19.69
CA VAL A 67 -0.72 2.18 19.82
C VAL A 67 -0.43 3.20 20.92
N TRP A 68 -1.18 4.31 20.94
CA TRP A 68 -0.92 5.30 21.98
C TRP A 68 -1.41 4.85 23.35
N LYS A 69 -2.47 4.05 23.40
CA LYS A 69 -2.96 3.59 24.69
C LYS A 69 -1.86 2.84 25.44
N GLU A 70 -1.07 2.05 24.71
CA GLU A 70 0.02 1.32 25.34
C GLU A 70 1.04 2.32 25.86
N LEU A 71 1.30 3.35 25.07
CA LEU A 71 2.25 4.40 25.46
C LEU A 71 1.65 5.29 26.55
N GLY A 72 0.32 5.36 26.58
CA GLY A 72 -0.37 6.19 27.57
C GLY A 72 -0.91 7.48 26.95
N GLY A 73 -1.43 7.36 25.72
CA GLY A 73 -1.98 8.52 25.02
C GLY A 73 -0.92 9.16 24.14
N PHE A 74 -1.19 10.37 23.65
CA PHE A 74 -0.22 11.03 22.79
C PHE A 74 0.85 11.72 23.64
N THR A 75 2.06 11.19 23.55
CA THR A 75 3.20 11.73 24.27
C THR A 75 4.35 11.91 23.29
N GLU A 76 5.38 12.66 23.67
CA GLU A 76 6.50 12.91 22.77
C GLU A 76 7.06 11.59 22.22
N ASP A 77 7.13 10.56 23.05
CA ASP A 77 7.65 9.28 22.59
C ASP A 77 6.77 8.68 21.50
N ALA A 78 5.45 8.84 21.66
CA ALA A 78 4.48 8.30 20.70
C ALA A 78 4.55 9.00 19.34
N MET A 79 4.88 10.28 19.33
CA MET A 79 4.92 11.02 18.07
C MET A 79 5.93 10.38 17.11
N VAL A 80 7.02 9.83 17.64
CA VAL A 80 8.05 9.23 16.81
C VAL A 80 7.49 8.11 15.91
N PRO A 81 6.88 7.09 16.48
CA PRO A 81 6.33 5.98 15.65
C PRO A 81 5.23 6.45 14.69
N LEU A 82 4.26 7.18 15.22
CA LEU A 82 3.18 7.69 14.37
C LEU A 82 3.74 8.70 13.37
N GLY A 83 4.65 9.55 13.84
CA GLY A 83 5.26 10.55 12.98
C GLY A 83 6.03 9.86 11.86
N LEU A 84 6.71 8.77 12.21
CA LEU A 84 7.50 8.01 11.25
C LEU A 84 6.61 7.52 10.12
N TYR A 85 5.39 7.12 10.48
CA TYR A 85 4.44 6.61 9.50
C TYR A 85 4.14 7.65 8.42
N THR A 86 3.92 8.89 8.84
CA THR A 86 3.63 9.96 7.89
C THR A 86 4.87 10.31 7.06
N GLY A 87 6.02 10.37 7.71
CA GLY A 87 7.27 10.71 7.02
C GLY A 87 7.77 9.59 6.14
N GLN A 88 7.94 8.40 6.71
CA GLN A 88 8.45 7.25 5.95
C GLN A 88 7.55 6.95 4.75
N LEU A 89 6.24 7.03 4.96
CA LEU A 89 5.30 6.75 3.88
C LEU A 89 5.46 7.74 2.75
N ALA A 90 5.74 9.00 3.09
CA ALA A 90 5.90 10.03 2.07
C ALA A 90 7.09 9.72 1.17
N LEU A 91 8.22 9.37 1.79
CA LEU A 91 9.42 9.04 1.02
C LEU A 91 9.15 7.79 0.18
N ASN A 92 8.38 6.87 0.76
CA ASN A 92 8.04 5.63 0.07
C ASN A 92 7.33 5.93 -1.25
N TRP A 93 6.43 6.91 -1.24
CA TRP A 93 5.69 7.27 -2.45
C TRP A 93 6.60 7.86 -3.53
N ALA A 94 7.65 8.55 -3.12
CA ALA A 94 8.57 9.16 -4.08
C ALA A 94 9.28 8.12 -4.95
N TRP A 95 9.59 6.96 -4.38
CA TRP A 95 10.30 5.91 -5.12
C TRP A 95 9.55 5.48 -6.40
N PRO A 96 8.28 5.15 -6.31
CA PRO A 96 7.51 4.72 -7.52
C PRO A 96 7.80 5.59 -8.75
N PRO A 97 8.87 5.32 -9.45
CA PRO A 97 9.21 6.12 -10.65
C PRO A 97 8.13 6.02 -11.72
N ILE A 98 7.39 4.92 -11.70
CA ILE A 98 6.33 4.70 -12.69
C ILE A 98 5.28 5.80 -12.60
N PHE A 99 5.04 6.31 -11.40
CA PHE A 99 4.05 7.37 -11.23
C PHE A 99 4.31 8.52 -12.21
N PHE A 100 5.58 8.96 -12.29
CA PHE A 100 5.93 10.06 -13.18
C PHE A 100 5.71 9.69 -14.65
N GLY A 101 6.24 8.55 -15.06
CA GLY A 101 6.10 8.12 -16.46
C GLY A 101 5.24 6.86 -16.58
N ALA A 102 5.60 5.83 -15.82
CA ALA A 102 4.86 4.58 -15.85
C ALA A 102 4.81 4.02 -17.26
N ARG A 103 5.48 4.68 -18.19
CA ARG A 103 5.50 4.22 -19.57
C ARG A 103 5.94 2.75 -19.63
N GLN A 104 6.85 2.37 -18.73
CA GLN A 104 7.35 1.00 -18.70
C GLN A 104 6.53 0.13 -17.74
N MET A 105 6.38 -1.13 -18.11
CA MET A 105 5.62 -2.10 -17.33
C MET A 105 6.27 -2.39 -15.98
N GLY A 106 7.53 -1.99 -15.82
CA GLY A 106 8.27 -2.25 -14.58
C GLY A 106 7.57 -1.67 -13.33
N TRP A 107 6.25 -1.78 -13.31
CA TRP A 107 5.43 -1.28 -12.20
C TRP A 107 5.69 -2.04 -10.89
N ALA A 108 6.27 -3.23 -10.98
CA ALA A 108 6.52 -4.02 -9.77
C ALA A 108 7.02 -3.15 -8.64
N LEU A 109 7.55 -1.99 -9.00
CA LEU A 109 8.07 -1.07 -8.02
C LEU A 109 6.99 -0.70 -7.00
N ALA A 110 5.77 -0.52 -7.47
CA ALA A 110 4.66 -0.19 -6.59
C ALA A 110 4.35 -1.39 -5.69
N ASP A 111 4.43 -2.57 -6.27
CA ASP A 111 4.13 -3.81 -5.56
C ASP A 111 5.04 -4.06 -4.37
N LEU A 112 6.35 -3.87 -4.53
CA LEU A 112 7.26 -4.14 -3.43
C LEU A 112 7.04 -3.17 -2.27
N LEU A 113 6.97 -1.89 -2.58
CA LEU A 113 6.75 -0.89 -1.55
C LEU A 113 5.34 -1.00 -0.99
N LEU A 114 4.39 -1.24 -1.88
CA LEU A 114 3.01 -1.39 -1.47
C LEU A 114 2.90 -2.41 -0.36
N VAL A 115 3.33 -3.62 -0.68
CA VAL A 115 3.26 -4.74 0.26
C VAL A 115 4.23 -4.58 1.43
N SER A 116 5.52 -4.56 1.14
CA SER A 116 6.53 -4.45 2.17
C SER A 116 6.60 -3.06 2.81
N GLY A 117 6.47 -2.01 2.00
CA GLY A 117 6.56 -0.65 2.53
C GLY A 117 5.47 -0.35 3.56
N VAL A 118 4.22 -0.61 3.22
CA VAL A 118 3.13 -0.34 4.14
C VAL A 118 3.23 -1.23 5.38
N ALA A 119 3.65 -2.48 5.18
CA ALA A 119 3.75 -3.43 6.28
C ALA A 119 5.01 -3.22 7.12
N THR A 120 6.16 -3.16 6.46
CA THR A 120 7.43 -3.01 7.17
C THR A 120 7.49 -1.73 8.00
N ALA A 121 7.06 -0.61 7.44
CA ALA A 121 7.09 0.65 8.17
C ALA A 121 6.09 0.67 9.31
N THR A 122 4.87 0.23 9.02
CA THR A 122 3.82 0.20 10.03
C THR A 122 4.13 -0.75 11.18
N THR A 123 4.71 -1.90 10.85
CA THR A 123 5.03 -2.91 11.85
C THR A 123 5.98 -2.37 12.94
N LEU A 124 7.09 -1.83 12.51
CA LEU A 124 8.06 -1.30 13.46
C LEU A 124 7.43 -0.21 14.31
N ALA A 125 6.47 0.52 13.73
CA ALA A 125 5.81 1.60 14.45
C ALA A 125 4.71 1.08 15.39
N TRP A 126 3.68 0.47 14.82
CA TRP A 126 2.54 0.00 15.60
C TRP A 126 2.69 -1.41 16.19
N HIS A 127 3.03 -2.39 15.36
CA HIS A 127 3.13 -3.78 15.85
C HIS A 127 4.01 -3.92 17.07
N ARG A 128 5.19 -3.32 17.04
CA ARG A 128 6.10 -3.44 18.16
C ARG A 128 5.51 -2.81 19.43
N VAL A 129 4.86 -1.66 19.26
CA VAL A 129 4.25 -0.97 20.40
C VAL A 129 2.96 -1.69 20.85
N SER A 130 2.15 -2.09 19.88
CA SER A 130 0.89 -2.77 20.16
C SER A 130 0.64 -3.90 19.16
N PRO A 131 1.02 -5.11 19.50
CA PRO A 131 0.82 -6.27 18.60
C PRO A 131 -0.63 -6.45 18.12
N PRO A 132 -1.61 -6.24 18.98
CA PRO A 132 -3.03 -6.43 18.55
C PRO A 132 -3.41 -5.60 17.33
N ALA A 133 -2.71 -4.49 17.13
CA ALA A 133 -2.99 -3.62 15.98
C ALA A 133 -2.76 -4.38 14.67
N ALA A 134 -1.83 -5.31 14.68
CA ALA A 134 -1.54 -6.08 13.48
C ALA A 134 -2.76 -6.87 13.03
N ARG A 135 -3.48 -7.42 14.01
CA ARG A 135 -4.68 -8.18 13.71
C ARG A 135 -5.71 -7.31 13.01
N LEU A 136 -5.78 -6.06 13.43
CA LEU A 136 -6.71 -5.10 12.86
C LEU A 136 -6.50 -4.91 11.36
N LEU A 137 -5.25 -4.90 10.94
CA LEU A 137 -4.94 -4.69 9.53
C LEU A 137 -5.66 -5.72 8.66
N TYR A 138 -5.90 -6.91 9.20
CA TYR A 138 -6.57 -8.00 8.49
C TYR A 138 -6.78 -7.72 6.98
N PRO A 139 -7.72 -6.86 6.62
CA PRO A 139 -7.97 -6.59 5.17
C PRO A 139 -6.72 -6.21 4.38
N TYR A 140 -5.75 -5.61 5.06
CA TYR A 140 -4.53 -5.21 4.40
C TYR A 140 -3.85 -6.42 3.78
N LEU A 141 -3.83 -7.52 4.51
CA LEU A 141 -3.23 -8.76 4.03
C LEU A 141 -3.96 -9.28 2.79
N ALA A 142 -5.27 -9.17 2.80
CA ALA A 142 -6.07 -9.63 1.67
C ALA A 142 -5.73 -8.82 0.43
N TRP A 143 -5.63 -7.50 0.61
CA TRP A 143 -5.28 -6.62 -0.49
C TRP A 143 -3.85 -6.88 -0.96
N LEU A 144 -2.91 -6.94 -0.02
CA LEU A 144 -1.53 -7.23 -0.37
C LEU A 144 -1.43 -8.64 -0.94
N ALA A 145 -2.26 -9.55 -0.42
CA ALA A 145 -2.23 -10.93 -0.89
C ALA A 145 -2.62 -11.00 -2.37
N PHE A 146 -3.71 -10.33 -2.73
CA PHE A 146 -4.14 -10.30 -4.13
C PHE A 146 -3.11 -9.62 -5.01
N THR A 147 -2.55 -8.53 -4.50
CA THR A 147 -1.59 -7.79 -5.28
C THR A 147 -0.40 -8.66 -5.68
N THR A 148 0.10 -9.46 -4.74
CA THR A 148 1.25 -10.32 -5.01
C THR A 148 0.95 -11.30 -6.14
N VAL A 149 -0.17 -12.00 -6.05
CA VAL A 149 -0.55 -12.95 -7.08
C VAL A 149 -0.87 -12.22 -8.37
N LEU A 150 -1.55 -11.10 -8.21
CA LEU A 150 -1.94 -10.26 -9.34
C LEU A 150 -0.73 -9.80 -10.16
N ASN A 151 0.33 -9.41 -9.46
CA ASN A 151 1.53 -8.92 -10.13
C ASN A 151 2.21 -9.99 -10.98
N TYR A 152 2.28 -11.22 -10.48
CA TYR A 152 2.93 -12.29 -11.23
C TYR A 152 2.20 -12.64 -12.52
N TYR A 153 0.88 -12.67 -12.49
CA TYR A 153 0.12 -13.03 -13.68
C TYR A 153 0.36 -12.03 -14.82
N VAL A 154 0.42 -10.76 -14.49
CA VAL A 154 0.62 -9.73 -15.53
C VAL A 154 2.02 -9.82 -16.14
N TRP A 155 3.04 -9.91 -15.30
CA TRP A 155 4.41 -9.95 -15.78
C TRP A 155 4.70 -11.18 -16.66
N ARG A 156 4.15 -12.32 -16.30
CA ARG A 156 4.38 -13.54 -17.10
C ARG A 156 4.00 -13.31 -18.56
N ASP A 157 3.02 -12.46 -18.81
CA ASP A 157 2.61 -12.20 -20.18
C ASP A 157 3.82 -11.76 -21.00
N ASN A 158 4.67 -10.93 -20.40
CA ASN A 158 5.88 -10.45 -21.07
C ASN A 158 7.10 -11.18 -20.54
N SER A 159 7.36 -11.03 -19.24
CA SER A 159 8.51 -11.66 -18.60
C SER A 159 8.07 -12.58 -17.47
N GLY A 160 8.77 -13.70 -17.32
CA GLY A 160 8.45 -14.67 -16.28
C GLY A 160 9.07 -14.27 -14.94
N ARG A 161 8.93 -15.14 -13.96
CA ARG A 161 9.47 -14.87 -12.63
C ARG A 161 10.98 -14.67 -12.68
N ARG A 162 11.49 -13.83 -11.79
CA ARG A 162 12.93 -13.55 -11.74
C ARG A 162 13.72 -14.84 -11.53
N GLY A 163 13.14 -15.77 -10.78
CA GLY A 163 13.80 -17.05 -10.52
C GLY A 163 14.18 -17.74 -11.82
N GLY A 164 13.36 -17.55 -12.85
CA GLY A 164 13.63 -18.16 -14.14
C GLY A 164 13.25 -19.64 -14.14
N SER A 165 12.27 -19.99 -13.31
CA SER A 165 11.82 -21.38 -13.21
C SER A 165 11.30 -21.87 -14.56
N ARG A 166 10.80 -20.95 -15.37
CA ARG A 166 10.27 -21.31 -16.69
C ARG A 166 11.33 -22.05 -17.49
N LEU A 167 12.58 -21.63 -17.35
CA LEU A 167 13.68 -22.27 -18.07
C LEU A 167 13.80 -23.73 -17.66
N ALA A 168 13.51 -24.02 -16.41
CA ALA A 168 13.61 -25.38 -15.88
C ALA A 168 12.65 -26.33 -16.58
N GLU A 169 11.40 -25.91 -16.67
CA GLU A 169 10.41 -26.73 -17.34
C GLU A 169 10.29 -28.09 -16.66
C1 PKA B . -3.95 -2.89 -12.19
C2 PKA B . -5.25 -3.18 -11.41
C3 PKA B . -5.24 -2.45 -10.04
C4 PKA B . -5.87 -1.05 -10.15
N5 PKA B . -5.97 -3.21 -9.03
C6 PKA B . -7.13 -4.00 -9.44
C7 PKA B . -5.80 -2.95 -7.73
O8 PKA B . -6.61 -3.38 -6.90
C9 PKA B . -4.63 -2.18 -7.27
N18 PKA B . -3.39 -2.36 -7.89
C17 PKA B . -2.29 -1.62 -7.47
C10 PKA B . -4.77 -1.27 -6.23
C11 PKA B . -3.65 -0.54 -5.79
C12 PKA B . -3.78 0.37 -4.74
C16 PKA B . -2.41 -0.71 -6.41
C13 PKA B . -2.67 1.11 -4.30
C14 PKA B . -1.43 0.93 -4.93
C15 PKA B . -1.30 0.01 -5.98
C19 PKA B . -0.99 -1.83 -8.13
C24 PKA B . -0.45 -0.82 -8.93
C23 PKA B . 0.78 -1.01 -9.57
C20 PKA B . -0.30 -3.02 -7.94
C21 PKA B . 0.93 -3.22 -8.57
C22 PKA B . 1.48 -2.22 -9.40
CL PKA B . -1.32 0.67 -9.15
H1C PKA B . -4.18 -2.72 -13.22
H1A PKA B . -3.29 -3.75 -12.09
H1B PKA B . -3.45 -2.03 -11.78
H2A PKA B . -5.35 -4.24 -11.23
H2B PKA B . -6.10 -2.85 -11.99
H3 PKA B . -4.22 -2.34 -9.74
H4C PKA B . -6.82 -1.06 -9.62
H4A PKA B . -6.04 -0.79 -11.19
H4B PKA B . -5.22 -0.34 -9.69
H6A PKA B . -7.90 -3.92 -8.70
H6B PKA B . -6.83 -5.03 -9.55
H6C PKA B . -7.50 -3.63 -10.38
H10 PKA B . -5.72 -1.15 -5.73
H12 PKA B . -4.71 0.45 -4.20
H13 PKA B . -2.74 1.69 -3.40
H14 PKA B . -0.55 1.39 -4.51
H15 PKA B . -0.34 -0.17 -6.42
H23 PKA B . 1.13 -0.30 -10.29
H20 PKA B . -0.67 -3.75 -7.26
H21 PKA B . 1.44 -4.16 -8.48
H22 PKA B . 2.35 -2.43 -10.00
N MET A 1 -3.25 20.94 23.51
CA MET A 1 -4.59 20.91 22.94
C MET A 1 -4.87 19.56 22.29
N PRO A 2 -6.07 19.06 22.40
CA PRO A 2 -6.44 17.75 21.80
C PRO A 2 -6.16 17.72 20.29
N GLU A 3 -6.02 18.90 19.72
CA GLU A 3 -5.76 19.01 18.29
C GLU A 3 -4.61 18.12 17.85
N SER A 4 -3.68 17.84 18.77
CA SER A 4 -2.53 17.00 18.45
C SER A 4 -2.95 15.61 17.97
N TRP A 5 -3.99 15.04 18.58
CA TRP A 5 -4.46 13.71 18.20
C TRP A 5 -5.23 13.72 16.87
N VAL A 6 -6.00 14.78 16.65
CA VAL A 6 -6.83 14.90 15.45
C VAL A 6 -6.07 14.44 14.19
N PRO A 7 -4.82 14.80 14.04
CA PRO A 7 -4.03 14.38 12.84
C PRO A 7 -4.03 12.87 12.64
N ALA A 8 -4.31 12.13 13.71
CA ALA A 8 -4.32 10.67 13.61
C ALA A 8 -5.18 10.24 12.44
N VAL A 9 -6.32 10.90 12.28
CA VAL A 9 -7.19 10.59 11.16
C VAL A 9 -6.45 10.89 9.87
N GLY A 10 -5.73 12.01 9.87
CA GLY A 10 -4.97 12.42 8.70
C GLY A 10 -3.84 11.43 8.41
N LEU A 11 -3.27 10.86 9.47
CA LEU A 11 -2.16 9.91 9.32
C LEU A 11 -2.59 8.75 8.41
N THR A 12 -3.80 8.23 8.61
CA THR A 12 -4.27 7.12 7.78
C THR A 12 -4.67 7.58 6.37
N LEU A 13 -5.27 8.78 6.28
CA LEU A 13 -5.71 9.31 4.99
C LEU A 13 -4.55 9.54 4.01
N VAL A 14 -3.41 10.00 4.52
CA VAL A 14 -2.27 10.29 3.65
C VAL A 14 -1.89 9.08 2.78
N PRO A 15 -1.88 7.89 3.32
CA PRO A 15 -1.52 6.69 2.52
C PRO A 15 -2.39 6.51 1.29
N SER A 16 -3.67 6.86 1.40
CA SER A 16 -4.59 6.72 0.29
C SER A 16 -4.16 7.59 -0.89
N LEU A 17 -3.64 8.78 -0.59
CA LEU A 17 -3.21 9.70 -1.64
C LEU A 17 -2.07 9.10 -2.46
N GLY A 18 -1.16 8.41 -1.79
CA GLY A 18 -0.02 7.81 -2.49
C GLY A 18 -0.47 6.67 -3.39
N GLY A 19 -1.22 5.72 -2.83
CA GLY A 19 -1.71 4.59 -3.59
C GLY A 19 -2.62 5.02 -4.73
N PHE A 20 -3.44 6.04 -4.49
CA PHE A 20 -4.36 6.53 -5.50
C PHE A 20 -3.62 6.95 -6.77
N MET A 21 -2.53 7.69 -6.60
CA MET A 21 -1.75 8.15 -7.74
C MET A 21 -1.19 6.98 -8.55
N GLY A 22 -0.76 5.93 -7.85
CA GLY A 22 -0.19 4.76 -8.53
C GLY A 22 -1.26 4.03 -9.34
N ALA A 23 -2.41 3.81 -8.72
CA ALA A 23 -3.51 3.12 -9.38
C ALA A 23 -4.13 3.98 -10.47
N TYR A 24 -3.96 5.28 -10.33
CA TYR A 24 -4.50 6.23 -11.31
C TYR A 24 -3.94 5.92 -12.71
N PHE A 25 -2.69 5.48 -12.76
CA PHE A 25 -2.03 5.18 -14.03
C PHE A 25 -2.73 4.08 -14.81
N VAL A 26 -3.03 2.97 -14.14
CA VAL A 26 -3.70 1.85 -14.82
C VAL A 26 -5.17 2.16 -15.03
N ARG A 27 -5.70 2.91 -14.09
CA ARG A 27 -7.10 3.31 -14.10
C ARG A 27 -7.47 4.15 -15.32
N GLY A 28 -6.58 5.06 -15.70
CA GLY A 28 -6.85 5.96 -16.81
C GLY A 28 -6.41 5.38 -18.15
N GLU A 29 -5.59 6.16 -18.87
CA GLU A 29 -5.11 5.76 -20.19
C GLU A 29 -4.38 4.41 -20.12
N GLY A 30 -3.79 4.12 -18.98
CA GLY A 30 -3.08 2.87 -18.82
C GLY A 30 -3.93 1.71 -19.31
N LEU A 31 -5.25 1.81 -19.13
CA LEU A 31 -6.14 0.74 -19.58
C LEU A 31 -5.82 0.37 -21.02
N ARG A 32 -5.61 1.38 -21.85
CA ARG A 32 -5.25 1.12 -23.24
C ARG A 32 -3.93 0.38 -23.30
N TRP A 33 -2.99 0.83 -22.48
CA TRP A 33 -1.68 0.20 -22.43
C TRP A 33 -1.78 -1.26 -21.98
N TYR A 34 -2.69 -1.53 -21.05
CA TYR A 34 -2.89 -2.88 -20.56
C TYR A 34 -3.40 -3.81 -21.66
N ALA A 35 -4.02 -3.23 -22.69
CA ALA A 35 -4.52 -4.06 -23.77
C ALA A 35 -3.44 -5.02 -24.21
N GLY A 36 -2.21 -4.53 -24.28
CA GLY A 36 -1.08 -5.37 -24.64
C GLY A 36 -0.80 -6.39 -23.53
N LEU A 37 -1.08 -5.97 -22.30
CA LEU A 37 -0.87 -6.82 -21.13
C LEU A 37 -2.11 -7.66 -20.85
N GLN A 38 -1.92 -8.85 -20.30
CA GLN A 38 -3.05 -9.72 -19.98
C GLN A 38 -3.36 -9.66 -18.48
N LYS A 39 -4.63 -9.43 -18.15
CA LYS A 39 -5.05 -9.36 -16.76
C LYS A 39 -5.87 -10.59 -16.38
N PRO A 40 -5.70 -11.12 -15.20
CA PRO A 40 -6.48 -12.33 -14.77
C PRO A 40 -7.99 -12.10 -14.82
N SER A 41 -8.71 -13.08 -15.35
CA SER A 41 -10.16 -12.99 -15.46
C SER A 41 -10.86 -13.10 -14.10
N TRP A 42 -10.18 -13.70 -13.12
CA TRP A 42 -10.78 -13.89 -11.80
C TRP A 42 -10.78 -12.62 -10.97
N HIS A 43 -10.01 -11.61 -11.38
CA HIS A 43 -9.93 -10.38 -10.60
C HIS A 43 -11.22 -9.56 -10.73
N PRO A 44 -11.57 -8.82 -9.69
CA PRO A 44 -12.79 -7.96 -9.70
C PRO A 44 -12.53 -6.64 -10.42
N PRO A 45 -13.57 -5.95 -10.82
CA PRO A 45 -13.42 -4.66 -11.54
C PRO A 45 -12.51 -3.68 -10.78
N ARG A 46 -11.82 -2.83 -11.52
CA ARG A 46 -10.90 -1.86 -10.92
C ARG A 46 -11.57 -0.95 -9.90
N TRP A 47 -12.81 -0.55 -10.17
CA TRP A 47 -13.51 0.35 -9.25
C TRP A 47 -13.76 -0.31 -7.90
N THR A 48 -13.88 -1.63 -7.88
CA THR A 48 -14.13 -2.33 -6.62
C THR A 48 -12.96 -2.21 -5.65
N LEU A 49 -11.81 -2.72 -6.04
CA LEU A 49 -10.63 -2.68 -5.19
C LEU A 49 -10.04 -1.27 -5.05
N ALA A 50 -10.10 -0.48 -6.11
CA ALA A 50 -9.54 0.87 -6.06
C ALA A 50 -9.79 1.55 -4.70
N PRO A 51 -11.00 1.53 -4.21
CA PRO A 51 -11.35 2.18 -2.90
C PRO A 51 -10.83 1.42 -1.67
N ILE A 52 -10.07 0.35 -1.88
CA ILE A 52 -9.56 -0.44 -0.76
C ILE A 52 -9.06 0.45 0.37
N TRP A 53 -8.39 1.54 0.03
CA TRP A 53 -7.89 2.43 1.05
C TRP A 53 -8.97 2.79 2.04
N GLY A 54 -10.21 2.85 1.56
CA GLY A 54 -11.32 3.17 2.46
C GLY A 54 -11.39 2.12 3.57
N THR A 55 -11.17 0.85 3.19
CA THR A 55 -11.22 -0.25 4.13
C THR A 55 -10.04 -0.19 5.12
N LEU A 56 -8.83 -0.04 4.58
CA LEU A 56 -7.64 0.07 5.43
C LEU A 56 -7.67 1.36 6.21
N TYR A 57 -8.23 2.39 5.59
CA TYR A 57 -8.33 3.71 6.20
C TYR A 57 -8.97 3.65 7.58
N SER A 58 -10.10 2.98 7.69
CA SER A 58 -10.76 2.90 8.98
C SER A 58 -9.99 2.03 9.95
N ALA A 59 -9.39 0.95 9.46
CA ALA A 59 -8.63 0.06 10.35
C ALA A 59 -7.40 0.77 10.90
N MET A 60 -6.72 1.52 10.05
CA MET A 60 -5.53 2.24 10.47
C MET A 60 -5.85 3.24 11.57
N GLY A 61 -6.99 3.92 11.46
CA GLY A 61 -7.38 4.88 12.47
C GLY A 61 -7.56 4.18 13.81
N TYR A 62 -8.31 3.09 13.79
CA TYR A 62 -8.55 2.31 15.00
C TYR A 62 -7.26 1.71 15.52
N GLY A 63 -6.40 1.25 14.62
CA GLY A 63 -5.15 0.65 15.04
C GLY A 63 -4.38 1.62 15.92
N SER A 64 -4.35 2.88 15.52
CA SER A 64 -3.65 3.88 16.31
C SER A 64 -4.32 4.02 17.67
N TYR A 65 -5.63 3.77 17.71
CA TYR A 65 -6.37 3.88 18.97
C TYR A 65 -5.79 2.94 20.02
N ILE A 66 -5.41 1.74 19.59
CA ILE A 66 -4.81 0.79 20.52
C ILE A 66 -3.40 1.25 20.89
N VAL A 67 -2.70 1.77 19.90
CA VAL A 67 -1.32 2.20 20.07
C VAL A 67 -1.15 3.38 21.04
N TRP A 68 -1.88 4.49 20.81
CA TRP A 68 -1.73 5.67 21.68
C TRP A 68 -2.24 5.42 23.10
N LYS A 69 -3.30 4.63 23.28
CA LYS A 69 -3.81 4.36 24.63
C LYS A 69 -2.76 3.66 25.48
N GLU A 70 -2.02 2.71 24.89
CA GLU A 70 -1.00 2.01 25.66
C GLU A 70 0.08 2.98 26.14
N LEU A 71 0.45 3.91 25.26
CA LEU A 71 1.46 4.91 25.62
C LEU A 71 0.88 5.96 26.56
N GLY A 72 -0.44 6.15 26.51
CA GLY A 72 -1.10 7.13 27.37
C GLY A 72 -1.27 8.49 26.70
N GLY A 73 -1.81 8.48 25.48
CA GLY A 73 -2.03 9.72 24.75
C GLY A 73 -0.85 10.06 23.87
N PHE A 74 -0.70 11.34 23.49
CA PHE A 74 0.42 11.72 22.65
C PHE A 74 1.59 12.17 23.53
N THR A 75 2.62 11.34 23.57
CA THR A 75 3.82 11.64 24.35
C THR A 75 5.05 11.42 23.48
N GLU A 76 6.20 11.88 23.93
CA GLU A 76 7.41 11.76 23.13
C GLU A 76 7.62 10.33 22.61
N ASP A 77 7.32 9.32 23.42
CA ASP A 77 7.51 7.95 22.96
C ASP A 77 6.54 7.62 21.82
N ALA A 78 5.35 8.22 21.85
CA ALA A 78 4.33 7.97 20.82
C ALA A 78 4.63 8.70 19.50
N MET A 79 5.28 9.85 19.58
CA MET A 79 5.56 10.62 18.38
C MET A 79 6.39 9.81 17.38
N VAL A 80 7.29 8.99 17.90
CA VAL A 80 8.15 8.18 17.04
C VAL A 80 7.35 7.16 16.22
N PRO A 81 6.61 6.28 16.83
CA PRO A 81 5.82 5.24 16.08
C PRO A 81 4.82 5.86 15.10
N LEU A 82 3.92 6.70 15.60
CA LEU A 82 2.93 7.33 14.73
C LEU A 82 3.62 8.23 13.71
N GLY A 83 4.60 8.99 14.19
CA GLY A 83 5.35 9.90 13.33
C GLY A 83 6.14 9.15 12.25
N LEU A 84 6.72 8.01 12.63
CA LEU A 84 7.50 7.22 11.68
C LEU A 84 6.64 6.84 10.48
N TYR A 85 5.40 6.50 10.76
CA TYR A 85 4.47 6.12 9.70
C TYR A 85 4.26 7.26 8.71
N THR A 86 4.09 8.47 9.22
CA THR A 86 3.89 9.63 8.36
C THR A 86 5.14 9.99 7.55
N GLY A 87 6.30 9.94 8.22
CA GLY A 87 7.56 10.30 7.57
C GLY A 87 8.08 9.22 6.64
N GLN A 88 8.35 8.04 7.18
CA GLN A 88 8.88 6.95 6.38
C GLN A 88 7.97 6.64 5.19
N LEU A 89 6.67 6.65 5.42
CA LEU A 89 5.71 6.37 4.34
C LEU A 89 5.82 7.42 3.24
N ALA A 90 6.01 8.68 3.63
CA ALA A 90 6.11 9.76 2.64
C ALA A 90 7.34 9.57 1.74
N LEU A 91 8.49 9.36 2.37
CA LEU A 91 9.71 9.15 1.60
C LEU A 91 9.57 7.92 0.72
N ASN A 92 8.92 6.89 1.25
CA ASN A 92 8.73 5.66 0.50
C ASN A 92 7.92 5.92 -0.76
N TRP A 93 6.88 6.74 -0.65
CA TRP A 93 6.03 7.06 -1.80
C TRP A 93 6.88 7.67 -2.92
N ALA A 94 7.91 8.40 -2.55
CA ALA A 94 8.78 9.03 -3.53
C ALA A 94 9.45 8.00 -4.43
N TRP A 95 9.69 6.80 -3.91
CA TRP A 95 10.35 5.75 -4.69
C TRP A 95 9.63 5.48 -6.02
N PRO A 96 8.35 5.19 -6.00
CA PRO A 96 7.58 4.91 -7.25
C PRO A 96 7.96 5.83 -8.41
N PRO A 97 9.05 5.57 -9.08
CA PRO A 97 9.46 6.42 -10.23
C PRO A 97 8.40 6.40 -11.32
N ILE A 98 7.58 5.36 -11.28
CA ILE A 98 6.51 5.17 -12.25
C ILE A 98 5.49 6.31 -12.16
N PHE A 99 5.43 6.96 -11.00
CA PHE A 99 4.48 8.05 -10.81
C PHE A 99 4.65 9.13 -11.89
N PHE A 100 5.90 9.52 -12.15
CA PHE A 100 6.18 10.55 -13.15
C PHE A 100 5.79 10.11 -14.56
N GLY A 101 6.24 8.91 -14.96
CA GLY A 101 5.94 8.42 -16.30
C GLY A 101 5.02 7.19 -16.25
N ALA A 102 5.48 6.14 -15.59
CA ALA A 102 4.70 4.93 -15.48
C ALA A 102 4.42 4.33 -16.87
N ARG A 103 4.88 5.02 -17.90
CA ARG A 103 4.67 4.55 -19.26
C ARG A 103 5.18 3.12 -19.43
N GLN A 104 6.26 2.80 -18.73
CA GLN A 104 6.85 1.48 -18.81
C GLN A 104 6.19 0.52 -17.82
N MET A 105 6.31 -0.77 -18.13
CA MET A 105 5.73 -1.83 -17.28
C MET A 105 6.25 -1.74 -15.86
N GLY A 106 7.31 -0.97 -15.63
CA GLY A 106 7.90 -0.85 -14.30
C GLY A 106 6.86 -0.71 -13.17
N TRP A 107 5.58 -0.70 -13.53
CA TRP A 107 4.50 -0.58 -12.55
C TRP A 107 4.77 -1.49 -11.34
N ALA A 108 5.62 -2.50 -11.53
CA ALA A 108 5.91 -3.45 -10.46
C ALA A 108 6.41 -2.74 -9.22
N LEU A 109 7.00 -1.59 -9.38
CA LEU A 109 7.52 -0.84 -8.26
C LEU A 109 6.39 -0.48 -7.30
N ALA A 110 5.19 -0.23 -7.83
CA ALA A 110 4.06 0.08 -6.98
C ALA A 110 3.76 -1.10 -6.07
N ASP A 111 3.93 -2.31 -6.62
CA ASP A 111 3.66 -3.53 -5.87
C ASP A 111 4.56 -3.71 -4.66
N LEU A 112 5.88 -3.58 -4.86
CA LEU A 112 6.81 -3.77 -3.75
C LEU A 112 6.60 -2.75 -2.65
N LEU A 113 6.48 -1.47 -3.03
CA LEU A 113 6.26 -0.43 -2.05
C LEU A 113 4.90 -0.58 -1.42
N LEU A 114 3.91 -0.88 -2.25
CA LEU A 114 2.56 -1.07 -1.78
C LEU A 114 2.53 -2.02 -0.60
N VAL A 115 3.01 -3.22 -0.85
CA VAL A 115 3.01 -4.28 0.14
C VAL A 115 4.02 -4.04 1.26
N SER A 116 5.29 -4.00 0.92
CA SER A 116 6.35 -3.81 1.91
C SER A 116 6.29 -2.43 2.57
N GLY A 117 6.00 -1.41 1.79
CA GLY A 117 5.98 -0.05 2.30
C GLY A 117 4.94 0.15 3.41
N VAL A 118 3.68 -0.16 3.13
CA VAL A 118 2.65 0.03 4.13
C VAL A 118 2.86 -0.88 5.34
N ALA A 119 3.27 -2.12 5.08
CA ALA A 119 3.48 -3.09 6.16
C ALA A 119 4.73 -2.80 6.97
N THR A 120 5.84 -2.50 6.30
CA THR A 120 7.10 -2.26 6.98
C THR A 120 7.04 -1.07 7.94
N ALA A 121 6.39 0.01 7.53
CA ALA A 121 6.31 1.19 8.40
C ALA A 121 5.42 0.96 9.60
N THR A 122 4.20 0.53 9.37
CA THR A 122 3.24 0.30 10.45
C THR A 122 3.69 -0.82 11.40
N THR A 123 4.21 -1.89 10.83
CA THR A 123 4.63 -3.04 11.64
C THR A 123 5.68 -2.67 12.69
N LEU A 124 6.70 -1.92 12.28
CA LEU A 124 7.76 -1.55 13.21
C LEU A 124 7.26 -0.63 14.33
N ALA A 125 6.35 0.28 14.01
CA ALA A 125 5.87 1.22 15.02
C ALA A 125 4.76 0.64 15.91
N TRP A 126 3.61 0.33 15.29
CA TRP A 126 2.46 -0.17 16.05
C TRP A 126 2.68 -1.55 16.68
N HIS A 127 3.29 -2.48 15.95
CA HIS A 127 3.47 -3.82 16.48
C HIS A 127 4.26 -3.82 17.78
N ARG A 128 5.38 -3.10 17.80
CA ARG A 128 6.21 -3.04 18.99
C ARG A 128 5.47 -2.40 20.16
N VAL A 129 4.74 -1.33 19.89
CA VAL A 129 3.98 -0.64 20.93
C VAL A 129 2.76 -1.46 21.36
N SER A 130 2.05 -2.00 20.37
CA SER A 130 0.85 -2.78 20.64
C SER A 130 0.70 -3.93 19.63
N PRO A 131 0.95 -5.14 20.04
CA PRO A 131 0.83 -6.31 19.11
C PRO A 131 -0.56 -6.43 18.48
N PRO A 132 -1.62 -6.14 19.22
CA PRO A 132 -3.00 -6.26 18.65
C PRO A 132 -3.18 -5.43 17.38
N ALA A 133 -2.40 -4.36 17.24
CA ALA A 133 -2.47 -3.52 16.06
C ALA A 133 -2.11 -4.35 14.84
N ALA A 134 -1.35 -5.41 15.06
CA ALA A 134 -0.96 -6.27 13.97
C ALA A 134 -2.21 -6.95 13.39
N ARG A 135 -3.09 -7.42 14.27
CA ARG A 135 -4.34 -8.05 13.85
C ARG A 135 -5.25 -7.04 13.16
N LEU A 136 -5.24 -5.82 13.68
CA LEU A 136 -6.06 -4.74 13.13
C LEU A 136 -5.89 -4.65 11.63
N LEU A 137 -4.65 -4.77 11.19
CA LEU A 137 -4.35 -4.70 9.77
C LEU A 137 -5.05 -5.83 9.00
N TYR A 138 -5.28 -6.96 9.68
CA TYR A 138 -5.94 -8.14 9.09
C TYR A 138 -6.29 -7.98 7.59
N PRO A 139 -7.31 -7.23 7.24
CA PRO A 139 -7.69 -7.11 5.78
C PRO A 139 -6.53 -6.67 4.89
N TYR A 140 -5.57 -5.98 5.48
CA TYR A 140 -4.41 -5.49 4.74
C TYR A 140 -3.69 -6.63 4.04
N LEU A 141 -3.60 -7.78 4.70
CA LEU A 141 -2.94 -8.93 4.14
C LEU A 141 -3.68 -9.45 2.91
N ALA A 142 -5.00 -9.46 2.98
CA ALA A 142 -5.80 -9.95 1.86
C ALA A 142 -5.60 -9.05 0.64
N TRP A 143 -5.61 -7.74 0.88
CA TRP A 143 -5.43 -6.79 -0.20
C TRP A 143 -4.01 -6.91 -0.77
N LEU A 144 -3.02 -6.89 0.11
CA LEU A 144 -1.63 -7.04 -0.34
C LEU A 144 -1.40 -8.42 -0.95
N ALA A 145 -2.08 -9.43 -0.42
CA ALA A 145 -1.91 -10.79 -0.92
C ALA A 145 -2.30 -10.88 -2.40
N PHE A 146 -3.39 -10.21 -2.76
CA PHE A 146 -3.85 -10.22 -4.15
C PHE A 146 -2.83 -9.61 -5.10
N THR A 147 -2.22 -8.50 -4.69
CA THR A 147 -1.24 -7.85 -5.54
C THR A 147 -0.06 -8.77 -5.86
N THR A 148 0.36 -9.56 -4.87
CA THR A 148 1.47 -10.46 -5.10
C THR A 148 1.16 -11.44 -6.22
N VAL A 149 0.00 -12.10 -6.14
CA VAL A 149 -0.40 -13.05 -7.17
C VAL A 149 -0.73 -12.33 -8.47
N LEU A 150 -1.50 -11.25 -8.34
CA LEU A 150 -1.91 -10.46 -9.50
C LEU A 150 -0.70 -9.93 -10.27
N ASN A 151 0.33 -9.51 -9.56
CA ASN A 151 1.53 -8.98 -10.22
C ASN A 151 2.26 -10.04 -11.05
N TYR A 152 2.34 -11.27 -10.55
CA TYR A 152 3.05 -12.31 -11.31
C TYR A 152 2.41 -12.59 -12.66
N TYR A 153 1.09 -12.69 -12.70
CA TYR A 153 0.42 -12.97 -13.97
C TYR A 153 0.60 -11.84 -14.99
N VAL A 154 0.55 -10.60 -14.53
CA VAL A 154 0.70 -9.46 -15.43
C VAL A 154 2.13 -9.32 -15.97
N TRP A 155 3.12 -9.36 -15.09
CA TRP A 155 4.51 -9.21 -15.54
C TRP A 155 4.93 -10.33 -16.48
N ARG A 156 4.50 -11.56 -16.18
CA ARG A 156 4.86 -12.68 -17.04
C ARG A 156 4.34 -12.48 -18.46
N ASP A 157 3.29 -11.66 -18.61
CA ASP A 157 2.75 -11.43 -19.95
C ASP A 157 3.88 -10.98 -20.88
N ASN A 158 4.74 -10.10 -20.36
CA ASN A 158 5.89 -9.61 -21.13
C ASN A 158 7.15 -10.33 -20.63
N SER A 159 7.23 -10.47 -19.32
CA SER A 159 8.36 -11.15 -18.67
C SER A 159 8.14 -12.66 -18.66
N GLY A 160 9.15 -13.40 -18.23
CA GLY A 160 9.03 -14.85 -18.19
C GLY A 160 9.59 -15.49 -19.45
N ARG A 161 10.13 -14.65 -20.33
CA ARG A 161 10.71 -15.14 -21.58
C ARG A 161 11.77 -16.19 -21.30
N ARG A 162 12.47 -16.02 -20.18
CA ARG A 162 13.52 -16.96 -19.80
C ARG A 162 12.97 -18.39 -19.76
N GLY A 163 11.70 -18.50 -19.38
CA GLY A 163 11.06 -19.81 -19.31
C GLY A 163 11.21 -20.54 -20.64
N GLY A 164 11.23 -19.77 -21.72
CA GLY A 164 11.38 -20.34 -23.05
C GLY A 164 12.61 -21.23 -23.12
N SER A 165 13.62 -20.91 -22.31
CA SER A 165 14.85 -21.69 -22.29
C SER A 165 14.55 -23.14 -21.93
N ARG A 166 13.45 -23.37 -21.22
CA ARG A 166 13.07 -24.71 -20.82
C ARG A 166 13.01 -25.63 -22.04
N LEU A 167 12.52 -25.11 -23.16
CA LEU A 167 12.43 -25.89 -24.38
C LEU A 167 13.82 -26.29 -24.85
N ALA A 168 14.79 -25.42 -24.62
CA ALA A 168 16.16 -25.67 -25.02
C ALA A 168 16.80 -26.70 -24.11
N GLU A 169 17.83 -27.34 -24.61
CA GLU A 169 18.53 -28.36 -23.85
C GLU A 169 18.63 -27.96 -22.38
C1 PKA B . -4.49 -3.40 -12.16
C2 PKA B . -5.78 -3.69 -11.37
C3 PKA B . -5.77 -2.93 -10.02
C4 PKA B . -6.46 -1.57 -10.15
N5 PKA B . -6.45 -3.72 -9.00
C6 PKA B . -7.61 -4.52 -9.38
C7 PKA B . -6.19 -3.52 -7.70
O8 PKA B . -6.89 -4.04 -6.83
C9 PKA B . -5.05 -2.64 -7.30
N18 PKA B . -3.80 -2.83 -7.88
C17 PKA B . -2.73 -2.01 -7.52
C10 PKA B . -5.24 -1.64 -6.34
C11 PKA B . -4.16 -0.83 -5.96
C12 PKA B . -4.34 0.16 -4.98
C16 PKA B . -2.90 -1.02 -6.55
C13 PKA B . -3.26 0.97 -4.62
C14 PKA B . -2.01 0.79 -5.21
C15 PKA B . -1.83 -0.21 -6.17
C19 PKA B . -1.41 -2.21 -8.15
C24 PKA B . -0.87 -1.22 -8.97
C23 PKA B . 0.37 -1.41 -9.58
C20 PKA B . -0.71 -3.38 -7.92
C21 PKA B . 0.54 -3.58 -8.52
C22 PKA B . 1.08 -2.60 -9.35
CL PKA B . -1.75 0.26 -9.24
H1C PKA B . -4.09 -2.43 -11.86
H1A PKA B . -4.71 -3.39 -13.21
H1B PKA B . -3.76 -4.17 -11.94
H2A PKA B . -5.84 -4.76 -11.18
H2B PKA B . -6.63 -3.40 -11.96
H3 PKA B . -4.75 -2.78 -9.75
H4C PKA B . -7.33 -1.65 -10.78
H4A PKA B . -5.77 -0.86 -10.56
H4B PKA B . -6.77 -1.24 -9.16
H6A PKA B . -7.30 -5.54 -9.55
H6B PKA B . -8.05 -4.11 -10.28
H6C PKA B . -8.34 -4.49 -8.59
H10 PKA B . -6.18 -1.57 -5.82
H12 PKA B . -5.26 0.22 -4.44
H13 PKA B . -3.35 1.63 -3.77
H14 PKA B . -1.15 1.33 -4.84
H15 PKA B . -0.85 -0.37 -6.59
H23 PKA B . 0.76 -0.67 -10.27
H20 PKA B . -1.10 -4.12 -7.24
H21 PKA B . 1.07 -4.50 -8.37
H22 PKA B . 2.01 -2.78 -9.88
N MET A 1 -8.48 15.17 24.76
CA MET A 1 -9.47 15.50 23.75
C MET A 1 -9.15 14.78 22.44
N PRO A 2 -10.16 14.37 21.70
CA PRO A 2 -9.96 13.65 20.41
C PRO A 2 -9.09 14.45 19.44
N GLU A 3 -8.95 15.74 19.72
CA GLU A 3 -8.17 16.61 18.86
C GLU A 3 -6.79 16.02 18.61
N SER A 4 -6.24 15.33 19.60
CA SER A 4 -4.93 14.72 19.45
C SER A 4 -4.95 13.68 18.33
N TRP A 5 -6.03 12.90 18.26
CA TRP A 5 -6.17 11.87 17.23
C TRP A 5 -6.45 12.47 15.86
N VAL A 6 -7.14 13.61 15.84
CA VAL A 6 -7.50 14.25 14.58
C VAL A 6 -6.36 14.18 13.56
N PRO A 7 -5.17 14.61 13.92
CA PRO A 7 -4.04 14.55 12.95
C PRO A 7 -3.81 13.11 12.48
N ALA A 8 -4.16 12.15 13.34
CA ALA A 8 -3.98 10.75 13.00
C ALA A 8 -4.72 10.44 11.71
N VAL A 9 -5.80 11.15 11.48
CA VAL A 9 -6.58 10.95 10.27
C VAL A 9 -5.68 11.21 9.06
N GLY A 10 -4.89 12.28 9.15
CA GLY A 10 -3.96 12.64 8.08
C GLY A 10 -2.91 11.57 7.85
N LEU A 11 -2.46 10.92 8.93
CA LEU A 11 -1.45 9.89 8.82
C LEU A 11 -1.88 8.77 7.87
N THR A 12 -3.13 8.33 7.96
CA THR A 12 -3.60 7.26 7.08
C THR A 12 -3.97 7.78 5.69
N LEU A 13 -4.42 9.03 5.60
CA LEU A 13 -4.79 9.61 4.31
C LEU A 13 -3.60 9.77 3.38
N VAL A 14 -2.44 10.12 3.93
CA VAL A 14 -1.25 10.34 3.12
C VAL A 14 -0.95 9.16 2.18
N PRO A 15 -0.78 7.97 2.69
CA PRO A 15 -0.47 6.80 1.81
C PRO A 15 -1.55 6.56 0.75
N SER A 16 -2.80 6.84 1.09
CA SER A 16 -3.89 6.63 0.15
C SER A 16 -3.71 7.48 -1.11
N LEU A 17 -3.23 8.71 -0.93
CA LEU A 17 -3.02 9.59 -2.07
C LEU A 17 -1.94 9.04 -3.01
N GLY A 18 -0.90 8.44 -2.44
CA GLY A 18 0.18 7.88 -3.24
C GLY A 18 -0.32 6.74 -4.11
N GLY A 19 -0.96 5.76 -3.49
CA GLY A 19 -1.49 4.60 -4.21
C GLY A 19 -2.58 5.00 -5.19
N PHE A 20 -3.42 5.96 -4.80
CA PHE A 20 -4.51 6.40 -5.66
C PHE A 20 -4.00 6.93 -7.00
N MET A 21 -2.97 7.76 -6.95
CA MET A 21 -2.42 8.33 -8.19
C MET A 21 -1.84 7.23 -9.08
N GLY A 22 -1.23 6.23 -8.49
CA GLY A 22 -0.66 5.13 -9.25
C GLY A 22 -1.75 4.37 -10.01
N ALA A 23 -2.87 4.14 -9.33
CA ALA A 23 -3.99 3.42 -9.92
C ALA A 23 -4.66 4.25 -11.00
N TYR A 24 -4.58 5.56 -10.88
CA TYR A 24 -5.16 6.44 -11.87
C TYR A 24 -4.57 6.15 -13.25
N PHE A 25 -3.28 5.78 -13.27
CA PHE A 25 -2.59 5.46 -14.52
C PHE A 25 -3.21 4.27 -15.25
N VAL A 26 -3.48 3.19 -14.50
CA VAL A 26 -4.07 1.99 -15.10
C VAL A 26 -5.53 2.24 -15.40
N ARG A 27 -6.14 3.03 -14.53
CA ARG A 27 -7.54 3.38 -14.61
C ARG A 27 -7.91 4.07 -15.92
N GLY A 28 -7.04 4.96 -16.39
CA GLY A 28 -7.32 5.73 -17.60
C GLY A 28 -6.79 5.04 -18.86
N GLU A 29 -6.09 5.81 -19.68
CA GLU A 29 -5.54 5.30 -20.93
C GLU A 29 -4.76 4.01 -20.70
N GLY A 30 -4.22 3.87 -19.50
CA GLY A 30 -3.45 2.68 -19.18
C GLY A 30 -4.22 1.42 -19.55
N LEU A 31 -5.55 1.48 -19.44
CA LEU A 31 -6.37 0.32 -19.79
C LEU A 31 -5.99 -0.18 -21.18
N ARG A 32 -5.82 0.75 -22.11
CA ARG A 32 -5.43 0.39 -23.46
C ARG A 32 -4.06 -0.29 -23.46
N TRP A 33 -3.15 0.26 -22.68
CA TRP A 33 -1.81 -0.26 -22.58
C TRP A 33 -1.80 -1.72 -22.10
N TYR A 34 -2.66 -2.04 -21.13
CA TYR A 34 -2.72 -3.40 -20.62
C TYR A 34 -3.23 -4.37 -21.67
N ALA A 35 -3.95 -3.88 -22.66
CA ALA A 35 -4.48 -4.77 -23.70
C ALA A 35 -3.36 -5.71 -24.16
N GLY A 36 -2.17 -5.17 -24.33
CA GLY A 36 -1.03 -5.98 -24.74
C GLY A 36 -0.71 -7.01 -23.66
N LEU A 37 -0.97 -6.63 -22.42
CA LEU A 37 -0.73 -7.49 -21.27
C LEU A 37 -2.00 -8.26 -20.91
N GLN A 38 -1.84 -9.48 -20.38
CA GLN A 38 -2.99 -10.28 -20.00
C GLN A 38 -3.22 -10.16 -18.50
N LYS A 39 -4.41 -9.71 -18.12
CA LYS A 39 -4.75 -9.56 -16.71
C LYS A 39 -5.48 -10.82 -16.22
N PRO A 40 -5.21 -11.27 -15.03
CA PRO A 40 -5.84 -12.50 -14.48
C PRO A 40 -7.37 -12.42 -14.46
N SER A 41 -8.01 -13.55 -14.70
CA SER A 41 -9.47 -13.64 -14.72
C SER A 41 -10.08 -13.27 -13.37
N TRP A 42 -9.37 -13.59 -12.28
CA TRP A 42 -9.89 -13.30 -10.95
C TRP A 42 -9.75 -11.82 -10.60
N HIS A 43 -9.25 -11.02 -11.54
CA HIS A 43 -9.10 -9.59 -11.30
C HIS A 43 -10.47 -8.95 -11.06
N PRO A 44 -10.59 -8.02 -10.14
CA PRO A 44 -11.90 -7.34 -9.88
C PRO A 44 -11.99 -5.96 -10.51
N PRO A 45 -13.16 -5.39 -10.51
CA PRO A 45 -13.39 -4.04 -11.11
C PRO A 45 -12.41 -3.00 -10.57
N ARG A 46 -12.06 -2.03 -11.41
CA ARG A 46 -11.14 -0.98 -11.02
C ARG A 46 -11.66 -0.22 -9.79
N TRP A 47 -12.97 -0.01 -9.74
CA TRP A 47 -13.58 0.71 -8.63
C TRP A 47 -13.81 -0.17 -7.41
N THR A 48 -13.57 -1.47 -7.55
CA THR A 48 -13.78 -2.38 -6.42
C THR A 48 -12.67 -2.25 -5.38
N LEU A 49 -11.51 -2.80 -5.66
CA LEU A 49 -10.40 -2.73 -4.71
C LEU A 49 -9.92 -1.29 -4.53
N ALA A 50 -9.98 -0.47 -5.57
CA ALA A 50 -9.51 0.91 -5.43
C ALA A 50 -9.94 1.49 -4.08
N PRO A 51 -11.17 1.26 -3.67
CA PRO A 51 -11.69 1.76 -2.37
C PRO A 51 -10.97 1.19 -1.14
N ILE A 52 -10.08 0.22 -1.36
CA ILE A 52 -9.37 -0.43 -0.25
C ILE A 52 -8.91 0.59 0.79
N TRP A 53 -8.41 1.73 0.35
CA TRP A 53 -7.93 2.72 1.28
C TRP A 53 -9.01 3.05 2.30
N GLY A 54 -10.26 3.03 1.86
CA GLY A 54 -11.35 3.30 2.78
C GLY A 54 -11.31 2.29 3.92
N THR A 55 -11.01 1.04 3.57
CA THR A 55 -10.93 -0.04 4.56
C THR A 55 -9.72 0.14 5.48
N LEU A 56 -8.53 0.30 4.88
CA LEU A 56 -7.31 0.49 5.66
C LEU A 56 -7.36 1.82 6.40
N TYR A 57 -7.98 2.80 5.78
CA TYR A 57 -8.09 4.14 6.36
C TYR A 57 -8.58 4.11 7.80
N SER A 58 -9.76 3.56 8.01
CA SER A 58 -10.32 3.50 9.35
C SER A 58 -9.50 2.61 10.29
N ALA A 59 -8.98 1.50 9.76
CA ALA A 59 -8.20 0.59 10.59
C ALA A 59 -6.97 1.29 11.15
N MET A 60 -6.33 2.11 10.31
CA MET A 60 -5.13 2.82 10.73
C MET A 60 -5.45 3.81 11.87
N GLY A 61 -6.60 4.45 11.81
CA GLY A 61 -6.98 5.40 12.84
C GLY A 61 -7.19 4.69 14.17
N TYR A 62 -8.12 3.74 14.17
CA TYR A 62 -8.41 2.97 15.37
C TYR A 62 -7.18 2.18 15.82
N GLY A 63 -6.41 1.67 14.86
CA GLY A 63 -5.22 0.92 15.20
C GLY A 63 -4.34 1.76 16.12
N SER A 64 -4.22 3.05 15.80
CA SER A 64 -3.42 3.95 16.62
C SER A 64 -4.04 4.12 18.00
N TYR A 65 -5.37 3.97 18.08
CA TYR A 65 -6.05 4.12 19.36
C TYR A 65 -5.44 3.15 20.38
N ILE A 66 -5.25 1.91 19.95
CA ILE A 66 -4.64 0.93 20.85
C ILE A 66 -3.25 1.38 21.24
N VAL A 67 -2.51 1.86 20.25
CA VAL A 67 -1.15 2.33 20.48
C VAL A 67 -1.15 3.56 21.40
N TRP A 68 -2.15 4.42 21.22
CA TRP A 68 -2.26 5.63 22.03
C TRP A 68 -2.42 5.29 23.51
N LYS A 69 -3.22 4.27 23.84
CA LYS A 69 -3.40 3.90 25.24
C LYS A 69 -2.12 3.38 25.88
N GLU A 70 -1.38 2.56 25.14
CA GLU A 70 -0.16 1.97 25.67
C GLU A 70 0.97 2.99 25.87
N LEU A 71 1.09 3.94 24.95
CA LEU A 71 2.16 4.93 25.02
C LEU A 71 1.73 6.19 25.76
N GLY A 72 0.49 6.23 26.23
CA GLY A 72 -0.01 7.40 26.94
C GLY A 72 -0.65 8.40 25.99
N GLY A 73 -0.75 8.00 24.72
CA GLY A 73 -1.36 8.84 23.70
C GLY A 73 -0.34 9.73 23.02
N PHE A 74 -0.84 10.71 22.26
CA PHE A 74 0.03 11.61 21.52
C PHE A 74 0.98 12.35 22.46
N THR A 75 2.07 11.68 22.81
CA THR A 75 3.09 12.26 23.68
C THR A 75 4.45 12.00 23.06
N GLU A 76 5.47 12.76 23.48
CA GLU A 76 6.79 12.60 22.90
C GLU A 76 7.14 11.12 22.72
N ASP A 77 6.78 10.29 23.69
CA ASP A 77 7.09 8.87 23.59
C ASP A 77 6.29 8.21 22.45
N ALA A 78 5.00 8.54 22.37
CA ALA A 78 4.14 7.96 21.34
C ALA A 78 4.34 8.59 19.96
N MET A 79 4.65 9.87 19.93
CA MET A 79 4.82 10.55 18.65
C MET A 79 5.91 9.88 17.82
N VAL A 80 6.94 9.35 18.48
CA VAL A 80 8.03 8.70 17.76
C VAL A 80 7.51 7.54 16.89
N PRO A 81 6.71 6.64 17.44
CA PRO A 81 6.17 5.51 16.61
C PRO A 81 5.22 6.00 15.53
N LEU A 82 4.22 6.79 15.91
CA LEU A 82 3.28 7.32 14.93
C LEU A 82 4.02 8.20 13.93
N GLY A 83 4.93 9.03 14.46
CA GLY A 83 5.72 9.92 13.64
C GLY A 83 6.59 9.14 12.67
N LEU A 84 7.14 8.02 13.15
CA LEU A 84 8.00 7.20 12.32
C LEU A 84 7.26 6.74 11.08
N TYR A 85 5.97 6.43 11.25
CA TYR A 85 5.15 5.98 10.12
C TYR A 85 5.09 7.06 9.06
N THR A 86 4.88 8.31 9.48
CA THR A 86 4.81 9.42 8.54
C THR A 86 6.14 9.65 7.84
N GLY A 87 7.24 9.56 8.61
CA GLY A 87 8.57 9.80 8.05
C GLY A 87 8.99 8.72 7.06
N GLN A 88 8.95 7.46 7.47
CA GLN A 88 9.35 6.37 6.60
C GLN A 88 8.51 6.32 5.33
N LEU A 89 7.22 6.56 5.47
CA LEU A 89 6.32 6.52 4.32
C LEU A 89 6.79 7.54 3.26
N ALA A 90 7.26 8.69 3.71
CA ALA A 90 7.73 9.72 2.79
C ALA A 90 8.96 9.26 2.03
N LEU A 91 9.90 8.65 2.73
CA LEU A 91 11.10 8.17 2.07
C LEU A 91 10.69 7.18 1.00
N ASN A 92 9.71 6.36 1.32
CA ASN A 92 9.19 5.37 0.39
C ASN A 92 8.54 6.07 -0.82
N TRP A 93 7.89 7.20 -0.57
CA TRP A 93 7.23 7.94 -1.65
C TRP A 93 8.24 8.27 -2.75
N ALA A 94 9.50 8.48 -2.35
CA ALA A 94 10.55 8.82 -3.32
C ALA A 94 10.96 7.63 -4.20
N TRP A 95 10.59 6.41 -3.79
CA TRP A 95 10.97 5.19 -4.52
C TRP A 95 10.24 5.02 -5.88
N PRO A 96 8.93 5.09 -5.92
CA PRO A 96 8.17 4.86 -7.18
C PRO A 96 8.61 5.79 -8.33
N PRO A 97 8.86 5.24 -9.50
CA PRO A 97 9.25 6.09 -10.66
C PRO A 97 8.12 6.18 -11.70
N ILE A 98 7.31 5.12 -11.74
CA ILE A 98 6.19 5.04 -12.68
C ILE A 98 5.22 6.21 -12.55
N PHE A 99 5.10 6.75 -11.34
CA PHE A 99 4.18 7.87 -11.12
C PHE A 99 4.46 9.01 -12.09
N PHE A 100 5.74 9.31 -12.30
CA PHE A 100 6.12 10.38 -13.20
C PHE A 100 5.69 10.10 -14.64
N GLY A 101 6.04 8.92 -15.14
CA GLY A 101 5.68 8.53 -16.51
C GLY A 101 4.71 7.36 -16.52
N ALA A 102 5.09 6.27 -15.85
CA ALA A 102 4.26 5.08 -15.79
C ALA A 102 4.02 4.52 -17.18
N ARG A 103 4.57 5.18 -18.18
CA ARG A 103 4.43 4.73 -19.57
C ARG A 103 4.89 3.27 -19.68
N GLN A 104 5.89 2.92 -18.88
CA GLN A 104 6.44 1.56 -18.91
C GLN A 104 5.60 0.59 -18.07
N MET A 105 5.63 -0.67 -18.47
CA MET A 105 4.89 -1.74 -17.80
C MET A 105 5.43 -1.98 -16.38
N GLY A 106 6.61 -1.45 -16.08
CA GLY A 106 7.23 -1.63 -14.76
C GLY A 106 6.35 -1.13 -13.61
N TRP A 107 5.04 -1.22 -13.77
CA TRP A 107 4.10 -0.78 -12.75
C TRP A 107 4.27 -1.52 -11.42
N ALA A 108 4.88 -2.69 -11.47
CA ALA A 108 5.07 -3.50 -10.26
C ALA A 108 5.67 -2.68 -9.12
N LEU A 109 6.36 -1.62 -9.48
CA LEU A 109 6.97 -0.76 -8.48
C LEU A 109 5.90 -0.18 -7.54
N ALA A 110 4.72 0.05 -8.09
CA ALA A 110 3.62 0.59 -7.28
C ALA A 110 3.30 -0.35 -6.13
N ASP A 111 3.21 -1.64 -6.46
CA ASP A 111 2.90 -2.67 -5.46
C ASP A 111 3.97 -2.76 -4.39
N LEU A 112 5.23 -2.74 -4.81
CA LEU A 112 6.33 -2.85 -3.87
C LEU A 112 6.33 -1.70 -2.87
N LEU A 113 6.01 -0.50 -3.35
CA LEU A 113 5.99 0.66 -2.48
C LEU A 113 4.88 0.59 -1.44
N LEU A 114 3.67 0.26 -1.86
CA LEU A 114 2.54 0.21 -0.93
C LEU A 114 2.61 -1.06 -0.07
N VAL A 115 3.09 -2.16 -0.62
CA VAL A 115 3.17 -3.40 0.16
C VAL A 115 4.13 -3.27 1.34
N SER A 116 5.30 -2.70 1.09
CA SER A 116 6.31 -2.55 2.13
C SER A 116 6.11 -1.27 2.96
N GLY A 117 5.78 -0.17 2.30
CA GLY A 117 5.61 1.10 3.00
C GLY A 117 4.58 0.98 4.11
N VAL A 118 3.43 0.39 3.79
CA VAL A 118 2.37 0.22 4.75
C VAL A 118 2.71 -0.88 5.76
N ALA A 119 3.19 -2.01 5.26
CA ALA A 119 3.52 -3.13 6.12
C ALA A 119 4.77 -2.89 6.96
N THR A 120 5.89 -2.63 6.31
CA THR A 120 7.14 -2.43 7.03
C THR A 120 7.05 -1.28 8.05
N ALA A 121 6.44 -0.17 7.65
CA ALA A 121 6.33 0.97 8.55
C ALA A 121 5.37 0.70 9.71
N THR A 122 4.12 0.41 9.37
CA THR A 122 3.09 0.16 10.39
C THR A 122 3.37 -1.08 11.22
N THR A 123 3.81 -2.15 10.58
CA THR A 123 4.05 -3.41 11.30
C THR A 123 5.10 -3.24 12.41
N LEU A 124 6.21 -2.62 12.11
CA LEU A 124 7.27 -2.46 13.10
C LEU A 124 6.88 -1.56 14.27
N ALA A 125 6.07 -0.53 14.02
CA ALA A 125 5.70 0.38 15.09
C ALA A 125 4.58 -0.15 15.98
N TRP A 126 3.40 -0.36 15.41
CA TRP A 126 2.24 -0.81 16.20
C TRP A 126 2.38 -2.23 16.75
N HIS A 127 2.86 -3.18 15.96
CA HIS A 127 2.96 -4.56 16.44
C HIS A 127 3.86 -4.66 17.68
N ARG A 128 5.02 -4.02 17.63
CA ARG A 128 5.94 -4.07 18.76
C ARG A 128 5.32 -3.47 20.03
N VAL A 129 4.65 -2.33 19.88
CA VAL A 129 4.02 -1.68 21.02
C VAL A 129 2.71 -2.38 21.39
N SER A 130 1.88 -2.64 20.39
CA SER A 130 0.59 -3.29 20.61
C SER A 130 0.35 -4.40 19.60
N PRO A 131 0.73 -5.61 19.92
CA PRO A 131 0.54 -6.76 19.00
C PRO A 131 -0.92 -6.89 18.53
N PRO A 132 -1.90 -6.69 19.38
CA PRO A 132 -3.32 -6.83 18.95
C PRO A 132 -3.68 -5.92 17.77
N ALA A 133 -3.01 -4.78 17.68
CA ALA A 133 -3.27 -3.83 16.59
C ALA A 133 -3.01 -4.48 15.24
N ALA A 134 -2.06 -5.39 15.20
CA ALA A 134 -1.73 -6.07 13.97
C ALA A 134 -2.95 -6.84 13.45
N ARG A 135 -3.72 -7.40 14.37
CA ARG A 135 -4.93 -8.14 13.99
C ARG A 135 -5.89 -7.24 13.24
N LEU A 136 -5.97 -6.00 13.69
CA LEU A 136 -6.86 -5.03 13.07
C LEU A 136 -6.52 -4.85 11.60
N LEU A 137 -5.23 -4.84 11.30
CA LEU A 137 -4.76 -4.66 9.94
C LEU A 137 -5.28 -5.73 9.00
N TYR A 138 -5.57 -6.91 9.55
CA TYR A 138 -6.07 -8.05 8.76
C TYR A 138 -6.37 -7.72 7.29
N PRO A 139 -7.33 -6.85 7.00
CA PRO A 139 -7.64 -6.53 5.56
C PRO A 139 -6.43 -6.09 4.77
N TYR A 140 -5.47 -5.45 5.44
CA TYR A 140 -4.27 -4.98 4.77
C TYR A 140 -3.58 -6.16 4.07
N LEU A 141 -3.44 -7.26 4.79
CA LEU A 141 -2.80 -8.44 4.24
C LEU A 141 -3.57 -8.97 3.03
N ALA A 142 -4.89 -8.93 3.10
CA ALA A 142 -5.70 -9.39 1.98
C ALA A 142 -5.44 -8.53 0.75
N TRP A 143 -5.32 -7.23 0.99
CA TRP A 143 -5.06 -6.29 -0.08
C TRP A 143 -3.65 -6.46 -0.63
N LEU A 144 -2.66 -6.47 0.27
CA LEU A 144 -1.27 -6.65 -0.16
C LEU A 144 -1.07 -8.03 -0.77
N ALA A 145 -1.79 -9.03 -0.25
CA ALA A 145 -1.65 -10.38 -0.76
C ALA A 145 -2.06 -10.46 -2.23
N PHE A 146 -3.21 -9.87 -2.55
CA PHE A 146 -3.71 -9.86 -3.93
C PHE A 146 -2.78 -9.08 -4.84
N THR A 147 -2.34 -7.94 -4.36
CA THR A 147 -1.47 -7.08 -5.16
C THR A 147 -0.22 -7.84 -5.60
N THR A 148 0.37 -8.59 -4.69
CA THR A 148 1.58 -9.36 -5.00
C THR A 148 1.30 -10.44 -6.06
N VAL A 149 0.23 -11.22 -5.83
CA VAL A 149 -0.13 -12.28 -6.77
C VAL A 149 -0.59 -11.69 -8.09
N LEU A 150 -1.38 -10.63 -8.00
CA LEU A 150 -1.90 -9.94 -9.18
C LEU A 150 -0.76 -9.46 -10.09
N ASN A 151 0.30 -8.93 -9.47
CA ASN A 151 1.44 -8.43 -10.21
C ASN A 151 2.14 -9.51 -11.03
N TYR A 152 2.29 -10.70 -10.45
CA TYR A 152 2.98 -11.79 -11.15
C TYR A 152 2.25 -12.24 -12.41
N TYR A 153 0.93 -12.37 -12.34
CA TYR A 153 0.19 -12.82 -13.51
C TYR A 153 0.41 -11.89 -14.69
N VAL A 154 0.35 -10.59 -14.44
CA VAL A 154 0.53 -9.61 -15.51
C VAL A 154 1.96 -9.59 -16.05
N TRP A 155 2.94 -9.58 -15.15
CA TRP A 155 4.34 -9.52 -15.56
C TRP A 155 4.76 -10.74 -16.39
N ARG A 156 4.28 -11.93 -16.03
CA ARG A 156 4.66 -13.13 -16.78
C ARG A 156 4.26 -13.00 -18.24
N ASP A 157 3.21 -12.26 -18.53
CA ASP A 157 2.79 -12.11 -19.91
C ASP A 157 3.99 -11.70 -20.74
N ASN A 158 4.81 -10.81 -20.17
CA ASN A 158 6.01 -10.35 -20.83
C ASN A 158 7.25 -11.04 -20.24
N SER A 159 7.42 -10.87 -18.93
CA SER A 159 8.56 -11.46 -18.22
C SER A 159 8.55 -12.99 -18.28
N GLY A 160 7.37 -13.58 -18.39
CA GLY A 160 7.26 -15.04 -18.44
C GLY A 160 8.17 -15.62 -19.51
N ARG A 161 8.39 -14.84 -20.58
CA ARG A 161 9.25 -15.29 -21.66
C ARG A 161 10.63 -15.67 -21.13
N ARG A 162 11.09 -14.95 -20.11
CA ARG A 162 12.39 -15.23 -19.51
C ARG A 162 12.46 -16.67 -19.02
N GLY A 163 11.33 -17.20 -18.59
CA GLY A 163 11.27 -18.57 -18.09
C GLY A 163 11.87 -19.55 -19.11
N GLY A 164 11.71 -19.23 -20.39
CA GLY A 164 12.25 -20.07 -21.45
C GLY A 164 13.71 -19.75 -21.72
N SER A 165 14.30 -20.42 -22.70
CA SER A 165 15.69 -20.19 -23.05
C SER A 165 15.83 -19.70 -24.49
N ARG A 166 16.82 -18.86 -24.73
CA ARG A 166 17.06 -18.32 -26.06
C ARG A 166 18.47 -18.61 -26.54
N LEU A 167 18.57 -18.99 -27.80
CA LEU A 167 19.85 -19.26 -28.43
C LEU A 167 20.86 -19.83 -27.45
N ALA A 168 21.50 -18.96 -26.67
CA ALA A 168 22.48 -19.41 -25.70
C ALA A 168 22.40 -18.57 -24.44
N GLU A 169 22.73 -19.18 -23.31
CA GLU A 169 22.69 -18.47 -22.04
C GLU A 169 21.40 -17.66 -21.92
C1 PKA B . -5.07 -3.08 -12.12
C2 PKA B . -6.24 -3.46 -11.19
C3 PKA B . -6.11 -2.72 -9.84
C4 PKA B . -6.93 -1.44 -9.85
N5 PKA B . -6.59 -3.59 -8.75
C6 PKA B . -7.78 -4.39 -8.97
C7 PKA B . -6.08 -3.49 -7.52
O8 PKA B . -6.50 -4.18 -6.59
C9 PKA B . -5.02 -2.48 -7.25
N18 PKA B . -3.81 -2.54 -7.94
C17 PKA B . -2.81 -1.59 -7.70
C10 PKA B . -5.23 -1.48 -6.29
C11 PKA B . -4.22 -0.54 -6.03
C12 PKA B . -4.43 0.46 -5.07
C16 PKA B . -3.01 -0.59 -6.73
C13 PKA B . -3.43 1.41 -4.81
C14 PKA B . -2.22 1.35 -5.51
C15 PKA B . -2.01 0.36 -6.47
C19 PKA B . -1.53 -1.67 -8.46
C24 PKA B . -1.14 -0.60 -9.27
C23 PKA B . 0.07 -0.67 -9.98
C20 PKA B . -0.74 -2.82 -8.38
C21 PKA B . 0.46 -2.90 -9.09
C22 PKA B . 0.87 -1.82 -9.90
CL PKA B . -2.11 0.83 -9.36
H1C PKA B . -4.33 -3.86 -12.11
H1A PKA B . -4.63 -2.15 -11.80
H1B PKA B . -5.46 -2.96 -13.13
H2A PKA B . -6.21 -4.53 -11.01
H2B PKA B . -7.18 -3.20 -11.65
H3 PKA B . -5.08 -2.49 -9.68
H4C PKA B . -6.96 -1.02 -8.85
H4A PKA B . -7.94 -1.64 -10.18
H4B PKA B . -6.46 -0.73 -10.52
H6A PKA B . -7.50 -5.43 -9.10
H6B PKA B . -8.31 -4.05 -9.85
H6C PKA B . -8.43 -4.31 -8.12
H10 PKA B . -6.14 -1.47 -5.71
H12 PKA B . -5.33 0.45 -4.47
H13 PKA B . -3.56 2.11 -4.00
H14 PKA B . -1.43 2.04 -5.26
H15 PKA B . -1.07 0.31 -6.99
H23 PKA B . 0.35 0.14 -10.65
H20 PKA B . -1.04 -3.64 -7.75
H21 PKA B . 1.06 -3.80 -9.06
H22 PKA B . 1.74 -1.91 -10.51
N MET A 1 -6.08 17.87 25.41
CA MET A 1 -5.35 18.21 24.19
C MET A 1 -5.70 17.24 23.06
N PRO A 2 -6.94 16.88 22.95
CA PRO A 2 -7.41 15.94 21.88
C PRO A 2 -7.03 16.42 20.49
N GLU A 3 -6.81 17.72 20.36
CA GLU A 3 -6.44 18.29 19.06
C GLU A 3 -5.16 17.65 18.55
N SER A 4 -4.25 17.32 19.46
CA SER A 4 -2.99 16.71 19.06
C SER A 4 -3.22 15.36 18.38
N TRP A 5 -4.16 14.58 18.91
CA TRP A 5 -4.47 13.27 18.36
C TRP A 5 -5.20 13.38 17.02
N VAL A 6 -6.04 14.41 16.88
CA VAL A 6 -6.82 14.59 15.66
C VAL A 6 -6.00 14.30 14.40
N PRO A 7 -4.76 14.72 14.34
CA PRO A 7 -3.92 14.46 13.15
C PRO A 7 -3.87 12.97 12.81
N ALA A 8 -4.17 12.13 13.80
CA ALA A 8 -4.15 10.69 13.59
C ALA A 8 -5.04 10.33 12.41
N VAL A 9 -6.14 11.05 12.27
CA VAL A 9 -7.03 10.79 11.15
C VAL A 9 -6.29 11.07 9.86
N GLY A 10 -5.55 12.17 9.85
CA GLY A 10 -4.75 12.55 8.69
C GLY A 10 -3.63 11.54 8.42
N LEU A 11 -3.09 10.96 9.50
CA LEU A 11 -2.01 10.00 9.36
C LEU A 11 -2.41 8.84 8.45
N THR A 12 -3.63 8.33 8.61
CA THR A 12 -4.08 7.22 7.77
C THR A 12 -4.53 7.70 6.37
N LEU A 13 -5.18 8.86 6.32
CA LEU A 13 -5.66 9.40 5.04
C LEU A 13 -4.52 9.69 4.07
N VAL A 14 -3.40 10.18 4.59
CA VAL A 14 -2.26 10.52 3.75
C VAL A 14 -1.86 9.35 2.83
N PRO A 15 -1.81 8.14 3.34
CA PRO A 15 -1.43 6.98 2.51
C PRO A 15 -2.33 6.79 1.28
N SER A 16 -3.60 7.14 1.42
CA SER A 16 -4.54 6.99 0.33
C SER A 16 -4.16 7.83 -0.89
N LEU A 17 -3.60 9.01 -0.64
CA LEU A 17 -3.22 9.89 -1.74
C LEU A 17 -2.16 9.25 -2.61
N GLY A 18 -1.21 8.56 -1.98
CA GLY A 18 -0.14 7.90 -2.72
C GLY A 18 -0.67 6.80 -3.63
N GLY A 19 -1.62 6.01 -3.10
CA GLY A 19 -2.19 4.92 -3.87
C GLY A 19 -2.85 5.40 -5.16
N PHE A 20 -3.59 6.49 -5.07
CA PHE A 20 -4.27 7.03 -6.25
C PHE A 20 -3.27 7.44 -7.33
N MET A 21 -2.17 8.06 -6.92
CA MET A 21 -1.16 8.51 -7.88
C MET A 21 -0.54 7.33 -8.64
N GLY A 22 -0.29 6.23 -7.93
CA GLY A 22 0.30 5.06 -8.57
C GLY A 22 -0.72 4.32 -9.41
N ALA A 23 -1.88 4.08 -8.82
CA ALA A 23 -2.96 3.38 -9.50
C ALA A 23 -3.53 4.22 -10.62
N TYR A 24 -3.35 5.53 -10.49
CA TYR A 24 -3.85 6.47 -11.48
C TYR A 24 -3.40 6.07 -12.90
N PHE A 25 -2.16 5.59 -13.02
CA PHE A 25 -1.63 5.20 -14.33
C PHE A 25 -2.41 4.03 -14.95
N VAL A 26 -2.64 2.98 -14.17
CA VAL A 26 -3.35 1.82 -14.69
C VAL A 26 -4.83 2.13 -14.81
N ARG A 27 -5.28 2.96 -13.89
CA ARG A 27 -6.67 3.39 -13.82
C ARG A 27 -7.14 4.15 -15.06
N GLY A 28 -6.27 5.03 -15.56
CA GLY A 28 -6.63 5.87 -16.69
C GLY A 28 -6.37 5.20 -18.03
N GLU A 29 -5.70 5.92 -18.92
CA GLU A 29 -5.40 5.41 -20.26
C GLU A 29 -4.65 4.09 -20.18
N GLY A 30 -3.93 3.90 -19.09
CA GLY A 30 -3.17 2.68 -18.92
C GLY A 30 -4.05 1.48 -19.24
N LEU A 31 -5.34 1.56 -18.90
CA LEU A 31 -6.26 0.47 -19.18
C LEU A 31 -6.11 0.02 -20.63
N ARG A 32 -6.05 0.99 -21.54
CA ARG A 32 -5.86 0.67 -22.95
C ARG A 32 -4.55 -0.08 -23.15
N TRP A 33 -3.52 0.35 -22.42
CA TRP A 33 -2.20 -0.28 -22.54
C TRP A 33 -2.27 -1.77 -22.19
N TYR A 34 -3.10 -2.13 -21.21
CA TYR A 34 -3.22 -3.52 -20.79
C TYR A 34 -3.72 -4.40 -21.94
N ALA A 35 -4.39 -3.82 -22.91
CA ALA A 35 -4.89 -4.62 -24.02
C ALA A 35 -3.79 -5.59 -24.47
N GLY A 36 -2.56 -5.09 -24.51
CA GLY A 36 -1.42 -5.92 -24.87
C GLY A 36 -1.14 -6.95 -23.77
N LEU A 37 -1.42 -6.56 -22.54
CA LEU A 37 -1.20 -7.42 -21.38
C LEU A 37 -2.46 -8.22 -21.05
N GLN A 38 -2.28 -9.44 -20.53
CA GLN A 38 -3.42 -10.26 -20.16
C GLN A 38 -3.72 -10.11 -18.67
N LYS A 39 -4.94 -9.72 -18.34
CA LYS A 39 -5.33 -9.54 -16.95
C LYS A 39 -6.00 -10.82 -16.44
N PRO A 40 -5.71 -11.23 -15.24
CA PRO A 40 -6.31 -12.48 -14.67
C PRO A 40 -7.84 -12.43 -14.63
N SER A 41 -8.46 -13.58 -14.81
CA SER A 41 -9.91 -13.68 -14.80
C SER A 41 -10.51 -13.32 -13.44
N TRP A 42 -9.76 -13.56 -12.37
CA TRP A 42 -10.27 -13.27 -11.02
C TRP A 42 -10.17 -11.77 -10.71
N HIS A 43 -9.71 -10.98 -11.68
CA HIS A 43 -9.58 -9.54 -11.49
C HIS A 43 -10.96 -8.92 -11.22
N PRO A 44 -11.05 -7.94 -10.36
CA PRO A 44 -12.36 -7.27 -10.07
C PRO A 44 -12.44 -5.86 -10.66
N PRO A 45 -13.60 -5.26 -10.59
CA PRO A 45 -13.81 -3.90 -11.13
C PRO A 45 -12.83 -2.87 -10.57
N ARG A 46 -12.48 -1.87 -11.37
CA ARG A 46 -11.55 -0.84 -10.95
C ARG A 46 -12.03 -0.16 -9.66
N TRP A 47 -13.33 0.07 -9.58
CA TRP A 47 -13.91 0.75 -8.41
C TRP A 47 -14.02 -0.17 -7.19
N THR A 48 -13.79 -1.46 -7.37
CA THR A 48 -13.90 -2.39 -6.25
C THR A 48 -12.70 -2.29 -5.31
N LEU A 49 -11.55 -2.78 -5.74
CA LEU A 49 -10.36 -2.74 -4.91
C LEU A 49 -9.88 -1.31 -4.69
N ALA A 50 -10.07 -0.44 -5.67
CA ALA A 50 -9.63 0.94 -5.51
C ALA A 50 -9.96 1.44 -4.10
N PRO A 51 -11.12 1.14 -3.60
CA PRO A 51 -11.55 1.54 -2.23
C PRO A 51 -10.70 0.92 -1.11
N ILE A 52 -9.80 0.01 -1.48
CA ILE A 52 -8.96 -0.65 -0.48
C ILE A 52 -8.49 0.33 0.59
N TRP A 53 -8.05 1.50 0.16
CA TRP A 53 -7.59 2.50 1.12
C TRP A 53 -8.70 2.82 2.09
N GLY A 54 -9.94 2.81 1.61
CA GLY A 54 -11.07 3.08 2.48
C GLY A 54 -11.12 2.03 3.60
N THR A 55 -10.85 0.78 3.21
CA THR A 55 -10.85 -0.33 4.17
C THR A 55 -9.71 -0.20 5.18
N LEU A 56 -8.50 -0.03 4.67
CA LEU A 56 -7.33 0.12 5.54
C LEU A 56 -7.41 1.46 6.29
N TYR A 57 -8.00 2.44 5.63
CA TYR A 57 -8.14 3.78 6.20
C TYR A 57 -8.77 3.74 7.59
N SER A 58 -9.90 3.04 7.72
CA SER A 58 -10.56 2.98 9.01
C SER A 58 -9.77 2.13 10.00
N ALA A 59 -9.13 1.06 9.50
CA ALA A 59 -8.34 0.21 10.38
C ALA A 59 -7.11 0.94 10.90
N MET A 60 -6.43 1.66 10.02
CA MET A 60 -5.23 2.39 10.42
C MET A 60 -5.52 3.42 11.50
N GLY A 61 -6.66 4.11 11.41
CA GLY A 61 -7.00 5.10 12.41
C GLY A 61 -7.21 4.44 13.76
N TYR A 62 -8.07 3.42 13.79
CA TYR A 62 -8.34 2.70 15.01
C TYR A 62 -7.07 2.03 15.54
N GLY A 63 -6.22 1.58 14.64
CA GLY A 63 -4.99 0.93 15.08
C GLY A 63 -4.24 1.83 16.06
N SER A 64 -4.12 3.11 15.71
CA SER A 64 -3.46 4.06 16.57
C SER A 64 -4.22 4.21 17.89
N TYR A 65 -5.55 4.01 17.84
CA TYR A 65 -6.37 4.12 19.05
C TYR A 65 -5.83 3.19 20.13
N ILE A 66 -5.41 2.00 19.73
CA ILE A 66 -4.86 1.07 20.69
C ILE A 66 -3.51 1.56 21.19
N VAL A 67 -2.67 2.02 20.26
CA VAL A 67 -1.31 2.48 20.59
C VAL A 67 -1.28 3.70 21.52
N TRP A 68 -1.98 4.78 21.19
CA TRP A 68 -1.91 5.98 22.04
C TRP A 68 -2.50 5.70 23.43
N LYS A 69 -3.51 4.84 23.54
CA LYS A 69 -4.07 4.54 24.86
C LYS A 69 -3.03 3.93 25.79
N GLU A 70 -2.20 3.04 25.27
CA GLU A 70 -1.18 2.42 26.10
C GLU A 70 -0.13 3.42 26.53
N LEU A 71 0.17 4.38 25.66
CA LEU A 71 1.16 5.40 25.96
C LEU A 71 0.55 6.56 26.74
N GLY A 72 -0.74 6.47 27.02
CA GLY A 72 -1.42 7.52 27.78
C GLY A 72 -1.78 8.70 26.89
N GLY A 73 -2.30 8.40 25.70
CA GLY A 73 -2.70 9.45 24.76
C GLY A 73 -1.53 9.79 23.84
N PHE A 74 -1.54 11.02 23.31
CA PHE A 74 -0.47 11.42 22.41
C PHE A 74 0.69 11.98 23.23
N THR A 75 1.79 11.24 23.24
CA THR A 75 2.98 11.64 23.98
C THR A 75 4.22 11.44 23.10
N GLU A 76 5.35 11.97 23.56
CA GLU A 76 6.58 11.88 22.78
C GLU A 76 6.88 10.42 22.39
N ASP A 77 6.59 9.49 23.29
CA ASP A 77 6.85 8.07 22.99
C ASP A 77 6.01 7.59 21.81
N ALA A 78 4.77 8.04 21.73
CA ALA A 78 3.87 7.64 20.64
C ALA A 78 4.34 8.21 19.31
N MET A 79 5.01 9.35 19.36
CA MET A 79 5.47 10.00 18.14
C MET A 79 6.41 9.08 17.36
N VAL A 80 7.20 8.28 18.05
CA VAL A 80 8.15 7.39 17.39
C VAL A 80 7.44 6.42 16.43
N PRO A 81 6.38 5.78 16.85
CA PRO A 81 5.65 4.82 15.95
C PRO A 81 4.75 5.54 14.93
N LEU A 82 3.74 6.25 15.44
CA LEU A 82 2.82 6.97 14.55
C LEU A 82 3.57 7.99 13.69
N GLY A 83 4.52 8.71 14.28
CA GLY A 83 5.28 9.72 13.53
C GLY A 83 6.10 9.08 12.41
N LEU A 84 6.74 7.96 12.70
CA LEU A 84 7.56 7.28 11.70
C LEU A 84 6.70 6.94 10.49
N TYR A 85 5.46 6.55 10.75
CA TYR A 85 4.54 6.18 9.69
C TYR A 85 4.36 7.34 8.72
N THR A 86 4.20 8.55 9.25
CA THR A 86 4.03 9.72 8.40
C THR A 86 5.29 10.06 7.60
N GLY A 87 6.44 10.02 8.27
CA GLY A 87 7.70 10.36 7.62
C GLY A 87 8.19 9.30 6.63
N GLN A 88 8.43 8.09 7.13
CA GLN A 88 8.93 7.02 6.27
C GLN A 88 8.00 6.77 5.08
N LEU A 89 6.70 6.83 5.32
CA LEU A 89 5.73 6.60 4.25
C LEU A 89 5.88 7.64 3.13
N ALA A 90 6.10 8.90 3.52
CA ALA A 90 6.23 9.97 2.52
C ALA A 90 7.48 9.77 1.66
N LEU A 91 8.61 9.48 2.30
CA LEU A 91 9.85 9.28 1.56
C LEU A 91 9.69 8.14 0.56
N ASN A 92 9.02 7.07 1.00
CA ASN A 92 8.80 5.92 0.14
C ASN A 92 7.97 6.30 -1.08
N TRP A 93 6.96 7.14 -0.87
CA TRP A 93 6.09 7.57 -1.97
C TRP A 93 6.89 8.28 -3.05
N ALA A 94 8.00 8.90 -2.68
CA ALA A 94 8.83 9.62 -3.65
C ALA A 94 9.57 8.66 -4.60
N TRP A 95 9.70 7.38 -4.20
CA TRP A 95 10.43 6.39 -5.02
C TRP A 95 9.70 5.96 -6.31
N PRO A 96 8.48 5.48 -6.24
CA PRO A 96 7.77 5.00 -7.47
C PRO A 96 8.00 5.92 -8.67
N PRO A 97 9.10 5.76 -9.37
CA PRO A 97 9.42 6.61 -10.54
C PRO A 97 8.36 6.53 -11.62
N ILE A 98 7.61 5.42 -11.64
CA ILE A 98 6.57 5.23 -12.64
C ILE A 98 5.52 6.33 -12.58
N PHE A 99 5.30 6.88 -11.40
CA PHE A 99 4.31 7.94 -11.26
C PHE A 99 4.46 8.96 -12.41
N PHE A 100 5.70 9.30 -12.73
CA PHE A 100 5.98 10.26 -13.78
C PHE A 100 5.58 9.72 -15.15
N GLY A 101 6.05 8.52 -15.49
CA GLY A 101 5.75 7.91 -16.80
C GLY A 101 4.89 6.64 -16.67
N ALA A 102 5.49 5.59 -16.13
CA ALA A 102 4.80 4.31 -15.98
C ALA A 102 4.49 3.70 -17.34
N ARG A 103 4.97 4.34 -18.40
CA ARG A 103 4.73 3.83 -19.75
C ARG A 103 5.22 2.39 -19.85
N GLN A 104 6.31 2.11 -19.15
CA GLN A 104 6.88 0.76 -19.16
C GLN A 104 6.22 -0.13 -18.12
N MET A 105 6.23 -1.43 -18.38
CA MET A 105 5.65 -2.43 -17.49
C MET A 105 6.31 -2.42 -16.11
N GLY A 106 7.47 -1.79 -16.00
CA GLY A 106 8.22 -1.75 -14.73
C GLY A 106 7.39 -1.21 -13.55
N TRP A 107 6.07 -1.25 -13.67
CA TRP A 107 5.18 -0.75 -12.61
C TRP A 107 5.41 -1.46 -11.28
N ALA A 108 6.03 -2.65 -11.32
CA ALA A 108 6.27 -3.42 -10.12
C ALA A 108 6.73 -2.54 -8.97
N LEU A 109 7.28 -1.39 -9.31
CA LEU A 109 7.76 -0.47 -8.29
C LEU A 109 6.62 -0.06 -7.37
N ALA A 110 5.42 0.10 -7.92
CA ALA A 110 4.26 0.46 -7.11
C ALA A 110 3.93 -0.69 -6.16
N ASP A 111 4.02 -1.90 -6.67
CA ASP A 111 3.69 -3.09 -5.90
C ASP A 111 4.57 -3.25 -4.66
N LEU A 112 5.88 -3.28 -4.87
CA LEU A 112 6.82 -3.45 -3.76
C LEU A 112 6.77 -2.26 -2.80
N LEU A 113 6.63 -1.07 -3.37
CA LEU A 113 6.60 0.14 -2.56
C LEU A 113 5.42 0.20 -1.61
N LEU A 114 4.21 -0.02 -2.12
CA LEU A 114 3.04 0.06 -1.26
C LEU A 114 2.93 -1.17 -0.36
N VAL A 115 3.33 -2.32 -0.89
CA VAL A 115 3.26 -3.55 -0.11
C VAL A 115 4.22 -3.52 1.07
N SER A 116 5.49 -3.37 0.77
CA SER A 116 6.54 -3.35 1.79
C SER A 116 6.53 -2.06 2.62
N GLY A 117 6.31 -0.94 1.95
CA GLY A 117 6.34 0.35 2.64
C GLY A 117 5.32 0.44 3.76
N VAL A 118 4.06 0.17 3.44
CA VAL A 118 3.00 0.23 4.43
C VAL A 118 3.20 -0.81 5.52
N ALA A 119 3.70 -1.99 5.15
CA ALA A 119 3.90 -3.07 6.10
C ALA A 119 5.11 -2.84 7.00
N THR A 120 6.26 -2.59 6.39
CA THR A 120 7.50 -2.41 7.16
C THR A 120 7.38 -1.28 8.19
N ALA A 121 6.79 -0.16 7.80
CA ALA A 121 6.66 0.96 8.72
C ALA A 121 5.67 0.66 9.84
N THR A 122 4.47 0.28 9.46
CA THR A 122 3.42 -0.01 10.44
C THR A 122 3.73 -1.25 11.28
N THR A 123 4.29 -2.28 10.64
CA THR A 123 4.59 -3.53 11.34
C THR A 123 5.56 -3.33 12.50
N LEU A 124 6.65 -2.60 12.27
CA LEU A 124 7.65 -2.40 13.31
C LEU A 124 7.17 -1.43 14.41
N ALA A 125 6.38 -0.43 14.03
CA ALA A 125 5.93 0.57 14.98
C ALA A 125 4.77 0.10 15.88
N TRP A 126 3.62 -0.16 15.28
CA TRP A 126 2.43 -0.56 16.04
C TRP A 126 2.57 -1.89 16.78
N HIS A 127 3.12 -2.90 16.13
CA HIS A 127 3.24 -4.20 16.77
C HIS A 127 4.07 -4.14 18.06
N ARG A 128 5.19 -3.44 18.00
CA ARG A 128 6.05 -3.34 19.18
C ARG A 128 5.32 -2.67 20.35
N VAL A 129 4.60 -1.59 20.07
CA VAL A 129 3.87 -0.88 21.12
C VAL A 129 2.56 -1.58 21.45
N SER A 130 1.81 -1.95 20.42
CA SER A 130 0.51 -2.60 20.61
C SER A 130 0.37 -3.81 19.70
N PRO A 131 0.81 -4.96 20.14
CA PRO A 131 0.71 -6.21 19.33
C PRO A 131 -0.72 -6.49 18.83
N PRO A 132 -1.72 -6.28 19.66
CA PRO A 132 -3.13 -6.56 19.22
C PRO A 132 -3.53 -5.79 17.96
N ALA A 133 -2.94 -4.61 17.77
CA ALA A 133 -3.25 -3.80 16.60
C ALA A 133 -2.86 -4.55 15.33
N ALA A 134 -1.88 -5.43 15.45
CA ALA A 134 -1.41 -6.19 14.31
C ALA A 134 -2.55 -7.00 13.71
N ARG A 135 -3.41 -7.55 14.57
CA ARG A 135 -4.56 -8.33 14.09
C ARG A 135 -5.50 -7.43 13.29
N LEU A 136 -5.65 -6.21 13.74
CA LEU A 136 -6.52 -5.26 13.07
C LEU A 136 -6.17 -5.16 11.60
N LEU A 137 -4.87 -5.20 11.32
CA LEU A 137 -4.37 -5.10 9.96
C LEU A 137 -4.77 -6.32 9.13
N TYR A 138 -5.42 -7.29 9.77
CA TYR A 138 -5.84 -8.52 9.09
C TYR A 138 -6.06 -8.33 7.58
N PRO A 139 -6.95 -7.46 7.18
CA PRO A 139 -7.23 -7.26 5.71
C PRO A 139 -6.02 -6.76 4.92
N TYR A 140 -5.06 -6.12 5.59
CA TYR A 140 -3.90 -5.60 4.89
C TYR A 140 -3.21 -6.72 4.11
N LEU A 141 -3.10 -7.89 4.73
CA LEU A 141 -2.46 -9.02 4.07
C LEU A 141 -3.24 -9.43 2.82
N ALA A 142 -4.57 -9.41 2.92
CA ALA A 142 -5.41 -9.79 1.80
C ALA A 142 -5.23 -8.81 0.63
N TRP A 143 -5.20 -7.52 0.95
CA TRP A 143 -5.03 -6.50 -0.07
C TRP A 143 -3.64 -6.61 -0.71
N LEU A 144 -2.61 -6.58 0.12
CA LEU A 144 -1.25 -6.68 -0.38
C LEU A 144 -1.01 -8.03 -1.04
N ALA A 145 -1.66 -9.08 -0.53
CA ALA A 145 -1.49 -10.40 -1.10
C ALA A 145 -1.94 -10.44 -2.56
N PHE A 146 -3.06 -9.76 -2.84
CA PHE A 146 -3.59 -9.71 -4.21
C PHE A 146 -2.60 -9.05 -5.17
N THR A 147 -1.95 -8.00 -4.71
CA THR A 147 -0.99 -7.29 -5.56
C THR A 147 0.14 -8.21 -6.00
N THR A 148 0.59 -9.09 -5.11
CA THR A 148 1.68 -10.01 -5.46
C THR A 148 1.22 -11.03 -6.51
N VAL A 149 0.06 -11.63 -6.27
CA VAL A 149 -0.48 -12.62 -7.21
C VAL A 149 -0.91 -11.96 -8.51
N LEU A 150 -1.54 -10.80 -8.37
CA LEU A 150 -2.03 -10.04 -9.52
C LEU A 150 -0.88 -9.66 -10.45
N ASN A 151 0.23 -9.21 -9.88
CA ASN A 151 1.40 -8.83 -10.68
C ASN A 151 2.00 -10.05 -11.37
N TYR A 152 1.97 -11.17 -10.68
CA TYR A 152 2.54 -12.41 -11.19
C TYR A 152 1.93 -12.81 -12.55
N TYR A 153 0.60 -12.78 -12.64
CA TYR A 153 -0.06 -13.15 -13.89
C TYR A 153 0.21 -12.15 -15.00
N VAL A 154 0.12 -10.86 -14.68
CA VAL A 154 0.31 -9.81 -15.69
C VAL A 154 1.74 -9.71 -16.22
N TRP A 155 2.71 -9.71 -15.31
CA TRP A 155 4.11 -9.56 -15.72
C TRP A 155 4.57 -10.69 -16.63
N ARG A 156 4.17 -11.92 -16.33
CA ARG A 156 4.59 -13.05 -17.17
C ARG A 156 4.11 -12.87 -18.60
N ASP A 157 3.01 -12.16 -18.80
CA ASP A 157 2.51 -11.95 -20.15
C ASP A 157 3.64 -11.42 -21.03
N ASN A 158 4.44 -10.51 -20.47
CA ASN A 158 5.56 -9.94 -21.19
C ASN A 158 6.88 -10.54 -20.69
N SER A 159 7.15 -10.34 -19.40
CA SER A 159 8.38 -10.84 -18.78
C SER A 159 8.49 -12.35 -18.89
N GLY A 160 7.36 -13.04 -18.81
CA GLY A 160 7.36 -14.50 -18.89
C GLY A 160 8.10 -14.97 -20.14
N ARG A 161 8.07 -14.15 -21.19
CA ARG A 161 8.75 -14.49 -22.44
C ARG A 161 10.22 -14.80 -22.18
N ARG A 162 10.82 -14.10 -21.22
CA ARG A 162 12.22 -14.31 -20.89
C ARG A 162 12.50 -15.77 -20.54
N GLY A 163 11.53 -16.40 -19.87
CA GLY A 163 11.69 -17.79 -19.47
C GLY A 163 12.76 -17.92 -18.38
N GLY A 164 13.72 -18.81 -18.61
CA GLY A 164 14.80 -19.02 -17.64
C GLY A 164 14.38 -20.03 -16.57
N SER A 165 15.13 -20.04 -15.48
CA SER A 165 14.84 -20.97 -14.37
C SER A 165 14.53 -20.20 -13.09
N ARG A 166 13.77 -20.83 -12.21
CA ARG A 166 13.39 -20.20 -10.94
C ARG A 166 14.63 -19.79 -10.13
N LEU A 167 15.69 -20.60 -10.23
CA LEU A 167 16.91 -20.30 -9.49
C LEU A 167 17.50 -18.95 -9.93
N ALA A 168 17.37 -18.64 -11.21
CA ALA A 168 17.90 -17.37 -11.72
C ALA A 168 17.06 -16.88 -12.91
N GLU A 169 16.92 -15.58 -13.02
CA GLU A 169 16.16 -14.98 -14.10
C GLU A 169 14.81 -15.71 -14.26
C1 PKA B . -4.27 -3.29 -12.06
C2 PKA B . -5.62 -3.45 -11.34
C3 PKA B . -5.59 -2.69 -10.00
C4 PKA B . -6.25 -1.32 -10.13
N5 PKA B . -6.30 -3.46 -8.98
C6 PKA B . -7.54 -4.13 -9.32
C7 PKA B . -5.99 -3.28 -7.68
O8 PKA B . -6.67 -3.80 -6.79
C9 PKA B . -4.86 -2.41 -7.31
N18 PKA B . -3.58 -2.68 -7.79
C17 PKA B . -2.51 -1.86 -7.45
C10 PKA B . -5.07 -1.30 -6.47
C11 PKA B . -3.99 -0.47 -6.12
C12 PKA B . -4.21 0.63 -5.29
C16 PKA B . -2.71 -0.75 -6.61
C13 PKA B . -3.14 1.46 -4.94
C14 PKA B . -1.85 1.19 -5.43
C15 PKA B . -1.64 0.08 -6.26
C19 PKA B . -1.16 -2.16 -7.97
C24 PKA B . -0.51 -1.25 -8.81
C23 PKA B . 0.76 -1.54 -9.30
C20 PKA B . -0.54 -3.37 -7.63
C21 PKA B . 0.73 -3.66 -8.12
C22 PKA B . 1.39 -2.76 -8.96
CL PKA B . -1.28 0.26 -9.23
H1C PKA B . -3.49 -3.70 -11.45
H1A PKA B . -4.07 -2.23 -12.22
H1B PKA B . -4.31 -3.79 -13.02
H2A PKA B . -5.80 -4.49 -11.16
H2B PKA B . -6.42 -3.04 -11.97
H3 PKA B . -4.56 -2.56 -9.72
H4C PKA B . -5.64 -0.69 -10.75
H4A PKA B . -6.33 -0.88 -9.14
H4B PKA B . -7.22 -1.43 -10.57
H6A PKA B . -7.92 -3.71 -10.24
H6B PKA B . -8.27 -3.98 -8.54
H6C PKA B . -7.35 -5.19 -9.46
H10 PKA B . -6.06 -1.10 -6.08
H12 PKA B . -5.18 0.80 -4.85
H13 PKA B . -3.28 2.22 -4.21
H14 PKA B . -1.01 1.75 -5.06
H15 PKA B . -0.64 -0.15 -6.58
H23 PKA B . 1.25 -0.85 -9.98
H20 PKA B . -1.04 -4.07 -6.97
H21 PKA B . 1.20 -4.61 -7.88
H22 PKA B . 2.34 -3.01 -9.39
N MET A 1 -5.05 17.45 24.98
CA MET A 1 -6.17 17.98 24.21
C MET A 1 -6.51 17.04 23.06
N PRO A 2 -7.77 16.85 22.77
CA PRO A 2 -8.20 15.95 21.65
C PRO A 2 -7.58 16.37 20.33
N GLU A 3 -7.16 17.62 20.27
CA GLU A 3 -6.55 18.15 19.05
C GLU A 3 -5.30 17.35 18.68
N SER A 4 -4.60 16.83 19.69
CA SER A 4 -3.38 16.07 19.44
C SER A 4 -3.67 14.83 18.58
N TRP A 5 -4.76 14.12 18.89
CA TRP A 5 -5.12 12.92 18.14
C TRP A 5 -5.71 13.26 16.77
N VAL A 6 -6.40 14.39 16.69
CA VAL A 6 -7.04 14.81 15.44
C VAL A 6 -6.15 14.56 14.21
N PRO A 7 -4.90 14.98 14.23
CA PRO A 7 -4.02 14.75 13.05
C PRO A 7 -3.89 13.28 12.68
N ALA A 8 -4.24 12.40 13.62
CA ALA A 8 -4.15 10.97 13.38
C ALA A 8 -4.91 10.60 12.10
N VAL A 9 -6.01 11.30 11.85
CA VAL A 9 -6.79 11.04 10.66
C VAL A 9 -5.92 11.26 9.43
N GLY A 10 -5.11 12.31 9.48
CA GLY A 10 -4.22 12.63 8.37
C GLY A 10 -3.21 11.51 8.12
N LEU A 11 -2.76 10.87 9.18
CA LEU A 11 -1.79 9.79 9.05
C LEU A 11 -2.35 8.66 8.18
N THR A 12 -3.61 8.31 8.38
CA THR A 12 -4.21 7.25 7.58
C THR A 12 -4.52 7.71 6.15
N LEU A 13 -4.92 8.97 5.99
CA LEU A 13 -5.23 9.51 4.67
C LEU A 13 -3.98 9.61 3.78
N VAL A 14 -2.84 9.93 4.39
CA VAL A 14 -1.61 10.11 3.64
C VAL A 14 -1.36 8.95 2.65
N PRO A 15 -1.31 7.73 3.10
CA PRO A 15 -1.04 6.58 2.18
C PRO A 15 -2.07 6.47 1.05
N SER A 16 -3.31 6.81 1.35
CA SER A 16 -4.37 6.72 0.34
C SER A 16 -4.09 7.63 -0.84
N LEU A 17 -3.54 8.82 -0.56
CA LEU A 17 -3.24 9.77 -1.63
C LEU A 17 -2.13 9.26 -2.54
N GLY A 18 -1.13 8.61 -1.95
CA GLY A 18 0.00 8.10 -2.72
C GLY A 18 -0.42 6.95 -3.63
N GLY A 19 -1.04 5.93 -3.06
CA GLY A 19 -1.48 4.77 -3.83
C GLY A 19 -2.47 5.17 -4.92
N PHE A 20 -3.32 6.14 -4.62
CA PHE A 20 -4.32 6.57 -5.59
C PHE A 20 -3.65 7.04 -6.88
N MET A 21 -2.59 7.84 -6.75
CA MET A 21 -1.87 8.35 -7.90
C MET A 21 -1.24 7.21 -8.71
N GLY A 22 -0.70 6.22 -8.00
CA GLY A 22 -0.07 5.09 -8.66
C GLY A 22 -1.10 4.26 -9.42
N ALA A 23 -2.24 4.03 -8.77
CA ALA A 23 -3.31 3.24 -9.37
C ALA A 23 -3.96 4.01 -10.52
N TYR A 24 -3.88 5.33 -10.45
CA TYR A 24 -4.46 6.19 -11.48
C TYR A 24 -3.90 5.86 -12.88
N PHE A 25 -2.62 5.53 -12.94
CA PHE A 25 -1.97 5.22 -14.24
C PHE A 25 -2.62 4.05 -14.97
N VAL A 26 -2.81 2.94 -14.27
CA VAL A 26 -3.40 1.77 -14.90
C VAL A 26 -4.89 1.99 -15.10
N ARG A 27 -5.47 2.70 -14.16
CA ARG A 27 -6.89 3.04 -14.16
C ARG A 27 -7.30 3.86 -15.37
N GLY A 28 -6.47 4.84 -15.73
CA GLY A 28 -6.80 5.73 -16.83
C GLY A 28 -6.41 5.16 -18.19
N GLU A 29 -5.65 5.94 -18.95
CA GLU A 29 -5.23 5.53 -20.29
C GLU A 29 -4.46 4.22 -20.23
N GLY A 30 -3.83 3.96 -19.09
CA GLY A 30 -3.07 2.73 -18.94
C GLY A 30 -3.89 1.53 -19.40
N LEU A 31 -5.20 1.58 -19.17
CA LEU A 31 -6.06 0.47 -19.58
C LEU A 31 -5.79 0.15 -21.04
N ARG A 32 -5.63 1.18 -21.85
CA ARG A 32 -5.34 0.98 -23.26
C ARG A 32 -4.02 0.23 -23.40
N TRP A 33 -3.06 0.66 -22.60
CA TRP A 33 -1.74 0.04 -22.61
C TRP A 33 -1.82 -1.41 -22.15
N TYR A 34 -2.64 -1.66 -21.13
CA TYR A 34 -2.79 -3.02 -20.60
C TYR A 34 -3.36 -3.96 -21.66
N ALA A 35 -4.04 -3.40 -22.66
CA ALA A 35 -4.62 -4.26 -23.69
C ALA A 35 -3.55 -5.23 -24.19
N GLY A 36 -2.34 -4.73 -24.35
CA GLY A 36 -1.23 -5.57 -24.78
C GLY A 36 -0.93 -6.60 -23.70
N LEU A 37 -1.17 -6.20 -22.45
CA LEU A 37 -0.94 -7.06 -21.30
C LEU A 37 -2.19 -7.87 -20.97
N GLN A 38 -1.99 -9.07 -20.44
CA GLN A 38 -3.13 -9.91 -20.07
C GLN A 38 -3.36 -9.83 -18.57
N LYS A 39 -4.60 -9.56 -18.17
CA LYS A 39 -4.95 -9.45 -16.76
C LYS A 39 -5.75 -10.69 -16.33
N PRO A 40 -5.58 -11.14 -15.12
CA PRO A 40 -6.33 -12.34 -14.63
C PRO A 40 -7.85 -12.13 -14.71
N SER A 41 -8.55 -13.15 -15.16
CA SER A 41 -10.00 -13.09 -15.30
C SER A 41 -10.71 -12.97 -13.96
N TRP A 42 -10.08 -13.46 -12.89
CA TRP A 42 -10.70 -13.40 -11.56
C TRP A 42 -10.57 -12.01 -10.95
N HIS A 43 -9.86 -11.11 -11.63
CA HIS A 43 -9.68 -9.76 -11.11
C HIS A 43 -11.05 -9.07 -10.95
N PRO A 44 -11.28 -8.41 -9.82
CA PRO A 44 -12.58 -7.69 -9.62
C PRO A 44 -12.64 -6.39 -10.42
N PRO A 45 -13.80 -5.80 -10.52
CA PRO A 45 -13.96 -4.52 -11.27
C PRO A 45 -12.99 -3.45 -10.76
N ARG A 46 -12.57 -2.56 -11.64
CA ARG A 46 -11.63 -1.51 -11.27
C ARG A 46 -12.18 -0.67 -10.11
N TRP A 47 -13.49 -0.44 -10.10
CA TRP A 47 -14.11 0.36 -9.06
C TRP A 47 -14.26 -0.42 -7.75
N THR A 48 -14.05 -1.74 -7.79
CA THR A 48 -14.19 -2.55 -6.59
C THR A 48 -12.99 -2.41 -5.66
N LEU A 49 -11.86 -2.98 -6.05
CA LEU A 49 -10.68 -2.90 -5.22
C LEU A 49 -10.19 -1.47 -5.01
N ALA A 50 -10.32 -0.63 -6.02
CA ALA A 50 -9.86 0.74 -5.86
C ALA A 50 -10.28 1.28 -4.48
N PRO A 51 -11.48 0.98 -4.05
CA PRO A 51 -11.99 1.41 -2.72
C PRO A 51 -11.27 0.75 -1.53
N ILE A 52 -10.32 -0.14 -1.81
CA ILE A 52 -9.59 -0.84 -0.73
C ILE A 52 -9.13 0.14 0.35
N TRP A 53 -8.78 1.34 -0.06
CA TRP A 53 -8.31 2.33 0.89
C TRP A 53 -9.31 2.51 2.02
N GLY A 54 -10.58 2.26 1.73
CA GLY A 54 -11.62 2.41 2.75
C GLY A 54 -11.31 1.53 3.96
N THR A 55 -10.91 0.28 3.72
CA THR A 55 -10.60 -0.64 4.80
C THR A 55 -9.28 -0.26 5.48
N LEU A 56 -8.27 0.02 4.67
CA LEU A 56 -6.96 0.40 5.19
C LEU A 56 -7.07 1.75 5.90
N TYR A 57 -7.95 2.60 5.38
CA TYR A 57 -8.17 3.93 5.94
C TYR A 57 -8.63 3.86 7.39
N SER A 58 -9.66 3.06 7.66
CA SER A 58 -10.18 2.95 9.01
C SER A 58 -9.27 2.13 9.91
N ALA A 59 -8.59 1.13 9.35
CA ALA A 59 -7.70 0.30 10.16
C ALA A 59 -6.54 1.13 10.69
N MET A 60 -5.93 1.91 9.81
CA MET A 60 -4.80 2.74 10.22
C MET A 60 -5.20 3.78 11.25
N GLY A 61 -6.40 4.35 11.10
CA GLY A 61 -6.87 5.35 12.05
C GLY A 61 -7.07 4.74 13.42
N TYR A 62 -7.98 3.77 13.49
CA TYR A 62 -8.27 3.10 14.75
C TYR A 62 -7.04 2.35 15.27
N GLY A 63 -6.27 1.75 14.38
CA GLY A 63 -5.08 1.03 14.82
C GLY A 63 -4.20 1.93 15.67
N SER A 64 -4.04 3.17 15.23
CA SER A 64 -3.23 4.13 15.97
C SER A 64 -3.90 4.49 17.28
N TYR A 65 -5.23 4.36 17.33
CA TYR A 65 -5.97 4.69 18.54
C TYR A 65 -5.45 3.88 19.71
N ILE A 66 -5.33 2.57 19.51
CA ILE A 66 -4.83 1.69 20.57
C ILE A 66 -3.39 2.01 20.93
N VAL A 67 -2.57 2.28 19.93
CA VAL A 67 -1.16 2.53 20.16
C VAL A 67 -0.92 3.64 21.19
N TRP A 68 -1.59 4.78 21.06
CA TRP A 68 -1.35 5.84 22.02
C TRP A 68 -1.92 5.50 23.39
N LYS A 69 -3.02 4.74 23.43
CA LYS A 69 -3.61 4.38 24.73
C LYS A 69 -2.60 3.62 25.57
N GLU A 70 -1.83 2.75 24.94
CA GLU A 70 -0.84 1.98 25.66
C GLU A 70 0.27 2.87 26.19
N LEU A 71 0.62 3.89 25.41
CA LEU A 71 1.67 4.81 25.82
C LEU A 71 1.14 5.97 26.67
N GLY A 72 -0.15 5.94 26.99
CA GLY A 72 -0.75 6.98 27.82
C GLY A 72 -1.18 8.20 26.99
N GLY A 73 -1.66 7.95 25.79
CA GLY A 73 -2.11 9.02 24.90
C GLY A 73 -0.97 9.55 24.05
N PHE A 74 -1.22 10.59 23.28
CA PHE A 74 -0.19 11.14 22.42
C PHE A 74 0.99 11.58 23.30
N THR A 75 1.84 10.62 23.60
CA THR A 75 3.01 10.87 24.42
C THR A 75 4.20 11.18 23.53
N GLU A 76 5.10 12.04 23.99
CA GLU A 76 6.25 12.40 23.18
C GLU A 76 6.93 11.13 22.67
N ASP A 77 6.99 10.11 23.53
CA ASP A 77 7.58 8.85 23.14
C ASP A 77 6.74 8.21 22.03
N ALA A 78 5.43 8.32 22.17
CA ALA A 78 4.49 7.77 21.20
C ALA A 78 4.60 8.46 19.85
N MET A 79 4.96 9.73 19.86
CA MET A 79 5.07 10.49 18.61
C MET A 79 6.08 9.82 17.68
N VAL A 80 7.12 9.22 18.25
CA VAL A 80 8.15 8.57 17.45
C VAL A 80 7.56 7.52 16.51
N PRO A 81 6.86 6.52 17.01
CA PRO A 81 6.27 5.47 16.11
C PRO A 81 5.27 6.06 15.11
N LEU A 82 4.34 6.88 15.60
CA LEU A 82 3.34 7.48 14.73
C LEU A 82 4.02 8.42 13.73
N GLY A 83 4.98 9.20 14.22
CA GLY A 83 5.71 10.13 13.37
C GLY A 83 6.50 9.37 12.31
N LEU A 84 7.04 8.22 12.70
CA LEU A 84 7.83 7.40 11.78
C LEU A 84 7.00 7.05 10.56
N TYR A 85 5.74 6.71 10.79
CA TYR A 85 4.85 6.34 9.71
C TYR A 85 4.66 7.51 8.74
N THR A 86 4.46 8.70 9.29
CA THR A 86 4.26 9.88 8.45
C THR A 86 5.52 10.22 7.65
N GLY A 87 6.68 10.13 8.31
CA GLY A 87 7.93 10.46 7.65
C GLY A 87 8.40 9.37 6.68
N GLN A 88 8.58 8.17 7.21
CA GLN A 88 9.05 7.06 6.38
C GLN A 88 8.12 6.82 5.20
N LEU A 89 6.82 6.89 5.44
CA LEU A 89 5.85 6.66 4.37
C LEU A 89 5.98 7.71 3.27
N ALA A 90 6.24 8.96 3.67
CA ALA A 90 6.37 10.04 2.69
C ALA A 90 7.57 9.82 1.76
N LEU A 91 8.73 9.51 2.34
CA LEU A 91 9.91 9.29 1.52
C LEU A 91 9.68 8.12 0.58
N ASN A 92 9.01 7.09 1.08
CA ASN A 92 8.73 5.91 0.26
C ASN A 92 7.89 6.31 -0.95
N TRP A 93 6.94 7.22 -0.76
CA TRP A 93 6.07 7.67 -1.84
C TRP A 93 6.88 8.33 -2.96
N ALA A 94 7.98 8.98 -2.61
CA ALA A 94 8.80 9.64 -3.63
C ALA A 94 9.43 8.62 -4.59
N TRP A 95 9.73 7.42 -4.08
CA TRP A 95 10.36 6.36 -4.89
C TRP A 95 9.58 6.03 -6.17
N PRO A 96 8.29 5.78 -6.10
CA PRO A 96 7.49 5.44 -7.31
C PRO A 96 7.85 6.31 -8.52
N PRO A 97 8.90 5.98 -9.22
CA PRO A 97 9.30 6.76 -10.41
C PRO A 97 8.22 6.70 -11.49
N ILE A 98 7.45 5.62 -11.47
CA ILE A 98 6.39 5.41 -12.44
C ILE A 98 5.30 6.48 -12.31
N PHE A 99 5.05 6.93 -11.08
CA PHE A 99 4.03 7.95 -10.87
C PHE A 99 4.17 9.05 -11.94
N PHE A 100 5.41 9.42 -12.23
CA PHE A 100 5.67 10.46 -13.22
C PHE A 100 5.28 10.00 -14.62
N GLY A 101 5.78 8.83 -15.03
CA GLY A 101 5.49 8.30 -16.36
C GLY A 101 4.67 7.01 -16.31
N ALA A 102 5.28 5.95 -15.77
CA ALA A 102 4.62 4.64 -15.68
C ALA A 102 4.37 4.08 -17.07
N ARG A 103 4.87 4.78 -18.08
CA ARG A 103 4.70 4.34 -19.46
C ARG A 103 5.22 2.91 -19.60
N GLN A 104 6.26 2.60 -18.85
CA GLN A 104 6.87 1.28 -18.90
C GLN A 104 6.23 0.33 -17.87
N MET A 105 6.29 -0.96 -18.16
CA MET A 105 5.73 -1.99 -17.30
C MET A 105 6.41 -2.03 -15.93
N GLY A 106 7.56 -1.38 -15.80
CA GLY A 106 8.30 -1.38 -14.53
C GLY A 106 7.45 -0.92 -13.33
N TRP A 107 6.13 -1.00 -13.45
CA TRP A 107 5.23 -0.59 -12.38
C TRP A 107 5.43 -1.39 -11.08
N ALA A 108 6.06 -2.55 -11.19
CA ALA A 108 6.28 -3.41 -10.02
C ALA A 108 6.73 -2.59 -8.82
N LEU A 109 7.24 -1.41 -9.08
CA LEU A 109 7.71 -0.55 -8.01
C LEU A 109 6.57 -0.23 -7.02
N ALA A 110 5.37 -0.01 -7.54
CA ALA A 110 4.24 0.27 -6.65
C ALA A 110 3.94 -0.97 -5.81
N ASP A 111 4.06 -2.13 -6.43
CA ASP A 111 3.78 -3.40 -5.78
C ASP A 111 4.67 -3.68 -4.57
N LEU A 112 5.98 -3.47 -4.68
CA LEU A 112 6.85 -3.77 -3.55
C LEU A 112 6.63 -2.81 -2.40
N LEU A 113 6.59 -1.52 -2.69
CA LEU A 113 6.37 -0.53 -1.66
C LEU A 113 4.96 -0.65 -1.10
N LEU A 114 4.03 -0.92 -1.99
CA LEU A 114 2.64 -1.09 -1.58
C LEU A 114 2.54 -2.12 -0.48
N VAL A 115 2.95 -3.34 -0.80
CA VAL A 115 2.89 -4.44 0.14
C VAL A 115 3.88 -4.30 1.29
N SER A 116 5.17 -4.32 0.97
CA SER A 116 6.21 -4.23 1.98
C SER A 116 6.30 -2.85 2.64
N GLY A 117 6.15 -1.79 1.85
CA GLY A 117 6.27 -0.43 2.40
C GLY A 117 5.20 -0.14 3.44
N VAL A 118 3.93 -0.37 3.11
CA VAL A 118 2.86 -0.10 4.07
C VAL A 118 2.95 -1.01 5.29
N ALA A 119 3.33 -2.26 5.07
CA ALA A 119 3.42 -3.23 6.16
C ALA A 119 4.71 -3.06 6.98
N THR A 120 5.83 -2.98 6.30
CA THR A 120 7.12 -2.86 6.98
C THR A 120 7.16 -1.67 7.94
N ALA A 121 6.63 -0.54 7.51
CA ALA A 121 6.64 0.65 8.38
C ALA A 121 5.68 0.49 9.55
N THR A 122 4.43 0.18 9.24
CA THR A 122 3.41 0.02 10.27
C THR A 122 3.69 -1.19 11.17
N THR A 123 4.15 -2.27 10.58
CA THR A 123 4.42 -3.49 11.35
C THR A 123 5.44 -3.28 12.47
N LEU A 124 6.55 -2.63 12.17
CA LEU A 124 7.58 -2.42 13.18
C LEU A 124 7.14 -1.45 14.28
N ALA A 125 6.34 -0.46 13.94
CA ALA A 125 5.92 0.53 14.92
C ALA A 125 4.77 0.05 15.83
N TRP A 126 3.61 -0.22 15.23
CA TRP A 126 2.44 -0.62 16.00
C TRP A 126 2.55 -1.99 16.68
N HIS A 127 3.05 -3.00 15.97
CA HIS A 127 3.14 -4.34 16.55
C HIS A 127 3.96 -4.33 17.83
N ARG A 128 5.10 -3.66 17.80
CA ARG A 128 5.97 -3.61 18.97
C ARG A 128 5.27 -2.90 20.14
N VAL A 129 4.60 -1.79 19.85
CA VAL A 129 3.91 -1.04 20.90
C VAL A 129 2.58 -1.68 21.28
N SER A 130 1.73 -1.92 20.28
CA SER A 130 0.40 -2.51 20.51
C SER A 130 0.16 -3.72 19.61
N PRO A 131 0.50 -4.90 20.06
CA PRO A 131 0.30 -6.13 19.26
C PRO A 131 -1.12 -6.27 18.70
N PRO A 132 -2.13 -5.98 19.48
CA PRO A 132 -3.54 -6.12 18.98
C PRO A 132 -3.79 -5.32 17.71
N ALA A 133 -3.04 -4.23 17.55
CA ALA A 133 -3.19 -3.38 16.38
C ALA A 133 -2.86 -4.17 15.10
N ALA A 134 -1.95 -5.13 15.22
CA ALA A 134 -1.56 -5.93 14.06
C ALA A 134 -2.76 -6.69 13.51
N ARG A 135 -3.58 -7.24 14.40
CA ARG A 135 -4.76 -7.97 13.97
C ARG A 135 -5.72 -7.07 13.20
N LEU A 136 -5.79 -5.82 13.62
CA LEU A 136 -6.66 -4.86 12.96
C LEU A 136 -6.30 -4.73 11.49
N LEU A 137 -5.02 -4.77 11.20
CA LEU A 137 -4.54 -4.64 9.83
C LEU A 137 -5.12 -5.73 8.94
N TYR A 138 -5.38 -6.90 9.52
CA TYR A 138 -5.92 -8.06 8.79
C TYR A 138 -6.17 -7.79 7.29
N PRO A 139 -7.04 -6.86 6.94
CA PRO A 139 -7.29 -6.57 5.50
C PRO A 139 -6.01 -6.34 4.70
N TYR A 140 -4.99 -5.82 5.38
CA TYR A 140 -3.72 -5.57 4.73
C TYR A 140 -3.13 -6.87 4.19
N LEU A 141 -3.32 -7.96 4.92
CA LEU A 141 -2.81 -9.25 4.48
C LEU A 141 -3.56 -9.72 3.24
N ALA A 142 -4.88 -9.58 3.26
CA ALA A 142 -5.71 -10.00 2.13
C ALA A 142 -5.54 -9.10 0.91
N TRP A 143 -5.65 -7.79 1.13
CA TRP A 143 -5.51 -6.83 0.03
C TRP A 143 -4.13 -6.94 -0.62
N LEU A 144 -3.10 -6.95 0.19
CA LEU A 144 -1.74 -7.06 -0.32
C LEU A 144 -1.50 -8.42 -0.97
N ALA A 145 -2.16 -9.46 -0.45
CA ALA A 145 -1.98 -10.79 -1.00
C ALA A 145 -2.39 -10.83 -2.47
N PHE A 146 -3.49 -10.14 -2.80
CA PHE A 146 -3.96 -10.09 -4.17
C PHE A 146 -2.96 -9.39 -5.08
N THR A 147 -2.37 -8.30 -4.59
CA THR A 147 -1.40 -7.57 -5.39
C THR A 147 -0.20 -8.42 -5.76
N THR A 148 0.26 -9.26 -4.83
CA THR A 148 1.44 -10.10 -5.10
C THR A 148 1.17 -11.06 -6.26
N VAL A 149 0.05 -11.77 -6.21
CA VAL A 149 -0.28 -12.73 -7.26
C VAL A 149 -0.72 -12.00 -8.53
N LEU A 150 -1.50 -10.95 -8.35
CA LEU A 150 -2.00 -10.15 -9.46
C LEU A 150 -0.88 -9.63 -10.36
N ASN A 151 0.17 -9.08 -9.73
CA ASN A 151 1.30 -8.57 -10.50
C ASN A 151 2.05 -9.71 -11.17
N TYR A 152 2.13 -10.83 -10.47
CA TYR A 152 2.81 -12.00 -10.96
C TYR A 152 2.19 -12.50 -12.28
N TYR A 153 0.88 -12.55 -12.34
CA TYR A 153 0.22 -13.03 -13.55
C TYR A 153 0.49 -12.12 -14.75
N VAL A 154 0.37 -10.81 -14.54
CA VAL A 154 0.58 -9.85 -15.63
C VAL A 154 2.03 -9.76 -16.09
N TRP A 155 2.95 -9.64 -15.13
CA TRP A 155 4.37 -9.53 -15.48
C TRP A 155 4.87 -10.76 -16.23
N ARG A 156 4.48 -11.94 -15.76
CA ARG A 156 4.91 -13.18 -16.41
C ARG A 156 4.44 -13.21 -17.86
N ASP A 157 3.25 -12.67 -18.11
CA ASP A 157 2.72 -12.65 -19.46
C ASP A 157 3.66 -11.90 -20.40
N ASN A 158 4.20 -10.78 -19.91
CA ASN A 158 5.12 -9.97 -20.70
C ASN A 158 6.58 -10.31 -20.36
N SER A 159 6.93 -10.14 -19.09
CA SER A 159 8.29 -10.40 -18.64
C SER A 159 8.71 -11.84 -18.94
N GLY A 160 7.76 -12.76 -18.90
CA GLY A 160 8.06 -14.16 -19.16
C GLY A 160 8.50 -14.36 -20.61
N ARG A 161 9.17 -15.47 -20.88
CA ARG A 161 9.64 -15.76 -22.24
C ARG A 161 8.47 -15.75 -23.21
N ARG A 162 7.32 -16.24 -22.77
CA ARG A 162 6.13 -16.28 -23.60
C ARG A 162 5.80 -14.88 -24.11
N GLY A 163 6.06 -13.88 -23.29
CA GLY A 163 5.78 -12.49 -23.66
C GLY A 163 6.45 -12.14 -24.98
N GLY A 164 7.60 -12.77 -25.24
CA GLY A 164 8.33 -12.50 -26.49
C GLY A 164 7.72 -13.28 -27.65
N SER A 165 8.22 -13.01 -28.85
CA SER A 165 7.72 -13.69 -30.05
C SER A 165 8.30 -15.09 -30.15
N ARG A 166 7.64 -15.94 -30.95
CA ARG A 166 8.10 -17.31 -31.14
C ARG A 166 9.52 -17.32 -31.70
N LEU A 167 9.85 -16.31 -32.50
CA LEU A 167 11.18 -16.21 -33.09
C LEU A 167 12.11 -15.47 -32.12
N ALA A 168 13.38 -15.86 -32.12
CA ALA A 168 14.37 -15.25 -31.24
C ALA A 168 14.93 -13.98 -31.88
N GLU A 169 14.87 -12.88 -31.14
CA GLU A 169 15.39 -11.61 -31.64
C GLU A 169 15.69 -10.67 -30.49
C1 PKA B . -4.16 -3.28 -11.98
C2 PKA B . -5.57 -3.38 -11.36
C3 PKA B . -5.60 -2.66 -10.00
C4 PKA B . -6.20 -1.25 -10.15
N5 PKA B . -6.41 -3.40 -9.03
C6 PKA B . -7.57 -4.14 -9.48
C7 PKA B . -6.23 -3.20 -7.71
O8 PKA B . -7.00 -3.70 -6.89
C9 PKA B . -5.09 -2.38 -7.24
N18 PKA B . -3.81 -2.62 -7.73
C17 PKA B . -2.73 -1.84 -7.30
C10 PKA B . -5.30 -1.35 -6.32
C11 PKA B . -4.23 -0.58 -5.86
C12 PKA B . -4.43 0.43 -4.92
C16 PKA B . -2.94 -0.82 -6.36
C13 PKA B . -3.35 1.21 -4.49
C14 PKA B . -2.07 0.97 -4.98
C15 PKA B . -1.85 -0.06 -5.90
C19 PKA B . -1.37 -2.10 -7.83
C24 PKA B . -0.75 -1.15 -8.64
C23 PKA B . 0.54 -1.40 -9.15
C20 PKA B . -0.72 -3.29 -7.51
C21 PKA B . 0.56 -3.54 -8.01
C22 PKA B . 1.19 -2.59 -8.83
CL PKA B . -1.57 0.34 -9.03
H1C PKA B . -3.60 -4.18 -11.76
H1A PKA B . -3.63 -2.43 -11.59
H1B PKA B . -4.26 -3.17 -13.06
H2A PKA B . -5.80 -4.43 -11.21
H2B PKA B . -6.29 -2.96 -12.03
H3 PKA B . -4.60 -2.56 -9.64
H4C PKA B . -7.09 -1.29 -10.76
H4A PKA B . -5.48 -0.59 -10.60
H4B PKA B . -6.47 -0.87 -9.17
H6A PKA B . -7.90 -3.72 -10.42
H6B PKA B . -8.36 -4.06 -8.75
H6C PKA B . -7.31 -5.18 -9.62
H10 PKA B . -6.31 -1.15 -5.95
H12 PKA B . -5.41 0.59 -4.51
H13 PKA B . -3.50 1.92 -3.68
H14 PKA B . -1.22 1.48 -4.56
H15 PKA B . -0.86 -0.26 -6.26
H23 PKA B . 0.98 -0.70 -9.85
H20 PKA B . -1.18 -3.99 -6.83
H21 PKA B . 1.05 -4.47 -7.79
H22 PKA B . 2.14 -2.83 -9.30
N MET A 1 -7.97 15.53 26.31
CA MET A 1 -7.16 16.04 25.22
C MET A 1 -7.35 15.19 23.97
N PRO A 2 -8.55 14.74 23.73
CA PRO A 2 -8.88 13.90 22.53
C PRO A 2 -8.46 14.59 21.23
N GLU A 3 -8.33 15.91 21.29
CA GLU A 3 -7.94 16.67 20.12
C GLU A 3 -6.57 16.24 19.61
N SER A 4 -5.70 15.82 20.52
CA SER A 4 -4.37 15.38 20.14
C SER A 4 -4.42 14.16 19.21
N TRP A 5 -5.31 13.22 19.53
CA TRP A 5 -5.45 12.00 18.72
C TRP A 5 -6.15 12.28 17.40
N VAL A 6 -7.06 13.25 17.40
CA VAL A 6 -7.82 13.58 16.20
C VAL A 6 -6.92 13.58 14.95
N PRO A 7 -5.74 14.13 15.03
CA PRO A 7 -4.82 14.15 13.85
C PRO A 7 -4.55 12.75 13.34
N ALA A 8 -4.69 11.76 14.22
CA ALA A 8 -4.45 10.38 13.84
C ALA A 8 -5.20 10.04 12.56
N VAL A 9 -6.37 10.64 12.40
CA VAL A 9 -7.15 10.40 11.20
C VAL A 9 -6.37 10.87 9.98
N GLY A 10 -5.73 12.03 10.12
CA GLY A 10 -4.92 12.59 9.05
C GLY A 10 -3.76 11.68 8.68
N LEU A 11 -3.18 11.02 9.68
CA LEU A 11 -2.06 10.12 9.45
C LEU A 11 -2.43 9.00 8.48
N THR A 12 -3.65 8.47 8.63
CA THR A 12 -4.08 7.37 7.76
C THR A 12 -4.58 7.87 6.39
N LEU A 13 -5.25 9.02 6.37
CA LEU A 13 -5.77 9.56 5.10
C LEU A 13 -4.65 9.87 4.10
N VAL A 14 -3.52 10.35 4.60
CA VAL A 14 -2.41 10.69 3.72
C VAL A 14 -2.00 9.50 2.82
N PRO A 15 -1.92 8.32 3.36
CA PRO A 15 -1.54 7.13 2.55
C PRO A 15 -2.45 6.88 1.36
N SER A 16 -3.74 7.21 1.50
CA SER A 16 -4.70 7.00 0.43
C SER A 16 -4.31 7.74 -0.84
N LEU A 17 -3.77 8.94 -0.69
CA LEU A 17 -3.37 9.75 -1.84
C LEU A 17 -2.30 9.03 -2.66
N GLY A 18 -1.38 8.36 -1.98
CA GLY A 18 -0.31 7.65 -2.66
C GLY A 18 -0.85 6.56 -3.58
N GLY A 19 -1.87 5.84 -3.11
CA GLY A 19 -2.46 4.76 -3.90
C GLY A 19 -3.03 5.27 -5.22
N PHE A 20 -3.71 6.41 -5.19
CA PHE A 20 -4.31 6.95 -6.40
C PHE A 20 -3.26 7.31 -7.45
N MET A 21 -2.20 7.97 -7.03
CA MET A 21 -1.15 8.37 -7.98
C MET A 21 -0.48 7.17 -8.64
N GLY A 22 -0.23 6.12 -7.88
CA GLY A 22 0.41 4.94 -8.43
C GLY A 22 -0.55 4.16 -9.32
N ALA A 23 -1.76 3.92 -8.82
CA ALA A 23 -2.78 3.20 -9.56
C ALA A 23 -3.35 4.06 -10.69
N TYR A 24 -3.15 5.36 -10.59
CA TYR A 24 -3.65 6.28 -11.59
C TYR A 24 -3.17 5.90 -13.00
N PHE A 25 -1.94 5.41 -13.09
CA PHE A 25 -1.37 5.03 -14.38
C PHE A 25 -2.15 3.92 -15.08
N VAL A 26 -2.41 2.83 -14.37
CA VAL A 26 -3.14 1.72 -14.96
C VAL A 26 -4.62 2.06 -15.09
N ARG A 27 -5.10 2.80 -14.12
CA ARG A 27 -6.48 3.23 -14.04
C ARG A 27 -6.90 4.08 -15.23
N GLY A 28 -6.01 4.99 -15.64
CA GLY A 28 -6.34 5.90 -16.74
C GLY A 28 -6.00 5.33 -18.11
N GLU A 29 -5.20 6.08 -18.86
CA GLU A 29 -4.81 5.68 -20.21
C GLU A 29 -4.13 4.32 -20.20
N GLY A 30 -3.49 3.99 -19.09
CA GLY A 30 -2.80 2.71 -18.98
C GLY A 30 -3.72 1.58 -19.42
N LEU A 31 -5.01 1.71 -19.18
CA LEU A 31 -5.96 0.67 -19.58
C LEU A 31 -5.73 0.32 -21.04
N ARG A 32 -5.51 1.36 -21.86
CA ARG A 32 -5.25 1.13 -23.27
C ARG A 32 -3.96 0.35 -23.44
N TRP A 33 -2.96 0.73 -22.66
CA TRP A 33 -1.67 0.06 -22.70
C TRP A 33 -1.80 -1.39 -22.28
N TYR A 34 -2.67 -1.65 -21.31
CA TYR A 34 -2.90 -3.02 -20.84
C TYR A 34 -3.43 -3.91 -21.95
N ALA A 35 -4.04 -3.31 -22.97
CA ALA A 35 -4.57 -4.11 -24.07
C ALA A 35 -3.54 -5.16 -24.48
N GLY A 36 -2.29 -4.74 -24.56
CA GLY A 36 -1.22 -5.67 -24.91
C GLY A 36 -1.04 -6.70 -23.81
N LEU A 37 -1.31 -6.28 -22.58
CA LEU A 37 -1.16 -7.16 -21.41
C LEU A 37 -2.49 -7.84 -21.08
N GLN A 38 -2.42 -9.04 -20.53
CA GLN A 38 -3.64 -9.77 -20.17
C GLN A 38 -3.89 -9.64 -18.67
N LYS A 39 -5.11 -9.27 -18.31
CA LYS A 39 -5.47 -9.11 -16.90
C LYS A 39 -6.40 -10.24 -16.46
N PRO A 40 -6.21 -10.77 -15.27
CA PRO A 40 -7.08 -11.86 -14.79
C PRO A 40 -8.53 -11.43 -14.69
N SER A 41 -9.43 -12.26 -15.18
CA SER A 41 -10.86 -11.95 -15.15
C SER A 41 -11.48 -12.27 -13.80
N TRP A 42 -10.74 -12.95 -12.93
CA TRP A 42 -11.29 -13.32 -11.62
C TRP A 42 -11.26 -12.13 -10.66
N HIS A 43 -10.51 -11.09 -10.99
CA HIS A 43 -10.45 -9.92 -10.11
C HIS A 43 -11.70 -9.07 -10.24
N PRO A 44 -12.10 -8.38 -9.19
CA PRO A 44 -13.31 -7.50 -9.23
C PRO A 44 -13.00 -6.20 -9.96
N PRO A 45 -14.01 -5.48 -10.36
CA PRO A 45 -13.83 -4.18 -11.08
C PRO A 45 -12.87 -3.24 -10.35
N ARG A 46 -12.16 -2.42 -11.10
CA ARG A 46 -11.19 -1.50 -10.51
C ARG A 46 -11.83 -0.56 -9.47
N TRP A 47 -13.08 -0.16 -9.71
CA TRP A 47 -13.74 0.74 -8.77
C TRP A 47 -13.94 0.08 -7.42
N THR A 48 -13.90 -1.25 -7.40
CA THR A 48 -14.08 -1.99 -6.14
C THR A 48 -12.82 -1.92 -5.27
N LEU A 49 -11.72 -2.48 -5.78
CA LEU A 49 -10.48 -2.49 -5.01
C LEU A 49 -9.90 -1.08 -4.82
N ALA A 50 -10.02 -0.22 -5.82
CA ALA A 50 -9.48 1.12 -5.67
C ALA A 50 -9.82 1.67 -4.27
N PRO A 51 -11.01 1.43 -3.81
CA PRO A 51 -11.47 1.88 -2.45
C PRO A 51 -10.72 1.20 -1.30
N ILE A 52 -9.89 0.20 -1.60
CA ILE A 52 -9.18 -0.52 -0.54
C ILE A 52 -8.64 0.43 0.52
N TRP A 53 -8.07 1.54 0.08
CA TRP A 53 -7.54 2.50 1.04
C TRP A 53 -8.61 2.89 2.03
N GLY A 54 -9.86 2.90 1.57
CA GLY A 54 -10.97 3.22 2.46
C GLY A 54 -11.03 2.18 3.58
N THR A 55 -10.78 0.92 3.22
CA THR A 55 -10.80 -0.17 4.19
C THR A 55 -9.62 -0.08 5.16
N LEU A 56 -8.41 0.07 4.60
CA LEU A 56 -7.21 0.20 5.42
C LEU A 56 -7.24 1.52 6.18
N TYR A 57 -7.85 2.52 5.55
CA TYR A 57 -7.96 3.85 6.12
C TYR A 57 -8.50 3.81 7.55
N SER A 58 -9.67 3.22 7.71
CA SER A 58 -10.28 3.13 9.04
C SER A 58 -9.42 2.28 9.99
N ALA A 59 -8.86 1.19 9.47
CA ALA A 59 -8.03 0.33 10.31
C ALA A 59 -6.78 1.06 10.77
N MET A 60 -6.13 1.76 9.85
CA MET A 60 -4.91 2.48 10.18
C MET A 60 -5.17 3.58 11.22
N GLY A 61 -6.32 4.25 11.12
CA GLY A 61 -6.64 5.30 12.09
C GLY A 61 -6.96 4.70 13.45
N TYR A 62 -7.90 3.77 13.47
CA TYR A 62 -8.30 3.12 14.70
C TYR A 62 -7.12 2.39 15.33
N GLY A 63 -6.28 1.78 14.50
CA GLY A 63 -5.14 1.06 15.03
C GLY A 63 -4.26 1.98 15.88
N SER A 64 -4.09 3.21 15.42
CA SER A 64 -3.27 4.18 16.15
C SER A 64 -3.92 4.47 17.50
N TYR A 65 -5.25 4.40 17.55
CA TYR A 65 -5.96 4.66 18.80
C TYR A 65 -5.49 3.68 19.87
N ILE A 66 -5.33 2.42 19.48
CA ILE A 66 -4.88 1.38 20.41
C ILE A 66 -3.51 1.75 20.98
N VAL A 67 -2.64 2.26 20.11
CA VAL A 67 -1.30 2.63 20.52
C VAL A 67 -1.31 3.68 21.65
N TRP A 68 -2.20 4.66 21.56
CA TRP A 68 -2.26 5.70 22.59
C TRP A 68 -2.56 5.12 23.95
N LYS A 69 -3.60 4.32 24.02
CA LYS A 69 -3.99 3.75 25.29
C LYS A 69 -2.82 3.01 25.95
N GLU A 70 -1.98 2.40 25.14
CA GLU A 70 -0.83 1.69 25.69
C GLU A 70 0.28 2.66 26.12
N LEU A 71 0.56 3.66 25.29
CA LEU A 71 1.61 4.64 25.60
C LEU A 71 1.17 5.64 26.67
N GLY A 72 -0.13 5.89 26.78
CA GLY A 72 -0.64 6.84 27.78
C GLY A 72 -1.06 8.18 27.16
N GLY A 73 -0.82 8.37 25.86
CA GLY A 73 -1.24 9.61 25.21
C GLY A 73 -0.30 10.00 24.07
N PHE A 74 -0.45 11.24 23.59
CA PHE A 74 0.38 11.74 22.50
C PHE A 74 1.62 12.42 23.08
N THR A 75 2.65 11.61 23.31
CA THR A 75 3.91 12.11 23.86
C THR A 75 5.08 11.74 22.94
N GLU A 76 6.24 12.34 23.18
CA GLU A 76 7.39 12.05 22.35
C GLU A 76 7.50 10.56 22.07
N ASP A 77 7.15 9.76 23.06
CA ASP A 77 7.20 8.31 22.89
C ASP A 77 6.23 7.85 21.80
N ALA A 78 5.04 8.46 21.79
CA ALA A 78 4.01 8.12 20.79
C ALA A 78 4.22 8.89 19.50
N MET A 79 4.57 10.16 19.63
CA MET A 79 4.77 11.02 18.47
C MET A 79 5.87 10.47 17.56
N VAL A 80 6.90 9.87 18.15
CA VAL A 80 8.00 9.33 17.38
C VAL A 80 7.53 8.21 16.42
N PRO A 81 6.91 7.17 16.93
CA PRO A 81 6.43 6.06 16.05
C PRO A 81 5.39 6.54 15.05
N LEU A 82 4.34 7.19 15.55
CA LEU A 82 3.29 7.69 14.67
C LEU A 82 3.85 8.76 13.74
N GLY A 83 4.70 9.63 14.28
CA GLY A 83 5.32 10.68 13.47
C GLY A 83 6.16 10.07 12.35
N LEU A 84 6.88 9.00 12.68
CA LEU A 84 7.72 8.34 11.70
C LEU A 84 6.88 7.88 10.51
N TYR A 85 5.69 7.40 10.80
CA TYR A 85 4.79 6.93 9.75
C TYR A 85 4.47 8.04 8.76
N THR A 86 4.18 9.23 9.26
CA THR A 86 3.86 10.35 8.38
C THR A 86 5.07 10.76 7.54
N GLY A 87 6.23 10.86 8.17
CA GLY A 87 7.45 11.26 7.47
C GLY A 87 8.01 10.15 6.60
N GLN A 88 8.23 8.98 7.20
CA GLN A 88 8.79 7.86 6.45
C GLN A 88 7.91 7.47 5.27
N LEU A 89 6.59 7.47 5.49
CA LEU A 89 5.67 7.11 4.42
C LEU A 89 5.75 8.10 3.26
N ALA A 90 5.96 9.39 3.57
CA ALA A 90 6.06 10.40 2.53
C ALA A 90 7.25 10.13 1.62
N LEU A 91 8.42 9.95 2.22
CA LEU A 91 9.62 9.68 1.45
C LEU A 91 9.43 8.39 0.67
N ASN A 92 8.75 7.44 1.31
CA ASN A 92 8.48 6.15 0.68
C ASN A 92 7.66 6.33 -0.59
N TRP A 93 6.65 7.20 -0.53
CA TRP A 93 5.80 7.44 -1.69
C TRP A 93 6.62 7.93 -2.87
N ALA A 94 7.72 8.63 -2.58
CA ALA A 94 8.59 9.15 -3.63
C ALA A 94 9.29 8.03 -4.41
N TRP A 95 9.43 6.87 -3.80
CA TRP A 95 10.11 5.73 -4.45
C TRP A 95 9.55 5.35 -5.83
N PRO A 96 8.34 4.85 -5.90
CA PRO A 96 7.74 4.42 -7.21
C PRO A 96 8.00 5.44 -8.32
N PRO A 97 9.18 5.41 -8.92
CA PRO A 97 9.55 6.37 -9.99
C PRO A 97 8.60 6.34 -11.19
N ILE A 98 7.89 5.24 -11.34
CA ILE A 98 6.96 5.09 -12.46
C ILE A 98 5.91 6.20 -12.49
N PHE A 99 5.66 6.83 -11.35
CA PHE A 99 4.66 7.89 -11.31
C PHE A 99 4.83 8.84 -12.49
N PHE A 100 6.09 9.17 -12.80
CA PHE A 100 6.37 10.09 -13.90
C PHE A 100 5.99 9.50 -15.26
N GLY A 101 6.48 8.29 -15.56
CA GLY A 101 6.19 7.67 -16.86
C GLY A 101 5.32 6.41 -16.73
N ALA A 102 5.87 5.36 -16.16
CA ALA A 102 5.16 4.10 -16.01
C ALA A 102 4.82 3.50 -17.37
N ARG A 103 5.27 4.16 -18.44
CA ARG A 103 5.01 3.66 -19.78
C ARG A 103 5.45 2.22 -19.92
N GLN A 104 6.53 1.87 -19.24
CA GLN A 104 7.06 0.51 -19.29
C GLN A 104 6.45 -0.36 -18.21
N MET A 105 6.45 -1.67 -18.46
CA MET A 105 5.89 -2.64 -17.52
C MET A 105 6.57 -2.58 -16.16
N GLY A 106 7.73 -1.93 -16.09
CA GLY A 106 8.49 -1.85 -14.83
C GLY A 106 7.64 -1.34 -13.64
N TRP A 107 6.32 -1.35 -13.79
CA TRP A 107 5.41 -0.89 -12.72
C TRP A 107 5.63 -1.65 -11.41
N ALA A 108 6.26 -2.81 -11.48
CA ALA A 108 6.51 -3.63 -10.30
C ALA A 108 6.96 -2.79 -9.11
N LEU A 109 7.48 -1.62 -9.39
CA LEU A 109 7.95 -0.75 -8.33
C LEU A 109 6.80 -0.37 -7.39
N ALA A 110 5.61 -0.19 -7.95
CA ALA A 110 4.45 0.15 -7.10
C ALA A 110 4.15 -1.01 -6.17
N ASP A 111 4.28 -2.22 -6.69
CA ASP A 111 4.00 -3.42 -5.91
C ASP A 111 4.92 -3.60 -4.71
N LEU A 112 6.23 -3.42 -4.91
CA LEU A 112 7.19 -3.62 -3.82
C LEU A 112 6.95 -2.64 -2.68
N LEU A 113 6.83 -1.37 -3.01
CA LEU A 113 6.59 -0.38 -1.97
C LEU A 113 5.20 -0.57 -1.39
N LEU A 114 4.25 -0.83 -2.27
CA LEU A 114 2.89 -1.04 -1.85
C LEU A 114 2.82 -2.09 -0.75
N VAL A 115 3.29 -3.28 -1.06
CA VAL A 115 3.25 -4.38 -0.13
C VAL A 115 4.23 -4.24 1.04
N SER A 116 5.51 -4.22 0.72
CA SER A 116 6.54 -4.11 1.74
C SER A 116 6.56 -2.75 2.42
N GLY A 117 6.38 -1.69 1.65
CA GLY A 117 6.43 -0.34 2.20
C GLY A 117 5.37 -0.10 3.26
N VAL A 118 4.11 -0.40 2.94
CA VAL A 118 3.04 -0.16 3.91
C VAL A 118 3.20 -1.06 5.13
N ALA A 119 3.63 -2.31 4.90
CA ALA A 119 3.81 -3.26 6.00
C ALA A 119 5.08 -2.99 6.80
N THR A 120 6.20 -2.80 6.10
CA THR A 120 7.48 -2.58 6.77
C THR A 120 7.46 -1.38 7.71
N ALA A 121 6.85 -0.28 7.28
CA ALA A 121 6.81 0.92 8.11
C ALA A 121 5.85 0.75 9.28
N THR A 122 4.59 0.46 8.97
CA THR A 122 3.56 0.30 10.00
C THR A 122 3.87 -0.86 10.95
N THR A 123 4.34 -1.97 10.40
CA THR A 123 4.62 -3.15 11.21
C THR A 123 5.70 -2.89 12.27
N LEU A 124 6.79 -2.25 11.90
CA LEU A 124 7.86 -1.99 12.85
C LEU A 124 7.42 -1.09 14.01
N ALA A 125 6.59 -0.10 13.73
CA ALA A 125 6.15 0.81 14.79
C ALA A 125 4.99 0.27 15.63
N TRP A 126 3.85 0.06 14.99
CA TRP A 126 2.64 -0.41 15.71
C TRP A 126 2.78 -1.82 16.27
N HIS A 127 3.37 -2.74 15.52
CA HIS A 127 3.47 -4.12 16.00
C HIS A 127 4.20 -4.18 17.34
N ARG A 128 5.33 -3.49 17.42
CA ARG A 128 6.11 -3.47 18.65
C ARG A 128 5.35 -2.81 19.80
N VAL A 129 4.72 -1.68 19.52
CA VAL A 129 3.99 -0.95 20.56
C VAL A 129 2.63 -1.56 20.88
N SER A 130 1.84 -1.85 19.84
CA SER A 130 0.50 -2.40 20.04
C SER A 130 0.28 -3.68 19.23
N PRO A 131 0.68 -4.81 19.76
CA PRO A 131 0.51 -6.10 19.05
C PRO A 131 -0.94 -6.32 18.59
N PRO A 132 -1.91 -6.05 19.42
CA PRO A 132 -3.33 -6.26 19.01
C PRO A 132 -3.70 -5.44 17.78
N ALA A 133 -3.07 -4.27 17.64
CA ALA A 133 -3.33 -3.42 16.50
C ALA A 133 -2.96 -4.14 15.21
N ALA A 134 -1.95 -4.98 15.27
CA ALA A 134 -1.53 -5.73 14.10
C ALA A 134 -2.68 -6.61 13.62
N ARG A 135 -3.43 -7.18 14.56
CA ARG A 135 -4.56 -8.02 14.21
C ARG A 135 -5.59 -7.21 13.43
N LEU A 136 -5.80 -5.99 13.86
CA LEU A 136 -6.74 -5.10 13.19
C LEU A 136 -6.42 -5.02 11.71
N LEU A 137 -5.14 -5.05 11.42
CA LEU A 137 -4.67 -4.95 10.04
C LEU A 137 -5.02 -6.18 9.21
N TYR A 138 -5.88 -7.07 9.71
CA TYR A 138 -6.22 -8.27 8.94
C TYR A 138 -6.49 -7.99 7.45
N PRO A 139 -7.20 -6.94 7.06
CA PRO A 139 -7.47 -6.75 5.61
C PRO A 139 -6.19 -6.51 4.81
N TYR A 140 -5.15 -6.04 5.48
CA TYR A 140 -3.89 -5.75 4.82
C TYR A 140 -3.29 -7.01 4.17
N LEU A 141 -3.39 -8.14 4.87
CA LEU A 141 -2.86 -9.39 4.35
C LEU A 141 -3.57 -9.82 3.07
N ALA A 142 -4.89 -9.71 3.07
CA ALA A 142 -5.68 -10.10 1.91
C ALA A 142 -5.44 -9.17 0.72
N TRP A 143 -5.40 -7.88 0.99
CA TRP A 143 -5.19 -6.90 -0.06
C TRP A 143 -3.79 -7.01 -0.67
N LEU A 144 -2.78 -7.02 0.18
CA LEU A 144 -1.40 -7.14 -0.30
C LEU A 144 -1.17 -8.48 -0.99
N ALA A 145 -1.83 -9.52 -0.49
CA ALA A 145 -1.67 -10.86 -1.07
C ALA A 145 -2.10 -10.89 -2.54
N PHE A 146 -3.21 -10.21 -2.83
CA PHE A 146 -3.71 -10.17 -4.20
C PHE A 146 -2.71 -9.52 -5.15
N THR A 147 -2.08 -8.44 -4.69
CA THR A 147 -1.12 -7.73 -5.53
C THR A 147 0.02 -8.65 -5.96
N THR A 148 0.44 -9.53 -5.07
CA THR A 148 1.53 -10.44 -5.40
C THR A 148 1.14 -11.40 -6.53
N VAL A 149 0.00 -12.05 -6.38
CA VAL A 149 -0.48 -12.97 -7.41
C VAL A 149 -0.89 -12.22 -8.66
N LEU A 150 -1.57 -11.10 -8.46
CA LEU A 150 -2.04 -10.28 -9.56
C LEU A 150 -0.89 -9.83 -10.46
N ASN A 151 0.23 -9.45 -9.84
CA ASN A 151 1.39 -8.99 -10.60
C ASN A 151 1.99 -10.08 -11.47
N TYR A 152 2.08 -11.31 -10.94
CA TYR A 152 2.67 -12.40 -11.71
C TYR A 152 1.86 -12.72 -12.95
N TYR A 153 0.54 -12.69 -12.83
CA TYR A 153 -0.31 -13.00 -13.98
C TYR A 153 -0.06 -12.02 -15.12
N VAL A 154 0.00 -10.74 -14.79
CA VAL A 154 0.22 -9.71 -15.79
C VAL A 154 1.66 -9.70 -16.33
N TRP A 155 2.64 -9.72 -15.42
CA TRP A 155 4.04 -9.68 -15.83
C TRP A 155 4.42 -10.91 -16.66
N ARG A 156 4.07 -12.10 -16.17
CA ARG A 156 4.42 -13.32 -16.88
C ARG A 156 3.86 -13.30 -18.30
N ASP A 157 2.72 -12.66 -18.48
CA ASP A 157 2.12 -12.59 -19.81
C ASP A 157 3.13 -11.96 -20.77
N ASN A 158 3.84 -10.94 -20.29
CA ASN A 158 4.85 -10.27 -21.09
C ASN A 158 6.24 -10.79 -20.71
N SER A 159 6.60 -10.59 -19.44
CA SER A 159 7.90 -11.03 -18.93
C SER A 159 7.70 -11.88 -17.66
N GLY A 160 8.41 -12.99 -17.56
CA GLY A 160 8.29 -13.86 -16.39
C GLY A 160 9.55 -14.68 -16.17
N ARG A 161 9.55 -15.46 -15.10
CA ARG A 161 10.69 -16.30 -14.77
C ARG A 161 10.24 -17.73 -14.50
N ARG A 162 11.11 -18.69 -14.78
CA ARG A 162 10.79 -20.11 -14.56
C ARG A 162 11.79 -20.73 -13.60
N GLY A 163 11.32 -21.67 -12.77
CA GLY A 163 12.20 -22.33 -11.81
C GLY A 163 11.95 -23.83 -11.81
N GLY A 164 12.95 -24.58 -11.33
CA GLY A 164 12.83 -26.03 -11.27
C GLY A 164 11.66 -26.46 -10.40
N SER A 165 11.39 -25.69 -9.35
CA SER A 165 10.29 -26.00 -8.43
C SER A 165 8.95 -26.00 -9.16
N ARG A 166 8.84 -25.21 -10.22
CA ARG A 166 7.59 -25.15 -10.97
C ARG A 166 7.20 -26.54 -11.47
N LEU A 167 8.19 -27.33 -11.87
CA LEU A 167 7.93 -28.68 -12.37
C LEU A 167 7.36 -29.55 -11.25
N ALA A 168 7.85 -29.35 -10.04
CA ALA A 168 7.38 -30.13 -8.89
C ALA A 168 7.50 -29.32 -7.60
N GLU A 169 6.58 -29.56 -6.68
CA GLU A 169 6.59 -28.86 -5.40
C GLU A 169 6.77 -27.37 -5.62
C1 PKA B . -4.17 -3.53 -11.96
C2 PKA B . -5.58 -3.53 -11.33
C3 PKA B . -5.54 -2.78 -9.98
C4 PKA B . -6.15 -1.38 -10.11
N5 PKA B . -6.29 -3.52 -8.96
C6 PKA B . -7.56 -4.16 -9.32
C7 PKA B . -6.00 -3.36 -7.66
O8 PKA B . -6.75 -3.82 -6.80
C9 PKA B . -4.83 -2.55 -7.26
N18 PKA B . -3.57 -2.84 -7.80
C17 PKA B . -2.46 -2.07 -7.43
C10 PKA B . -4.98 -1.50 -6.35
C11 PKA B . -3.87 -0.76 -5.97
C12 PKA B . -4.01 0.29 -5.04
C16 PKA B . -2.61 -1.03 -6.50
C13 PKA B . -2.90 1.04 -4.65
C14 PKA B . -1.64 0.76 -5.20
C15 PKA B . -1.49 -0.27 -6.11
C19 PKA B . -1.14 -2.37 -8.01
C24 PKA B . -0.50 -1.44 -8.84
C23 PKA B . 0.76 -1.72 -9.39
C20 PKA B . -0.50 -3.59 -7.74
C21 PKA B . 0.75 -3.87 -8.28
C22 PKA B . 1.38 -2.93 -9.11
CL PKA B . -1.29 0.08 -9.19
H1C PKA B . -4.24 -3.82 -13.00
H1A PKA B . -3.54 -4.23 -11.42
H1B PKA B . -3.75 -2.54 -11.89
H2A PKA B . -5.89 -4.55 -11.17
H2B PKA B . -6.27 -3.05 -12.01
H3 PKA B . -4.52 -2.69 -9.69
H4C PKA B . -7.08 -1.43 -10.66
H4A PKA B . -5.45 -0.74 -10.63
H4B PKA B . -6.34 -0.98 -9.12
H6A PKA B . -8.31 -3.87 -8.61
H6B PKA B . -7.44 -5.23 -9.31
H6C PKA B . -7.86 -3.83 -10.30
H10 PKA B . -5.94 -1.33 -5.89
H12 PKA B . -4.96 0.43 -4.53
H13 PKA B . -2.99 1.73 -3.83
H14 PKA B . -0.77 1.25 -4.81
H15 PKA B . -0.52 -0.52 -6.49
H23 PKA B . 1.23 -0.99 -10.04
H20 PKA B . -0.98 -4.30 -7.09
H21 PKA B . 1.23 -4.81 -8.07
H22 PKA B . 2.34 -3.16 -9.54
N MET A 1 -12.50 14.55 19.76
CA MET A 1 -11.19 14.05 20.17
C MET A 1 -10.20 15.20 20.29
N PRO A 2 -9.13 15.01 21.02
CA PRO A 2 -8.10 16.08 21.18
C PRO A 2 -7.57 16.58 19.85
N GLU A 3 -7.31 17.88 19.78
CA GLU A 3 -6.78 18.47 18.55
C GLU A 3 -5.40 17.88 18.23
N SER A 4 -4.65 17.58 19.28
CA SER A 4 -3.31 17.02 19.10
C SER A 4 -3.37 15.67 18.40
N TRP A 5 -4.32 14.82 18.80
CA TRP A 5 -4.46 13.51 18.20
C TRP A 5 -5.09 13.56 16.80
N VAL A 6 -5.97 14.52 16.62
CA VAL A 6 -6.68 14.69 15.35
C VAL A 6 -5.77 14.45 14.13
N PRO A 7 -4.55 14.93 14.15
CA PRO A 7 -3.66 14.73 12.98
C PRO A 7 -3.53 13.26 12.61
N ALA A 8 -3.78 12.37 13.57
CA ALA A 8 -3.68 10.95 13.29
C ALA A 8 -4.50 10.60 12.08
N VAL A 9 -5.61 11.31 11.89
CA VAL A 9 -6.46 11.07 10.74
C VAL A 9 -5.66 11.35 9.47
N GLY A 10 -4.88 12.43 9.52
CA GLY A 10 -4.05 12.81 8.38
C GLY A 10 -3.02 11.73 8.05
N LEU A 11 -2.49 11.08 9.10
CA LEU A 11 -1.49 10.04 8.90
C LEU A 11 -2.03 8.92 8.01
N THR A 12 -3.29 8.54 8.22
CA THR A 12 -3.87 7.48 7.41
C THR A 12 -4.28 7.98 6.02
N LEU A 13 -4.73 9.22 5.93
CA LEU A 13 -5.14 9.79 4.64
C LEU A 13 -3.96 9.95 3.68
N VAL A 14 -2.78 10.28 4.23
CA VAL A 14 -1.60 10.49 3.40
C VAL A 14 -1.34 9.33 2.44
N PRO A 15 -1.18 8.12 2.92
CA PRO A 15 -0.93 6.96 2.01
C PRO A 15 -2.02 6.77 0.98
N SER A 16 -3.25 7.12 1.35
CA SER A 16 -4.37 6.97 0.44
C SER A 16 -4.15 7.79 -0.83
N LEU A 17 -3.57 8.97 -0.65
CA LEU A 17 -3.30 9.84 -1.80
C LEU A 17 -2.30 9.21 -2.75
N GLY A 18 -1.31 8.52 -2.20
CA GLY A 18 -0.28 7.89 -3.03
C GLY A 18 -0.85 6.76 -3.87
N GLY A 19 -1.53 5.82 -3.23
CA GLY A 19 -2.11 4.68 -3.93
C GLY A 19 -3.12 5.14 -4.98
N PHE A 20 -3.89 6.17 -4.63
CA PHE A 20 -4.90 6.69 -5.55
C PHE A 20 -4.28 7.15 -6.86
N MET A 21 -3.22 7.95 -6.77
CA MET A 21 -2.54 8.46 -7.96
C MET A 21 -1.90 7.32 -8.75
N GLY A 22 -1.32 6.36 -8.04
CA GLY A 22 -0.67 5.23 -8.70
C GLY A 22 -1.69 4.35 -9.42
N ALA A 23 -2.80 4.08 -8.74
CA ALA A 23 -3.87 3.25 -9.31
C ALA A 23 -4.56 4.00 -10.43
N TYR A 24 -4.57 5.32 -10.32
CA TYR A 24 -5.21 6.15 -11.33
C TYR A 24 -4.60 5.87 -12.72
N PHE A 25 -3.31 5.56 -12.75
CA PHE A 25 -2.61 5.29 -14.01
C PHE A 25 -3.21 4.09 -14.76
N VAL A 26 -3.43 2.98 -14.06
CA VAL A 26 -4.00 1.79 -14.71
C VAL A 26 -5.48 2.00 -14.99
N ARG A 27 -6.08 2.76 -14.10
CA ARG A 27 -7.51 3.08 -14.17
C ARG A 27 -7.88 3.84 -15.43
N GLY A 28 -7.04 4.80 -15.82
CA GLY A 28 -7.33 5.64 -16.97
C GLY A 28 -6.81 5.05 -18.29
N GLU A 29 -6.00 5.85 -18.98
CA GLU A 29 -5.45 5.43 -20.27
C GLU A 29 -4.67 4.13 -20.14
N GLY A 30 -4.13 3.90 -18.96
CA GLY A 30 -3.36 2.68 -18.73
C GLY A 30 -4.16 1.48 -19.21
N LEU A 31 -5.49 1.55 -19.10
CA LEU A 31 -6.33 0.45 -19.54
C LEU A 31 -5.96 0.06 -20.97
N ARG A 32 -5.74 1.07 -21.81
CA ARG A 32 -5.33 0.81 -23.18
C ARG A 32 -4.01 0.06 -23.20
N TRP A 33 -3.10 0.51 -22.35
CA TRP A 33 -1.78 -0.10 -22.26
C TRP A 33 -1.88 -1.57 -21.85
N TYR A 34 -2.76 -1.86 -20.88
CA TYR A 34 -2.93 -3.23 -20.41
C TYR A 34 -3.54 -4.11 -21.49
N ALA A 35 -4.22 -3.52 -22.46
CA ALA A 35 -4.82 -4.32 -23.52
C ALA A 35 -3.75 -5.23 -24.11
N GLY A 36 -2.55 -4.69 -24.28
CA GLY A 36 -1.44 -5.47 -24.80
C GLY A 36 -1.04 -6.55 -23.81
N LEU A 37 -1.18 -6.23 -22.52
CA LEU A 37 -0.85 -7.16 -21.45
C LEU A 37 -2.06 -8.00 -21.07
N GLN A 38 -1.80 -9.22 -20.59
CA GLN A 38 -2.89 -10.10 -20.20
C GLN A 38 -3.11 -10.01 -18.69
N LYS A 39 -4.36 -9.78 -18.29
CA LYS A 39 -4.71 -9.68 -16.88
C LYS A 39 -5.39 -10.97 -16.42
N PRO A 40 -5.15 -11.42 -15.21
CA PRO A 40 -5.78 -12.68 -14.73
C PRO A 40 -7.31 -12.60 -14.80
N SER A 41 -7.92 -13.72 -15.20
CA SER A 41 -9.37 -13.79 -15.34
C SER A 41 -10.08 -13.61 -14.00
N TRP A 42 -9.46 -14.02 -12.91
CA TRP A 42 -10.08 -13.90 -11.59
C TRP A 42 -9.99 -12.48 -11.06
N HIS A 43 -9.35 -11.59 -11.82
CA HIS A 43 -9.20 -10.21 -11.40
C HIS A 43 -10.58 -9.55 -11.22
N PRO A 44 -10.85 -8.97 -10.06
CA PRO A 44 -12.15 -8.30 -9.81
C PRO A 44 -12.19 -6.90 -10.45
N PRO A 45 -13.35 -6.33 -10.58
CA PRO A 45 -13.48 -4.99 -11.19
C PRO A 45 -12.53 -3.99 -10.54
N ARG A 46 -11.92 -3.13 -11.35
CA ARG A 46 -11.01 -2.13 -10.83
C ARG A 46 -11.69 -1.23 -9.81
N TRP A 47 -12.96 -0.93 -10.05
CA TRP A 47 -13.70 -0.07 -9.14
C TRP A 47 -13.93 -0.74 -7.79
N THR A 48 -13.89 -2.07 -7.77
CA THR A 48 -14.11 -2.80 -6.51
C THR A 48 -12.97 -2.58 -5.52
N LEU A 49 -11.76 -3.02 -5.88
CA LEU A 49 -10.62 -2.87 -5.00
C LEU A 49 -10.14 -1.43 -4.91
N ALA A 50 -10.24 -0.68 -6.00
CA ALA A 50 -9.78 0.71 -5.98
C ALA A 50 -10.09 1.40 -4.64
N PRO A 51 -11.31 1.31 -4.17
CA PRO A 51 -11.71 1.97 -2.88
C PRO A 51 -11.12 1.30 -1.62
N ILE A 52 -10.24 0.32 -1.79
CA ILE A 52 -9.65 -0.36 -0.65
C ILE A 52 -9.10 0.64 0.36
N TRP A 53 -8.75 1.83 -0.11
CA TRP A 53 -8.20 2.84 0.77
C TRP A 53 -9.15 3.12 1.92
N GLY A 54 -10.45 3.03 1.67
CA GLY A 54 -11.42 3.25 2.71
C GLY A 54 -11.24 2.23 3.84
N THR A 55 -11.05 0.96 3.45
CA THR A 55 -10.86 -0.10 4.43
C THR A 55 -9.56 0.12 5.21
N LEU A 56 -8.49 0.39 4.47
CA LEU A 56 -7.18 0.64 5.06
C LEU A 56 -7.19 1.93 5.86
N TYR A 57 -7.95 2.90 5.36
CA TYR A 57 -8.04 4.21 6.00
C TYR A 57 -8.54 4.14 7.45
N SER A 58 -9.65 3.45 7.66
CA SER A 58 -10.20 3.36 9.01
C SER A 58 -9.37 2.48 9.93
N ALA A 59 -8.73 1.45 9.39
CA ALA A 59 -7.92 0.56 10.22
C ALA A 59 -6.74 1.32 10.82
N MET A 60 -6.10 2.14 10.00
CA MET A 60 -4.95 2.91 10.45
C MET A 60 -5.32 3.91 11.54
N GLY A 61 -6.50 4.52 11.43
CA GLY A 61 -6.92 5.50 12.42
C GLY A 61 -7.17 4.83 13.77
N TYR A 62 -8.17 3.95 13.82
CA TYR A 62 -8.50 3.25 15.04
C TYR A 62 -7.32 2.42 15.55
N GLY A 63 -6.58 1.80 14.64
CA GLY A 63 -5.43 0.99 15.03
C GLY A 63 -4.46 1.81 15.87
N SER A 64 -4.21 3.05 15.44
CA SER A 64 -3.32 3.92 16.17
C SER A 64 -3.90 4.22 17.55
N TYR A 65 -5.23 4.18 17.66
CA TYR A 65 -5.87 4.44 18.95
C TYR A 65 -5.34 3.46 19.99
N ILE A 66 -5.23 2.19 19.58
CA ILE A 66 -4.72 1.16 20.48
C ILE A 66 -3.32 1.53 20.92
N VAL A 67 -2.51 2.00 19.96
CA VAL A 67 -1.15 2.40 20.25
C VAL A 67 -1.15 3.57 21.22
N TRP A 68 -2.11 4.48 21.03
CA TRP A 68 -2.23 5.64 21.90
C TRP A 68 -2.49 5.18 23.34
N LYS A 69 -3.25 4.10 23.49
CA LYS A 69 -3.54 3.57 24.82
C LYS A 69 -2.27 3.06 25.49
N GLU A 70 -1.49 2.30 24.73
CA GLU A 70 -0.26 1.70 25.24
C GLU A 70 0.84 2.73 25.51
N LEU A 71 0.97 3.72 24.64
CA LEU A 71 2.02 4.73 24.81
C LEU A 71 1.54 5.94 25.61
N GLY A 72 0.28 5.94 26.01
CA GLY A 72 -0.26 7.05 26.79
C GLY A 72 -0.85 8.13 25.89
N GLY A 73 -0.92 7.84 24.60
CA GLY A 73 -1.48 8.78 23.64
C GLY A 73 -0.40 9.69 23.06
N PHE A 74 -0.83 10.79 22.43
CA PHE A 74 0.12 11.71 21.82
C PHE A 74 1.10 12.24 22.86
N THR A 75 2.08 11.40 23.14
CA THR A 75 3.15 11.72 24.08
C THR A 75 4.46 11.67 23.33
N GLU A 76 5.42 12.50 23.70
CA GLU A 76 6.70 12.50 22.98
C GLU A 76 7.11 11.07 22.66
N ASP A 77 6.86 10.15 23.57
CA ASP A 77 7.22 8.75 23.34
C ASP A 77 6.42 8.18 22.17
N ALA A 78 5.12 8.50 22.12
CA ALA A 78 4.25 8.01 21.06
C ALA A 78 4.54 8.67 19.71
N MET A 79 5.02 9.91 19.75
CA MET A 79 5.30 10.63 18.52
C MET A 79 6.29 9.85 17.65
N VAL A 80 7.22 9.14 18.29
CA VAL A 80 8.23 8.39 17.55
C VAL A 80 7.57 7.33 16.64
N PRO A 81 6.73 6.46 17.15
CA PRO A 81 6.08 5.43 16.29
C PRO A 81 5.15 6.03 15.24
N LEU A 82 4.18 6.83 15.69
CA LEU A 82 3.25 7.45 14.75
C LEU A 82 4.01 8.36 13.81
N GLY A 83 4.96 9.11 14.37
CA GLY A 83 5.78 10.02 13.56
C GLY A 83 6.60 9.23 12.55
N LEU A 84 7.08 8.07 12.96
CA LEU A 84 7.89 7.23 12.08
C LEU A 84 7.10 6.87 10.83
N TYR A 85 5.82 6.60 11.00
CA TYR A 85 4.97 6.25 9.87
C TYR A 85 4.91 7.40 8.88
N THR A 86 4.76 8.61 9.40
CA THR A 86 4.69 9.79 8.54
C THR A 86 6.03 10.00 7.81
N GLY A 87 7.13 9.80 8.53
CA GLY A 87 8.45 9.99 7.94
C GLY A 87 8.85 8.83 7.03
N GLN A 88 8.77 7.61 7.54
CA GLN A 88 9.15 6.44 6.75
C GLN A 88 8.32 6.36 5.48
N LEU A 89 7.02 6.63 5.59
CA LEU A 89 6.14 6.56 4.43
C LEU A 89 6.57 7.59 3.39
N ALA A 90 6.99 8.76 3.86
CA ALA A 90 7.42 9.82 2.96
C ALA A 90 8.69 9.41 2.19
N LEU A 91 9.66 8.85 2.91
CA LEU A 91 10.88 8.41 2.24
C LEU A 91 10.51 7.35 1.22
N ASN A 92 9.57 6.49 1.60
CA ASN A 92 9.11 5.45 0.70
C ASN A 92 8.46 6.05 -0.53
N TRP A 93 7.72 7.15 -0.34
CA TRP A 93 7.05 7.82 -1.46
C TRP A 93 8.05 8.18 -2.55
N ALA A 94 9.27 8.48 -2.14
CA ALA A 94 10.31 8.85 -3.11
C ALA A 94 10.71 7.67 -4.02
N TRP A 95 10.64 6.45 -3.48
CA TRP A 95 11.03 5.26 -4.25
C TRP A 95 10.28 5.12 -5.59
N PRO A 96 8.96 5.10 -5.58
CA PRO A 96 8.18 4.92 -6.84
C PRO A 96 8.47 5.99 -7.90
N PRO A 97 8.78 5.59 -9.12
CA PRO A 97 9.04 6.54 -10.23
C PRO A 97 7.89 6.52 -11.24
N ILE A 98 7.23 5.38 -11.32
CA ILE A 98 6.11 5.18 -12.24
C ILE A 98 5.03 6.25 -12.07
N PHE A 99 4.86 6.77 -10.86
CA PHE A 99 3.84 7.78 -10.64
C PHE A 99 4.02 8.95 -11.60
N PHE A 100 5.27 9.40 -11.76
CA PHE A 100 5.56 10.51 -12.66
C PHE A 100 5.26 10.17 -14.11
N GLY A 101 5.72 9.01 -14.56
CA GLY A 101 5.49 8.59 -15.95
C GLY A 101 4.57 7.37 -16.02
N ALA A 102 5.00 6.29 -15.36
CA ALA A 102 4.22 5.06 -15.35
C ALA A 102 3.98 4.55 -16.77
N ARG A 103 4.49 5.29 -17.74
CA ARG A 103 4.33 4.90 -19.14
C ARG A 103 4.82 3.46 -19.35
N GLN A 104 5.84 3.08 -18.58
CA GLN A 104 6.40 1.73 -18.68
C GLN A 104 5.63 0.73 -17.83
N MET A 105 5.68 -0.53 -18.26
CA MET A 105 4.98 -1.61 -17.56
C MET A 105 5.51 -1.80 -16.14
N GLY A 106 6.66 -1.22 -15.84
CA GLY A 106 7.27 -1.37 -14.51
C GLY A 106 6.35 -0.93 -13.36
N TRP A 107 5.05 -1.14 -13.51
CA TRP A 107 4.07 -0.79 -12.50
C TRP A 107 4.32 -1.51 -11.18
N ALA A 108 5.04 -2.63 -11.21
CA ALA A 108 5.29 -3.41 -10.01
C ALA A 108 5.90 -2.55 -8.92
N LEU A 109 6.55 -1.48 -9.31
CA LEU A 109 7.15 -0.58 -8.34
C LEU A 109 6.10 -0.04 -7.40
N ALA A 110 4.88 0.17 -7.90
CA ALA A 110 3.79 0.64 -7.06
C ALA A 110 3.53 -0.41 -5.98
N ASP A 111 3.66 -1.67 -6.38
CA ASP A 111 3.43 -2.79 -5.47
C ASP A 111 4.40 -2.77 -4.29
N LEU A 112 5.68 -2.46 -4.56
CA LEU A 112 6.68 -2.46 -3.51
C LEU A 112 6.36 -1.45 -2.40
N LEU A 113 6.19 -0.18 -2.76
CA LEU A 113 5.86 0.82 -1.74
C LEU A 113 4.53 0.47 -1.10
N LEU A 114 3.61 0.06 -1.95
CA LEU A 114 2.28 -0.32 -1.51
C LEU A 114 2.33 -1.35 -0.39
N VAL A 115 2.83 -2.52 -0.73
CA VAL A 115 2.88 -3.64 0.19
C VAL A 115 3.87 -3.43 1.34
N SER A 116 5.12 -3.18 1.00
CA SER A 116 6.17 -3.00 2.00
C SER A 116 6.01 -1.71 2.79
N GLY A 117 5.70 -0.62 2.09
CA GLY A 117 5.57 0.68 2.76
C GLY A 117 4.54 0.63 3.87
N VAL A 118 3.36 0.11 3.56
CA VAL A 118 2.30 0.01 4.54
C VAL A 118 2.59 -1.07 5.59
N ALA A 119 3.03 -2.23 5.14
CA ALA A 119 3.31 -3.33 6.04
C ALA A 119 4.59 -3.14 6.86
N THR A 120 5.71 -2.93 6.18
CA THR A 120 6.99 -2.78 6.87
C THR A 120 7.00 -1.63 7.88
N ALA A 121 6.45 -0.49 7.51
CA ALA A 121 6.45 0.67 8.41
C ALA A 121 5.48 0.47 9.57
N THR A 122 4.21 0.26 9.24
CA THR A 122 3.18 0.10 10.26
C THR A 122 3.39 -1.14 11.13
N THR A 123 3.77 -2.26 10.51
CA THR A 123 3.95 -3.51 11.26
C THR A 123 5.03 -3.40 12.32
N LEU A 124 6.17 -2.83 11.98
CA LEU A 124 7.27 -2.71 12.92
C LEU A 124 6.92 -1.84 14.12
N ALA A 125 6.15 -0.78 13.89
CA ALA A 125 5.80 0.12 14.98
C ALA A 125 4.63 -0.38 15.83
N TRP A 126 3.47 -0.52 15.21
CA TRP A 126 2.26 -0.95 15.93
C TRP A 126 2.33 -2.39 16.46
N HIS A 127 2.85 -3.32 15.67
CA HIS A 127 2.90 -4.71 16.10
C HIS A 127 3.70 -4.88 17.38
N ARG A 128 4.88 -4.29 17.42
CA ARG A 128 5.74 -4.40 18.60
C ARG A 128 5.10 -3.74 19.83
N VAL A 129 4.57 -2.54 19.65
CA VAL A 129 3.95 -1.82 20.76
C VAL A 129 2.57 -2.36 21.10
N SER A 130 1.75 -2.61 20.08
CA SER A 130 0.40 -3.13 20.28
C SER A 130 0.10 -4.28 19.34
N PRO A 131 0.44 -5.49 19.72
CA PRO A 131 0.18 -6.68 18.88
C PRO A 131 -1.28 -6.79 18.43
N PRO A 132 -2.23 -6.53 19.29
CA PRO A 132 -3.67 -6.63 18.89
C PRO A 132 -4.01 -5.74 17.69
N ALA A 133 -3.32 -4.62 17.58
CA ALA A 133 -3.55 -3.70 16.48
C ALA A 133 -3.24 -4.37 15.15
N ALA A 134 -2.29 -5.30 15.16
CA ALA A 134 -1.92 -6.00 13.94
C ALA A 134 -3.13 -6.73 13.38
N ARG A 135 -3.95 -7.29 14.28
CA ARG A 135 -5.15 -8.01 13.86
C ARG A 135 -6.08 -7.09 13.07
N LEU A 136 -6.16 -5.85 13.52
CA LEU A 136 -7.01 -4.86 12.86
C LEU A 136 -6.63 -4.70 11.41
N LEU A 137 -5.33 -4.72 11.15
CA LEU A 137 -4.83 -4.56 9.79
C LEU A 137 -5.38 -5.63 8.86
N TYR A 138 -5.66 -6.82 9.41
CA TYR A 138 -6.20 -7.95 8.65
C TYR A 138 -6.34 -7.65 7.13
N PRO A 139 -7.18 -6.72 6.75
CA PRO A 139 -7.35 -6.38 5.30
C PRO A 139 -6.02 -6.12 4.59
N TYR A 140 -5.05 -5.60 5.32
CA TYR A 140 -3.75 -5.30 4.74
C TYR A 140 -3.10 -6.56 4.17
N LEU A 141 -3.22 -7.67 4.88
CA LEU A 141 -2.63 -8.93 4.43
C LEU A 141 -3.36 -9.44 3.19
N ALA A 142 -4.69 -9.35 3.21
CA ALA A 142 -5.50 -9.82 2.08
C ALA A 142 -5.30 -8.96 0.84
N TRP A 143 -5.47 -7.67 1.00
CA TRP A 143 -5.34 -6.73 -0.12
C TRP A 143 -3.91 -6.75 -0.69
N LEU A 144 -2.93 -6.59 0.17
CA LEU A 144 -1.54 -6.59 -0.27
C LEU A 144 -1.17 -7.94 -0.88
N ALA A 145 -1.78 -9.01 -0.36
CA ALA A 145 -1.50 -10.34 -0.88
C ALA A 145 -1.93 -10.47 -2.35
N PHE A 146 -3.07 -9.86 -2.69
CA PHE A 146 -3.57 -9.92 -4.05
C PHE A 146 -2.60 -9.26 -5.03
N THR A 147 -2.04 -8.11 -4.67
CA THR A 147 -1.11 -7.45 -5.58
C THR A 147 0.09 -8.32 -5.89
N THR A 148 0.57 -9.08 -4.90
CA THR A 148 1.73 -9.94 -5.13
C THR A 148 1.44 -10.99 -6.21
N VAL A 149 0.32 -11.70 -6.08
CA VAL A 149 -0.04 -12.71 -7.06
C VAL A 149 -0.44 -12.06 -8.37
N LEU A 150 -1.23 -10.99 -8.26
CA LEU A 150 -1.70 -10.26 -9.42
C LEU A 150 -0.54 -9.72 -10.26
N ASN A 151 0.50 -9.22 -9.58
CA ASN A 151 1.66 -8.68 -10.27
C ASN A 151 2.38 -9.72 -11.11
N TYR A 152 2.52 -10.93 -10.57
CA TYR A 152 3.22 -11.98 -11.30
C TYR A 152 2.48 -12.40 -12.57
N TYR A 153 1.16 -12.48 -12.52
CA TYR A 153 0.40 -12.90 -13.69
C TYR A 153 0.64 -11.97 -14.88
N VAL A 154 0.58 -10.67 -14.64
CA VAL A 154 0.78 -9.71 -15.73
C VAL A 154 2.25 -9.66 -16.18
N TRP A 155 3.17 -9.60 -15.23
CA TRP A 155 4.59 -9.52 -15.56
C TRP A 155 5.07 -10.76 -16.31
N ARG A 156 4.63 -11.94 -15.89
CA ARG A 156 5.04 -13.17 -16.56
C ARG A 156 4.60 -13.18 -18.02
N ASP A 157 3.51 -12.52 -18.32
CA ASP A 157 3.01 -12.49 -19.69
C ASP A 157 4.14 -12.08 -20.63
N ASN A 158 4.94 -11.10 -20.21
CA ASN A 158 6.06 -10.62 -21.02
C ASN A 158 7.39 -11.14 -20.48
N SER A 159 7.71 -10.75 -19.24
CA SER A 159 8.96 -11.15 -18.61
C SER A 159 9.02 -12.66 -18.36
N GLY A 160 7.88 -13.28 -18.14
CA GLY A 160 7.84 -14.72 -17.89
C GLY A 160 8.53 -15.50 -18.99
N ARG A 161 8.42 -14.99 -20.22
CA ARG A 161 9.04 -15.65 -21.37
C ARG A 161 10.54 -15.79 -21.15
N ARG A 162 11.13 -14.80 -20.50
CA ARG A 162 12.56 -14.81 -20.23
C ARG A 162 12.92 -15.90 -19.23
N GLY A 163 14.10 -16.49 -19.39
CA GLY A 163 14.55 -17.54 -18.49
C GLY A 163 16.05 -17.79 -18.65
N GLY A 164 16.56 -18.77 -17.92
CA GLY A 164 17.98 -19.09 -17.99
C GLY A 164 18.78 -18.27 -17.00
N SER A 165 18.07 -17.55 -16.12
CA SER A 165 18.73 -16.71 -15.13
C SER A 165 19.66 -17.54 -14.26
N ARG A 166 19.28 -18.79 -14.00
CA ARG A 166 20.09 -19.68 -13.18
C ARG A 166 21.50 -19.79 -13.76
N LEU A 167 21.57 -19.81 -15.07
CA LEU A 167 22.85 -19.95 -15.76
C LEU A 167 23.33 -18.62 -16.31
N ALA A 168 24.65 -18.47 -16.41
CA ALA A 168 25.24 -17.25 -16.92
C ALA A 168 26.39 -17.59 -17.86
N GLU A 169 26.61 -16.73 -18.84
CA GLU A 169 27.68 -16.95 -19.80
C GLU A 169 27.77 -18.44 -20.16
C1 PKA B . -4.86 -2.95 -12.10
C2 PKA B . -5.91 -3.58 -11.17
C3 PKA B . -5.96 -2.81 -9.83
C4 PKA B . -6.72 -1.49 -9.99
N5 PKA B . -6.59 -3.63 -8.81
C6 PKA B . -7.75 -4.45 -9.16
C7 PKA B . -6.21 -3.54 -7.53
O8 PKA B . -6.75 -4.22 -6.66
C9 PKA B . -5.12 -2.61 -7.14
N18 PKA B . -3.87 -2.73 -7.74
C17 PKA B . -2.83 -1.86 -7.40
C10 PKA B . -5.36 -1.61 -6.19
C11 PKA B . -4.31 -0.74 -5.83
C12 PKA B . -4.54 0.25 -4.87
C16 PKA B . -3.05 -0.87 -6.43
C13 PKA B . -3.51 1.13 -4.51
C14 PKA B . -2.25 1.00 -5.12
C15 PKA B . -2.02 0.01 -6.07
C19 PKA B . -1.51 -2.01 -8.05
C24 PKA B . -1.03 -0.99 -8.88
C23 PKA B . 0.22 -1.13 -9.49
C20 PKA B . -0.74 -3.15 -7.82
C21 PKA B . 0.51 -3.29 -8.43
C22 PKA B . 0.99 -2.28 -9.27
CL PKA B . -1.98 0.43 -9.15
H1C PKA B . -4.12 -2.41 -11.52
H1A PKA B . -5.34 -2.27 -12.79
H1B PKA B . -4.36 -3.73 -12.65
H2A PKA B . -5.64 -4.60 -10.98
H2B PKA B . -6.87 -3.55 -11.65
H3 PKA B . -4.95 -2.59 -9.55
H4C PKA B . -6.04 -0.71 -10.29
H4A PKA B . -7.17 -1.23 -9.03
H4B PKA B . -7.51 -1.61 -10.73
H6A PKA B . -8.37 -4.59 -8.30
H6B PKA B . -7.42 -5.40 -9.53
H6C PKA B . -8.32 -3.94 -9.93
H10 PKA B . -6.30 -1.56 -5.68
H12 PKA B . -5.48 0.27 -4.33
H13 PKA B . -3.65 1.81 -3.70
H14 PKA B . -1.43 1.62 -4.77
H15 PKA B . -1.04 -0.10 -6.51
H23 PKA B . 0.55 -0.40 -10.22
H20 PKA B . -1.09 -3.90 -7.13
H21 PKA B . 1.08 -4.20 -8.30
H22 PKA B . 1.89 -2.44 -9.84
N MET A 1 -8.70 18.84 24.71
CA MET A 1 -7.54 17.95 24.75
C MET A 1 -7.57 16.99 23.56
N PRO A 2 -8.73 16.54 23.15
CA PRO A 2 -8.85 15.60 21.99
C PRO A 2 -8.16 16.14 20.74
N GLU A 3 -7.95 17.45 20.73
CA GLU A 3 -7.31 18.10 19.59
C GLU A 3 -5.98 17.44 19.27
N SER A 4 -5.30 16.92 20.29
CA SER A 4 -4.02 16.27 20.09
C SER A 4 -4.15 15.06 19.16
N TRP A 5 -5.21 14.28 19.36
CA TRP A 5 -5.44 13.10 18.53
C TRP A 5 -5.99 13.46 17.16
N VAL A 6 -6.76 14.55 17.10
CA VAL A 6 -7.37 14.98 15.85
C VAL A 6 -6.41 14.82 14.65
N PRO A 7 -5.19 15.27 14.75
CA PRO A 7 -4.23 15.12 13.60
C PRO A 7 -4.06 13.66 13.18
N ALA A 8 -4.39 12.75 14.09
CA ALA A 8 -4.24 11.33 13.79
C ALA A 8 -5.02 10.99 12.52
N VAL A 9 -6.10 11.73 12.28
CA VAL A 9 -6.91 11.50 11.09
C VAL A 9 -6.07 11.72 9.83
N GLY A 10 -5.23 12.75 9.86
CA GLY A 10 -4.37 13.06 8.73
C GLY A 10 -3.40 11.91 8.45
N LEU A 11 -2.91 11.29 9.51
CA LEU A 11 -1.95 10.19 9.39
C LEU A 11 -2.52 9.01 8.59
N THR A 12 -3.77 8.65 8.83
CA THR A 12 -4.37 7.51 8.12
C THR A 12 -4.83 7.87 6.71
N LEU A 13 -5.52 8.99 6.57
CA LEU A 13 -6.04 9.41 5.27
C LEU A 13 -4.92 9.75 4.28
N VAL A 14 -3.83 10.33 4.76
CA VAL A 14 -2.74 10.72 3.87
C VAL A 14 -2.32 9.56 2.96
N PRO A 15 -2.23 8.36 3.46
CA PRO A 15 -1.83 7.20 2.62
C PRO A 15 -2.71 7.01 1.38
N SER A 16 -3.99 7.34 1.52
CA SER A 16 -4.92 7.18 0.41
C SER A 16 -4.52 8.01 -0.80
N LEU A 17 -4.03 9.22 -0.57
CA LEU A 17 -3.63 10.10 -1.66
C LEU A 17 -2.48 9.53 -2.47
N GLY A 18 -1.53 8.88 -1.80
CA GLY A 18 -0.38 8.32 -2.49
C GLY A 18 -0.78 7.17 -3.42
N GLY A 19 -1.45 6.17 -2.87
CA GLY A 19 -1.88 5.01 -3.64
C GLY A 19 -2.84 5.40 -4.76
N PHE A 20 -3.69 6.38 -4.49
CA PHE A 20 -4.68 6.82 -5.48
C PHE A 20 -4.02 7.24 -6.78
N MET A 21 -2.99 8.06 -6.69
CA MET A 21 -2.28 8.54 -7.87
C MET A 21 -1.59 7.39 -8.62
N GLY A 22 -1.04 6.45 -7.88
CA GLY A 22 -0.35 5.32 -8.50
C GLY A 22 -1.31 4.42 -9.27
N ALA A 23 -2.45 4.12 -8.64
CA ALA A 23 -3.46 3.27 -9.26
C ALA A 23 -4.14 3.99 -10.42
N TYR A 24 -4.14 5.32 -10.35
CA TYR A 24 -4.76 6.13 -11.39
C TYR A 24 -4.14 5.83 -12.76
N PHE A 25 -2.86 5.47 -12.78
CA PHE A 25 -2.17 5.18 -14.03
C PHE A 25 -2.75 3.98 -14.76
N VAL A 26 -2.98 2.88 -14.05
CA VAL A 26 -3.53 1.68 -14.67
C VAL A 26 -4.98 1.93 -15.06
N ARG A 27 -5.61 2.76 -14.25
CA ARG A 27 -7.00 3.15 -14.43
C ARG A 27 -7.25 3.94 -15.71
N GLY A 28 -6.34 4.85 -16.04
CA GLY A 28 -6.51 5.72 -17.20
C GLY A 28 -5.88 5.16 -18.47
N GLU A 29 -4.90 5.89 -19.00
CA GLU A 29 -4.22 5.51 -20.24
C GLU A 29 -3.64 4.11 -20.14
N GLY A 30 -3.26 3.72 -18.93
CA GLY A 30 -2.69 2.41 -18.72
C GLY A 30 -3.57 1.33 -19.34
N LEU A 31 -4.89 1.56 -19.33
CA LEU A 31 -5.82 0.60 -19.90
C LEU A 31 -5.40 0.23 -21.32
N ARG A 32 -5.02 1.23 -22.10
CA ARG A 32 -4.57 0.99 -23.47
C ARG A 32 -3.30 0.16 -23.49
N TRP A 33 -2.40 0.48 -22.58
CA TRP A 33 -1.12 -0.22 -22.48
C TRP A 33 -1.31 -1.72 -22.23
N TYR A 34 -2.29 -2.07 -21.40
CA TYR A 34 -2.54 -3.47 -21.09
C TYR A 34 -2.97 -4.26 -22.32
N ALA A 35 -3.50 -3.57 -23.32
CA ALA A 35 -3.94 -4.28 -24.53
C ALA A 35 -2.86 -5.25 -24.98
N GLY A 36 -1.60 -4.82 -24.90
CA GLY A 36 -0.48 -5.67 -25.27
C GLY A 36 -0.28 -6.79 -24.25
N LEU A 37 -0.56 -6.46 -22.99
CA LEU A 37 -0.40 -7.42 -21.89
C LEU A 37 -1.70 -8.17 -21.62
N GLN A 38 -1.58 -9.39 -21.11
CA GLN A 38 -2.77 -10.18 -20.79
C GLN A 38 -3.15 -9.94 -19.33
N LYS A 39 -4.43 -9.61 -19.10
CA LYS A 39 -4.90 -9.35 -17.74
C LYS A 39 -5.78 -10.50 -17.24
N PRO A 40 -5.69 -10.81 -15.97
CA PRO A 40 -6.50 -11.91 -15.36
C PRO A 40 -8.00 -11.63 -15.46
N SER A 41 -8.77 -12.66 -15.77
CA SER A 41 -10.22 -12.52 -15.89
C SER A 41 -10.94 -12.64 -14.54
N TRP A 42 -10.20 -12.83 -13.45
CA TRP A 42 -10.86 -12.98 -12.14
C TRP A 42 -10.81 -11.70 -11.32
N HIS A 43 -10.40 -10.59 -11.95
CA HIS A 43 -10.34 -9.33 -11.23
C HIS A 43 -11.69 -8.63 -11.21
N PRO A 44 -12.09 -8.06 -10.10
CA PRO A 44 -13.39 -7.33 -10.01
C PRO A 44 -13.29 -5.96 -10.66
N PRO A 45 -14.39 -5.27 -10.82
CA PRO A 45 -14.34 -3.93 -11.46
C PRO A 45 -13.25 -3.06 -10.82
N ARG A 46 -12.61 -2.23 -11.62
CA ARG A 46 -11.55 -1.38 -11.11
C ARG A 46 -12.05 -0.48 -9.98
N TRP A 47 -13.32 -0.06 -10.08
CA TRP A 47 -13.91 0.82 -9.07
C TRP A 47 -14.16 0.08 -7.75
N THR A 48 -14.07 -1.25 -7.78
CA THR A 48 -14.30 -2.04 -6.57
C THR A 48 -13.11 -1.93 -5.62
N LEU A 49 -11.99 -2.51 -6.03
CA LEU A 49 -10.79 -2.49 -5.20
C LEU A 49 -10.21 -1.09 -5.05
N ALA A 50 -10.29 -0.27 -6.09
CA ALA A 50 -9.74 1.07 -5.98
C ALA A 50 -10.09 1.68 -4.61
N PRO A 51 -11.29 1.43 -4.12
CA PRO A 51 -11.73 1.93 -2.80
C PRO A 51 -11.05 1.22 -1.61
N ILE A 52 -10.14 0.29 -1.90
CA ILE A 52 -9.46 -0.46 -0.84
C ILE A 52 -8.96 0.46 0.27
N TRP A 53 -8.50 1.64 -0.11
CA TRP A 53 -7.99 2.57 0.88
C TRP A 53 -9.04 2.81 1.96
N GLY A 54 -10.31 2.69 1.57
CA GLY A 54 -11.40 2.88 2.51
C GLY A 54 -11.23 2.00 3.74
N THR A 55 -10.80 0.76 3.53
CA THR A 55 -10.60 -0.16 4.64
C THR A 55 -9.27 0.05 5.35
N LEU A 56 -8.22 0.32 4.58
CA LEU A 56 -6.89 0.53 5.15
C LEU A 56 -6.79 1.74 6.07
N TYR A 57 -7.45 2.85 5.72
CA TYR A 57 -7.37 4.05 6.55
C TYR A 57 -8.07 3.83 7.89
N SER A 58 -9.25 3.22 7.84
CA SER A 58 -10.02 2.98 9.07
C SER A 58 -9.25 2.11 10.05
N ALA A 59 -8.60 1.05 9.54
CA ALA A 59 -7.84 0.17 10.42
C ALA A 59 -6.66 0.92 11.03
N MET A 60 -5.99 1.69 10.18
CA MET A 60 -4.84 2.47 10.62
C MET A 60 -5.22 3.52 11.65
N GLY A 61 -6.41 4.13 11.49
CA GLY A 61 -6.85 5.14 12.44
C GLY A 61 -7.02 4.52 13.82
N TYR A 62 -7.89 3.52 13.90
CA TYR A 62 -8.14 2.84 15.16
C TYR A 62 -6.88 2.10 15.64
N GLY A 63 -6.11 1.54 14.71
CA GLY A 63 -4.90 0.83 15.10
C GLY A 63 -4.02 1.74 15.95
N SER A 64 -3.91 3.00 15.53
CA SER A 64 -3.11 3.97 16.26
C SER A 64 -3.76 4.30 17.61
N TYR A 65 -5.08 4.14 17.68
CA TYR A 65 -5.80 4.44 18.92
C TYR A 65 -5.22 3.64 20.07
N ILE A 66 -5.05 2.34 19.84
CA ILE A 66 -4.48 1.48 20.87
C ILE A 66 -3.03 1.83 21.17
N VAL A 67 -2.28 2.12 20.12
CA VAL A 67 -0.87 2.43 20.28
C VAL A 67 -0.63 3.59 21.25
N TRP A 68 -1.38 4.68 21.12
CA TRP A 68 -1.15 5.79 22.02
C TRP A 68 -1.57 5.48 23.45
N LYS A 69 -2.60 4.65 23.63
CA LYS A 69 -3.02 4.33 25.00
C LYS A 69 -1.90 3.68 25.77
N GLU A 70 -1.13 2.85 25.09
CA GLU A 70 -0.02 2.17 25.73
C GLU A 70 1.06 3.17 26.12
N LEU A 71 1.24 4.18 25.29
CA LEU A 71 2.25 5.21 25.55
C LEU A 71 1.69 6.31 26.46
N GLY A 72 0.44 6.15 26.88
CA GLY A 72 -0.19 7.14 27.74
C GLY A 72 -0.79 8.30 26.96
N GLY A 73 -1.37 8.00 25.80
CA GLY A 73 -1.98 9.03 24.97
C GLY A 73 -0.96 9.58 23.97
N PHE A 74 -1.25 10.76 23.44
CA PHE A 74 -0.34 11.36 22.47
C PHE A 74 0.72 12.17 23.21
N THR A 75 1.95 11.67 23.20
CA THR A 75 3.05 12.32 23.87
C THR A 75 4.27 12.38 22.94
N GLU A 76 5.28 13.15 23.34
CA GLU A 76 6.49 13.28 22.52
C GLU A 76 7.08 11.91 22.18
N ASP A 77 7.05 10.99 23.15
CA ASP A 77 7.59 9.65 22.90
C ASP A 77 6.80 8.94 21.81
N ALA A 78 5.48 9.13 21.83
CA ALA A 78 4.60 8.50 20.85
C ALA A 78 4.82 9.06 19.45
N MET A 79 5.27 10.29 19.37
CA MET A 79 5.50 10.91 18.08
C MET A 79 6.47 10.10 17.24
N VAL A 80 7.44 9.48 17.91
CA VAL A 80 8.44 8.66 17.21
C VAL A 80 7.79 7.54 16.39
N PRO A 81 6.94 6.73 16.99
CA PRO A 81 6.28 5.61 16.24
C PRO A 81 5.27 6.12 15.20
N LEU A 82 4.29 6.90 15.66
CA LEU A 82 3.29 7.43 14.74
C LEU A 82 3.94 8.37 13.71
N GLY A 83 4.86 9.21 14.18
CA GLY A 83 5.55 10.14 13.29
C GLY A 83 6.34 9.40 12.21
N LEU A 84 6.95 8.28 12.59
CA LEU A 84 7.72 7.49 11.63
C LEU A 84 6.86 7.09 10.45
N TYR A 85 5.61 6.74 10.73
CA TYR A 85 4.68 6.34 9.69
C TYR A 85 4.47 7.47 8.69
N THR A 86 4.28 8.68 9.20
CA THR A 86 4.08 9.84 8.33
C THR A 86 5.32 10.13 7.51
N GLY A 87 6.48 10.05 8.15
CA GLY A 87 7.75 10.34 7.47
C GLY A 87 8.14 9.21 6.50
N GLN A 88 8.23 7.99 7.03
CA GLN A 88 8.62 6.85 6.22
C GLN A 88 7.67 6.65 5.05
N LEU A 89 6.36 6.81 5.30
CA LEU A 89 5.37 6.63 4.24
C LEU A 89 5.57 7.64 3.12
N ALA A 90 5.93 8.87 3.47
CA ALA A 90 6.13 9.89 2.45
C ALA A 90 7.26 9.49 1.51
N LEU A 91 8.37 9.04 2.09
CA LEU A 91 9.50 8.61 1.30
C LEU A 91 9.15 7.38 0.48
N ASN A 92 8.32 6.51 1.07
CA ASN A 92 7.90 5.29 0.40
C ASN A 92 7.19 5.60 -0.92
N TRP A 93 6.31 6.61 -0.89
CA TRP A 93 5.58 7.01 -2.08
C TRP A 93 6.53 7.53 -3.16
N ALA A 94 7.61 8.18 -2.73
CA ALA A 94 8.58 8.74 -3.66
C ALA A 94 9.31 7.67 -4.47
N TRP A 95 9.52 6.50 -3.87
CA TRP A 95 10.25 5.43 -4.55
C TRP A 95 9.65 5.07 -5.92
N PRO A 96 8.37 4.75 -6.00
CA PRO A 96 7.76 4.39 -7.32
C PRO A 96 7.84 5.54 -8.33
N PRO A 97 8.92 5.65 -9.07
CA PRO A 97 9.07 6.75 -10.05
C PRO A 97 7.94 6.74 -11.09
N ILE A 98 7.28 5.60 -11.20
CA ILE A 98 6.19 5.45 -12.17
C ILE A 98 5.08 6.47 -11.94
N PHE A 99 4.96 6.98 -10.72
CA PHE A 99 3.91 7.94 -10.44
C PHE A 99 3.86 9.00 -11.54
N PHE A 100 5.04 9.45 -11.99
CA PHE A 100 5.11 10.47 -13.02
C PHE A 100 4.61 9.96 -14.37
N GLY A 101 5.21 8.87 -14.86
CA GLY A 101 4.82 8.32 -16.16
C GLY A 101 4.20 6.92 -16.05
N ALA A 102 5.03 5.94 -15.69
CA ALA A 102 4.58 4.55 -15.57
C ALA A 102 4.34 3.96 -16.95
N ARG A 103 4.79 4.67 -17.98
CA ARG A 103 4.62 4.19 -19.34
C ARG A 103 5.12 2.76 -19.48
N GLN A 104 6.19 2.45 -18.76
CA GLN A 104 6.76 1.11 -18.80
C GLN A 104 6.08 0.19 -17.79
N MET A 105 6.01 -1.09 -18.11
CA MET A 105 5.40 -2.07 -17.22
C MET A 105 6.15 -2.14 -15.89
N GLY A 106 7.36 -1.60 -15.89
CA GLY A 106 8.21 -1.61 -14.70
C GLY A 106 7.44 -1.21 -13.42
N TRP A 107 6.17 -0.85 -13.58
CA TRP A 107 5.36 -0.44 -12.44
C TRP A 107 5.54 -1.36 -11.23
N ALA A 108 6.06 -2.55 -11.47
CA ALA A 108 6.23 -3.50 -10.38
C ALA A 108 6.72 -2.81 -9.12
N LEU A 109 7.29 -1.63 -9.29
CA LEU A 109 7.78 -0.87 -8.16
C LEU A 109 6.63 -0.52 -7.21
N ALA A 110 5.44 -0.25 -7.76
CA ALA A 110 4.29 0.07 -6.92
C ALA A 110 3.97 -1.13 -6.03
N ASP A 111 4.07 -2.31 -6.63
CA ASP A 111 3.77 -3.55 -5.93
C ASP A 111 4.67 -3.80 -4.72
N LEU A 112 5.99 -3.68 -4.93
CA LEU A 112 6.93 -3.95 -3.83
C LEU A 112 6.79 -2.92 -2.71
N LEU A 113 6.68 -1.65 -3.07
CA LEU A 113 6.55 -0.61 -2.07
C LEU A 113 5.16 -0.68 -1.45
N LEU A 114 4.17 -0.95 -2.27
CA LEU A 114 2.79 -1.07 -1.80
C LEU A 114 2.70 -2.06 -0.65
N VAL A 115 3.06 -3.30 -0.95
CA VAL A 115 2.99 -4.39 0.02
C VAL A 115 3.98 -4.23 1.17
N SER A 116 5.26 -4.24 0.85
CA SER A 116 6.30 -4.14 1.87
C SER A 116 6.37 -2.75 2.53
N GLY A 117 6.19 -1.71 1.75
CA GLY A 117 6.28 -0.35 2.29
C GLY A 117 5.27 -0.07 3.39
N VAL A 118 3.99 -0.26 3.09
CA VAL A 118 2.95 0.01 4.08
C VAL A 118 3.04 -0.95 5.26
N ALA A 119 3.39 -2.20 4.99
CA ALA A 119 3.48 -3.22 6.04
C ALA A 119 4.76 -3.11 6.86
N THR A 120 5.90 -3.01 6.20
CA THR A 120 7.18 -2.94 6.90
C THR A 120 7.23 -1.79 7.90
N ALA A 121 6.73 -0.63 7.50
CA ALA A 121 6.76 0.53 8.39
C ALA A 121 5.79 0.37 9.56
N THR A 122 4.51 0.20 9.24
CA THR A 122 3.49 0.06 10.28
C THR A 122 3.66 -1.19 11.12
N THR A 123 4.02 -2.31 10.49
CA THR A 123 4.18 -3.57 11.21
C THR A 123 5.24 -3.50 12.32
N LEU A 124 6.39 -2.92 12.00
CA LEU A 124 7.46 -2.83 12.99
C LEU A 124 7.12 -1.93 14.17
N ALA A 125 6.40 -0.84 13.91
CA ALA A 125 6.06 0.11 14.97
C ALA A 125 4.93 -0.40 15.87
N TRP A 126 3.74 -0.56 15.30
CA TRP A 126 2.56 -0.98 16.07
C TRP A 126 2.69 -2.40 16.65
N HIS A 127 3.23 -3.33 15.87
CA HIS A 127 3.33 -4.71 16.34
C HIS A 127 4.15 -4.78 17.64
N ARG A 128 5.30 -4.12 17.63
CA ARG A 128 6.17 -4.12 18.79
C ARG A 128 5.52 -3.42 19.99
N VAL A 129 4.88 -2.28 19.73
CA VAL A 129 4.25 -1.53 20.81
C VAL A 129 2.90 -2.13 21.22
N SER A 130 2.02 -2.33 20.25
CA SER A 130 0.69 -2.89 20.53
C SER A 130 0.39 -4.11 19.67
N PRO A 131 0.71 -5.28 20.14
CA PRO A 131 0.45 -6.54 19.39
C PRO A 131 -1.00 -6.67 18.92
N PRO A 132 -1.97 -6.34 19.76
CA PRO A 132 -3.40 -6.47 19.36
C PRO A 132 -3.72 -5.68 18.09
N ALA A 133 -3.00 -4.57 17.89
CA ALA A 133 -3.21 -3.74 16.70
C ALA A 133 -2.89 -4.52 15.44
N ALA A 134 -1.98 -5.49 15.55
CA ALA A 134 -1.60 -6.28 14.39
C ALA A 134 -2.81 -7.01 13.82
N ARG A 135 -3.65 -7.55 14.69
CA ARG A 135 -4.85 -8.26 14.26
C ARG A 135 -5.74 -7.34 13.45
N LEU A 136 -5.82 -6.09 13.88
CA LEU A 136 -6.65 -5.10 13.22
C LEU A 136 -6.24 -4.95 11.76
N LEU A 137 -4.94 -5.08 11.50
CA LEU A 137 -4.40 -4.93 10.15
C LEU A 137 -4.91 -6.02 9.21
N TYR A 138 -5.65 -6.99 9.74
CA TYR A 138 -6.17 -8.10 8.94
C TYR A 138 -6.30 -7.74 7.44
N PRO A 139 -6.98 -6.68 7.08
CA PRO A 139 -7.15 -6.29 5.64
C PRO A 139 -5.82 -6.09 4.90
N TYR A 140 -4.79 -5.71 5.64
CA TYR A 140 -3.48 -5.45 5.03
C TYR A 140 -2.96 -6.69 4.29
N LEU A 141 -3.08 -7.86 4.89
CA LEU A 141 -2.60 -9.08 4.25
C LEU A 141 -3.47 -9.50 3.06
N ALA A 142 -4.79 -9.40 3.22
CA ALA A 142 -5.70 -9.82 2.15
C ALA A 142 -5.56 -8.94 0.91
N TRP A 143 -5.56 -7.63 1.11
CA TRP A 143 -5.42 -6.70 0.00
C TRP A 143 -4.04 -6.84 -0.66
N LEU A 144 -3.00 -6.82 0.16
CA LEU A 144 -1.64 -6.95 -0.35
C LEU A 144 -1.38 -8.32 -0.94
N ALA A 145 -2.00 -9.35 -0.37
CA ALA A 145 -1.80 -10.70 -0.87
C ALA A 145 -2.25 -10.79 -2.32
N PHE A 146 -3.33 -10.08 -2.64
CA PHE A 146 -3.87 -10.09 -4.00
C PHE A 146 -2.95 -9.43 -5.01
N THR A 147 -2.39 -8.27 -4.67
CA THR A 147 -1.51 -7.58 -5.60
C THR A 147 -0.34 -8.45 -6.02
N THR A 148 0.23 -9.18 -5.08
CA THR A 148 1.36 -10.04 -5.39
C THR A 148 1.00 -11.09 -6.43
N VAL A 149 -0.13 -11.75 -6.23
CA VAL A 149 -0.57 -12.78 -7.18
C VAL A 149 -0.98 -12.18 -8.53
N LEU A 150 -1.71 -11.08 -8.47
CA LEU A 150 -2.17 -10.42 -9.69
C LEU A 150 -1.00 -9.86 -10.51
N ASN A 151 -0.03 -9.25 -9.84
CA ASN A 151 1.11 -8.68 -10.55
C ASN A 151 1.88 -9.73 -11.35
N TYR A 152 2.05 -10.92 -10.79
CA TYR A 152 2.79 -11.96 -11.50
C TYR A 152 2.07 -12.40 -12.77
N TYR A 153 0.75 -12.49 -12.71
CA TYR A 153 0.00 -12.93 -13.89
C TYR A 153 0.28 -12.03 -15.10
N VAL A 154 0.25 -10.72 -14.88
CA VAL A 154 0.49 -9.77 -15.97
C VAL A 154 1.95 -9.73 -16.41
N TRP A 155 2.87 -9.67 -15.44
CA TRP A 155 4.30 -9.57 -15.76
C TRP A 155 4.81 -10.79 -16.53
N ARG A 156 4.32 -11.97 -16.21
CA ARG A 156 4.80 -13.17 -16.91
C ARG A 156 4.60 -13.02 -18.42
N ASP A 157 3.62 -12.21 -18.83
CA ASP A 157 3.39 -12.02 -20.26
C ASP A 157 4.68 -11.61 -20.94
N ASN A 158 5.43 -10.71 -20.29
CA ASN A 158 6.71 -10.25 -20.83
C ASN A 158 7.86 -10.77 -19.98
N SER A 159 7.52 -11.60 -18.98
CA SER A 159 8.51 -12.16 -18.08
C SER A 159 8.36 -13.68 -17.99
N GLY A 160 9.46 -14.37 -17.76
CA GLY A 160 9.44 -15.82 -17.66
C GLY A 160 10.85 -16.40 -17.70
N ARG A 161 10.95 -17.73 -17.71
CA ARG A 161 12.25 -18.38 -17.75
C ARG A 161 13.03 -17.93 -18.98
N ARG A 162 12.30 -17.74 -20.09
CA ARG A 162 12.93 -17.31 -21.33
C ARG A 162 13.69 -16.00 -21.13
N GLY A 163 13.17 -15.13 -20.27
CA GLY A 163 13.81 -13.85 -20.00
C GLY A 163 15.27 -14.04 -19.64
N GLY A 164 15.58 -15.17 -19.00
CA GLY A 164 16.95 -15.47 -18.61
C GLY A 164 17.89 -15.38 -19.81
N SER A 165 17.36 -15.68 -20.99
CA SER A 165 18.16 -15.64 -22.21
C SER A 165 18.71 -14.23 -22.44
N ARG A 166 18.01 -13.23 -21.91
CA ARG A 166 18.44 -11.85 -22.07
C ARG A 166 19.86 -11.66 -21.54
N LEU A 167 20.23 -12.44 -20.53
CA LEU A 167 21.58 -12.35 -19.97
C LEU A 167 22.50 -13.32 -20.70
N ALA A 168 23.77 -12.93 -20.85
CA ALA A 168 24.74 -13.78 -21.51
C ALA A 168 25.01 -15.02 -20.70
N GLU A 169 24.97 -16.18 -21.34
CA GLU A 169 25.21 -17.43 -20.63
C GLU A 169 25.70 -18.50 -21.60
C1 PKA B . -4.27 -3.35 -12.16
C2 PKA B . -5.66 -3.53 -11.50
C3 PKA B . -5.68 -2.75 -10.17
C4 PKA B . -6.26 -1.33 -10.34
N5 PKA B . -6.46 -3.45 -9.15
C6 PKA B . -7.60 -4.27 -9.55
C7 PKA B . -6.32 -3.12 -7.85
O8 PKA B . -7.16 -3.46 -7.01
C9 PKA B . -5.15 -2.32 -7.42
N18 PKA B . -3.88 -2.62 -7.94
C17 PKA B . -2.77 -1.87 -7.55
C10 PKA B . -5.31 -1.27 -6.52
C11 PKA B . -4.18 -0.54 -6.11
C12 PKA B . -4.33 0.51 -5.18
C16 PKA B . -2.92 -0.83 -6.62
C13 PKA B . -3.21 1.26 -4.79
C14 PKA B . -1.95 0.96 -5.31
C15 PKA B . -1.81 -0.10 -6.21
C19 PKA B . -1.44 -2.19 -8.11
C24 PKA B . -0.89 -1.38 -9.10
C23 PKA B . 0.36 -1.68 -9.64
C20 PKA B . -0.74 -3.31 -7.64
C21 PKA B . 0.51 -3.62 -8.17
C22 PKA B . 1.07 -2.81 -9.17
CL PKA B . -1.77 -0.01 -9.69
H1C PKA B . -4.37 -3.47 -13.23
H1A PKA B . -3.59 -4.10 -11.77
H1B PKA B . -3.88 -2.37 -11.94
H2A PKA B . -5.81 -4.58 -11.30
H2B PKA B . -6.42 -3.17 -12.16
H3 PKA B . -4.67 -2.66 -9.83
H4C PKA B . -6.46 -1.13 -11.38
H4A PKA B . -5.55 -0.61 -9.96
H4B PKA B . -7.18 -1.26 -9.77
H6A PKA B . -7.95 -3.94 -10.52
H6B PKA B . -8.40 -4.18 -8.83
H6C PKA B . -7.30 -5.31 -9.61
H10 PKA B . -6.28 -1.06 -6.08
H12 PKA B . -5.30 0.68 -4.72
H13 PKA B . -3.31 1.97 -3.99
H14 PKA B . -1.08 1.46 -4.93
H15 PKA B . -0.83 -0.34 -6.60
H23 PKA B . 0.76 -1.11 -10.46
H20 PKA B . -1.16 -3.90 -6.86
H21 PKA B . 1.04 -4.49 -7.82
H22 PKA B . 2.00 -3.10 -9.63
N MET A 1 -5.45 19.49 24.85
CA MET A 1 -5.56 20.01 23.50
C MET A 1 -5.67 18.87 22.48
N PRO A 2 -6.84 18.34 22.32
CA PRO A 2 -7.10 17.22 21.37
C PRO A 2 -6.66 17.56 19.95
N GLU A 3 -6.47 18.84 19.68
CA GLU A 3 -6.06 19.30 18.37
C GLU A 3 -4.84 18.51 17.88
N SER A 4 -3.94 18.19 18.80
CA SER A 4 -2.75 17.42 18.43
C SER A 4 -3.14 16.03 17.94
N TRP A 5 -4.14 15.46 18.61
CA TRP A 5 -4.63 14.12 18.26
C TRP A 5 -5.32 14.10 16.90
N VAL A 6 -6.03 15.17 16.58
CA VAL A 6 -6.77 15.26 15.33
C VAL A 6 -5.95 14.78 14.12
N PRO A 7 -4.68 15.11 14.04
CA PRO A 7 -3.84 14.67 12.91
C PRO A 7 -3.85 13.15 12.75
N ALA A 8 -4.15 12.43 13.82
CA ALA A 8 -4.18 10.97 13.75
C ALA A 8 -5.06 10.54 12.59
N VAL A 9 -6.17 11.24 12.40
CA VAL A 9 -7.07 10.92 11.31
C VAL A 9 -6.33 11.15 9.99
N GLY A 10 -5.59 12.25 9.94
CA GLY A 10 -4.81 12.59 8.76
C GLY A 10 -3.68 11.58 8.53
N LEU A 11 -3.12 11.06 9.61
CA LEU A 11 -2.03 10.09 9.51
C LEU A 11 -2.45 8.90 8.64
N THR A 12 -3.66 8.39 8.86
CA THR A 12 -4.13 7.26 8.06
C THR A 12 -4.61 7.69 6.67
N LEU A 13 -5.22 8.87 6.58
CA LEU A 13 -5.72 9.36 5.29
C LEU A 13 -4.60 9.64 4.29
N VAL A 14 -3.47 10.16 4.76
CA VAL A 14 -2.37 10.49 3.88
C VAL A 14 -1.99 9.31 2.97
N PRO A 15 -1.95 8.11 3.50
CA PRO A 15 -1.61 6.92 2.68
C PRO A 15 -2.51 6.71 1.46
N SER A 16 -3.75 7.18 1.55
CA SER A 16 -4.71 7.02 0.46
C SER A 16 -4.23 7.69 -0.82
N LEU A 17 -3.52 8.80 -0.69
CA LEU A 17 -3.04 9.53 -1.87
C LEU A 17 -2.10 8.67 -2.71
N GLY A 18 -1.26 7.89 -2.04
CA GLY A 18 -0.30 7.04 -2.74
C GLY A 18 -0.98 6.06 -3.68
N GLY A 19 -2.12 5.52 -3.26
CA GLY A 19 -2.85 4.55 -4.08
C GLY A 19 -3.56 5.18 -5.26
N PHE A 20 -4.47 6.11 -4.99
CA PHE A 20 -5.23 6.76 -6.05
C PHE A 20 -4.33 7.47 -7.07
N MET A 21 -3.36 8.23 -6.58
CA MET A 21 -2.48 8.95 -7.49
C MET A 21 -1.67 8.00 -8.37
N GLY A 22 -1.21 6.90 -7.80
CA GLY A 22 -0.42 5.93 -8.54
C GLY A 22 -1.31 5.03 -9.41
N ALA A 23 -2.42 4.57 -8.83
CA ALA A 23 -3.33 3.69 -9.54
C ALA A 23 -3.99 4.42 -10.70
N TYR A 24 -4.01 5.74 -10.62
CA TYR A 24 -4.59 6.55 -11.66
C TYR A 24 -4.00 6.18 -13.02
N PHE A 25 -2.72 5.80 -13.02
CA PHE A 25 -2.03 5.45 -14.26
C PHE A 25 -2.69 4.28 -15.00
N VAL A 26 -3.01 3.22 -14.27
CA VAL A 26 -3.64 2.05 -14.90
C VAL A 26 -5.08 2.37 -15.25
N ARG A 27 -5.67 3.17 -14.40
CA ARG A 27 -7.05 3.60 -14.54
C ARG A 27 -7.31 4.38 -15.83
N GLY A 28 -6.37 5.24 -16.19
CA GLY A 28 -6.53 6.08 -17.37
C GLY A 28 -6.13 5.37 -18.67
N GLU A 29 -5.34 6.07 -19.47
CA GLU A 29 -4.89 5.53 -20.76
C GLU A 29 -4.16 4.20 -20.56
N GLY A 30 -3.59 4.02 -19.37
CA GLY A 30 -2.87 2.80 -19.08
C GLY A 30 -3.70 1.59 -19.50
N LEU A 31 -5.02 1.69 -19.37
CA LEU A 31 -5.90 0.58 -19.75
C LEU A 31 -5.57 0.12 -21.16
N ARG A 32 -5.39 1.08 -22.06
CA ARG A 32 -5.07 0.77 -23.44
C ARG A 32 -3.74 0.00 -23.50
N TRP A 33 -2.78 0.43 -22.68
CA TRP A 33 -1.48 -0.21 -22.63
C TRP A 33 -1.60 -1.68 -22.27
N TYR A 34 -2.47 -1.98 -21.31
CA TYR A 34 -2.68 -3.36 -20.87
C TYR A 34 -3.22 -4.24 -21.98
N ALA A 35 -3.87 -3.64 -22.97
CA ALA A 35 -4.43 -4.44 -24.05
C ALA A 35 -3.40 -5.46 -24.52
N GLY A 36 -2.15 -5.04 -24.63
CA GLY A 36 -1.07 -5.94 -25.04
C GLY A 36 -0.83 -6.99 -23.96
N LEU A 37 -1.01 -6.58 -22.70
CA LEU A 37 -0.82 -7.46 -21.56
C LEU A 37 -2.12 -8.16 -21.18
N GLN A 38 -2.00 -9.35 -20.61
CA GLN A 38 -3.19 -10.09 -20.20
C GLN A 38 -3.44 -9.91 -18.71
N LYS A 39 -4.68 -9.57 -18.35
CA LYS A 39 -5.04 -9.38 -16.95
C LYS A 39 -5.80 -10.60 -16.45
N PRO A 40 -5.55 -11.03 -15.24
CA PRO A 40 -6.26 -12.22 -14.67
C PRO A 40 -7.78 -12.03 -14.63
N SER A 41 -8.50 -13.04 -15.10
CA SER A 41 -9.96 -13.00 -15.12
C SER A 41 -10.56 -12.97 -13.72
N TRP A 42 -9.83 -13.53 -12.74
CA TRP A 42 -10.34 -13.60 -11.37
C TRP A 42 -10.27 -12.26 -10.64
N HIS A 43 -9.56 -11.28 -11.19
CA HIS A 43 -9.46 -9.99 -10.51
C HIS A 43 -10.81 -9.26 -10.49
N PRO A 44 -11.07 -8.50 -9.45
CA PRO A 44 -12.35 -7.73 -9.34
C PRO A 44 -12.26 -6.37 -10.05
N PRO A 45 -13.35 -5.69 -10.17
CA PRO A 45 -13.38 -4.37 -10.84
C PRO A 45 -12.34 -3.41 -10.26
N ARG A 46 -11.75 -2.59 -11.12
CA ARG A 46 -10.74 -1.64 -10.67
C ARG A 46 -11.32 -0.69 -9.62
N TRP A 47 -12.58 -0.29 -9.82
CA TRP A 47 -13.23 0.62 -8.88
C TRP A 47 -13.49 -0.05 -7.54
N THR A 48 -13.65 -1.37 -7.54
CA THR A 48 -13.91 -2.10 -6.31
C THR A 48 -12.75 -2.01 -5.33
N LEU A 49 -11.57 -2.40 -5.77
CA LEU A 49 -10.40 -2.38 -4.90
C LEU A 49 -9.86 -0.96 -4.68
N ALA A 50 -10.00 -0.11 -5.67
CA ALA A 50 -9.50 1.27 -5.53
C ALA A 50 -9.76 1.82 -4.12
N PRO A 51 -10.96 1.68 -3.61
CA PRO A 51 -11.33 2.20 -2.25
C PRO A 51 -10.70 1.40 -1.09
N ILE A 52 -9.89 0.39 -1.39
CA ILE A 52 -9.28 -0.41 -0.33
C ILE A 52 -8.73 0.47 0.77
N TRP A 53 -8.12 1.59 0.38
CA TRP A 53 -7.57 2.50 1.37
C TRP A 53 -8.65 2.87 2.37
N GLY A 54 -9.89 2.94 1.91
CA GLY A 54 -10.99 3.25 2.82
C GLY A 54 -11.08 2.19 3.90
N THR A 55 -10.90 0.93 3.49
CA THR A 55 -10.95 -0.19 4.43
C THR A 55 -9.78 -0.14 5.41
N LEU A 56 -8.57 0.02 4.87
CA LEU A 56 -7.38 0.11 5.71
C LEU A 56 -7.40 1.39 6.52
N TYR A 57 -7.98 2.44 5.93
CA TYR A 57 -8.06 3.73 6.58
C TYR A 57 -8.66 3.63 7.97
N SER A 58 -9.80 2.96 8.10
CA SER A 58 -10.43 2.83 9.39
C SER A 58 -9.61 1.92 10.31
N ALA A 59 -9.02 0.87 9.76
CA ALA A 59 -8.21 -0.03 10.56
C ALA A 59 -6.97 0.69 11.06
N MET A 60 -6.32 1.41 10.15
CA MET A 60 -5.12 2.15 10.48
C MET A 60 -5.41 3.21 11.54
N GLY A 61 -6.56 3.85 11.46
CA GLY A 61 -6.93 4.86 12.44
C GLY A 61 -7.15 4.21 13.81
N TYR A 62 -8.00 3.19 13.83
CA TYR A 62 -8.29 2.48 15.06
C TYR A 62 -7.04 1.81 15.61
N GLY A 63 -6.21 1.27 14.72
CA GLY A 63 -5.00 0.61 15.15
C GLY A 63 -4.17 1.54 16.03
N SER A 64 -4.06 2.79 15.59
CA SER A 64 -3.32 3.79 16.34
C SER A 64 -3.97 4.01 17.70
N TYR A 65 -5.29 3.84 17.76
CA TYR A 65 -6.01 4.04 19.01
C TYR A 65 -5.42 3.16 20.10
N ILE A 66 -5.21 1.88 19.78
CA ILE A 66 -4.63 0.96 20.76
C ILE A 66 -3.23 1.43 21.14
N VAL A 67 -2.47 1.84 20.14
CA VAL A 67 -1.11 2.32 20.37
C VAL A 67 -1.15 3.55 21.26
N TRP A 68 -2.13 4.42 21.01
CA TRP A 68 -2.27 5.63 21.81
C TRP A 68 -2.57 5.27 23.26
N LYS A 69 -3.36 4.21 23.47
CA LYS A 69 -3.69 3.76 24.82
C LYS A 69 -2.45 3.37 25.61
N GLU A 70 -1.54 2.68 24.94
CA GLU A 70 -0.31 2.22 25.58
C GLU A 70 0.54 3.40 26.03
N LEU A 71 0.62 4.43 25.18
CA LEU A 71 1.39 5.62 25.49
C LEU A 71 0.69 6.48 26.53
N GLY A 72 -0.64 6.37 26.59
CA GLY A 72 -1.42 7.15 27.53
C GLY A 72 -1.87 8.46 26.90
N GLY A 73 -1.68 8.57 25.59
CA GLY A 73 -2.07 9.77 24.86
C GLY A 73 -1.06 10.04 23.75
N PHE A 74 -1.04 11.27 23.22
CA PHE A 74 -0.10 11.61 22.17
C PHE A 74 1.09 12.33 22.78
N THR A 75 2.23 11.66 22.77
CA THR A 75 3.46 12.22 23.34
C THR A 75 4.64 12.00 22.40
N GLU A 76 5.74 12.69 22.67
CA GLU A 76 6.92 12.53 21.83
C GLU A 76 7.20 11.06 21.59
N ASP A 77 6.90 10.23 22.59
CA ASP A 77 7.10 8.80 22.46
C ASP A 77 6.32 8.26 21.26
N ALA A 78 5.13 8.82 21.05
CA ALA A 78 4.27 8.39 19.93
C ALA A 78 4.93 8.65 18.58
N MET A 79 5.80 9.66 18.53
CA MET A 79 6.47 10.00 17.29
C MET A 79 7.19 8.78 16.71
N VAL A 80 7.75 7.96 17.59
CA VAL A 80 8.48 6.78 17.14
C VAL A 80 7.59 5.84 16.32
N PRO A 81 6.35 5.61 16.72
CA PRO A 81 5.43 4.72 15.93
C PRO A 81 4.63 5.49 14.89
N LEU A 82 3.66 6.28 15.35
CA LEU A 82 2.82 7.04 14.44
C LEU A 82 3.63 8.05 13.63
N GLY A 83 4.56 8.74 14.30
CA GLY A 83 5.38 9.73 13.60
C GLY A 83 6.19 9.09 12.48
N LEU A 84 6.76 7.92 12.76
CA LEU A 84 7.54 7.19 11.76
C LEU A 84 6.67 6.85 10.56
N TYR A 85 5.42 6.48 10.84
CA TYR A 85 4.49 6.11 9.79
C TYR A 85 4.29 7.26 8.81
N THR A 86 4.15 8.47 9.34
CA THR A 86 3.95 9.64 8.49
C THR A 86 5.19 9.97 7.67
N GLY A 87 6.36 9.90 8.30
CA GLY A 87 7.60 10.23 7.62
C GLY A 87 8.09 9.13 6.69
N GLN A 88 8.31 7.94 7.23
CA GLN A 88 8.81 6.84 6.42
C GLN A 88 7.89 6.56 5.23
N LEU A 89 6.59 6.63 5.47
CA LEU A 89 5.63 6.37 4.40
C LEU A 89 5.74 7.42 3.30
N ALA A 90 5.93 8.67 3.69
CA ALA A 90 6.04 9.77 2.71
C ALA A 90 7.27 9.61 1.83
N LEU A 91 8.42 9.36 2.45
CA LEU A 91 9.65 9.19 1.69
C LEU A 91 9.53 8.01 0.74
N ASN A 92 8.89 6.94 1.20
CA ASN A 92 8.72 5.75 0.37
C ASN A 92 7.89 6.08 -0.86
N TRP A 93 6.85 6.88 -0.69
CA TRP A 93 5.99 7.26 -1.81
C TRP A 93 6.79 7.98 -2.89
N ALA A 94 7.85 8.67 -2.48
CA ALA A 94 8.69 9.42 -3.43
C ALA A 94 9.48 8.49 -4.37
N TRP A 95 9.73 7.25 -3.93
CA TRP A 95 10.51 6.29 -4.73
C TRP A 95 9.87 5.95 -6.09
N PRO A 96 8.73 5.29 -6.09
CA PRO A 96 8.07 4.87 -7.36
C PRO A 96 8.06 5.98 -8.42
N PRO A 97 9.10 6.10 -9.18
CA PRO A 97 9.19 7.16 -10.22
C PRO A 97 8.06 7.04 -11.25
N ILE A 98 7.41 5.88 -11.29
CA ILE A 98 6.35 5.65 -12.25
C ILE A 98 5.22 6.66 -12.08
N PHE A 99 5.06 7.20 -10.89
CA PHE A 99 4.00 8.18 -10.67
C PHE A 99 4.00 9.23 -11.79
N PHE A 100 5.20 9.65 -12.17
CA PHE A 100 5.34 10.66 -13.23
C PHE A 100 4.95 10.10 -14.60
N GLY A 101 5.54 8.96 -14.98
CA GLY A 101 5.26 8.37 -16.30
C GLY A 101 4.53 7.03 -16.22
N ALA A 102 5.21 6.01 -15.71
CA ALA A 102 4.64 4.67 -15.62
C ALA A 102 4.37 4.09 -17.01
N ARG A 103 4.85 4.80 -18.02
CA ARG A 103 4.65 4.35 -19.40
C ARG A 103 5.12 2.91 -19.56
N GLN A 104 6.17 2.54 -18.84
CA GLN A 104 6.71 1.20 -18.91
C GLN A 104 6.13 0.31 -17.80
N MET A 105 6.12 -0.99 -18.06
CA MET A 105 5.61 -1.97 -17.12
C MET A 105 6.36 -1.90 -15.79
N GLY A 106 7.55 -1.31 -15.83
CA GLY A 106 8.39 -1.19 -14.65
C GLY A 106 7.60 -0.84 -13.38
N TRP A 107 6.32 -0.52 -13.54
CA TRP A 107 5.49 -0.16 -12.39
C TRP A 107 5.65 -1.11 -11.21
N ALA A 108 6.23 -2.27 -11.44
CA ALA A 108 6.39 -3.25 -10.35
C ALA A 108 6.77 -2.55 -9.05
N LEU A 109 7.36 -1.38 -9.16
CA LEU A 109 7.76 -0.63 -7.98
C LEU A 109 6.54 -0.30 -7.11
N ALA A 110 5.39 -0.04 -7.73
CA ALA A 110 4.19 0.25 -6.98
C ALA A 110 3.82 -0.94 -6.11
N ASP A 111 3.97 -2.13 -6.70
CA ASP A 111 3.65 -3.37 -6.01
C ASP A 111 4.53 -3.61 -4.79
N LEU A 112 5.84 -3.60 -5.00
CA LEU A 112 6.79 -3.84 -3.91
C LEU A 112 6.73 -2.73 -2.86
N LEU A 113 6.59 -1.50 -3.31
CA LEU A 113 6.55 -0.36 -2.41
C LEU A 113 5.27 -0.31 -1.57
N LEU A 114 4.12 -0.49 -2.21
CA LEU A 114 2.87 -0.41 -1.47
C LEU A 114 2.65 -1.62 -0.58
N VAL A 115 3.07 -2.80 -1.04
CA VAL A 115 2.90 -4.00 -0.25
C VAL A 115 3.84 -4.02 0.95
N SER A 116 5.13 -4.01 0.68
CA SER A 116 6.14 -4.04 1.74
C SER A 116 6.20 -2.73 2.53
N GLY A 117 6.08 -1.61 1.84
CA GLY A 117 6.17 -0.31 2.50
C GLY A 117 5.11 -0.13 3.59
N VAL A 118 3.85 -0.37 3.24
CA VAL A 118 2.78 -0.20 4.22
C VAL A 118 2.90 -1.21 5.37
N ALA A 119 3.34 -2.42 5.04
CA ALA A 119 3.47 -3.46 6.06
C ALA A 119 4.70 -3.28 6.95
N THR A 120 5.87 -3.15 6.32
CA THR A 120 7.12 -3.01 7.07
C THR A 120 7.10 -1.82 8.03
N ALA A 121 6.56 -0.70 7.59
CA ALA A 121 6.53 0.48 8.44
C ALA A 121 5.55 0.32 9.60
N THR A 122 4.30 0.01 9.27
CA THR A 122 3.26 -0.14 10.29
C THR A 122 3.51 -1.35 11.20
N THR A 123 3.93 -2.47 10.61
CA THR A 123 4.15 -3.68 11.39
C THR A 123 5.19 -3.48 12.49
N LEU A 124 6.30 -2.86 12.16
CA LEU A 124 7.37 -2.63 13.14
C LEU A 124 7.00 -1.60 14.20
N ALA A 125 6.21 -0.60 13.83
CA ALA A 125 5.87 0.46 14.77
C ALA A 125 4.77 0.07 15.77
N TRP A 126 3.57 -0.20 15.25
CA TRP A 126 2.43 -0.52 16.11
C TRP A 126 2.59 -1.83 16.89
N HIS A 127 3.08 -2.87 16.24
CA HIS A 127 3.21 -4.16 16.91
C HIS A 127 4.10 -4.08 18.14
N ARG A 128 5.20 -3.35 18.06
CA ARG A 128 6.10 -3.24 19.19
C ARG A 128 5.39 -2.61 20.40
N VAL A 129 4.62 -1.56 20.15
CA VAL A 129 3.89 -0.89 21.23
C VAL A 129 2.61 -1.65 21.59
N SER A 130 1.85 -2.03 20.56
CA SER A 130 0.60 -2.75 20.78
C SER A 130 0.47 -3.92 19.80
N PRO A 131 0.87 -5.09 20.20
CA PRO A 131 0.77 -6.30 19.33
C PRO A 131 -0.64 -6.55 18.81
N PRO A 132 -1.66 -6.34 19.61
CA PRO A 132 -3.06 -6.59 19.14
C PRO A 132 -3.41 -5.81 17.87
N ALA A 133 -2.76 -4.67 17.67
CA ALA A 133 -3.01 -3.86 16.49
C ALA A 133 -2.71 -4.65 15.23
N ALA A 134 -1.71 -5.53 15.33
CA ALA A 134 -1.33 -6.35 14.18
C ALA A 134 -2.52 -7.20 13.73
N ARG A 135 -3.27 -7.73 14.70
CA ARG A 135 -4.45 -8.53 14.37
C ARG A 135 -5.46 -7.72 13.59
N LEU A 136 -5.62 -6.47 13.98
CA LEU A 136 -6.56 -5.59 13.31
C LEU A 136 -6.30 -5.53 11.82
N LEU A 137 -5.03 -5.56 11.46
CA LEU A 137 -4.63 -5.46 10.06
C LEU A 137 -5.07 -6.64 9.21
N TYR A 138 -5.98 -7.48 9.70
CA TYR A 138 -6.40 -8.64 8.90
C TYR A 138 -6.72 -8.29 7.43
N PRO A 139 -7.40 -7.20 7.12
CA PRO A 139 -7.72 -6.94 5.68
C PRO A 139 -6.49 -6.64 4.84
N TYR A 140 -5.40 -6.24 5.51
CA TYR A 140 -4.17 -5.91 4.80
C TYR A 140 -3.64 -7.12 4.03
N LEU A 141 -3.75 -8.30 4.61
CA LEU A 141 -3.26 -9.51 3.95
C LEU A 141 -4.05 -9.82 2.69
N ALA A 142 -5.37 -9.61 2.74
CA ALA A 142 -6.21 -9.91 1.59
C ALA A 142 -5.89 -9.02 0.39
N TRP A 143 -5.79 -7.72 0.64
CA TRP A 143 -5.48 -6.77 -0.43
C TRP A 143 -4.05 -6.96 -0.95
N LEU A 144 -3.07 -6.96 -0.04
CA LEU A 144 -1.68 -7.13 -0.46
C LEU A 144 -1.45 -8.51 -1.08
N ALA A 145 -2.15 -9.52 -0.59
CA ALA A 145 -1.97 -10.87 -1.11
C ALA A 145 -2.32 -10.91 -2.61
N PHE A 146 -3.46 -10.32 -2.95
CA PHE A 146 -3.90 -10.27 -4.34
C PHE A 146 -2.93 -9.47 -5.19
N THR A 147 -2.44 -8.37 -4.63
CA THR A 147 -1.52 -7.50 -5.35
C THR A 147 -0.28 -8.26 -5.82
N THR A 148 0.29 -9.09 -4.94
CA THR A 148 1.48 -9.85 -5.29
C THR A 148 1.20 -10.84 -6.43
N VAL A 149 0.12 -11.59 -6.30
CA VAL A 149 -0.26 -12.56 -7.33
C VAL A 149 -0.72 -11.85 -8.60
N LEU A 150 -1.49 -10.79 -8.41
CA LEU A 150 -2.02 -10.00 -9.52
C LEU A 150 -0.90 -9.52 -10.45
N ASN A 151 0.08 -8.84 -9.87
CA ASN A 151 1.20 -8.32 -10.65
C ASN A 151 1.98 -9.46 -11.29
N TYR A 152 2.10 -10.56 -10.55
CA TYR A 152 2.82 -11.73 -11.03
C TYR A 152 2.23 -12.26 -12.33
N TYR A 153 0.90 -12.30 -12.42
CA TYR A 153 0.25 -12.81 -13.62
C TYR A 153 0.57 -11.92 -14.83
N VAL A 154 0.45 -10.61 -14.65
CA VAL A 154 0.70 -9.67 -15.75
C VAL A 154 2.18 -9.63 -16.12
N TRP A 155 3.04 -9.48 -15.12
CA TRP A 155 4.48 -9.41 -15.37
C TRP A 155 5.02 -10.69 -15.98
N ARG A 156 4.52 -11.84 -15.52
CA ARG A 156 5.00 -13.11 -16.04
C ARG A 156 4.79 -13.21 -17.55
N ASP A 157 3.67 -12.67 -18.03
CA ASP A 157 3.38 -12.72 -19.47
C ASP A 157 4.47 -12.02 -20.28
N ASN A 158 4.91 -10.86 -19.82
CA ASN A 158 5.96 -10.12 -20.52
C ASN A 158 7.33 -10.54 -20.01
N SER A 159 7.48 -10.55 -18.69
CA SER A 159 8.74 -10.93 -18.07
C SER A 159 9.07 -12.38 -18.39
N GLY A 160 8.03 -13.17 -18.68
CA GLY A 160 8.22 -14.58 -19.00
C GLY A 160 9.24 -14.75 -20.11
N ARG A 161 9.34 -13.75 -20.98
CA ARG A 161 10.28 -13.79 -22.10
C ARG A 161 11.69 -14.05 -21.58
N ARG A 162 11.99 -13.53 -20.40
CA ARG A 162 13.30 -13.70 -19.80
C ARG A 162 13.62 -15.18 -19.64
N GLY A 163 12.58 -15.97 -19.36
CA GLY A 163 12.75 -17.41 -19.18
C GLY A 163 12.75 -18.14 -20.51
N GLY A 164 12.79 -19.47 -20.46
CA GLY A 164 12.80 -20.28 -21.67
C GLY A 164 11.90 -21.49 -21.51
N SER A 165 11.82 -22.32 -22.55
CA SER A 165 11.00 -23.51 -22.52
C SER A 165 11.85 -24.77 -22.67
N ARG A 166 11.41 -25.86 -22.05
CA ARG A 166 12.15 -27.11 -22.12
C ARG A 166 12.35 -27.56 -23.56
N LEU A 167 11.38 -27.26 -24.43
CA LEU A 167 11.51 -27.62 -25.84
C LEU A 167 12.10 -26.47 -26.63
N ALA A 168 12.94 -26.78 -27.61
CA ALA A 168 13.56 -25.76 -28.44
C ALA A 168 12.65 -25.42 -29.61
N GLU A 169 12.23 -24.17 -29.69
CA GLU A 169 11.36 -23.73 -30.77
C GLU A 169 11.50 -22.24 -31.02
C1 PKA B . -4.44 -3.05 -12.14
C2 PKA B . -5.77 -3.26 -11.39
C3 PKA B . -5.67 -2.63 -9.98
C4 PKA B . -6.36 -1.27 -9.91
N5 PKA B . -6.26 -3.52 -8.96
C6 PKA B . -7.53 -4.17 -9.24
C7 PKA B . -5.78 -3.53 -7.71
O8 PKA B . -6.20 -4.33 -6.88
C9 PKA B . -4.70 -2.60 -7.33
N18 PKA B . -3.49 -2.63 -8.01
C17 PKA B . -2.47 -1.75 -7.69
C10 PKA B . -4.90 -1.67 -6.30
C11 PKA B . -3.86 -0.79 -5.95
C12 PKA B . -4.05 0.13 -4.91
C16 PKA B . -2.65 -0.83 -6.64
C13 PKA B . -3.02 1.01 -4.57
C14 PKA B . -1.81 0.98 -5.25
C15 PKA B . -1.61 0.05 -6.29
C19 PKA B . -1.20 -1.81 -8.44
C24 PKA B . -0.78 -0.71 -9.19
C23 PKA B . 0.43 -0.77 -9.90
C20 PKA B . -0.41 -2.96 -8.39
C21 PKA B . 0.79 -3.03 -9.09
C22 PKA B . 1.21 -1.94 -9.86
CL PKA B . -1.75 0.73 -9.25
H1C PKA B . -3.74 -3.81 -11.84
H1A PKA B . -4.04 -2.08 -11.90
H1B PKA B . -4.62 -3.13 -13.20
H2A PKA B . -5.98 -4.31 -11.29
H2B PKA B . -6.57 -2.79 -11.93
H3 PKA B . -4.63 -2.49 -9.76
H4C PKA B . -7.32 -1.33 -10.41
H4A PKA B . -5.75 -0.54 -10.40
H4B PKA B . -6.51 -1.00 -8.88
H6A PKA B . -8.23 -3.92 -8.46
H6B PKA B . -7.39 -5.23 -9.27
H6C PKA B . -7.92 -3.83 -10.20
H10 PKA B . -5.82 -1.69 -5.73
H12 PKA B . -4.97 0.12 -4.34
H13 PKA B . -3.14 1.68 -3.73
H14 PKA B . -1.00 1.64 -4.98
H15 PKA B . -0.68 0.03 -6.82
H23 PKA B . 0.68 0.02 -10.59
H20 PKA B . -0.70 -3.78 -7.75
H21 PKA B . 1.36 -3.94 -9.10
H22 PKA B . 2.05 -2.04 -10.52
N MET A 1 -6.94 17.63 25.66
CA MET A 1 -6.18 18.08 24.51
C MET A 1 -6.32 17.09 23.35
N PRO A 2 -7.53 16.75 23.02
CA PRO A 2 -7.81 15.78 21.90
C PRO A 2 -7.20 16.25 20.58
N GLU A 3 -6.92 17.54 20.49
CA GLU A 3 -6.35 18.09 19.26
C GLU A 3 -5.12 17.30 18.85
N SER A 4 -4.39 16.76 19.83
CA SER A 4 -3.19 16.00 19.54
C SER A 4 -3.50 14.77 18.69
N TRP A 5 -4.60 14.08 19.01
CA TRP A 5 -4.99 12.88 18.25
C TRP A 5 -5.55 13.23 16.87
N VAL A 6 -6.23 14.36 16.78
CA VAL A 6 -6.85 14.79 15.52
C VAL A 6 -5.95 14.53 14.31
N PRO A 7 -4.70 14.94 14.34
CA PRO A 7 -3.80 14.71 13.17
C PRO A 7 -3.71 13.24 12.78
N ALA A 8 -4.03 12.35 13.71
CA ALA A 8 -3.96 10.92 13.45
C ALA A 8 -4.74 10.58 12.18
N VAL A 9 -5.83 11.31 11.95
CA VAL A 9 -6.62 11.08 10.76
C VAL A 9 -5.74 11.32 9.53
N GLY A 10 -4.93 12.37 9.61
CA GLY A 10 -4.03 12.72 8.51
C GLY A 10 -3.04 11.58 8.23
N LEU A 11 -2.59 10.91 9.28
CA LEU A 11 -1.65 9.81 9.12
C LEU A 11 -2.21 8.73 8.21
N THR A 12 -3.50 8.41 8.37
CA THR A 12 -4.11 7.38 7.54
C THR A 12 -4.47 7.91 6.15
N LEU A 13 -4.91 9.16 6.06
CA LEU A 13 -5.28 9.75 4.76
C LEU A 13 -4.10 9.90 3.82
N VAL A 14 -2.94 10.24 4.36
CA VAL A 14 -1.75 10.46 3.55
C VAL A 14 -1.44 9.28 2.61
N PRO A 15 -1.30 8.09 3.13
CA PRO A 15 -0.98 6.91 2.26
C PRO A 15 -2.03 6.66 1.17
N SER A 16 -3.29 6.93 1.48
CA SER A 16 -4.35 6.72 0.51
C SER A 16 -4.14 7.58 -0.75
N LEU A 17 -3.64 8.78 -0.55
CA LEU A 17 -3.41 9.69 -1.67
C LEU A 17 -2.37 9.14 -2.65
N GLY A 18 -1.32 8.52 -2.11
CA GLY A 18 -0.27 7.96 -2.96
C GLY A 18 -0.78 6.82 -3.83
N GLY A 19 -1.49 5.89 -3.20
CA GLY A 19 -2.02 4.73 -3.92
C GLY A 19 -3.03 5.13 -5.00
N PHE A 20 -3.85 6.14 -4.70
CA PHE A 20 -4.86 6.58 -5.65
C PHE A 20 -4.23 7.03 -6.97
N MET A 21 -3.17 7.82 -6.89
CA MET A 21 -2.50 8.30 -8.08
C MET A 21 -1.94 7.16 -8.92
N GLY A 22 -1.41 6.14 -8.24
CA GLY A 22 -0.83 4.99 -8.93
C GLY A 22 -1.89 4.21 -9.70
N ALA A 23 -3.03 3.97 -9.04
CA ALA A 23 -4.12 3.23 -9.67
C ALA A 23 -4.77 4.04 -10.78
N TYR A 24 -4.69 5.36 -10.67
CA TYR A 24 -5.27 6.23 -11.68
C TYR A 24 -4.67 5.90 -13.05
N PHE A 25 -3.39 5.54 -13.07
CA PHE A 25 -2.69 5.22 -14.32
C PHE A 25 -3.32 4.03 -15.03
N VAL A 26 -3.60 2.97 -14.29
CA VAL A 26 -4.19 1.77 -14.89
C VAL A 26 -5.65 2.05 -15.23
N ARG A 27 -6.26 2.87 -14.39
CA ARG A 27 -7.65 3.26 -14.53
C ARG A 27 -7.91 4.03 -15.83
N GLY A 28 -6.98 4.91 -16.19
CA GLY A 28 -7.14 5.74 -17.37
C GLY A 28 -6.68 5.06 -18.65
N GLU A 29 -5.84 5.75 -19.41
CA GLU A 29 -5.34 5.24 -20.68
C GLU A 29 -4.65 3.89 -20.47
N GLY A 30 -4.10 3.68 -19.28
CA GLY A 30 -3.41 2.43 -18.99
C GLY A 30 -4.25 1.24 -19.45
N LEU A 31 -5.57 1.38 -19.39
CA LEU A 31 -6.44 0.28 -19.81
C LEU A 31 -6.07 -0.21 -21.21
N ARG A 32 -5.84 0.74 -22.11
CA ARG A 32 -5.46 0.41 -23.48
C ARG A 32 -4.10 -0.27 -23.53
N TRP A 33 -3.18 0.23 -22.72
CA TRP A 33 -1.82 -0.29 -22.68
C TRP A 33 -1.78 -1.78 -22.33
N TYR A 34 -2.67 -2.21 -21.44
CA TYR A 34 -2.70 -3.62 -21.04
C TYR A 34 -3.05 -4.53 -22.21
N ALA A 35 -3.71 -4.00 -23.22
CA ALA A 35 -4.10 -4.83 -24.35
C ALA A 35 -2.91 -5.72 -24.74
N GLY A 36 -1.72 -5.14 -24.74
CA GLY A 36 -0.51 -5.91 -25.05
C GLY A 36 -0.20 -6.90 -23.93
N LEU A 37 -0.55 -6.51 -22.71
CA LEU A 37 -0.31 -7.33 -21.53
C LEU A 37 -1.52 -8.21 -21.22
N GLN A 38 -1.28 -9.33 -20.55
CA GLN A 38 -2.37 -10.22 -20.18
C GLN A 38 -2.69 -10.04 -18.69
N LYS A 39 -3.95 -9.83 -18.36
CA LYS A 39 -4.36 -9.65 -16.96
C LYS A 39 -5.01 -10.93 -16.45
N PRO A 40 -4.82 -11.27 -15.21
CA PRO A 40 -5.44 -12.49 -14.64
C PRO A 40 -6.96 -12.47 -14.79
N SER A 41 -7.53 -13.59 -15.20
CA SER A 41 -8.96 -13.69 -15.41
C SER A 41 -9.75 -13.51 -14.12
N TRP A 42 -9.13 -13.82 -12.99
CA TRP A 42 -9.83 -13.69 -11.71
C TRP A 42 -9.86 -12.24 -11.23
N HIS A 43 -9.19 -11.35 -11.97
CA HIS A 43 -9.16 -9.94 -11.60
C HIS A 43 -10.59 -9.39 -11.44
N PRO A 44 -10.88 -8.71 -10.35
CA PRO A 44 -12.25 -8.13 -10.12
C PRO A 44 -12.36 -6.73 -10.73
N PRO A 45 -13.54 -6.16 -10.77
CA PRO A 45 -13.69 -4.81 -11.35
C PRO A 45 -12.68 -3.84 -10.76
N ARG A 46 -12.10 -3.00 -11.61
CA ARG A 46 -11.09 -2.04 -11.14
C ARG A 46 -11.67 -1.11 -10.08
N TRP A 47 -12.94 -0.74 -10.24
CA TRP A 47 -13.59 0.15 -9.29
C TRP A 47 -13.90 -0.55 -7.97
N THR A 48 -13.92 -1.88 -7.97
CA THR A 48 -14.22 -2.63 -6.76
C THR A 48 -13.11 -2.47 -5.71
N LEU A 49 -11.91 -2.93 -6.03
CA LEU A 49 -10.79 -2.83 -5.09
C LEU A 49 -10.29 -1.40 -4.94
N ALA A 50 -10.35 -0.61 -6.00
CA ALA A 50 -9.87 0.77 -5.93
C ALA A 50 -10.19 1.42 -4.57
N PRO A 51 -11.42 1.34 -4.12
CA PRO A 51 -11.83 1.96 -2.81
C PRO A 51 -11.27 1.25 -1.57
N ILE A 52 -10.45 0.21 -1.76
CA ILE A 52 -9.89 -0.51 -0.61
C ILE A 52 -9.39 0.45 0.45
N TRP A 53 -8.78 1.55 0.02
CA TRP A 53 -8.25 2.53 0.94
C TRP A 53 -9.31 2.94 1.96
N GLY A 54 -10.58 2.89 1.56
CA GLY A 54 -11.65 3.26 2.46
C GLY A 54 -11.59 2.41 3.73
N THR A 55 -11.38 1.10 3.57
CA THR A 55 -11.30 0.20 4.72
C THR A 55 -9.97 0.37 5.45
N LEU A 56 -8.88 0.44 4.71
CA LEU A 56 -7.56 0.64 5.33
C LEU A 56 -7.51 2.00 6.01
N TYR A 57 -8.21 2.96 5.43
CA TYR A 57 -8.24 4.32 5.95
C TYR A 57 -8.69 4.35 7.42
N SER A 58 -9.88 3.83 7.67
CA SER A 58 -10.41 3.81 9.03
C SER A 58 -9.59 2.92 9.96
N ALA A 59 -9.13 1.79 9.44
CA ALA A 59 -8.35 0.86 10.25
C ALA A 59 -7.04 1.48 10.72
N MET A 60 -6.33 2.14 9.81
CA MET A 60 -5.07 2.75 10.17
C MET A 60 -5.25 3.82 11.24
N GLY A 61 -6.35 4.57 11.17
CA GLY A 61 -6.62 5.60 12.16
C GLY A 61 -6.91 4.97 13.51
N TYR A 62 -7.87 4.05 13.53
CA TYR A 62 -8.24 3.35 14.76
C TYR A 62 -7.08 2.52 15.28
N GLY A 63 -6.33 1.88 14.40
CA GLY A 63 -5.20 1.08 14.83
C GLY A 63 -4.27 1.93 15.69
N SER A 64 -4.05 3.17 15.27
CA SER A 64 -3.20 4.08 16.01
C SER A 64 -3.84 4.42 17.36
N TYR A 65 -5.18 4.33 17.42
CA TYR A 65 -5.88 4.64 18.66
C TYR A 65 -5.33 3.76 19.77
N ILE A 66 -5.25 2.45 19.50
CA ILE A 66 -4.74 1.52 20.48
C ILE A 66 -3.29 1.79 20.85
N VAL A 67 -2.48 2.14 19.86
CA VAL A 67 -1.05 2.35 20.10
C VAL A 67 -0.76 3.41 21.17
N TRP A 68 -1.37 4.60 21.07
CA TRP A 68 -1.08 5.61 22.09
C TRP A 68 -1.71 5.28 23.43
N LYS A 69 -2.82 4.52 23.45
CA LYS A 69 -3.43 4.17 24.72
C LYS A 69 -2.45 3.40 25.58
N GLU A 70 -1.66 2.54 24.96
CA GLU A 70 -0.68 1.78 25.72
C GLU A 70 0.38 2.71 26.25
N LEU A 71 0.79 3.66 25.40
CA LEU A 71 1.79 4.65 25.79
C LEU A 71 1.21 5.65 26.78
N GLY A 72 -0.11 5.85 26.72
CA GLY A 72 -0.78 6.80 27.62
C GLY A 72 -1.13 8.10 26.91
N GLY A 73 -1.70 7.99 25.71
CA GLY A 73 -2.09 9.15 24.94
C GLY A 73 -0.95 9.63 24.06
N PHE A 74 -1.06 10.82 23.49
CA PHE A 74 0.01 11.32 22.64
C PHE A 74 1.10 11.95 23.50
N THR A 75 2.23 11.28 23.55
CA THR A 75 3.38 11.75 24.30
C THR A 75 4.61 11.74 23.40
N GLU A 76 5.67 12.41 23.81
CA GLU A 76 6.86 12.48 22.97
C GLU A 76 7.34 11.09 22.55
N ASP A 77 7.23 10.12 23.45
CA ASP A 77 7.65 8.76 23.11
C ASP A 77 6.78 8.20 21.99
N ALA A 78 5.49 8.50 22.03
CA ALA A 78 4.54 8.01 21.03
C ALA A 78 4.77 8.62 19.66
N MET A 79 5.24 9.86 19.62
CA MET A 79 5.47 10.52 18.34
C MET A 79 6.46 9.73 17.48
N VAL A 80 7.41 9.08 18.14
CA VAL A 80 8.42 8.30 17.44
C VAL A 80 7.79 7.23 16.53
N PRO A 81 6.99 6.34 17.06
CA PRO A 81 6.36 5.29 16.20
C PRO A 81 5.38 5.86 15.17
N LEU A 82 4.43 6.67 15.63
CA LEU A 82 3.47 7.27 14.72
C LEU A 82 4.17 8.20 13.73
N GLY A 83 5.13 8.98 14.24
CA GLY A 83 5.88 9.89 13.38
C GLY A 83 6.66 9.12 12.32
N LEU A 84 7.19 7.97 12.71
CA LEU A 84 7.95 7.14 11.79
C LEU A 84 7.10 6.77 10.58
N TYR A 85 5.83 6.46 10.82
CA TYR A 85 4.94 6.09 9.73
C TYR A 85 4.82 7.22 8.72
N THR A 86 4.64 8.44 9.22
CA THR A 86 4.52 9.60 8.34
C THR A 86 5.84 9.90 7.64
N GLY A 87 6.94 9.78 8.39
CA GLY A 87 8.26 10.06 7.84
C GLY A 87 8.76 8.94 6.92
N GLN A 88 8.79 7.72 7.44
CA GLN A 88 9.28 6.59 6.65
C GLN A 88 8.46 6.44 5.36
N LEU A 89 7.15 6.60 5.47
CA LEU A 89 6.30 6.47 4.30
C LEU A 89 6.67 7.52 3.25
N ALA A 90 7.02 8.71 3.71
CA ALA A 90 7.41 9.79 2.80
C ALA A 90 8.68 9.41 2.05
N LEU A 91 9.67 8.91 2.78
CA LEU A 91 10.90 8.50 2.13
C LEU A 91 10.58 7.43 1.11
N ASN A 92 9.66 6.54 1.50
CA ASN A 92 9.22 5.47 0.63
C ASN A 92 8.52 6.04 -0.61
N TRP A 93 7.75 7.12 -0.41
CA TRP A 93 7.03 7.75 -1.52
C TRP A 93 8.00 8.10 -2.64
N ALA A 94 9.22 8.42 -2.28
CA ALA A 94 10.23 8.77 -3.29
C ALA A 94 10.56 7.57 -4.19
N TRP A 95 10.44 6.36 -3.66
CA TRP A 95 10.78 5.15 -4.42
C TRP A 95 10.01 5.03 -5.75
N PRO A 96 8.70 5.04 -5.74
CA PRO A 96 7.93 4.89 -7.02
C PRO A 96 8.31 5.91 -8.08
N PRO A 97 8.58 5.48 -9.29
CA PRO A 97 8.92 6.41 -10.39
C PRO A 97 7.76 6.50 -11.39
N ILE A 98 6.96 5.44 -11.40
CA ILE A 98 5.81 5.32 -12.31
C ILE A 98 4.78 6.43 -12.10
N PHE A 99 4.69 6.97 -10.88
CA PHE A 99 3.72 8.02 -10.61
C PHE A 99 3.91 9.19 -11.57
N PHE A 100 5.16 9.59 -11.78
CA PHE A 100 5.47 10.70 -12.66
C PHE A 100 5.10 10.40 -14.12
N GLY A 101 5.56 9.24 -14.61
CA GLY A 101 5.28 8.85 -15.99
C GLY A 101 4.37 7.62 -16.06
N ALA A 102 4.83 6.54 -15.43
CA ALA A 102 4.07 5.29 -15.42
C ALA A 102 3.87 4.76 -16.84
N ARG A 103 4.36 5.50 -17.82
CA ARG A 103 4.23 5.08 -19.21
C ARG A 103 4.79 3.68 -19.40
N GLN A 104 5.85 3.37 -18.65
CA GLN A 104 6.49 2.07 -18.74
C GLN A 104 5.82 1.03 -17.83
N MET A 105 6.04 -0.24 -18.18
CA MET A 105 5.49 -1.36 -17.44
C MET A 105 5.92 -1.34 -15.98
N GLY A 106 6.92 -0.51 -15.65
CA GLY A 106 7.43 -0.42 -14.28
C GLY A 106 6.29 -0.40 -13.24
N TRP A 107 5.05 -0.42 -13.70
CA TRP A 107 3.90 -0.41 -12.81
C TRP A 107 4.10 -1.35 -11.62
N ALA A 108 4.98 -2.33 -11.77
CA ALA A 108 5.25 -3.28 -10.70
C ALA A 108 5.78 -2.59 -9.47
N LEU A 109 6.44 -1.48 -9.68
CA LEU A 109 7.00 -0.72 -8.57
C LEU A 109 5.90 -0.29 -7.61
N ALA A 110 4.70 -0.09 -8.12
CA ALA A 110 3.58 0.29 -7.26
C ALA A 110 3.35 -0.80 -6.22
N ASP A 111 3.53 -2.04 -6.65
CA ASP A 111 3.34 -3.20 -5.78
C ASP A 111 4.32 -3.22 -4.60
N LEU A 112 5.60 -2.94 -4.88
CA LEU A 112 6.60 -3.00 -3.83
C LEU A 112 6.35 -1.98 -2.71
N LEU A 113 6.19 -0.71 -3.07
CA LEU A 113 5.92 0.30 -2.05
C LEU A 113 4.59 0.01 -1.38
N LEU A 114 3.63 -0.37 -2.20
CA LEU A 114 2.30 -0.69 -1.72
C LEU A 114 2.36 -1.68 -0.56
N VAL A 115 2.86 -2.86 -0.86
CA VAL A 115 2.95 -3.93 0.12
C VAL A 115 3.98 -3.66 1.21
N SER A 116 5.20 -3.40 0.79
CA SER A 116 6.30 -3.15 1.72
C SER A 116 6.14 -1.85 2.49
N GLY A 117 5.79 -0.78 1.78
CA GLY A 117 5.65 0.52 2.42
C GLY A 117 4.67 0.47 3.58
N VAL A 118 3.51 -0.10 3.34
CA VAL A 118 2.48 -0.21 4.36
C VAL A 118 2.85 -1.27 5.40
N ALA A 119 3.26 -2.44 4.94
CA ALA A 119 3.59 -3.53 5.84
C ALA A 119 4.87 -3.27 6.65
N THR A 120 5.97 -2.98 5.95
CA THR A 120 7.24 -2.77 6.64
C THR A 120 7.18 -1.62 7.65
N ALA A 121 6.59 -0.50 7.26
CA ALA A 121 6.52 0.65 8.15
C ALA A 121 5.59 0.41 9.34
N THR A 122 4.34 0.12 9.05
CA THR A 122 3.35 -0.09 10.09
C THR A 122 3.65 -1.32 10.96
N THR A 123 4.08 -2.41 10.34
CA THR A 123 4.34 -3.63 11.09
C THR A 123 5.42 -3.45 12.16
N LEU A 124 6.52 -2.81 11.81
CA LEU A 124 7.60 -2.60 12.77
C LEU A 124 7.18 -1.73 13.95
N ALA A 125 6.37 -0.71 13.69
CA ALA A 125 5.95 0.20 14.74
C ALA A 125 4.77 -0.32 15.56
N TRP A 126 3.62 -0.49 14.90
CA TRP A 126 2.41 -0.94 15.58
C TRP A 126 2.51 -2.34 16.16
N HIS A 127 3.09 -3.28 15.43
CA HIS A 127 3.18 -4.65 15.92
C HIS A 127 3.94 -4.72 17.23
N ARG A 128 5.10 -4.08 17.27
CA ARG A 128 5.93 -4.09 18.48
C ARG A 128 5.24 -3.39 19.64
N VAL A 129 4.62 -2.25 19.37
CA VAL A 129 3.96 -1.48 20.41
C VAL A 129 2.59 -2.04 20.79
N SER A 130 1.77 -2.34 19.78
CA SER A 130 0.42 -2.85 20.02
C SER A 130 0.09 -4.05 19.15
N PRO A 131 0.38 -5.24 19.62
CA PRO A 131 0.09 -6.48 18.84
C PRO A 131 -1.38 -6.58 18.43
N PRO A 132 -2.31 -6.25 19.30
CA PRO A 132 -3.75 -6.35 18.94
C PRO A 132 -4.10 -5.51 17.72
N ALA A 133 -3.34 -4.44 17.51
CA ALA A 133 -3.57 -3.56 16.38
C ALA A 133 -3.38 -4.34 15.08
N ALA A 134 -2.49 -5.32 15.11
CA ALA A 134 -2.23 -6.12 13.92
C ALA A 134 -3.51 -6.85 13.48
N ARG A 135 -4.30 -7.30 14.46
CA ARG A 135 -5.55 -7.98 14.14
C ARG A 135 -6.45 -7.08 13.30
N LEU A 136 -6.44 -5.80 13.64
CA LEU A 136 -7.24 -4.83 12.92
C LEU A 136 -6.85 -4.77 11.45
N LEU A 137 -5.55 -4.92 11.20
CA LEU A 137 -5.02 -4.86 9.85
C LEU A 137 -5.48 -6.04 9.00
N TYR A 138 -6.18 -6.98 9.61
CA TYR A 138 -6.66 -8.17 8.88
C TYR A 138 -6.80 -7.92 7.37
N PRO A 139 -7.61 -6.97 6.96
CA PRO A 139 -7.79 -6.70 5.49
C PRO A 139 -6.49 -6.27 4.80
N TYR A 140 -5.60 -5.61 5.54
CA TYR A 140 -4.35 -5.15 4.94
C TYR A 140 -3.58 -6.31 4.33
N LEU A 141 -3.49 -7.42 5.06
CA LEU A 141 -2.78 -8.59 4.54
C LEU A 141 -3.48 -9.16 3.32
N ALA A 142 -4.80 -9.19 3.36
CA ALA A 142 -5.58 -9.74 2.25
C ALA A 142 -5.40 -8.90 0.99
N TRP A 143 -5.50 -7.58 1.14
CA TRP A 143 -5.34 -6.69 0.00
C TRP A 143 -3.92 -6.79 -0.56
N LEU A 144 -2.93 -6.76 0.32
CA LEU A 144 -1.54 -6.88 -0.12
C LEU A 144 -1.24 -8.28 -0.65
N ALA A 145 -1.82 -9.30 -0.02
CA ALA A 145 -1.59 -10.67 -0.47
C ALA A 145 -2.09 -10.86 -1.90
N PHE A 146 -3.27 -10.34 -2.17
CA PHE A 146 -3.86 -10.42 -3.49
C PHE A 146 -3.03 -9.67 -4.51
N THR A 147 -2.60 -8.48 -4.13
CA THR A 147 -1.83 -7.65 -5.02
C THR A 147 -0.50 -8.31 -5.39
N THR A 148 0.16 -8.91 -4.40
CA THR A 148 1.44 -9.53 -4.65
C THR A 148 1.35 -10.60 -5.73
N VAL A 149 0.38 -11.50 -5.60
CA VAL A 149 0.20 -12.55 -6.58
C VAL A 149 -0.30 -11.98 -7.90
N LEU A 150 -1.23 -11.04 -7.80
CA LEU A 150 -1.82 -10.40 -8.97
C LEU A 150 -0.77 -9.69 -9.83
N ASN A 151 0.12 -8.96 -9.18
CA ASN A 151 1.15 -8.21 -9.89
C ASN A 151 2.12 -9.12 -10.65
N TYR A 152 2.52 -10.23 -10.05
CA TYR A 152 3.45 -11.14 -10.73
C TYR A 152 2.80 -11.75 -11.97
N TYR A 153 1.51 -12.05 -11.88
CA TYR A 153 0.83 -12.66 -13.02
C TYR A 153 0.97 -11.77 -14.25
N VAL A 154 0.76 -10.47 -14.09
CA VAL A 154 0.88 -9.55 -15.22
C VAL A 154 2.32 -9.43 -15.71
N TRP A 155 3.26 -9.26 -14.78
CA TRP A 155 4.66 -9.12 -15.15
C TRP A 155 5.21 -10.40 -15.80
N ARG A 156 4.90 -11.55 -15.21
CA ARG A 156 5.38 -12.82 -15.75
C ARG A 156 4.85 -13.04 -17.15
N ASP A 157 3.64 -12.56 -17.43
CA ASP A 157 3.06 -12.74 -18.76
C ASP A 157 4.05 -12.25 -19.81
N ASN A 158 4.71 -11.13 -19.52
CA ASN A 158 5.70 -10.57 -20.43
C ASN A 158 7.10 -10.98 -20.01
N SER A 159 7.45 -10.67 -18.77
CA SER A 159 8.77 -10.99 -18.22
C SER A 159 9.01 -12.50 -18.16
N GLY A 160 7.94 -13.28 -18.14
CA GLY A 160 8.07 -14.74 -18.07
C GLY A 160 9.06 -15.24 -19.11
N ARG A 161 9.17 -14.50 -20.21
CA ARG A 161 10.08 -14.88 -21.28
C ARG A 161 11.51 -15.02 -20.74
N ARG A 162 11.81 -14.24 -19.71
CA ARG A 162 13.14 -14.28 -19.09
C ARG A 162 13.04 -14.73 -17.64
N GLY A 163 14.07 -15.45 -17.18
CA GLY A 163 14.11 -15.95 -15.81
C GLY A 163 15.44 -15.62 -15.16
N GLY A 164 15.77 -14.33 -15.12
CA GLY A 164 17.02 -13.89 -14.53
C GLY A 164 16.94 -13.86 -13.01
N SER A 165 18.02 -13.39 -12.39
CA SER A 165 18.07 -13.31 -10.93
C SER A 165 17.11 -12.24 -10.41
N ARG A 166 16.80 -12.32 -9.11
CA ARG A 166 15.89 -11.35 -8.49
C ARG A 166 16.41 -9.92 -8.68
N LEU A 167 17.73 -9.76 -8.68
CA LEU A 167 18.32 -8.43 -8.86
C LEU A 167 18.66 -8.20 -10.32
N ALA A 168 18.53 -6.95 -10.77
CA ALA A 168 18.82 -6.61 -12.15
C ALA A 168 19.61 -5.31 -12.20
N GLU A 169 20.47 -5.20 -13.20
CA GLU A 169 21.28 -4.01 -13.36
C GLU A 169 21.74 -3.48 -12.01
C1 PKA B . -5.14 -3.29 -12.23
C2 PKA B . -6.42 -3.56 -11.43
C3 PKA B . -6.32 -2.89 -10.05
C4 PKA B . -7.05 -1.54 -10.04
N5 PKA B . -6.91 -3.75 -9.01
C6 PKA B . -8.10 -4.53 -9.32
C7 PKA B . -6.55 -3.62 -7.72
O8 PKA B . -7.14 -4.23 -6.84
C9 PKA B . -5.44 -2.70 -7.37
N18 PKA B . -4.23 -2.78 -8.06
C17 PKA B . -3.19 -1.91 -7.74
C10 PKA B . -5.62 -1.74 -6.37
C11 PKA B . -4.56 -0.88 -6.04
C12 PKA B . -4.72 0.06 -5.01
C16 PKA B . -3.35 -0.97 -6.72
C13 PKA B . -3.67 0.93 -4.69
C14 PKA B . -2.46 0.85 -5.38
C15 PKA B . -2.30 -0.11 -6.40
C19 PKA B . -1.91 -1.99 -8.48
C24 PKA B . -1.65 -1.12 -9.54
C23 PKA B . -0.43 -1.21 -10.23
C20 PKA B . -0.96 -2.96 -8.12
C21 PKA B . 0.24 -3.05 -8.81
C22 PKA B . 0.51 -2.17 -9.87
CL PKA B . -2.82 0.07 -9.99
H1C PKA B . -4.73 -2.32 -11.98
H1A PKA B . -5.36 -3.32 -13.29
H1B PKA B . -4.40 -4.05 -12.00
H2A PKA B . -6.54 -4.63 -11.31
H2B PKA B . -7.26 -3.17 -11.96
H3 PKA B . -5.29 -2.73 -9.83
H4C PKA B . -8.03 -1.65 -10.47
H4A PKA B . -6.48 -0.82 -10.61
H4B PKA B . -7.14 -1.20 -9.02
H6A PKA B . -7.82 -5.57 -9.42
H6B PKA B . -8.54 -4.18 -10.24
H6C PKA B . -8.81 -4.43 -8.52
H10 PKA B . -6.53 -1.74 -5.78
H12 PKA B . -5.62 0.05 -4.40
H13 PKA B . -3.75 1.56 -3.83
H14 PKA B . -1.62 1.44 -5.08
H15 PKA B . -1.36 -0.19 -6.91
H23 PKA B . -0.23 -0.53 -11.04
H20 PKA B . -1.18 -3.62 -7.32
H21 PKA B . 0.97 -3.79 -8.53
H22 PKA B . 1.45 -2.24 -10.40
N MET A 1 -4.58 17.07 25.32
CA MET A 1 -5.69 17.70 24.60
C MET A 1 -6.12 16.82 23.43
N PRO A 2 -7.41 16.70 23.21
CA PRO A 2 -7.93 15.86 22.09
C PRO A 2 -7.36 16.30 20.74
N GLU A 3 -6.94 17.56 20.68
CA GLU A 3 -6.39 18.11 19.45
C GLU A 3 -5.12 17.36 19.04
N SER A 4 -4.38 16.86 20.01
CA SER A 4 -3.13 16.14 19.72
C SER A 4 -3.39 14.88 18.90
N TRP A 5 -4.43 14.14 19.25
CA TRP A 5 -4.75 12.90 18.54
C TRP A 5 -5.35 13.18 17.15
N VAL A 6 -6.09 14.28 17.05
CA VAL A 6 -6.76 14.64 15.79
C VAL A 6 -5.85 14.45 14.56
N PRO A 7 -4.61 14.86 14.62
CA PRO A 7 -3.71 14.69 13.44
C PRO A 7 -3.66 13.24 12.95
N ALA A 8 -3.99 12.31 13.83
CA ALA A 8 -3.96 10.90 13.48
C ALA A 8 -4.76 10.64 12.21
N VAL A 9 -5.82 11.42 12.01
CA VAL A 9 -6.64 11.26 10.82
C VAL A 9 -5.80 11.48 9.58
N GLY A 10 -4.94 12.49 9.64
CA GLY A 10 -4.05 12.81 8.52
C GLY A 10 -3.09 11.66 8.23
N LEU A 11 -2.63 10.99 9.29
CA LEU A 11 -1.70 9.88 9.13
C LEU A 11 -2.26 8.78 8.23
N THR A 12 -3.54 8.45 8.40
CA THR A 12 -4.15 7.40 7.59
C THR A 12 -4.48 7.91 6.17
N LEU A 13 -4.86 9.18 6.04
CA LEU A 13 -5.19 9.74 4.74
C LEU A 13 -3.97 9.83 3.82
N VAL A 14 -2.81 10.12 4.40
CA VAL A 14 -1.59 10.28 3.62
C VAL A 14 -1.40 9.16 2.59
N PRO A 15 -1.38 7.91 3.01
CA PRO A 15 -1.19 6.77 2.04
C PRO A 15 -2.28 6.70 0.97
N SER A 16 -3.49 7.15 1.30
CA SER A 16 -4.59 7.08 0.35
C SER A 16 -4.31 7.89 -0.92
N LEU A 17 -3.65 9.03 -0.77
CA LEU A 17 -3.34 9.87 -1.93
C LEU A 17 -2.43 9.15 -2.91
N GLY A 18 -1.47 8.40 -2.40
CA GLY A 18 -0.54 7.67 -3.24
C GLY A 18 -1.26 6.64 -4.10
N GLY A 19 -2.24 5.96 -3.50
CA GLY A 19 -2.99 4.94 -4.22
C GLY A 19 -3.74 5.51 -5.43
N PHE A 20 -4.35 6.67 -5.27
CA PHE A 20 -5.09 7.28 -6.38
C PHE A 20 -4.19 7.59 -7.57
N MET A 21 -3.07 8.24 -7.31
CA MET A 21 -2.15 8.59 -8.39
C MET A 21 -1.55 7.34 -9.04
N GLY A 22 -1.22 6.35 -8.22
CA GLY A 22 -0.64 5.12 -8.73
C GLY A 22 -1.65 4.30 -9.53
N ALA A 23 -2.84 4.15 -8.98
CA ALA A 23 -3.90 3.40 -9.65
C ALA A 23 -4.50 4.19 -10.80
N TYR A 24 -4.35 5.49 -10.73
CA TYR A 24 -4.86 6.37 -11.77
C TYR A 24 -4.29 5.98 -13.15
N PHE A 25 -3.03 5.55 -13.16
CA PHE A 25 -2.36 5.18 -14.40
C PHE A 25 -3.06 4.02 -15.11
N VAL A 26 -3.36 2.97 -14.37
CA VAL A 26 -4.02 1.80 -14.95
C VAL A 26 -5.49 2.11 -15.24
N ARG A 27 -6.03 2.97 -14.40
CA ARG A 27 -7.42 3.39 -14.47
C ARG A 27 -7.77 4.09 -15.79
N GLY A 28 -6.88 4.96 -16.25
CA GLY A 28 -7.14 5.73 -17.47
C GLY A 28 -6.57 5.07 -18.72
N GLU A 29 -5.82 5.86 -19.50
CA GLU A 29 -5.23 5.36 -20.74
C GLU A 29 -4.55 4.03 -20.52
N GLY A 30 -4.05 3.81 -19.30
CA GLY A 30 -3.38 2.57 -18.99
C GLY A 30 -4.24 1.39 -19.40
N LEU A 31 -5.56 1.53 -19.27
CA LEU A 31 -6.47 0.46 -19.67
C LEU A 31 -6.13 0.01 -21.07
N ARG A 32 -5.91 0.99 -21.94
CA ARG A 32 -5.54 0.72 -23.32
C ARG A 32 -4.20 0.00 -23.39
N TRP A 33 -3.28 0.40 -22.51
CA TRP A 33 -1.94 -0.18 -22.47
C TRP A 33 -1.97 -1.69 -22.23
N TYR A 34 -2.88 -2.16 -21.39
CA TYR A 34 -2.97 -3.58 -21.08
C TYR A 34 -3.28 -4.40 -22.33
N ALA A 35 -3.88 -3.77 -23.33
CA ALA A 35 -4.21 -4.52 -24.55
C ALA A 35 -3.02 -5.38 -24.94
N GLY A 36 -1.81 -4.88 -24.64
CA GLY A 36 -0.59 -5.63 -24.94
C GLY A 36 -0.26 -6.61 -23.82
N LEU A 37 -0.62 -6.23 -22.58
CA LEU A 37 -0.35 -7.07 -21.41
C LEU A 37 -1.54 -7.97 -21.10
N GLN A 38 -1.28 -9.13 -20.53
CA GLN A 38 -2.36 -10.04 -20.16
C GLN A 38 -2.69 -9.89 -18.68
N LYS A 39 -3.98 -9.79 -18.37
CA LYS A 39 -4.43 -9.65 -16.98
C LYS A 39 -5.04 -10.96 -16.51
N PRO A 40 -4.87 -11.30 -15.25
CA PRO A 40 -5.44 -12.56 -14.70
C PRO A 40 -6.96 -12.59 -14.79
N SER A 41 -7.50 -13.78 -15.06
CA SER A 41 -8.95 -13.95 -15.18
C SER A 41 -9.65 -13.66 -13.85
N TRP A 42 -8.98 -13.92 -12.74
CA TRP A 42 -9.57 -13.68 -11.44
C TRP A 42 -9.54 -12.20 -11.07
N HIS A 43 -9.06 -11.37 -12.00
CA HIS A 43 -8.99 -9.93 -11.77
C HIS A 43 -10.40 -9.38 -11.52
N PRO A 44 -10.61 -8.62 -10.47
CA PRO A 44 -11.95 -8.04 -10.18
C PRO A 44 -12.08 -6.63 -10.73
N PRO A 45 -13.28 -6.09 -10.76
CA PRO A 45 -13.51 -4.72 -11.28
C PRO A 45 -12.60 -3.70 -10.59
N ARG A 46 -12.09 -2.75 -11.37
CA ARG A 46 -11.21 -1.74 -10.81
C ARG A 46 -11.90 -0.91 -9.74
N TRP A 47 -13.20 -0.65 -9.93
CA TRP A 47 -13.97 0.15 -8.97
C TRP A 47 -14.23 -0.62 -7.68
N THR A 48 -14.02 -1.93 -7.71
CA THR A 48 -14.26 -2.77 -6.52
C THR A 48 -13.10 -2.61 -5.53
N LEU A 49 -11.93 -3.08 -5.92
CA LEU A 49 -10.78 -2.99 -5.04
C LEU A 49 -10.33 -1.54 -4.84
N ALA A 50 -10.48 -0.70 -5.85
CA ALA A 50 -10.06 0.69 -5.68
C ALA A 50 -10.50 1.20 -4.30
N PRO A 51 -11.69 0.85 -3.88
CA PRO A 51 -12.24 1.26 -2.56
C PRO A 51 -11.47 0.69 -1.35
N ILE A 52 -10.55 -0.24 -1.60
CA ILE A 52 -9.78 -0.86 -0.51
C ILE A 52 -9.29 0.19 0.48
N TRP A 53 -8.99 1.37 -0.02
CA TRP A 53 -8.50 2.45 0.82
C TRP A 53 -9.44 2.67 2.00
N GLY A 54 -10.73 2.43 1.80
CA GLY A 54 -11.70 2.62 2.86
C GLY A 54 -11.37 1.75 4.07
N THR A 55 -11.00 0.49 3.83
CA THR A 55 -10.66 -0.42 4.92
C THR A 55 -9.32 -0.04 5.54
N LEU A 56 -8.33 0.23 4.68
CA LEU A 56 -7.01 0.63 5.16
C LEU A 56 -7.09 1.97 5.87
N TYR A 57 -7.99 2.84 5.40
CA TYR A 57 -8.18 4.17 5.98
C TYR A 57 -8.62 4.10 7.44
N SER A 58 -9.65 3.32 7.72
CA SER A 58 -10.17 3.21 9.09
C SER A 58 -9.24 2.39 9.99
N ALA A 59 -8.59 1.39 9.43
CA ALA A 59 -7.70 0.55 10.25
C ALA A 59 -6.52 1.36 10.77
N MET A 60 -5.93 2.16 9.89
CA MET A 60 -4.79 2.98 10.28
C MET A 60 -5.17 4.02 11.32
N GLY A 61 -6.38 4.57 11.20
CA GLY A 61 -6.83 5.58 12.16
C GLY A 61 -7.03 4.95 13.54
N TYR A 62 -7.99 4.04 13.63
CA TYR A 62 -8.27 3.36 14.88
C TYR A 62 -7.06 2.57 15.37
N GLY A 63 -6.32 1.96 14.46
CA GLY A 63 -5.15 1.20 14.86
C GLY A 63 -4.24 2.07 15.72
N SER A 64 -4.07 3.32 15.31
CA SER A 64 -3.25 4.25 16.06
C SER A 64 -3.90 4.58 17.41
N TYR A 65 -5.24 4.47 17.46
CA TYR A 65 -5.95 4.77 18.70
C TYR A 65 -5.41 3.93 19.85
N ILE A 66 -5.30 2.63 19.61
CA ILE A 66 -4.79 1.72 20.64
C ILE A 66 -3.32 1.97 20.92
N VAL A 67 -2.56 2.34 19.91
CA VAL A 67 -1.13 2.54 20.07
C VAL A 67 -0.83 3.57 21.16
N TRP A 68 -1.52 4.71 21.16
CA TRP A 68 -1.24 5.70 22.19
C TRP A 68 -1.80 5.30 23.55
N LYS A 69 -2.91 4.57 23.56
CA LYS A 69 -3.48 4.15 24.84
C LYS A 69 -2.48 3.30 25.61
N GLU A 70 -1.76 2.45 24.89
CA GLU A 70 -0.76 1.61 25.54
C GLU A 70 0.36 2.47 26.09
N LEU A 71 0.73 3.51 25.34
CA LEU A 71 1.78 4.43 25.77
C LEU A 71 1.23 5.49 26.73
N GLY A 72 -0.10 5.59 26.81
CA GLY A 72 -0.73 6.55 27.70
C GLY A 72 -1.16 7.84 26.98
N GLY A 73 -0.93 7.91 25.68
CA GLY A 73 -1.30 9.10 24.91
C GLY A 73 -0.19 9.50 23.94
N PHE A 74 -0.27 10.71 23.39
CA PHE A 74 0.75 11.16 22.47
C PHE A 74 1.95 11.72 23.26
N THR A 75 2.98 10.90 23.36
CA THR A 75 4.19 11.28 24.07
C THR A 75 5.39 11.15 23.15
N GLU A 76 6.51 11.73 23.52
CA GLU A 76 7.70 11.63 22.68
C GLU A 76 7.88 10.19 22.24
N ASP A 77 7.59 9.26 23.14
CA ASP A 77 7.72 7.84 22.84
C ASP A 77 6.73 7.41 21.75
N ALA A 78 5.48 7.86 21.88
CA ALA A 78 4.44 7.52 20.90
C ALA A 78 4.62 8.30 19.60
N MET A 79 5.07 9.53 19.72
CA MET A 79 5.27 10.39 18.56
C MET A 79 6.25 9.76 17.57
N VAL A 80 7.25 9.04 18.09
CA VAL A 80 8.26 8.42 17.24
C VAL A 80 7.65 7.42 16.25
N PRO A 81 6.99 6.37 16.71
CA PRO A 81 6.40 5.36 15.78
C PRO A 81 5.41 5.99 14.81
N LEU A 82 4.47 6.78 15.33
CA LEU A 82 3.49 7.43 14.47
C LEU A 82 4.19 8.44 13.58
N GLY A 83 5.13 9.18 14.15
CA GLY A 83 5.88 10.16 13.39
C GLY A 83 6.65 9.48 12.27
N LEU A 84 7.19 8.30 12.58
CA LEU A 84 7.94 7.52 11.60
C LEU A 84 7.06 7.21 10.41
N TYR A 85 5.80 6.87 10.68
CA TYR A 85 4.87 6.53 9.62
C TYR A 85 4.68 7.71 8.66
N THR A 86 4.50 8.90 9.22
CA THR A 86 4.33 10.09 8.39
C THR A 86 5.58 10.39 7.58
N GLY A 87 6.73 10.29 8.23
CA GLY A 87 8.00 10.58 7.58
C GLY A 87 8.45 9.45 6.65
N GLN A 88 8.60 8.25 7.21
CA GLN A 88 9.05 7.11 6.42
C GLN A 88 8.13 6.87 5.23
N LEU A 89 6.83 6.97 5.45
CA LEU A 89 5.87 6.75 4.37
C LEU A 89 6.06 7.77 3.26
N ALA A 90 6.31 9.02 3.64
CA ALA A 90 6.51 10.08 2.64
C ALA A 90 7.75 9.79 1.81
N LEU A 91 8.86 9.53 2.48
CA LEU A 91 10.09 9.23 1.77
C LEU A 91 9.88 7.98 0.92
N ASN A 92 9.14 7.02 1.47
CA ASN A 92 8.85 5.80 0.76
C ASN A 92 8.07 6.10 -0.51
N TRP A 93 7.12 7.03 -0.43
CA TRP A 93 6.33 7.40 -1.59
C TRP A 93 7.23 7.88 -2.73
N ALA A 94 8.38 8.44 -2.37
CA ALA A 94 9.32 8.95 -3.36
C ALA A 94 9.94 7.81 -4.20
N TRP A 95 9.95 6.60 -3.64
CA TRP A 95 10.54 5.43 -4.32
C TRP A 95 10.00 5.20 -5.74
N PRO A 96 8.73 4.89 -5.89
CA PRO A 96 8.12 4.60 -7.21
C PRO A 96 8.33 5.74 -8.21
N PRO A 97 8.81 5.45 -9.40
CA PRO A 97 9.01 6.50 -10.44
C PRO A 97 7.87 6.50 -11.45
N ILE A 98 7.11 5.40 -11.44
CA ILE A 98 6.00 5.22 -12.37
C ILE A 98 4.92 6.30 -12.27
N PHE A 99 4.73 6.88 -11.09
CA PHE A 99 3.71 7.91 -10.94
C PHE A 99 3.92 9.04 -11.94
N PHE A 100 5.18 9.49 -12.08
CA PHE A 100 5.49 10.57 -13.00
C PHE A 100 5.24 10.18 -14.45
N GLY A 101 5.75 9.01 -14.85
CA GLY A 101 5.58 8.53 -16.22
C GLY A 101 4.69 7.29 -16.27
N ALA A 102 5.13 6.24 -15.60
CA ALA A 102 4.38 4.99 -15.57
C ALA A 102 4.21 4.43 -16.99
N ARG A 103 4.74 5.14 -17.97
CA ARG A 103 4.64 4.69 -19.36
C ARG A 103 5.17 3.27 -19.49
N GLN A 104 6.20 2.96 -18.72
CA GLN A 104 6.81 1.64 -18.77
C GLN A 104 6.12 0.66 -17.80
N MET A 105 6.28 -0.62 -18.10
CA MET A 105 5.70 -1.69 -17.30
C MET A 105 6.14 -1.60 -15.84
N GLY A 106 7.16 -0.79 -15.56
CA GLY A 106 7.68 -0.66 -14.19
C GLY A 106 6.56 -0.58 -13.14
N TRP A 107 5.31 -0.58 -13.59
CA TRP A 107 4.16 -0.52 -12.70
C TRP A 107 4.35 -1.43 -11.48
N ALA A 108 5.23 -2.42 -11.61
CA ALA A 108 5.50 -3.37 -10.54
C ALA A 108 5.99 -2.69 -9.27
N LEU A 109 6.65 -1.56 -9.44
CA LEU A 109 7.21 -0.85 -8.31
C LEU A 109 6.10 -0.42 -7.34
N ALA A 110 4.90 -0.14 -7.86
CA ALA A 110 3.80 0.24 -6.98
C ALA A 110 3.52 -0.88 -5.99
N ASP A 111 3.68 -2.11 -6.45
CA ASP A 111 3.43 -3.28 -5.62
C ASP A 111 4.38 -3.42 -4.44
N LEU A 112 5.68 -3.23 -4.67
CA LEU A 112 6.66 -3.39 -3.59
C LEU A 112 6.47 -2.37 -2.48
N LEU A 113 6.34 -1.10 -2.84
CA LEU A 113 6.13 -0.07 -1.84
C LEU A 113 4.80 -0.30 -1.15
N LEU A 114 3.83 -0.66 -1.95
CA LEU A 114 2.48 -0.92 -1.47
C LEU A 114 2.46 -1.97 -0.35
N VAL A 115 2.87 -3.18 -0.69
CA VAL A 115 2.85 -4.29 0.25
C VAL A 115 3.83 -4.12 1.41
N SER A 116 5.09 -3.88 1.09
CA SER A 116 6.13 -3.73 2.10
C SER A 116 6.07 -2.39 2.85
N GLY A 117 5.84 -1.32 2.11
CA GLY A 117 5.81 0.00 2.73
C GLY A 117 4.76 0.08 3.84
N VAL A 118 3.57 -0.39 3.55
CA VAL A 118 2.49 -0.37 4.53
C VAL A 118 2.73 -1.39 5.64
N ALA A 119 3.12 -2.60 5.25
CA ALA A 119 3.34 -3.67 6.23
C ALA A 119 4.63 -3.48 7.04
N THR A 120 5.77 -3.39 6.35
CA THR A 120 7.05 -3.27 7.05
C THR A 120 7.11 -2.07 7.99
N ALA A 121 6.64 -0.90 7.54
CA ALA A 121 6.69 0.28 8.39
C ALA A 121 5.70 0.21 9.54
N THR A 122 4.43 0.00 9.20
CA THR A 122 3.38 -0.06 10.21
C THR A 122 3.54 -1.26 11.15
N THR A 123 3.89 -2.41 10.61
CA THR A 123 4.02 -3.62 11.41
C THR A 123 5.06 -3.47 12.53
N LEU A 124 6.23 -2.95 12.20
CA LEU A 124 7.28 -2.81 13.20
C LEU A 124 6.93 -1.80 14.30
N ALA A 125 6.24 -0.74 13.95
CA ALA A 125 5.90 0.28 14.93
C ALA A 125 4.70 -0.10 15.81
N TRP A 126 3.53 -0.25 15.19
CA TRP A 126 2.30 -0.56 15.93
C TRP A 126 2.32 -1.91 16.65
N HIS A 127 2.80 -2.97 16.00
CA HIS A 127 2.80 -4.28 16.65
C HIS A 127 3.61 -4.28 17.93
N ARG A 128 4.80 -3.68 17.87
CA ARG A 128 5.66 -3.64 19.05
C ARG A 128 4.99 -2.87 20.19
N VAL A 129 4.34 -1.76 19.87
CA VAL A 129 3.67 -0.96 20.89
C VAL A 129 2.31 -1.54 21.27
N SER A 130 1.49 -1.84 20.25
CA SER A 130 0.15 -2.37 20.47
C SER A 130 -0.11 -3.60 19.59
N PRO A 131 0.21 -4.77 20.07
CA PRO A 131 -0.02 -6.02 19.29
C PRO A 131 -1.45 -6.19 18.78
N PRO A 132 -2.44 -5.87 19.59
CA PRO A 132 -3.86 -6.04 19.15
C PRO A 132 -4.18 -5.28 17.86
N ALA A 133 -3.50 -4.16 17.66
CA ALA A 133 -3.71 -3.34 16.47
C ALA A 133 -3.32 -4.12 15.21
N ALA A 134 -2.43 -5.10 15.38
CA ALA A 134 -1.99 -5.89 14.24
C ALA A 134 -3.16 -6.57 13.55
N ARG A 135 -4.08 -7.14 14.34
CA ARG A 135 -5.26 -7.79 13.77
C ARG A 135 -6.12 -6.79 13.02
N LEU A 136 -6.23 -5.58 13.57
CA LEU A 136 -7.04 -4.55 12.94
C LEU A 136 -6.65 -4.39 11.47
N LEU A 137 -5.36 -4.49 11.21
CA LEU A 137 -4.88 -4.35 9.84
C LEU A 137 -5.55 -5.38 8.94
N TYR A 138 -5.87 -6.54 9.51
CA TYR A 138 -6.51 -7.66 8.80
C TYR A 138 -6.67 -7.39 7.29
N PRO A 139 -7.47 -6.43 6.88
CA PRO A 139 -7.66 -6.16 5.42
C PRO A 139 -6.35 -5.99 4.66
N TYR A 140 -5.32 -5.53 5.35
CA TYR A 140 -4.02 -5.34 4.72
C TYR A 140 -3.47 -6.68 4.21
N LEU A 141 -3.75 -7.74 4.96
CA LEU A 141 -3.29 -9.08 4.59
C LEU A 141 -3.97 -9.55 3.31
N ALA A 142 -5.29 -9.37 3.24
CA ALA A 142 -6.05 -9.81 2.07
C ALA A 142 -5.75 -8.97 0.84
N TRP A 143 -5.82 -7.65 0.98
CA TRP A 143 -5.56 -6.76 -0.15
C TRP A 143 -4.15 -6.92 -0.68
N LEU A 144 -3.16 -6.86 0.22
CA LEU A 144 -1.78 -7.00 -0.19
C LEU A 144 -1.52 -8.40 -0.76
N ALA A 145 -2.23 -9.39 -0.25
CA ALA A 145 -2.05 -10.76 -0.74
C ALA A 145 -2.41 -10.86 -2.22
N PHE A 146 -3.53 -10.26 -2.60
CA PHE A 146 -3.96 -10.28 -4.00
C PHE A 146 -3.02 -9.48 -4.88
N THR A 147 -2.64 -8.30 -4.43
CA THR A 147 -1.79 -7.47 -5.24
C THR A 147 -0.50 -8.18 -5.61
N THR A 148 0.09 -8.90 -4.65
CA THR A 148 1.35 -9.60 -4.91
C THR A 148 1.21 -10.65 -6.01
N VAL A 149 0.19 -11.50 -5.91
CA VAL A 149 -0.03 -12.53 -6.92
C VAL A 149 -0.44 -11.89 -8.24
N LEU A 150 -1.30 -10.88 -8.13
CA LEU A 150 -1.80 -10.15 -9.28
C LEU A 150 -0.67 -9.58 -10.13
N ASN A 151 0.31 -8.96 -9.48
CA ASN A 151 1.44 -8.37 -10.18
C ASN A 151 2.26 -9.42 -10.94
N TYR A 152 2.44 -10.59 -10.35
CA TYR A 152 3.23 -11.64 -11.00
C TYR A 152 2.58 -12.13 -12.28
N TYR A 153 1.27 -12.27 -12.29
CA TYR A 153 0.60 -12.76 -13.50
C TYR A 153 0.86 -11.82 -14.68
N VAL A 154 0.72 -10.52 -14.45
CA VAL A 154 0.93 -9.56 -15.53
C VAL A 154 2.42 -9.51 -15.93
N TRP A 155 3.29 -9.43 -14.93
CA TRP A 155 4.73 -9.36 -15.18
C TRP A 155 5.28 -10.67 -15.75
N ARG A 156 4.82 -11.80 -15.22
CA ARG A 156 5.32 -13.09 -15.68
C ARG A 156 5.12 -13.28 -17.18
N ASP A 157 3.95 -12.89 -17.68
CA ASP A 157 3.68 -13.06 -19.11
C ASP A 157 4.65 -12.22 -19.96
N ASN A 158 4.78 -10.95 -19.61
CA ASN A 158 5.68 -10.06 -20.34
C ASN A 158 7.14 -10.39 -20.06
N SER A 159 7.45 -10.65 -18.80
CA SER A 159 8.81 -10.97 -18.37
C SER A 159 9.26 -12.31 -18.94
N GLY A 160 8.32 -13.20 -19.20
CA GLY A 160 8.64 -14.52 -19.73
C GLY A 160 9.46 -14.42 -21.01
N ARG A 161 9.20 -13.38 -21.80
CA ARG A 161 9.92 -13.17 -23.04
C ARG A 161 11.43 -13.10 -22.81
N ARG A 162 11.82 -12.58 -21.65
CA ARG A 162 13.24 -12.46 -21.33
C ARG A 162 13.96 -13.79 -21.48
N GLY A 163 13.27 -14.88 -21.14
CA GLY A 163 13.86 -16.21 -21.25
C GLY A 163 14.46 -16.43 -22.63
N GLY A 164 13.79 -15.88 -23.65
CA GLY A 164 14.27 -16.03 -25.02
C GLY A 164 15.71 -15.53 -25.16
N SER A 165 16.07 -14.54 -24.36
CA SER A 165 17.41 -13.97 -24.41
C SER A 165 18.47 -15.04 -24.09
N ARG A 166 18.07 -16.05 -23.34
CA ARG A 166 18.99 -17.13 -22.98
C ARG A 166 19.64 -17.72 -24.22
N LEU A 167 18.86 -17.83 -25.29
CA LEU A 167 19.39 -18.37 -26.54
C LEU A 167 20.48 -17.46 -27.08
N ALA A 168 20.34 -16.16 -26.84
CA ALA A 168 21.33 -15.20 -27.30
C ALA A 168 22.58 -15.25 -26.41
N GLU A 169 23.73 -15.42 -27.03
CA GLU A 169 24.98 -15.48 -26.28
C GLU A 169 26.16 -15.10 -27.17
C1 PKA B . -4.73 -3.30 -12.14
C2 PKA B . -6.03 -3.58 -11.37
C3 PKA B . -6.01 -2.85 -10.02
C4 PKA B . -6.75 -1.50 -10.10
N5 PKA B . -6.65 -3.66 -8.98
C6 PKA B . -7.83 -4.44 -9.30
C7 PKA B . -6.35 -3.45 -7.67
O8 PKA B . -6.98 -4.02 -6.79
C9 PKA B . -5.26 -2.52 -7.31
N18 PKA B . -4.05 -2.56 -8.00
C17 PKA B . -3.02 -1.69 -7.66
C10 PKA B . -5.45 -1.58 -6.30
C11 PKA B . -4.41 -0.70 -5.95
C12 PKA B . -4.60 0.22 -4.92
C16 PKA B . -3.19 -0.76 -6.64
C13 PKA B . -3.57 1.11 -4.58
C14 PKA B . -2.34 1.05 -5.27
C15 PKA B . -2.16 0.12 -6.29
C19 PKA B . -1.75 -1.75 -8.41
C24 PKA B . -1.52 -0.91 -9.50
C23 PKA B . -0.33 -0.98 -10.21
C20 PKA B . -0.76 -2.65 -8.02
C21 PKA B . 0.45 -2.72 -8.71
C22 PKA B . 0.67 -1.88 -9.80
CL PKA B . -2.77 0.20 -10.01
H1C PKA B . -4.55 -2.23 -12.14
H1A PKA B . -4.82 -3.65 -13.15
H1B PKA B . -3.91 -3.80 -11.65
H2A PKA B . -6.11 -4.65 -11.20
H2B PKA B . -6.87 -3.26 -11.96
H3 PKA B . -4.99 -2.67 -9.77
H4C PKA B . -6.99 -1.18 -9.09
H4A PKA B . -7.64 -1.61 -10.67
H4B PKA B . -6.10 -0.77 -10.55
H6A PKA B . -8.58 -4.25 -8.56
H6B PKA B . -7.57 -5.49 -9.29
H6C PKA B . -8.19 -4.16 -10.27
H10 PKA B . -6.37 -1.58 -5.73
H12 PKA B . -5.51 0.21 -4.34
H13 PKA B . -3.67 1.76 -3.73
H14 PKA B . -1.53 1.70 -4.97
H15 PKA B . -1.22 0.08 -6.81
H23 PKA B . -0.20 -0.41 -11.11
H20 PKA B . -0.91 -3.24 -7.14
H21 PKA B . 1.18 -3.45 -8.44
H22 PKA B . 1.54 -2.02 -10.42
N MET A 1 -9.76 14.52 25.36
CA MET A 1 -8.70 15.09 24.55
C MET A 1 -8.72 14.48 23.15
N PRO A 2 -9.89 14.31 22.59
CA PRO A 2 -10.04 13.72 21.23
C PRO A 2 -9.26 14.50 20.17
N GLU A 3 -8.91 15.73 20.51
CA GLU A 3 -8.18 16.58 19.59
C GLU A 3 -6.86 15.93 19.19
N SER A 4 -6.26 15.19 20.11
CA SER A 4 -4.98 14.53 19.81
C SER A 4 -5.12 13.51 18.68
N TRP A 5 -6.24 12.78 18.67
CA TRP A 5 -6.46 11.78 17.63
C TRP A 5 -6.84 12.42 16.30
N VAL A 6 -7.53 13.55 16.35
CA VAL A 6 -7.96 14.22 15.14
C VAL A 6 -6.87 14.19 14.07
N PRO A 7 -5.68 14.65 14.37
CA PRO A 7 -4.58 14.62 13.36
C PRO A 7 -4.28 13.20 12.89
N ALA A 8 -4.63 12.22 13.73
CA ALA A 8 -4.40 10.82 13.40
C ALA A 8 -5.06 10.47 12.08
N VAL A 9 -6.21 11.08 11.82
CA VAL A 9 -6.90 10.82 10.56
C VAL A 9 -6.00 11.23 9.41
N GLY A 10 -5.32 12.36 9.57
CA GLY A 10 -4.42 12.85 8.54
C GLY A 10 -3.28 11.86 8.29
N LEU A 11 -2.81 11.20 9.34
CA LEU A 11 -1.72 10.25 9.22
C LEU A 11 -2.04 9.14 8.22
N THR A 12 -3.25 8.58 8.31
CA THR A 12 -3.62 7.49 7.40
C THR A 12 -4.02 7.98 6.00
N LEU A 13 -4.71 9.11 5.93
CA LEU A 13 -5.14 9.64 4.63
C LEU A 13 -3.97 10.01 3.74
N VAL A 14 -2.87 10.45 4.34
CA VAL A 14 -1.70 10.87 3.58
C VAL A 14 -1.32 9.87 2.47
N PRO A 15 -1.08 8.62 2.81
CA PRO A 15 -0.70 7.60 1.77
C PRO A 15 -1.77 7.41 0.70
N SER A 16 -3.02 7.62 1.06
CA SER A 16 -4.11 7.44 0.10
C SER A 16 -3.91 8.30 -1.14
N LEU A 17 -3.44 9.53 -0.94
CA LEU A 17 -3.21 10.42 -2.07
C LEU A 17 -2.11 9.89 -2.98
N GLY A 18 -1.06 9.36 -2.38
CA GLY A 18 0.07 8.83 -3.15
C GLY A 18 -0.33 7.57 -3.92
N GLY A 19 -0.97 6.63 -3.23
CA GLY A 19 -1.40 5.40 -3.85
C GLY A 19 -2.36 5.65 -5.00
N PHE A 20 -3.25 6.64 -4.82
CA PHE A 20 -4.22 6.96 -5.85
C PHE A 20 -3.53 7.33 -7.17
N MET A 21 -2.48 8.12 -7.08
CA MET A 21 -1.76 8.54 -8.27
C MET A 21 -1.18 7.34 -9.01
N GLY A 22 -0.66 6.37 -8.27
CA GLY A 22 -0.08 5.18 -8.88
C GLY A 22 -1.16 4.33 -9.55
N ALA A 23 -2.28 4.16 -8.86
CA ALA A 23 -3.38 3.37 -9.39
C ALA A 23 -4.04 4.11 -10.55
N TYR A 24 -3.97 5.43 -10.49
CA TYR A 24 -4.53 6.26 -11.54
C TYR A 24 -3.91 5.92 -12.90
N PHE A 25 -2.62 5.59 -12.89
CA PHE A 25 -1.90 5.26 -14.12
C PHE A 25 -2.47 4.04 -14.83
N VAL A 26 -2.71 2.97 -14.08
CA VAL A 26 -3.25 1.75 -14.69
C VAL A 26 -4.70 1.97 -15.08
N ARG A 27 -5.34 2.82 -14.30
CA ARG A 27 -6.73 3.19 -14.49
C ARG A 27 -6.97 4.00 -15.76
N GLY A 28 -6.06 4.93 -16.03
CA GLY A 28 -6.20 5.82 -17.18
C GLY A 28 -5.72 5.20 -18.48
N GLU A 29 -4.73 5.84 -19.11
CA GLU A 29 -4.20 5.37 -20.39
C GLU A 29 -3.70 3.94 -20.26
N GLY A 30 -3.27 3.57 -19.07
CA GLY A 30 -2.78 2.22 -18.85
C GLY A 30 -3.75 1.18 -19.39
N LEU A 31 -5.04 1.48 -19.34
CA LEU A 31 -6.05 0.54 -19.84
C LEU A 31 -5.68 0.07 -21.24
N ARG A 32 -5.32 1.02 -22.10
CA ARG A 32 -4.93 0.67 -23.46
C ARG A 32 -3.68 -0.19 -23.45
N TRP A 33 -2.74 0.14 -22.57
CA TRP A 33 -1.48 -0.60 -22.48
C TRP A 33 -1.70 -2.08 -22.15
N TYR A 34 -2.65 -2.36 -21.26
CA TYR A 34 -2.93 -3.75 -20.87
C TYR A 34 -3.44 -4.59 -22.04
N ALA A 35 -4.01 -3.94 -23.06
CA ALA A 35 -4.53 -4.69 -24.19
C ALA A 35 -3.51 -5.76 -24.61
N GLY A 36 -2.24 -5.38 -24.64
CA GLY A 36 -1.19 -6.32 -25.00
C GLY A 36 -1.01 -7.38 -23.91
N LEU A 37 -1.23 -6.95 -22.66
CA LEU A 37 -1.09 -7.83 -21.50
C LEU A 37 -2.41 -8.50 -21.15
N GLN A 38 -2.32 -9.69 -20.54
CA GLN A 38 -3.52 -10.42 -20.14
C GLN A 38 -3.75 -10.24 -18.64
N LYS A 39 -4.97 -9.85 -18.28
CA LYS A 39 -5.30 -9.66 -16.86
C LYS A 39 -6.07 -10.89 -16.35
N PRO A 40 -5.83 -11.29 -15.14
CA PRO A 40 -6.54 -12.47 -14.56
C PRO A 40 -8.05 -12.28 -14.55
N SER A 41 -8.77 -13.32 -14.97
CA SER A 41 -10.23 -13.26 -15.02
C SER A 41 -10.86 -13.18 -13.63
N TRP A 42 -10.14 -13.66 -12.61
CA TRP A 42 -10.70 -13.65 -11.26
C TRP A 42 -10.62 -12.26 -10.63
N HIS A 43 -9.90 -11.35 -11.27
CA HIS A 43 -9.76 -10.01 -10.73
C HIS A 43 -11.10 -9.25 -10.84
N PRO A 44 -11.52 -8.58 -9.78
CA PRO A 44 -12.79 -7.80 -9.82
C PRO A 44 -12.59 -6.49 -10.59
N PRO A 45 -13.66 -5.86 -11.00
CA PRO A 45 -13.53 -4.58 -11.77
C PRO A 45 -12.60 -3.60 -11.05
N ARG A 46 -11.86 -2.81 -11.82
CA ARG A 46 -10.91 -1.86 -11.27
C ARG A 46 -11.58 -0.88 -10.30
N TRP A 47 -12.80 -0.46 -10.60
CA TRP A 47 -13.48 0.50 -9.74
C TRP A 47 -13.74 -0.08 -8.35
N THR A 48 -13.94 -1.40 -8.27
CA THR A 48 -14.20 -2.04 -6.99
C THR A 48 -13.03 -1.90 -6.01
N LEU A 49 -11.85 -2.34 -6.43
CA LEU A 49 -10.69 -2.29 -5.56
C LEU A 49 -10.14 -0.88 -5.36
N ALA A 50 -10.19 -0.05 -6.39
CA ALA A 50 -9.65 1.30 -6.25
C ALA A 50 -9.96 1.89 -4.87
N PRO A 51 -11.20 1.84 -4.43
CA PRO A 51 -11.60 2.40 -3.09
C PRO A 51 -11.08 1.58 -1.90
N ILE A 52 -10.25 0.57 -2.15
CA ILE A 52 -9.72 -0.26 -1.06
C ILE A 52 -9.28 0.59 0.12
N TRP A 53 -8.79 1.78 -0.17
CA TRP A 53 -8.32 2.67 0.88
C TRP A 53 -9.40 2.88 1.94
N GLY A 54 -10.65 2.76 1.53
CA GLY A 54 -11.77 2.96 2.44
C GLY A 54 -11.64 2.10 3.69
N THR A 55 -11.17 0.87 3.52
CA THR A 55 -11.03 -0.04 4.67
C THR A 55 -9.68 0.15 5.37
N LEU A 56 -8.62 0.30 4.58
CA LEU A 56 -7.26 0.45 5.11
C LEU A 56 -7.12 1.69 6.00
N TYR A 57 -7.75 2.81 5.61
CA TYR A 57 -7.59 4.04 6.39
C TYR A 57 -8.18 3.89 7.80
N SER A 58 -9.37 3.29 7.89
CA SER A 58 -10.04 3.12 9.17
C SER A 58 -9.22 2.27 10.14
N ALA A 59 -8.58 1.22 9.63
CA ALA A 59 -7.78 0.36 10.50
C ALA A 59 -6.60 1.13 11.09
N MET A 60 -5.98 1.96 10.27
CA MET A 60 -4.85 2.75 10.71
C MET A 60 -5.24 3.74 11.81
N GLY A 61 -6.45 4.28 11.73
CA GLY A 61 -6.91 5.24 12.73
C GLY A 61 -7.08 4.56 14.09
N TYR A 62 -8.03 3.63 14.17
CA TYR A 62 -8.27 2.91 15.41
C TYR A 62 -7.05 2.13 15.86
N GLY A 63 -6.32 1.54 14.91
CA GLY A 63 -5.14 0.76 15.27
C GLY A 63 -4.17 1.63 16.08
N SER A 64 -3.99 2.87 15.66
CA SER A 64 -3.12 3.79 16.36
C SER A 64 -3.68 4.07 17.74
N TYR A 65 -5.01 3.97 17.89
CA TYR A 65 -5.64 4.24 19.16
C TYR A 65 -5.06 3.30 20.22
N ILE A 66 -4.93 2.03 19.86
CA ILE A 66 -4.36 1.05 20.78
C ILE A 66 -2.95 1.46 21.16
N VAL A 67 -2.20 1.90 20.15
CA VAL A 67 -0.83 2.35 20.38
C VAL A 67 -0.82 3.55 21.33
N TRP A 68 -1.81 4.43 21.16
CA TRP A 68 -1.93 5.60 22.00
C TRP A 68 -2.11 5.19 23.48
N LYS A 69 -2.87 4.12 23.69
CA LYS A 69 -3.11 3.64 25.04
C LYS A 69 -1.82 3.14 25.71
N GLU A 70 -1.05 2.36 24.97
CA GLU A 70 0.19 1.78 25.49
C GLU A 70 1.29 2.81 25.76
N LEU A 71 1.42 3.80 24.87
CA LEU A 71 2.48 4.80 25.01
C LEU A 71 2.02 6.03 25.81
N GLY A 72 0.78 6.04 26.23
CA GLY A 72 0.27 7.16 27.00
C GLY A 72 -0.37 8.20 26.08
N GLY A 73 -0.46 7.86 24.80
CA GLY A 73 -1.05 8.74 23.82
C GLY A 73 -0.02 9.64 23.16
N PHE A 74 -0.51 10.67 22.47
CA PHE A 74 0.36 11.59 21.75
C PHE A 74 1.36 12.27 22.69
N THR A 75 2.43 11.55 23.02
CA THR A 75 3.48 12.06 23.89
C THR A 75 4.82 11.94 23.18
N GLU A 76 5.80 12.68 23.67
CA GLU A 76 7.11 12.62 23.06
C GLU A 76 7.50 11.18 22.76
N ASP A 77 7.17 10.28 23.68
CA ASP A 77 7.48 8.87 23.48
C ASP A 77 6.65 8.26 22.35
N ALA A 78 5.34 8.53 22.35
CA ALA A 78 4.45 7.97 21.33
C ALA A 78 4.57 8.70 19.99
N MET A 79 4.86 9.99 20.04
CA MET A 79 4.98 10.77 18.82
C MET A 79 6.02 10.19 17.88
N VAL A 80 7.06 9.58 18.45
CA VAL A 80 8.12 8.99 17.63
C VAL A 80 7.56 7.87 16.73
N PRO A 81 6.78 6.94 17.26
CA PRO A 81 6.22 5.84 16.42
C PRO A 81 5.25 6.34 15.36
N LEU A 82 4.20 7.04 15.79
CA LEU A 82 3.22 7.56 14.83
C LEU A 82 3.90 8.50 13.85
N GLY A 83 4.80 9.33 14.37
CA GLY A 83 5.54 10.28 13.53
C GLY A 83 6.35 9.55 12.47
N LEU A 84 6.92 8.40 12.85
CA LEU A 84 7.73 7.62 11.92
C LEU A 84 6.90 7.25 10.70
N TYR A 85 5.64 6.91 10.93
CA TYR A 85 4.75 6.53 9.85
C TYR A 85 4.61 7.67 8.84
N THR A 86 4.42 8.88 9.34
CA THR A 86 4.26 10.04 8.46
C THR A 86 5.56 10.38 7.72
N GLY A 87 6.68 10.32 8.43
CA GLY A 87 7.97 10.67 7.85
C GLY A 87 8.50 9.63 6.86
N GLN A 88 8.79 8.44 7.35
CA GLN A 88 9.34 7.39 6.50
C GLN A 88 8.43 7.08 5.32
N LEU A 89 7.14 7.05 5.56
CA LEU A 89 6.18 6.75 4.50
C LEU A 89 6.22 7.80 3.38
N ALA A 90 6.37 9.07 3.76
CA ALA A 90 6.40 10.13 2.76
C ALA A 90 7.62 9.96 1.84
N LEU A 91 8.78 9.77 2.45
CA LEU A 91 9.99 9.58 1.66
C LEU A 91 9.84 8.34 0.81
N ASN A 92 9.22 7.32 1.39
CA ASN A 92 9.00 6.07 0.66
C ASN A 92 8.12 6.31 -0.55
N TRP A 93 7.08 7.13 -0.39
CA TRP A 93 6.18 7.43 -1.49
C TRP A 93 6.95 7.98 -2.69
N ALA A 94 8.04 8.68 -2.42
CA ALA A 94 8.86 9.26 -3.47
C ALA A 94 9.55 8.19 -4.34
N TRP A 95 9.75 7.00 -3.77
CA TRP A 95 10.44 5.92 -4.50
C TRP A 95 9.80 5.58 -5.85
N PRO A 96 8.63 4.97 -5.85
CA PRO A 96 7.96 4.56 -7.12
C PRO A 96 8.04 5.63 -8.20
N PRO A 97 9.14 5.70 -8.92
CA PRO A 97 9.32 6.72 -9.98
C PRO A 97 8.26 6.61 -11.08
N ILE A 98 7.56 5.48 -11.13
CA ILE A 98 6.54 5.26 -12.14
C ILE A 98 5.44 6.32 -12.07
N PHE A 99 5.23 6.93 -10.92
CA PHE A 99 4.18 7.93 -10.80
C PHE A 99 4.22 8.90 -11.97
N PHE A 100 5.43 9.34 -12.32
CA PHE A 100 5.60 10.30 -13.41
C PHE A 100 5.25 9.68 -14.76
N GLY A 101 5.82 8.51 -15.07
CA GLY A 101 5.57 7.87 -16.37
C GLY A 101 4.79 6.56 -16.26
N ALA A 102 5.43 5.54 -15.69
CA ALA A 102 4.80 4.22 -15.58
C ALA A 102 4.49 3.66 -16.96
N ARG A 103 4.96 4.35 -17.98
CA ARG A 103 4.73 3.91 -19.36
C ARG A 103 5.12 2.44 -19.51
N GLN A 104 6.17 2.04 -18.81
CA GLN A 104 6.63 0.66 -18.87
C GLN A 104 5.96 -0.18 -17.78
N MET A 105 5.84 -1.48 -18.04
CA MET A 105 5.22 -2.39 -17.10
C MET A 105 5.96 -2.37 -15.75
N GLY A 106 7.18 -1.83 -15.77
CA GLY A 106 8.00 -1.76 -14.57
C GLY A 106 7.27 -1.14 -13.36
N TRP A 107 5.95 -1.01 -13.43
CA TRP A 107 5.18 -0.43 -12.33
C TRP A 107 5.35 -1.23 -11.04
N ALA A 108 5.78 -2.47 -11.17
CA ALA A 108 5.92 -3.36 -10.00
C ALA A 108 6.46 -2.60 -8.79
N LEU A 109 7.06 -1.46 -9.02
CA LEU A 109 7.59 -0.66 -7.93
C LEU A 109 6.47 -0.20 -7.00
N ALA A 110 5.30 0.09 -7.55
CA ALA A 110 4.17 0.51 -6.73
C ALA A 110 3.80 -0.62 -5.76
N ASP A 111 3.89 -1.83 -6.27
CA ASP A 111 3.56 -3.02 -5.48
C ASP A 111 4.48 -3.18 -4.28
N LEU A 112 5.79 -3.01 -4.49
CA LEU A 112 6.75 -3.17 -3.40
C LEU A 112 6.53 -2.15 -2.30
N LEU A 113 6.38 -0.89 -2.67
CA LEU A 113 6.14 0.14 -1.67
C LEU A 113 4.76 -0.04 -1.06
N LEU A 114 3.82 -0.36 -1.91
CA LEU A 114 2.44 -0.58 -1.50
C LEU A 114 2.37 -1.58 -0.35
N VAL A 115 2.85 -2.78 -0.63
CA VAL A 115 2.83 -3.86 0.34
C VAL A 115 3.80 -3.63 1.50
N SER A 116 5.06 -3.46 1.17
CA SER A 116 6.09 -3.26 2.18
C SER A 116 5.95 -1.93 2.92
N GLY A 117 5.64 -0.87 2.18
CA GLY A 117 5.52 0.44 2.80
C GLY A 117 4.49 0.45 3.92
N VAL A 118 3.33 -0.11 3.65
CA VAL A 118 2.27 -0.17 4.65
C VAL A 118 2.62 -1.17 5.75
N ALA A 119 3.06 -2.36 5.36
CA ALA A 119 3.38 -3.40 6.33
C ALA A 119 4.68 -3.14 7.08
N THR A 120 5.78 -2.95 6.35
CA THR A 120 7.09 -2.75 6.97
C THR A 120 7.12 -1.57 7.94
N ALA A 121 6.54 -0.44 7.56
CA ALA A 121 6.57 0.72 8.45
C ALA A 121 5.64 0.55 9.65
N THR A 122 4.37 0.32 9.36
CA THR A 122 3.37 0.17 10.41
C THR A 122 3.64 -1.03 11.31
N THR A 123 4.07 -2.14 10.72
CA THR A 123 4.32 -3.35 11.50
C THR A 123 5.42 -3.15 12.55
N LEU A 124 6.52 -2.52 12.17
CA LEU A 124 7.62 -2.31 13.11
C LEU A 124 7.22 -1.44 14.29
N ALA A 125 6.38 -0.43 14.05
CA ALA A 125 5.98 0.46 15.14
C ALA A 125 4.85 -0.13 16.00
N TRP A 126 3.69 -0.33 15.40
CA TRP A 126 2.52 -0.84 16.13
C TRP A 126 2.68 -2.27 16.65
N HIS A 127 3.22 -3.16 15.84
CA HIS A 127 3.35 -4.55 16.26
C HIS A 127 4.17 -4.67 17.54
N ARG A 128 5.30 -3.99 17.58
CA ARG A 128 6.16 -4.03 18.76
C ARG A 128 5.48 -3.45 19.99
N VAL A 129 4.82 -2.30 19.80
CA VAL A 129 4.13 -1.65 20.92
C VAL A 129 2.80 -2.32 21.26
N SER A 130 1.98 -2.53 20.24
CA SER A 130 0.66 -3.14 20.45
C SER A 130 0.41 -4.26 19.45
N PRO A 131 0.77 -5.47 19.79
CA PRO A 131 0.56 -6.63 18.88
C PRO A 131 -0.88 -6.74 18.40
N PRO A 132 -1.86 -6.53 19.25
CA PRO A 132 -3.29 -6.64 18.84
C PRO A 132 -3.63 -5.72 17.66
N ALA A 133 -2.92 -4.60 17.55
CA ALA A 133 -3.17 -3.66 16.47
C ALA A 133 -2.92 -4.32 15.12
N ALA A 134 -1.99 -5.26 15.10
CA ALA A 134 -1.68 -5.96 13.87
C ALA A 134 -2.91 -6.73 13.38
N ARG A 135 -3.65 -7.32 14.31
CA ARG A 135 -4.85 -8.06 13.98
C ARG A 135 -5.85 -7.16 13.27
N LEU A 136 -5.94 -5.92 13.75
CA LEU A 136 -6.85 -4.95 13.17
C LEU A 136 -6.57 -4.75 11.69
N LEU A 137 -5.29 -4.76 11.34
CA LEU A 137 -4.89 -4.55 9.96
C LEU A 137 -5.52 -5.59 9.03
N TYR A 138 -5.76 -6.79 9.55
CA TYR A 138 -6.36 -7.90 8.78
C TYR A 138 -6.49 -7.59 7.27
N PRO A 139 -7.35 -6.68 6.88
CA PRO A 139 -7.53 -6.38 5.43
C PRO A 139 -6.20 -6.12 4.70
N TYR A 140 -5.20 -5.65 5.43
CA TYR A 140 -3.91 -5.38 4.82
C TYR A 140 -3.29 -6.64 4.24
N LEU A 141 -3.41 -7.76 4.95
CA LEU A 141 -2.84 -9.02 4.47
C LEU A 141 -3.57 -9.49 3.20
N ALA A 142 -4.89 -9.36 3.20
CA ALA A 142 -5.68 -9.80 2.05
C ALA A 142 -5.48 -8.89 0.84
N TRP A 143 -5.64 -7.59 1.05
CA TRP A 143 -5.49 -6.62 -0.04
C TRP A 143 -4.07 -6.67 -0.61
N LEU A 144 -3.08 -6.59 0.26
CA LEU A 144 -1.69 -6.62 -0.18
C LEU A 144 -1.35 -7.96 -0.83
N ALA A 145 -1.95 -9.04 -0.34
CA ALA A 145 -1.68 -10.36 -0.90
C ALA A 145 -2.12 -10.43 -2.37
N PHE A 146 -3.27 -9.83 -2.66
CA PHE A 146 -3.78 -9.83 -4.03
C PHE A 146 -2.83 -9.15 -5.00
N THR A 147 -2.25 -8.03 -4.58
CA THR A 147 -1.34 -7.30 -5.44
C THR A 147 -0.12 -8.14 -5.79
N THR A 148 0.35 -8.96 -4.87
CA THR A 148 1.51 -9.79 -5.14
C THR A 148 1.23 -10.80 -6.25
N VAL A 149 0.13 -11.56 -6.10
CA VAL A 149 -0.24 -12.54 -7.11
C VAL A 149 -0.70 -11.87 -8.39
N LEU A 150 -1.49 -10.81 -8.23
CA LEU A 150 -2.01 -10.07 -9.36
C LEU A 150 -0.88 -9.56 -10.26
N ASN A 151 0.19 -9.08 -9.65
CA ASN A 151 1.32 -8.56 -10.40
C ASN A 151 2.01 -9.64 -11.24
N TYR A 152 2.20 -10.82 -10.66
CA TYR A 152 2.88 -11.89 -11.38
C TYR A 152 2.10 -12.35 -12.61
N TYR A 153 0.79 -12.47 -12.49
CA TYR A 153 -0.01 -12.93 -13.63
C TYR A 153 0.16 -12.02 -14.84
N VAL A 154 0.05 -10.71 -14.62
CA VAL A 154 0.18 -9.74 -15.71
C VAL A 154 1.60 -9.67 -16.25
N TRP A 155 2.57 -9.60 -15.34
CA TRP A 155 3.97 -9.47 -15.74
C TRP A 155 4.42 -10.66 -16.60
N ARG A 156 4.00 -11.87 -16.25
CA ARG A 156 4.39 -13.05 -17.03
C ARG A 156 3.94 -12.95 -18.47
N ASP A 157 2.83 -12.27 -18.71
CA ASP A 157 2.34 -12.14 -20.07
C ASP A 157 3.46 -11.67 -20.97
N ASN A 158 4.27 -10.76 -20.46
CA ASN A 158 5.42 -10.25 -21.20
C ASN A 158 6.71 -10.89 -20.69
N SER A 159 7.00 -10.68 -19.41
CA SER A 159 8.20 -11.22 -18.79
C SER A 159 8.24 -12.75 -18.85
N GLY A 160 7.07 -13.38 -18.71
CA GLY A 160 7.00 -14.83 -18.73
C GLY A 160 7.68 -15.38 -19.99
N ARG A 161 7.62 -14.61 -21.07
CA ARG A 161 8.23 -15.01 -22.33
C ARG A 161 9.71 -15.31 -22.12
N ARG A 162 10.34 -14.58 -21.21
CA ARG A 162 11.75 -14.77 -20.93
C ARG A 162 12.02 -16.22 -20.52
N GLY A 163 11.06 -16.83 -19.83
CA GLY A 163 11.19 -18.20 -19.40
C GLY A 163 10.74 -19.16 -20.49
N GLY A 164 10.78 -20.45 -20.21
CA GLY A 164 10.36 -21.46 -21.18
C GLY A 164 11.50 -21.76 -22.16
N SER A 165 11.14 -22.32 -23.30
CA SER A 165 12.14 -22.66 -24.32
C SER A 165 12.46 -21.45 -25.19
N ARG A 166 13.71 -21.36 -25.61
CA ARG A 166 14.14 -20.25 -26.46
C ARG A 166 13.32 -20.18 -27.74
N LEU A 167 12.88 -21.35 -28.22
CA LEU A 167 12.08 -21.39 -29.43
C LEU A 167 10.61 -21.20 -29.10
N ALA A 168 9.89 -20.54 -30.01
CA ALA A 168 8.47 -20.28 -29.80
C ALA A 168 7.64 -21.49 -30.23
N GLU A 169 6.82 -21.99 -29.31
CA GLU A 169 5.98 -23.14 -29.62
C GLU A 169 4.76 -23.16 -28.71
C1 PKA B . -4.17 -3.09 -12.14
C2 PKA B . -5.52 -3.32 -11.43
C3 PKA B . -5.58 -2.49 -10.13
C4 PKA B . -6.23 -1.12 -10.38
N5 PKA B . -6.37 -3.20 -9.12
C6 PKA B . -7.50 -4.03 -9.55
C7 PKA B . -6.24 -2.91 -7.82
O8 PKA B . -7.07 -3.30 -7.01
C9 PKA B . -5.10 -2.10 -7.35
N18 PKA B . -3.81 -2.37 -7.84
C17 PKA B . -2.73 -1.61 -7.41
C10 PKA B . -5.30 -1.06 -6.45
C11 PKA B . -4.21 -0.30 -6.00
C12 PKA B . -4.41 0.73 -5.07
C16 PKA B . -2.92 -0.57 -6.48
C13 PKA B . -3.32 1.49 -4.63
C14 PKA B . -2.03 1.22 -5.12
C15 PKA B . -1.83 0.19 -6.03
C19 PKA B . -1.38 -1.90 -7.94
C24 PKA B . -0.72 -0.97 -8.74
C23 PKA B . 0.55 -1.25 -9.25
C20 PKA B . -0.77 -3.11 -7.63
C21 PKA B . 0.51 -3.40 -8.13
C22 PKA B . 1.16 -2.48 -8.94
CL PKA B . -1.49 0.55 -9.12
H1C PKA B . -4.04 -3.82 -12.92
H1A PKA B . -3.36 -3.20 -11.42
H1B PKA B . -4.14 -2.10 -12.56
H2A PKA B . -5.61 -4.37 -11.19
H2B PKA B . -6.32 -3.03 -12.10
H3 PKA B . -4.58 -2.35 -9.78
H4C PKA B . -7.24 -1.13 -10.00
H4A PKA B . -6.24 -0.90 -11.44
H4B PKA B . -5.66 -0.36 -9.86
H6A PKA B . -7.83 -3.71 -10.53
H6B PKA B . -8.31 -3.92 -8.86
H6C PKA B . -7.19 -5.07 -9.59
H10 PKA B . -6.27 -0.89 -6.04
H12 PKA B . -5.37 0.87 -4.62
H13 PKA B . -3.45 2.18 -3.82
H14 PKA B . -1.18 1.73 -4.69
H15 PKA B . -0.84 -0.04 -6.37
H23 PKA B . 1.00 -0.59 -9.97
H20 PKA B . -1.24 -3.79 -6.95
H21 PKA B . 0.95 -4.37 -7.93
H22 PKA B . 2.08 -2.75 -9.45
N MET A 1 -5.17 16.84 25.12
CA MET A 1 -6.47 17.15 24.56
C MET A 1 -6.82 16.16 23.45
N PRO A 2 -8.07 15.80 23.31
CA PRO A 2 -8.50 14.84 22.25
C PRO A 2 -8.09 15.33 20.87
N GLU A 3 -7.92 16.64 20.75
CA GLU A 3 -7.54 17.23 19.47
C GLU A 3 -6.19 16.67 19.03
N SER A 4 -5.34 16.32 19.99
CA SER A 4 -4.03 15.77 19.67
C SER A 4 -4.15 14.47 18.89
N TRP A 5 -5.09 13.62 19.28
CA TRP A 5 -5.28 12.32 18.61
C TRP A 5 -5.94 12.49 17.23
N VAL A 6 -6.84 13.47 17.12
CA VAL A 6 -7.56 13.71 15.87
C VAL A 6 -6.64 13.58 14.64
N PRO A 7 -5.42 14.08 14.70
CA PRO A 7 -4.50 13.97 13.55
C PRO A 7 -4.33 12.53 13.07
N ALA A 8 -4.62 11.58 13.95
CA ALA A 8 -4.48 10.17 13.59
C ALA A 8 -5.29 9.88 12.33
N VAL A 9 -6.43 10.55 12.20
CA VAL A 9 -7.25 10.36 11.01
C VAL A 9 -6.47 10.82 9.79
N GLY A 10 -5.81 11.97 9.91
CA GLY A 10 -5.00 12.52 8.83
C GLY A 10 -3.80 11.62 8.51
N LEU A 11 -3.26 10.98 9.55
CA LEU A 11 -2.11 10.10 9.37
C LEU A 11 -2.40 9.01 8.35
N THR A 12 -3.60 8.44 8.41
CA THR A 12 -3.97 7.36 7.49
C THR A 12 -4.36 7.87 6.10
N LEU A 13 -4.96 9.05 6.02
CA LEU A 13 -5.38 9.60 4.72
C LEU A 13 -4.20 9.83 3.78
N VAL A 14 -3.07 10.26 4.31
CA VAL A 14 -1.91 10.53 3.47
C VAL A 14 -1.56 9.32 2.61
N PRO A 15 -1.59 8.12 3.15
CA PRO A 15 -1.26 6.89 2.37
C PRO A 15 -2.21 6.66 1.19
N SER A 16 -3.49 6.96 1.40
CA SER A 16 -4.48 6.74 0.35
C SER A 16 -4.17 7.55 -0.91
N LEU A 17 -3.69 8.77 -0.74
CA LEU A 17 -3.37 9.62 -1.89
C LEU A 17 -2.30 8.99 -2.78
N GLY A 18 -1.31 8.36 -2.15
CA GLY A 18 -0.23 7.73 -2.90
C GLY A 18 -0.73 6.59 -3.79
N GLY A 19 -1.65 5.78 -3.27
CA GLY A 19 -2.19 4.66 -4.03
C GLY A 19 -2.86 5.12 -5.32
N PHE A 20 -3.63 6.21 -5.24
CA PHE A 20 -4.32 6.72 -6.41
C PHE A 20 -3.36 7.14 -7.52
N MET A 21 -2.26 7.76 -7.14
CA MET A 21 -1.27 8.23 -8.11
C MET A 21 -0.70 7.07 -8.93
N GLY A 22 -0.46 5.93 -8.28
CA GLY A 22 0.08 4.77 -8.99
C GLY A 22 -0.99 4.12 -9.87
N ALA A 23 -2.17 3.94 -9.27
CA ALA A 23 -3.30 3.33 -9.99
C ALA A 23 -3.83 4.28 -11.04
N TYR A 24 -3.56 5.56 -10.84
CA TYR A 24 -3.99 6.56 -11.79
C TYR A 24 -3.44 6.20 -13.18
N PHE A 25 -2.24 5.59 -13.20
CA PHE A 25 -1.60 5.19 -14.46
C PHE A 25 -2.39 4.11 -15.20
N VAL A 26 -2.76 3.05 -14.48
CA VAL A 26 -3.51 1.96 -15.11
C VAL A 26 -4.93 2.41 -15.38
N ARG A 27 -5.44 3.19 -14.46
CA ARG A 27 -6.78 3.73 -14.51
C ARG A 27 -7.02 4.59 -15.76
N GLY A 28 -6.01 5.37 -16.12
CA GLY A 28 -6.12 6.27 -17.26
C GLY A 28 -5.77 5.59 -18.59
N GLU A 29 -4.89 6.23 -19.35
CA GLU A 29 -4.48 5.71 -20.65
C GLU A 29 -3.89 4.31 -20.52
N GLY A 30 -3.34 4.02 -19.35
CA GLY A 30 -2.74 2.72 -19.13
C GLY A 30 -3.68 1.61 -19.58
N LEU A 31 -4.99 1.84 -19.45
CA LEU A 31 -5.96 0.83 -19.86
C LEU A 31 -5.65 0.36 -21.28
N ARG A 32 -5.38 1.31 -22.16
CA ARG A 32 -5.05 0.94 -23.53
C ARG A 32 -3.79 0.09 -23.52
N TRP A 33 -2.82 0.48 -22.69
CA TRP A 33 -1.57 -0.26 -22.59
C TRP A 33 -1.80 -1.68 -22.09
N TYR A 34 -2.69 -1.83 -21.11
CA TYR A 34 -3.01 -3.14 -20.55
C TYR A 34 -3.64 -4.06 -21.58
N ALA A 35 -4.25 -3.49 -22.62
CA ALA A 35 -4.88 -4.32 -23.63
C ALA A 35 -3.88 -5.38 -24.10
N GLY A 36 -2.63 -4.96 -24.27
CA GLY A 36 -1.57 -5.89 -24.66
C GLY A 36 -1.30 -6.88 -23.53
N LEU A 37 -1.53 -6.43 -22.30
CA LEU A 37 -1.31 -7.25 -21.12
C LEU A 37 -2.59 -8.00 -20.75
N GLN A 38 -2.43 -9.18 -20.15
CA GLN A 38 -3.59 -9.96 -19.73
C GLN A 38 -3.80 -9.79 -18.23
N LYS A 39 -5.04 -9.45 -17.85
CA LYS A 39 -5.36 -9.25 -16.43
C LYS A 39 -6.27 -10.39 -15.96
N PRO A 40 -6.06 -10.89 -14.77
CA PRO A 40 -6.90 -12.00 -14.23
C PRO A 40 -8.38 -11.62 -14.12
N SER A 41 -9.23 -12.49 -14.64
CA SER A 41 -10.67 -12.27 -14.63
C SER A 41 -11.24 -12.31 -13.20
N TRP A 42 -10.55 -12.98 -12.29
CA TRP A 42 -11.05 -13.11 -10.93
C TRP A 42 -10.89 -11.84 -10.10
N HIS A 43 -10.07 -10.89 -10.56
CA HIS A 43 -9.89 -9.66 -9.79
C HIS A 43 -11.15 -8.78 -9.92
N PRO A 44 -11.53 -8.08 -8.87
CA PRO A 44 -12.73 -7.19 -8.93
C PRO A 44 -12.45 -5.98 -9.82
N PRO A 45 -13.47 -5.30 -10.28
CA PRO A 45 -13.28 -4.10 -11.14
C PRO A 45 -12.30 -3.12 -10.50
N ARG A 46 -11.62 -2.34 -11.33
CA ARG A 46 -10.64 -1.38 -10.83
C ARG A 46 -11.23 -0.43 -9.79
N TRP A 47 -12.49 -0.04 -9.98
CA TRP A 47 -13.13 0.88 -9.04
C TRP A 47 -13.44 0.22 -7.70
N THR A 48 -13.39 -1.12 -7.67
CA THR A 48 -13.69 -1.84 -6.43
C THR A 48 -12.49 -1.84 -5.49
N LEU A 49 -11.43 -2.54 -5.88
CA LEU A 49 -10.25 -2.62 -5.04
C LEU A 49 -9.61 -1.25 -4.84
N ALA A 50 -9.66 -0.38 -5.83
CA ALA A 50 -9.08 0.94 -5.65
C ALA A 50 -9.48 1.51 -4.29
N PRO A 51 -10.73 1.34 -3.91
CA PRO A 51 -11.26 1.82 -2.61
C PRO A 51 -10.61 1.15 -1.39
N ILE A 52 -9.80 0.12 -1.61
CA ILE A 52 -9.16 -0.60 -0.50
C ILE A 52 -8.67 0.38 0.57
N TRP A 53 -8.11 1.50 0.15
CA TRP A 53 -7.61 2.47 1.12
C TRP A 53 -8.70 2.83 2.11
N GLY A 54 -9.94 2.86 1.65
CA GLY A 54 -11.05 3.15 2.54
C GLY A 54 -11.11 2.11 3.66
N THR A 55 -10.84 0.85 3.28
CA THR A 55 -10.85 -0.24 4.25
C THR A 55 -9.69 -0.11 5.23
N LEU A 56 -8.49 0.06 4.69
CA LEU A 56 -7.30 0.22 5.52
C LEU A 56 -7.38 1.54 6.30
N TYR A 57 -8.02 2.53 5.68
CA TYR A 57 -8.15 3.85 6.29
C TYR A 57 -8.70 3.76 7.71
N SER A 58 -9.83 3.09 7.88
CA SER A 58 -10.42 2.98 9.19
C SER A 58 -9.56 2.12 10.10
N ALA A 59 -8.92 1.10 9.55
CA ALA A 59 -8.07 0.23 10.35
C ALA A 59 -6.87 1.01 10.89
N MET A 60 -6.27 1.84 10.03
CA MET A 60 -5.12 2.63 10.42
C MET A 60 -5.46 3.64 11.52
N GLY A 61 -6.65 4.24 11.43
CA GLY A 61 -7.05 5.21 12.44
C GLY A 61 -7.25 4.56 13.80
N TYR A 62 -8.14 3.56 13.84
CA TYR A 62 -8.40 2.84 15.08
C TYR A 62 -7.16 2.12 15.59
N GLY A 63 -6.35 1.60 14.68
CA GLY A 63 -5.13 0.89 15.10
C GLY A 63 -4.27 1.81 15.98
N SER A 64 -4.15 3.06 15.57
CA SER A 64 -3.36 4.03 16.34
C SER A 64 -4.01 4.27 17.69
N TYR A 65 -5.33 4.16 17.75
CA TYR A 65 -6.06 4.37 19.00
C TYR A 65 -5.55 3.39 20.06
N ILE A 66 -5.38 2.14 19.67
CA ILE A 66 -4.89 1.13 20.60
C ILE A 66 -3.51 1.52 21.12
N VAL A 67 -2.70 2.07 20.22
CA VAL A 67 -1.35 2.47 20.58
C VAL A 67 -1.35 3.57 21.64
N TRP A 68 -2.28 4.53 21.54
CA TRP A 68 -2.33 5.62 22.53
C TRP A 68 -2.63 5.09 23.92
N LYS A 69 -3.65 4.27 24.03
CA LYS A 69 -4.03 3.75 25.31
C LYS A 69 -2.86 3.07 26.02
N GLU A 70 -2.02 2.38 25.26
CA GLU A 70 -0.87 1.72 25.84
C GLU A 70 0.20 2.74 26.29
N LEU A 71 0.46 3.73 25.44
CA LEU A 71 1.48 4.75 25.75
C LEU A 71 0.97 5.81 26.74
N GLY A 72 -0.33 6.03 26.78
CA GLY A 72 -0.91 7.02 27.69
C GLY A 72 -1.31 8.31 26.96
N GLY A 73 -1.03 8.39 25.66
CA GLY A 73 -1.42 9.58 24.90
C GLY A 73 -0.36 9.90 23.85
N PHE A 74 -0.48 11.08 23.22
CA PHE A 74 0.49 11.47 22.21
C PHE A 74 1.71 12.07 22.90
N THR A 75 2.72 11.23 23.10
CA THR A 75 3.97 11.64 23.72
C THR A 75 5.13 11.34 22.81
N GLU A 76 6.31 11.77 23.21
CA GLU A 76 7.49 11.53 22.39
C GLU A 76 7.55 10.04 22.05
N ASP A 77 7.13 9.20 23.00
CA ASP A 77 7.13 7.77 22.79
C ASP A 77 6.16 7.39 21.67
N ALA A 78 5.01 8.06 21.64
CA ALA A 78 3.98 7.79 20.61
C ALA A 78 4.25 8.58 19.32
N MET A 79 4.68 9.82 19.47
CA MET A 79 4.95 10.68 18.33
C MET A 79 6.02 10.08 17.42
N VAL A 80 7.01 9.42 18.00
CA VAL A 80 8.08 8.82 17.22
C VAL A 80 7.55 7.73 16.28
N PRO A 81 6.88 6.72 16.80
CA PRO A 81 6.34 5.63 15.94
C PRO A 81 5.29 6.14 14.95
N LEU A 82 4.27 6.83 15.47
CA LEU A 82 3.23 7.36 14.60
C LEU A 82 3.83 8.39 13.66
N GLY A 83 4.72 9.23 14.19
CA GLY A 83 5.37 10.25 13.37
C GLY A 83 6.18 9.59 12.26
N LEU A 84 6.82 8.47 12.58
CA LEU A 84 7.61 7.75 11.59
C LEU A 84 6.72 7.36 10.41
N TYR A 85 5.50 6.97 10.72
CA TYR A 85 4.55 6.57 9.69
C TYR A 85 4.31 7.71 8.71
N THR A 86 4.12 8.92 9.25
CA THR A 86 3.89 10.08 8.40
C THR A 86 5.15 10.48 7.63
N GLY A 87 6.29 10.44 8.31
CA GLY A 87 7.55 10.83 7.68
C GLY A 87 8.10 9.78 6.71
N GLN A 88 8.40 8.59 7.23
CA GLN A 88 8.96 7.54 6.39
C GLN A 88 8.05 7.24 5.19
N LEU A 89 6.75 7.21 5.42
CA LEU A 89 5.81 6.91 4.34
C LEU A 89 5.85 7.99 3.27
N ALA A 90 5.99 9.25 3.69
CA ALA A 90 6.03 10.36 2.73
C ALA A 90 7.25 10.24 1.83
N LEU A 91 8.42 10.05 2.45
CA LEU A 91 9.66 9.92 1.68
C LEU A 91 9.53 8.71 0.77
N ASN A 92 8.91 7.67 1.28
CA ASN A 92 8.72 6.45 0.52
C ASN A 92 7.86 6.73 -0.72
N TRP A 93 6.81 7.52 -0.54
CA TRP A 93 5.92 7.85 -1.65
C TRP A 93 6.67 8.49 -2.81
N ALA A 94 7.75 9.22 -2.50
CA ALA A 94 8.54 9.88 -3.54
C ALA A 94 9.26 8.88 -4.44
N TRP A 95 9.49 7.67 -3.93
CA TRP A 95 10.20 6.62 -4.68
C TRP A 95 9.56 6.24 -6.02
N PRO A 96 8.39 5.62 -6.00
CA PRO A 96 7.71 5.15 -7.24
C PRO A 96 7.85 6.15 -8.41
N PRO A 97 8.98 6.11 -9.09
CA PRO A 97 9.22 7.02 -10.24
C PRO A 97 8.24 6.79 -11.39
N ILE A 98 7.64 5.61 -11.43
CA ILE A 98 6.69 5.29 -12.50
C ILE A 98 5.51 6.27 -12.50
N PHE A 99 5.20 6.85 -11.35
CA PHE A 99 4.08 7.77 -11.28
C PHE A 99 4.11 8.74 -12.47
N PHE A 100 5.31 9.22 -12.81
CA PHE A 100 5.46 10.15 -13.92
C PHE A 100 5.13 9.51 -15.27
N GLY A 101 5.76 8.36 -15.55
CA GLY A 101 5.54 7.69 -16.84
C GLY A 101 4.82 6.34 -16.70
N ALA A 102 5.52 5.37 -16.11
CA ALA A 102 4.96 4.03 -15.94
C ALA A 102 4.67 3.39 -17.30
N ARG A 103 5.10 4.04 -18.36
CA ARG A 103 4.88 3.50 -19.69
C ARG A 103 5.40 2.08 -19.77
N GLN A 104 6.47 1.81 -19.04
CA GLN A 104 7.07 0.48 -19.02
C GLN A 104 6.43 -0.38 -17.93
N MET A 105 6.36 -1.69 -18.17
CA MET A 105 5.77 -2.62 -17.21
C MET A 105 6.54 -2.59 -15.88
N GLY A 106 7.76 -2.07 -15.92
CA GLY A 106 8.61 -2.01 -14.73
C GLY A 106 7.89 -1.40 -13.51
N TRP A 107 6.58 -1.18 -13.62
CA TRP A 107 5.81 -0.60 -12.52
C TRP A 107 6.09 -1.32 -11.19
N ALA A 108 6.68 -2.50 -11.26
CA ALA A 108 6.93 -3.31 -10.05
C ALA A 108 7.31 -2.45 -8.85
N LEU A 109 7.69 -1.22 -9.10
CA LEU A 109 8.04 -0.31 -8.02
C LEU A 109 6.80 0.04 -7.17
N ALA A 110 5.61 0.08 -7.80
CA ALA A 110 4.38 0.40 -7.05
C ALA A 110 4.11 -0.66 -5.99
N ASP A 111 4.01 -1.91 -6.44
CA ASP A 111 3.73 -3.03 -5.54
C ASP A 111 4.77 -3.16 -4.43
N LEU A 112 6.04 -3.05 -4.78
CA LEU A 112 7.09 -3.18 -3.77
C LEU A 112 6.96 -2.09 -2.71
N LEU A 113 6.63 -0.88 -3.15
CA LEU A 113 6.50 0.24 -2.24
C LEU A 113 5.23 0.17 -1.37
N LEU A 114 4.09 -0.13 -1.99
CA LEU A 114 2.84 -0.16 -1.24
C LEU A 114 2.74 -1.40 -0.35
N VAL A 115 3.21 -2.52 -0.84
CA VAL A 115 3.16 -3.75 -0.05
C VAL A 115 4.09 -3.69 1.16
N SER A 116 5.30 -3.20 0.94
CA SER A 116 6.29 -3.10 2.01
C SER A 116 6.15 -1.84 2.84
N GLY A 117 5.88 -0.72 2.17
CA GLY A 117 5.76 0.56 2.88
C GLY A 117 4.72 0.47 3.98
N VAL A 118 3.60 -0.15 3.68
CA VAL A 118 2.52 -0.29 4.66
C VAL A 118 2.88 -1.35 5.71
N ALA A 119 3.33 -2.51 5.25
CA ALA A 119 3.65 -3.60 6.15
C ALA A 119 4.95 -3.35 6.93
N THR A 120 6.05 -3.12 6.22
CA THR A 120 7.34 -2.92 6.87
C THR A 120 7.34 -1.71 7.81
N ALA A 121 6.75 -0.61 7.38
CA ALA A 121 6.74 0.59 8.22
C ALA A 121 5.79 0.45 9.40
N THR A 122 4.53 0.17 9.10
CA THR A 122 3.52 0.05 10.16
C THR A 122 3.82 -1.11 11.12
N THR A 123 4.24 -2.24 10.58
CA THR A 123 4.51 -3.41 11.41
C THR A 123 5.59 -3.14 12.45
N LEU A 124 6.68 -2.50 12.06
CA LEU A 124 7.75 -2.22 13.00
C LEU A 124 7.30 -1.31 14.14
N ALA A 125 6.45 -0.33 13.83
CA ALA A 125 5.99 0.60 14.88
C ALA A 125 4.82 0.04 15.69
N TRP A 126 3.68 -0.18 15.02
CA TRP A 126 2.48 -0.66 15.70
C TRP A 126 2.62 -2.07 16.28
N HIS A 127 3.24 -3.00 15.56
CA HIS A 127 3.34 -4.37 16.06
C HIS A 127 4.08 -4.39 17.39
N ARG A 128 5.23 -3.72 17.44
CA ARG A 128 6.03 -3.70 18.66
C ARG A 128 5.31 -2.96 19.79
N VAL A 129 4.72 -1.80 19.47
CA VAL A 129 4.02 -1.02 20.48
C VAL A 129 2.65 -1.61 20.81
N SER A 130 1.89 -1.95 19.77
CA SER A 130 0.55 -2.50 19.95
C SER A 130 0.35 -3.76 19.14
N PRO A 131 0.76 -4.88 19.65
CA PRO A 131 0.62 -6.18 18.92
C PRO A 131 -0.82 -6.41 18.43
N PRO A 132 -1.81 -6.15 19.25
CA PRO A 132 -3.23 -6.36 18.83
C PRO A 132 -3.60 -5.54 17.59
N ALA A 133 -3.00 -4.37 17.47
CA ALA A 133 -3.27 -3.49 16.33
C ALA A 133 -2.88 -4.18 15.03
N ALA A 134 -1.89 -5.06 15.10
CA ALA A 134 -1.45 -5.75 13.91
C ALA A 134 -2.59 -6.57 13.32
N ARG A 135 -3.38 -7.22 14.17
CA ARG A 135 -4.52 -8.01 13.69
C ARG A 135 -5.51 -7.12 12.98
N LEU A 136 -5.71 -5.93 13.52
CA LEU A 136 -6.64 -4.98 12.92
C LEU A 136 -6.32 -4.79 11.44
N LEU A 137 -5.04 -4.79 11.14
CA LEU A 137 -4.59 -4.61 9.77
C LEU A 137 -5.16 -5.72 8.89
N TYR A 138 -5.44 -6.87 9.50
CA TYR A 138 -5.98 -8.05 8.80
C TYR A 138 -6.29 -7.82 7.31
N PRO A 139 -7.28 -7.04 6.98
CA PRO A 139 -7.64 -6.82 5.53
C PRO A 139 -6.43 -6.43 4.68
N TYR A 140 -5.44 -5.81 5.30
CA TYR A 140 -4.25 -5.39 4.58
C TYR A 140 -3.61 -6.59 3.89
N LEU A 141 -3.53 -7.69 4.63
CA LEU A 141 -2.93 -8.90 4.11
C LEU A 141 -3.67 -9.40 2.87
N ALA A 142 -4.99 -9.30 2.89
CA ALA A 142 -5.78 -9.74 1.74
C ALA A 142 -5.47 -8.88 0.53
N TRP A 143 -5.40 -7.57 0.75
CA TRP A 143 -5.10 -6.63 -0.33
C TRP A 143 -3.67 -6.83 -0.81
N LEU A 144 -2.72 -6.85 0.11
CA LEU A 144 -1.32 -7.05 -0.27
C LEU A 144 -1.15 -8.46 -0.83
N ALA A 145 -1.93 -9.41 -0.33
CA ALA A 145 -1.82 -10.79 -0.80
C ALA A 145 -2.17 -10.87 -2.29
N PHE A 146 -3.29 -10.26 -2.68
CA PHE A 146 -3.69 -10.25 -4.08
C PHE A 146 -2.70 -9.49 -4.94
N THR A 147 -2.21 -8.38 -4.42
CA THR A 147 -1.28 -7.56 -5.17
C THR A 147 -0.08 -8.39 -5.63
N THR A 148 0.45 -9.22 -4.72
CA THR A 148 1.60 -10.05 -5.08
C THR A 148 1.20 -11.11 -6.11
N VAL A 149 0.06 -11.76 -5.89
CA VAL A 149 -0.41 -12.78 -6.81
C VAL A 149 -0.75 -12.15 -8.16
N LEU A 150 -1.39 -10.99 -8.08
CA LEU A 150 -1.77 -10.24 -9.26
C LEU A 150 -0.55 -9.87 -10.09
N ASN A 151 0.53 -9.54 -9.40
CA ASN A 151 1.77 -9.14 -10.08
C ASN A 151 2.35 -10.25 -10.96
N TYR A 152 2.33 -11.49 -10.46
CA TYR A 152 2.90 -12.60 -11.23
C TYR A 152 2.10 -12.87 -12.50
N TYR A 153 0.78 -12.79 -12.43
CA TYR A 153 -0.04 -13.06 -13.59
C TYR A 153 0.24 -12.09 -14.74
N VAL A 154 0.35 -10.81 -14.42
CA VAL A 154 0.60 -9.80 -15.46
C VAL A 154 2.02 -9.85 -16.00
N TRP A 155 3.01 -9.81 -15.11
CA TRP A 155 4.41 -9.83 -15.55
C TRP A 155 4.78 -11.13 -16.26
N ARG A 156 4.32 -12.26 -15.74
CA ARG A 156 4.62 -13.54 -16.36
C ARG A 156 4.08 -13.60 -17.78
N ASP A 157 2.92 -13.00 -18.01
CA ASP A 157 2.33 -13.00 -19.34
C ASP A 157 3.27 -12.35 -20.35
N ASN A 158 3.90 -11.26 -19.94
CA ASN A 158 4.83 -10.55 -20.81
C ASN A 158 6.26 -11.06 -20.61
N SER A 159 6.72 -11.00 -19.36
CA SER A 159 8.07 -11.44 -19.03
C SER A 159 8.28 -12.91 -19.38
N GLY A 160 7.18 -13.67 -19.41
CA GLY A 160 7.29 -15.09 -19.73
C GLY A 160 8.06 -15.27 -21.04
N ARG A 161 7.88 -14.31 -21.95
CA ARG A 161 8.57 -14.35 -23.23
C ARG A 161 10.07 -14.10 -23.03
N ARG A 162 10.90 -14.66 -23.90
CA ARG A 162 12.34 -14.48 -23.80
C ARG A 162 12.71 -13.00 -23.78
N GLY A 163 11.94 -12.21 -24.51
CA GLY A 163 12.19 -10.77 -24.57
C GLY A 163 13.17 -10.42 -25.67
N GLY A 164 13.51 -11.40 -26.51
CA GLY A 164 14.45 -11.18 -27.60
C GLY A 164 14.00 -10.01 -28.46
N SER A 165 12.69 -9.83 -28.57
CA SER A 165 12.14 -8.73 -29.38
C SER A 165 12.56 -7.38 -28.82
N ARG A 166 12.86 -7.33 -27.52
CA ARG A 166 13.27 -6.08 -26.89
C ARG A 166 14.47 -5.47 -27.62
N LEU A 167 15.37 -6.33 -28.08
CA LEU A 167 16.55 -5.85 -28.79
C LEU A 167 16.13 -5.08 -30.05
N ALA A 168 15.07 -5.56 -30.70
CA ALA A 168 14.58 -4.93 -31.91
C ALA A 168 14.03 -3.54 -31.60
N GLU A 169 13.48 -3.36 -30.41
CA GLU A 169 12.93 -2.07 -30.00
C GLU A 169 12.60 -2.07 -28.52
C1 PKA B . -4.30 -3.23 -12.15
C2 PKA B . -5.56 -3.54 -11.32
C3 PKA B . -5.46 -2.85 -9.95
C4 PKA B . -6.17 -1.50 -10.00
N5 PKA B . -6.06 -3.68 -8.90
C6 PKA B . -7.26 -4.46 -9.19
C7 PKA B . -5.67 -3.54 -7.62
O8 PKA B . -6.19 -4.20 -6.72
C9 PKA B . -4.59 -2.59 -7.29
N18 PKA B . -3.43 -2.57 -8.05
C17 PKA B . -2.41 -1.68 -7.76
C10 PKA B . -4.76 -1.68 -6.23
C11 PKA B . -3.72 -0.78 -5.92
C12 PKA B . -3.86 0.10 -4.85
C16 PKA B . -2.55 -0.79 -6.69
C13 PKA B . -2.84 1.02 -4.56
C14 PKA B . -1.67 1.03 -5.33
C15 PKA B . -1.51 0.12 -6.38
C19 PKA B . -1.18 -1.70 -8.59
C24 PKA B . -0.78 -0.55 -9.26
C23 PKA B . 0.36 -0.56 -10.06
C20 PKA B . -0.43 -2.88 -8.69
C21 PKA B . 0.73 -2.90 -9.49
C22 PKA B . 1.12 -1.75 -10.17
CL PKA B . -1.72 0.90 -9.11
H1C PKA B . -3.51 -3.92 -11.89
H1A PKA B . -3.97 -2.21 -11.92
H1B PKA B . -4.52 -3.30 -13.20
H2A PKA B . -5.63 -4.61 -11.18
H2B PKA B . -6.43 -3.20 -11.85
H3 PKA B . -4.43 -2.70 -9.75
H4C PKA B . -5.60 -0.82 -10.61
H4A PKA B . -6.24 -1.11 -8.98
H4B PKA B . -7.16 -1.62 -10.41
H6A PKA B . -7.95 -4.38 -8.37
H6B PKA B . -6.98 -5.49 -9.33
H6C PKA B . -7.71 -4.08 -10.09
H10 PKA B . -5.63 -1.72 -5.61
H12 PKA B . -4.75 0.07 -4.24
H13 PKA B . -2.92 1.65 -3.70
H14 PKA B . -0.87 1.69 -5.07
H15 PKA B . -0.62 0.13 -6.95
H23 PKA B . 0.57 0.26 -10.70
H20 PKA B . -0.68 -3.74 -8.09
H21 PKA B . 1.26 -3.82 -9.63
H22 PKA B . 1.88 -1.82 -10.93
N MET A 1 -11.27 14.01 21.76
CA MET A 1 -10.69 14.24 20.43
C MET A 1 -9.75 15.45 20.46
N PRO A 2 -8.63 15.31 21.10
CA PRO A 2 -7.63 16.40 21.21
C PRO A 2 -7.19 16.91 19.83
N GLU A 3 -6.92 18.21 19.75
CA GLU A 3 -6.49 18.79 18.48
C GLU A 3 -5.18 18.14 18.01
N SER A 4 -4.32 17.83 18.97
CA SER A 4 -3.04 17.21 18.65
C SER A 4 -3.22 15.82 18.05
N TRP A 5 -4.16 15.04 18.60
CA TRP A 5 -4.42 13.69 18.12
C TRP A 5 -5.18 13.71 16.80
N VAL A 6 -6.02 14.72 16.63
CA VAL A 6 -6.84 14.82 15.43
C VAL A 6 -6.03 14.47 14.16
N PRO A 7 -4.81 14.92 14.06
CA PRO A 7 -3.98 14.59 12.86
C PRO A 7 -3.91 13.09 12.62
N ALA A 8 -4.18 12.31 13.66
CA ALA A 8 -4.13 10.86 13.53
C ALA A 8 -4.98 10.42 12.36
N VAL A 9 -6.10 11.12 12.15
CA VAL A 9 -6.95 10.80 11.03
C VAL A 9 -6.18 11.03 9.74
N GLY A 10 -5.44 12.14 9.71
CA GLY A 10 -4.62 12.48 8.55
C GLY A 10 -3.51 11.46 8.33
N LEU A 11 -2.98 10.91 9.42
CA LEU A 11 -1.92 9.92 9.31
C LEU A 11 -2.35 8.73 8.46
N THR A 12 -3.59 8.27 8.64
CA THR A 12 -4.07 7.13 7.86
C THR A 12 -4.44 7.55 6.43
N LEU A 13 -4.89 8.79 6.27
CA LEU A 13 -5.26 9.30 4.94
C LEU A 13 -4.04 9.45 4.04
N VAL A 14 -2.90 9.79 4.64
CA VAL A 14 -1.67 9.99 3.87
C VAL A 14 -1.44 8.91 2.80
N PRO A 15 -1.39 7.66 3.17
CA PRO A 15 -1.15 6.56 2.17
C PRO A 15 -2.22 6.52 1.07
N SER A 16 -3.44 6.88 1.42
CA SER A 16 -4.53 6.84 0.45
C SER A 16 -4.22 7.74 -0.75
N LEU A 17 -3.63 8.89 -0.51
CA LEU A 17 -3.30 9.82 -1.58
C LEU A 17 -2.24 9.23 -2.52
N GLY A 18 -1.30 8.49 -1.96
CA GLY A 18 -0.22 7.91 -2.76
C GLY A 18 -0.74 6.81 -3.68
N GLY A 19 -1.36 5.78 -3.10
CA GLY A 19 -1.87 4.67 -3.88
C GLY A 19 -2.89 5.14 -4.92
N PHE A 20 -3.68 6.14 -4.55
CA PHE A 20 -4.70 6.66 -5.46
C PHE A 20 -4.06 7.14 -6.77
N MET A 21 -2.98 7.90 -6.67
CA MET A 21 -2.30 8.42 -7.85
C MET A 21 -1.71 7.29 -8.69
N GLY A 22 -1.17 6.27 -8.02
CA GLY A 22 -0.56 5.15 -8.73
C GLY A 22 -1.59 4.38 -9.55
N ALA A 23 -2.75 4.16 -8.95
CA ALA A 23 -3.82 3.42 -9.61
C ALA A 23 -4.40 4.20 -10.79
N TYR A 24 -4.30 5.52 -10.74
CA TYR A 24 -4.83 6.35 -11.80
C TYR A 24 -4.23 5.96 -13.16
N PHE A 25 -2.97 5.51 -13.16
CA PHE A 25 -2.30 5.13 -14.40
C PHE A 25 -3.00 4.00 -15.13
N VAL A 26 -3.34 2.94 -14.40
CA VAL A 26 -4.00 1.78 -14.99
C VAL A 26 -5.45 2.12 -15.31
N ARG A 27 -5.99 3.00 -14.50
CA ARG A 27 -7.36 3.44 -14.61
C ARG A 27 -7.64 4.20 -15.92
N GLY A 28 -6.71 5.06 -16.31
CA GLY A 28 -6.88 5.88 -17.50
C GLY A 28 -6.29 5.24 -18.75
N GLU A 29 -5.43 6.00 -19.43
CA GLU A 29 -4.80 5.52 -20.67
C GLU A 29 -4.19 4.14 -20.47
N GLY A 30 -3.74 3.86 -19.25
CA GLY A 30 -3.14 2.57 -18.98
C GLY A 30 -4.03 1.43 -19.46
N LEU A 31 -5.33 1.64 -19.44
CA LEU A 31 -6.27 0.61 -19.89
C LEU A 31 -5.85 0.13 -21.27
N ARG A 32 -5.57 1.07 -22.16
CA ARG A 32 -5.14 0.74 -23.51
C ARG A 32 -3.82 -0.01 -23.50
N TRP A 33 -2.93 0.38 -22.59
CA TRP A 33 -1.61 -0.24 -22.47
C TRP A 33 -1.70 -1.75 -22.26
N TYR A 34 -2.68 -2.18 -21.49
CA TYR A 34 -2.85 -3.62 -21.22
C TYR A 34 -3.15 -4.41 -22.48
N ALA A 35 -3.66 -3.75 -23.50
CA ALA A 35 -3.98 -4.46 -24.73
C ALA A 35 -2.84 -5.41 -25.09
N GLY A 36 -1.61 -5.00 -24.79
CA GLY A 36 -0.45 -5.83 -25.06
C GLY A 36 -0.20 -6.82 -23.92
N LEU A 37 -0.57 -6.42 -22.70
CA LEU A 37 -0.37 -7.25 -21.53
C LEU A 37 -1.64 -8.05 -21.21
N GLN A 38 -1.46 -9.22 -20.59
CA GLN A 38 -2.60 -10.04 -20.21
C GLN A 38 -2.94 -9.82 -18.75
N LYS A 39 -4.22 -9.62 -18.47
CA LYS A 39 -4.66 -9.39 -17.08
C LYS A 39 -5.47 -10.58 -16.58
N PRO A 40 -5.31 -10.93 -15.33
CA PRO A 40 -6.08 -12.07 -14.74
C PRO A 40 -7.58 -11.82 -14.79
N SER A 41 -8.32 -12.82 -15.22
CA SER A 41 -9.78 -12.69 -15.30
C SER A 41 -10.44 -12.84 -13.93
N TRP A 42 -9.68 -13.31 -12.95
CA TRP A 42 -10.24 -13.52 -11.61
C TRP A 42 -10.32 -12.23 -10.80
N HIS A 43 -9.62 -11.17 -11.22
CA HIS A 43 -9.66 -9.93 -10.46
C HIS A 43 -11.02 -9.23 -10.56
N PRO A 44 -11.43 -8.52 -9.54
CA PRO A 44 -12.74 -7.77 -9.56
C PRO A 44 -12.62 -6.42 -10.25
N PRO A 45 -13.70 -5.72 -10.41
CA PRO A 45 -13.70 -4.38 -11.08
C PRO A 45 -12.66 -3.44 -10.48
N ARG A 46 -12.06 -2.62 -11.33
CA ARG A 46 -11.05 -1.68 -10.86
C ARG A 46 -11.62 -0.72 -9.81
N TRP A 47 -12.88 -0.33 -9.98
CA TRP A 47 -13.51 0.58 -9.05
C TRP A 47 -13.79 -0.09 -7.72
N THR A 48 -13.96 -1.41 -7.75
CA THR A 48 -14.25 -2.16 -6.53
C THR A 48 -13.11 -2.06 -5.52
N LEU A 49 -11.91 -2.48 -5.94
CA LEU A 49 -10.76 -2.45 -5.05
C LEU A 49 -10.22 -1.04 -4.84
N ALA A 50 -10.31 -0.19 -5.86
CA ALA A 50 -9.80 1.18 -5.74
C ALA A 50 -10.05 1.76 -4.34
N PRO A 51 -11.27 1.70 -3.85
CA PRO A 51 -11.62 2.26 -2.50
C PRO A 51 -11.01 1.50 -1.32
N ILE A 52 -10.23 0.45 -1.59
CA ILE A 52 -9.64 -0.34 -0.51
C ILE A 52 -9.07 0.56 0.59
N TRP A 53 -8.39 1.63 0.20
CA TRP A 53 -7.82 2.52 1.20
C TRP A 53 -8.87 2.93 2.21
N GLY A 54 -10.12 3.04 1.76
CA GLY A 54 -11.20 3.39 2.66
C GLY A 54 -11.30 2.35 3.76
N THR A 55 -11.14 1.08 3.38
CA THR A 55 -11.21 -0.02 4.33
C THR A 55 -10.02 0.00 5.30
N LEU A 56 -8.82 0.09 4.74
CA LEU A 56 -7.60 0.14 5.55
C LEU A 56 -7.56 1.43 6.34
N TYR A 57 -8.08 2.49 5.73
CA TYR A 57 -8.09 3.82 6.33
C TYR A 57 -8.61 3.78 7.77
N SER A 58 -9.85 3.34 7.94
CA SER A 58 -10.44 3.29 9.27
C SER A 58 -9.70 2.32 10.17
N ALA A 59 -9.27 1.19 9.61
CA ALA A 59 -8.56 0.20 10.41
C ALA A 59 -7.25 0.76 10.95
N MET A 60 -6.51 1.47 10.11
CA MET A 60 -5.24 2.06 10.53
C MET A 60 -5.41 3.11 11.61
N GLY A 61 -6.46 3.91 11.52
CA GLY A 61 -6.70 4.95 12.51
C GLY A 61 -6.92 4.35 13.89
N TYR A 62 -7.78 3.34 13.97
CA TYR A 62 -8.07 2.71 15.24
C TYR A 62 -6.81 2.09 15.82
N GLY A 63 -5.98 1.50 14.97
CA GLY A 63 -4.77 0.87 15.46
C GLY A 63 -3.97 1.85 16.31
N SER A 64 -3.87 3.08 15.84
CA SER A 64 -3.16 4.11 16.58
C SER A 64 -3.84 4.32 17.93
N TYR A 65 -5.16 4.13 17.96
CA TYR A 65 -5.89 4.32 19.20
C TYR A 65 -5.34 3.38 20.28
N ILE A 66 -5.16 2.10 19.92
CA ILE A 66 -4.61 1.13 20.86
C ILE A 66 -3.22 1.55 21.27
N VAL A 67 -2.46 2.01 20.30
CA VAL A 67 -1.10 2.47 20.56
C VAL A 67 -1.16 3.64 21.54
N TRP A 68 -2.17 4.48 21.36
CA TRP A 68 -2.38 5.62 22.23
C TRP A 68 -2.72 5.14 23.65
N LYS A 69 -3.46 4.05 23.75
CA LYS A 69 -3.84 3.50 25.05
C LYS A 69 -2.63 3.03 25.85
N GLU A 70 -1.71 2.35 25.15
CA GLU A 70 -0.52 1.83 25.83
C GLU A 70 0.38 2.94 26.33
N LEU A 71 0.58 3.95 25.50
CA LEU A 71 1.43 5.08 25.88
C LEU A 71 0.70 6.02 26.83
N GLY A 72 -0.63 6.03 26.75
CA GLY A 72 -1.44 6.89 27.61
C GLY A 72 -1.83 8.18 26.93
N GLY A 73 -1.33 8.39 25.71
CA GLY A 73 -1.66 9.61 24.97
C GLY A 73 -0.59 9.93 23.93
N PHE A 74 -0.64 11.13 23.37
CA PHE A 74 0.33 11.54 22.37
C PHE A 74 1.56 12.09 23.07
N THR A 75 2.58 11.25 23.19
CA THR A 75 3.82 11.65 23.85
C THR A 75 5.00 11.21 23.00
N GLU A 76 6.18 11.74 23.30
CA GLU A 76 7.37 11.40 22.53
C GLU A 76 7.39 9.91 22.21
N ASP A 77 6.92 9.10 23.13
CA ASP A 77 6.90 7.66 22.91
C ASP A 77 6.05 7.30 21.69
N ALA A 78 4.90 7.98 21.55
CA ALA A 78 3.99 7.72 20.42
C ALA A 78 4.53 8.31 19.12
N MET A 79 5.23 9.42 19.23
CA MET A 79 5.74 10.10 18.05
C MET A 79 6.73 9.22 17.28
N VAL A 80 7.51 8.42 17.99
CA VAL A 80 8.49 7.55 17.34
C VAL A 80 7.81 6.57 16.36
N PRO A 81 6.68 6.01 16.71
CA PRO A 81 5.97 5.06 15.80
C PRO A 81 5.05 5.79 14.81
N LEU A 82 4.01 6.43 15.33
CA LEU A 82 3.06 7.16 14.50
C LEU A 82 3.74 8.27 13.71
N GLY A 83 4.62 9.03 14.35
CA GLY A 83 5.32 10.12 13.69
C GLY A 83 6.20 9.61 12.55
N LEU A 84 6.94 8.53 12.82
CA LEU A 84 7.81 7.94 11.80
C LEU A 84 7.00 7.48 10.60
N TYR A 85 5.80 6.97 10.87
CA TYR A 85 4.94 6.50 9.81
C TYR A 85 4.67 7.59 8.78
N THR A 86 4.40 8.80 9.25
CA THR A 86 4.12 9.91 8.36
C THR A 86 5.35 10.24 7.48
N GLY A 87 6.52 10.26 8.10
CA GLY A 87 7.75 10.58 7.38
C GLY A 87 8.26 9.43 6.53
N GLN A 88 8.51 8.29 7.17
CA GLN A 88 9.03 7.13 6.45
C GLN A 88 8.12 6.76 5.28
N LEU A 89 6.81 6.83 5.51
CA LEU A 89 5.86 6.51 4.46
C LEU A 89 5.99 7.48 3.28
N ALA A 90 6.21 8.76 3.59
CA ALA A 90 6.36 9.77 2.55
C ALA A 90 7.61 9.50 1.70
N LEU A 91 8.73 9.27 2.38
CA LEU A 91 9.98 9.00 1.67
C LEU A 91 9.83 7.76 0.81
N ASN A 92 9.14 6.75 1.35
CA ASN A 92 8.93 5.52 0.60
C ASN A 92 8.13 5.78 -0.66
N TRP A 93 7.12 6.64 -0.55
CA TRP A 93 6.29 6.97 -1.71
C TRP A 93 7.13 7.52 -2.85
N ALA A 94 8.22 8.18 -2.50
CA ALA A 94 9.10 8.75 -3.52
C ALA A 94 9.68 7.67 -4.43
N TRP A 95 9.78 6.44 -3.94
CA TRP A 95 10.35 5.34 -4.73
C TRP A 95 9.58 5.07 -6.02
N PRO A 96 8.36 4.57 -5.96
CA PRO A 96 7.56 4.24 -7.18
C PRO A 96 7.72 5.30 -8.29
N PRO A 97 8.81 5.27 -9.02
CA PRO A 97 9.05 6.26 -10.11
C PRO A 97 7.93 6.26 -11.14
N ILE A 98 7.18 5.17 -11.17
CA ILE A 98 6.10 5.01 -12.12
C ILE A 98 5.04 6.11 -11.98
N PHE A 99 4.97 6.74 -10.81
CA PHE A 99 3.99 7.80 -10.61
C PHE A 99 4.18 8.90 -11.66
N PHE A 100 5.42 9.32 -11.85
CA PHE A 100 5.72 10.38 -12.81
C PHE A 100 5.41 9.98 -14.25
N GLY A 101 5.89 8.81 -14.66
CA GLY A 101 5.66 8.33 -16.03
C GLY A 101 4.76 7.12 -16.07
N ALA A 102 5.20 6.04 -15.42
CA ALA A 102 4.42 4.81 -15.39
C ALA A 102 4.20 4.26 -16.80
N ARG A 103 4.70 4.99 -17.80
CA ARG A 103 4.54 4.56 -19.19
C ARG A 103 5.07 3.14 -19.37
N GLN A 104 6.14 2.82 -18.65
CA GLN A 104 6.75 1.50 -18.73
C GLN A 104 6.07 0.50 -17.79
N MET A 105 6.24 -0.78 -18.10
CA MET A 105 5.66 -1.86 -17.30
C MET A 105 6.11 -1.76 -15.85
N GLY A 106 7.12 -0.96 -15.57
CA GLY A 106 7.63 -0.83 -14.21
C GLY A 106 6.51 -0.74 -13.16
N TRP A 107 5.26 -0.74 -13.61
CA TRP A 107 4.12 -0.67 -12.72
C TRP A 107 4.31 -1.59 -11.51
N ALA A 108 5.19 -2.58 -11.65
CA ALA A 108 5.46 -3.53 -10.57
C ALA A 108 5.98 -2.85 -9.32
N LEU A 109 6.63 -1.72 -9.52
CA LEU A 109 7.19 -0.99 -8.38
C LEU A 109 6.08 -0.61 -7.41
N ALA A 110 4.87 -0.37 -7.93
CA ALA A 110 3.74 -0.03 -7.07
C ALA A 110 3.48 -1.19 -6.10
N ASP A 111 3.61 -2.41 -6.60
CA ASP A 111 3.36 -3.60 -5.81
C ASP A 111 4.33 -3.76 -4.64
N LEU A 112 5.63 -3.57 -4.88
CA LEU A 112 6.62 -3.76 -3.83
C LEU A 112 6.45 -2.74 -2.71
N LEU A 113 6.34 -1.46 -3.05
CA LEU A 113 6.15 -0.44 -2.02
C LEU A 113 4.80 -0.60 -1.37
N LEU A 114 3.80 -0.89 -2.19
CA LEU A 114 2.46 -1.07 -1.70
C LEU A 114 2.44 -2.07 -0.53
N VAL A 115 2.91 -3.27 -0.82
CA VAL A 115 2.93 -4.33 0.17
C VAL A 115 3.95 -4.08 1.28
N SER A 116 5.21 -3.99 0.90
CA SER A 116 6.28 -3.78 1.86
C SER A 116 6.22 -2.41 2.55
N GLY A 117 5.95 -1.38 1.77
CA GLY A 117 5.92 -0.03 2.30
C GLY A 117 4.88 0.17 3.40
N VAL A 118 3.63 -0.13 3.11
CA VAL A 118 2.59 0.06 4.11
C VAL A 118 2.76 -0.88 5.30
N ALA A 119 3.18 -2.12 5.02
CA ALA A 119 3.36 -3.10 6.09
C ALA A 119 4.66 -2.88 6.87
N THR A 120 5.76 -2.69 6.16
CA THR A 120 7.06 -2.52 6.81
C THR A 120 7.08 -1.31 7.74
N ALA A 121 6.48 -0.20 7.32
CA ALA A 121 6.49 0.99 8.14
C ALA A 121 5.59 0.85 9.38
N THR A 122 4.34 0.50 9.15
CA THR A 122 3.38 0.36 10.24
C THR A 122 3.72 -0.81 11.18
N THR A 123 4.11 -1.94 10.61
CA THR A 123 4.43 -3.12 11.41
C THR A 123 5.54 -2.86 12.42
N LEU A 124 6.62 -2.25 11.98
CA LEU A 124 7.74 -1.99 12.87
C LEU A 124 7.37 -1.01 13.98
N ALA A 125 6.50 -0.05 13.68
CA ALA A 125 6.12 0.95 14.67
C ALA A 125 5.01 0.46 15.63
N TRP A 126 3.83 0.20 15.09
CA TRP A 126 2.69 -0.22 15.91
C TRP A 126 2.81 -1.62 16.50
N HIS A 127 3.29 -2.58 15.71
CA HIS A 127 3.38 -3.95 16.19
C HIS A 127 4.20 -4.04 17.48
N ARG A 128 5.35 -3.36 17.49
CA ARG A 128 6.22 -3.39 18.66
C ARG A 128 5.54 -2.77 19.89
N VAL A 129 4.87 -1.63 19.69
CA VAL A 129 4.20 -0.96 20.81
C VAL A 129 2.89 -1.65 21.17
N SER A 130 2.09 -1.96 20.17
CA SER A 130 0.80 -2.61 20.39
C SER A 130 0.59 -3.76 19.40
N PRO A 131 1.05 -4.94 19.74
CA PRO A 131 0.91 -6.12 18.86
C PRO A 131 -0.54 -6.34 18.41
N PRO A 132 -1.50 -6.18 19.28
CA PRO A 132 -2.94 -6.40 18.89
C PRO A 132 -3.37 -5.52 17.72
N ALA A 133 -2.74 -4.36 17.59
CA ALA A 133 -3.09 -3.43 16.51
C ALA A 133 -2.93 -4.10 15.15
N ALA A 134 -1.95 -4.98 15.05
CA ALA A 134 -1.71 -5.68 13.79
C ALA A 134 -2.95 -6.48 13.39
N ARG A 135 -3.62 -7.03 14.38
CA ARG A 135 -4.83 -7.81 14.15
C ARG A 135 -5.92 -6.96 13.48
N LEU A 136 -5.96 -5.68 13.85
CA LEU A 136 -6.96 -4.76 13.28
C LEU A 136 -6.76 -4.64 11.78
N LEU A 137 -5.49 -4.59 11.41
CA LEU A 137 -5.10 -4.44 10.02
C LEU A 137 -5.55 -5.62 9.15
N TYR A 138 -5.71 -6.78 9.79
CA TYR A 138 -6.14 -8.02 9.12
C TYR A 138 -6.43 -7.85 7.61
N PRO A 139 -7.47 -7.13 7.22
CA PRO A 139 -7.77 -7.01 5.75
C PRO A 139 -6.56 -6.57 4.92
N TYR A 140 -5.61 -5.91 5.57
CA TYR A 140 -4.42 -5.46 4.87
C TYR A 140 -3.67 -6.65 4.25
N LEU A 141 -3.61 -7.75 4.98
CA LEU A 141 -2.92 -8.95 4.50
C LEU A 141 -3.61 -9.46 3.24
N ALA A 142 -4.94 -9.46 3.23
CA ALA A 142 -5.69 -9.94 2.07
C ALA A 142 -5.48 -9.05 0.85
N TRP A 143 -5.59 -7.74 1.05
CA TRP A 143 -5.43 -6.79 -0.05
C TRP A 143 -4.03 -6.91 -0.64
N LEU A 144 -3.02 -6.97 0.24
CA LEU A 144 -1.65 -7.09 -0.22
C LEU A 144 -1.37 -8.46 -0.85
N ALA A 145 -1.96 -9.50 -0.30
CA ALA A 145 -1.75 -10.84 -0.83
C ALA A 145 -2.28 -10.93 -2.27
N PHE A 146 -3.45 -10.36 -2.48
CA PHE A 146 -4.07 -10.34 -3.81
C PHE A 146 -3.21 -9.57 -4.79
N THR A 147 -2.78 -8.39 -4.36
CA THR A 147 -1.99 -7.54 -5.22
C THR A 147 -0.67 -8.18 -5.62
N THR A 148 -0.01 -8.83 -4.66
CA THR A 148 1.28 -9.46 -4.94
C THR A 148 1.19 -10.49 -6.05
N VAL A 149 0.23 -11.40 -5.94
CA VAL A 149 0.05 -12.44 -6.95
C VAL A 149 -0.44 -11.83 -8.25
N LEU A 150 -1.36 -10.88 -8.11
CA LEU A 150 -1.96 -10.21 -9.26
C LEU A 150 -0.89 -9.56 -10.15
N ASN A 151 0.03 -8.85 -9.53
CA ASN A 151 1.09 -8.17 -10.28
C ASN A 151 2.03 -9.13 -11.00
N TYR A 152 2.41 -10.22 -10.34
CA TYR A 152 3.32 -11.17 -10.97
C TYR A 152 2.69 -11.83 -12.20
N TYR A 153 1.41 -12.14 -12.12
CA TYR A 153 0.74 -12.78 -13.25
C TYR A 153 0.83 -11.92 -14.50
N VAL A 154 0.61 -10.63 -14.35
CA VAL A 154 0.68 -9.72 -15.49
C VAL A 154 2.08 -9.67 -16.09
N TRP A 155 3.09 -9.61 -15.23
CA TRP A 155 4.49 -9.54 -15.67
C TRP A 155 4.90 -10.77 -16.50
N ARG A 156 4.23 -11.90 -16.30
CA ARG A 156 4.61 -13.11 -17.01
C ARG A 156 4.73 -12.86 -18.52
N ASP A 157 3.86 -12.01 -19.06
CA ASP A 157 3.91 -11.73 -20.49
C ASP A 157 5.26 -11.14 -20.89
N ASN A 158 5.76 -10.20 -20.08
CA ASN A 158 7.04 -9.59 -20.36
C ASN A 158 8.18 -10.40 -19.75
N SER A 159 8.04 -10.70 -18.46
CA SER A 159 9.05 -11.46 -17.74
C SER A 159 9.18 -12.86 -18.34
N GLY A 160 8.14 -13.32 -19.00
CA GLY A 160 8.15 -14.64 -19.61
C GLY A 160 9.37 -14.82 -20.51
N ARG A 161 9.82 -13.73 -21.12
CA ARG A 161 10.99 -13.79 -22.00
C ARG A 161 12.20 -14.33 -21.26
N ARG A 162 12.28 -14.03 -19.96
CA ARG A 162 13.40 -14.49 -19.15
C ARG A 162 12.90 -15.37 -18.02
N GLY A 163 13.71 -16.34 -17.62
CA GLY A 163 13.34 -17.25 -16.53
C GLY A 163 12.46 -18.37 -17.07
N GLY A 164 12.50 -18.58 -18.38
CA GLY A 164 11.70 -19.62 -19.02
C GLY A 164 12.39 -20.97 -18.90
N SER A 165 11.77 -21.99 -19.50
CA SER A 165 12.33 -23.34 -19.44
C SER A 165 13.74 -23.36 -20.02
N ARG A 166 13.97 -22.56 -21.05
CA ARG A 166 15.28 -22.50 -21.68
C ARG A 166 16.35 -22.12 -20.67
N LEU A 167 16.01 -21.22 -19.74
CA LEU A 167 16.94 -20.78 -18.71
C LEU A 167 16.75 -21.60 -17.44
N ALA A 168 17.84 -21.86 -16.73
CA ALA A 168 17.78 -22.64 -15.50
C ALA A 168 18.68 -22.03 -14.44
N GLU A 169 18.28 -22.19 -13.19
CA GLU A 169 19.05 -21.66 -12.08
C GLU A 169 19.68 -20.32 -12.45
C1 PKA B . -5.04 -3.00 -12.32
C2 PKA B . -6.37 -3.18 -11.54
C3 PKA B . -6.26 -2.57 -10.13
C4 PKA B . -6.91 -1.19 -10.06
N5 PKA B . -6.89 -3.44 -9.13
C6 PKA B . -8.15 -4.10 -9.44
C7 PKA B . -6.48 -3.38 -7.85
O8 PKA B . -7.03 -4.06 -6.99
C9 PKA B . -5.37 -2.48 -7.48
N18 PKA B . -4.14 -2.58 -8.14
C17 PKA B . -3.09 -1.73 -7.81
C10 PKA B . -5.55 -1.50 -6.49
C11 PKA B . -4.49 -0.66 -6.14
C12 PKA B . -4.65 0.29 -5.14
C16 PKA B . -3.26 -0.78 -6.80
C13 PKA B . -3.59 1.15 -4.80
C14 PKA B . -2.36 1.03 -5.46
C15 PKA B . -2.19 0.06 -6.45
C19 PKA B . -1.81 -1.85 -8.51
C24 PKA B . -1.53 -1.02 -9.60
C23 PKA B . -0.30 -1.14 -10.27
C20 PKA B . -0.87 -2.78 -8.09
C21 PKA B . 0.36 -2.91 -8.75
C22 PKA B . 0.64 -2.08 -9.84
CL PKA B . -2.69 0.14 -10.13
H1C PKA B . -5.26 -2.84 -13.37
H1A PKA B . -4.43 -3.87 -12.20
H1B PKA B . -4.51 -2.13 -11.95
H2A PKA B . -6.57 -4.24 -11.46
H2B PKA B . -7.16 -2.71 -12.09
H3 PKA B . -5.22 -2.47 -9.91
H4C PKA B . -6.27 -0.46 -10.53
H4A PKA B . -7.09 -0.93 -9.03
H4B PKA B . -7.87 -1.22 -10.59
H6A PKA B . -8.52 -3.75 -10.39
H6B PKA B . -8.87 -3.87 -8.68
H6C PKA B . -8.00 -5.17 -9.48
H10 PKA B . -6.47 -1.48 -5.93
H12 PKA B . -5.56 0.31 -4.55
H13 PKA B . -3.68 1.79 -3.95
H14 PKA B . -1.53 1.63 -5.15
H15 PKA B . -1.24 -0.04 -6.95
H23 PKA B . -0.11 -0.56 -11.16
H20 PKA B . -1.06 -3.37 -7.22
H21 PKA B . 1.07 -3.65 -8.43
H22 PKA B . 1.55 -2.23 -10.40
N MET A 1 -8.03 17.37 25.14
CA MET A 1 -7.28 17.98 24.04
C MET A 1 -7.15 17.01 22.87
N PRO A 2 -8.24 16.38 22.51
CA PRO A 2 -8.26 15.40 21.38
C PRO A 2 -7.75 16.02 20.08
N GLU A 3 -7.74 17.34 20.02
CA GLU A 3 -7.27 18.03 18.83
C GLU A 3 -5.89 17.54 18.43
N SER A 4 -5.06 17.23 19.42
CA SER A 4 -3.72 16.75 19.15
C SER A 4 -3.77 15.44 18.38
N TRP A 5 -4.68 14.56 18.78
CA TRP A 5 -4.82 13.26 18.13
C TRP A 5 -5.46 13.37 16.74
N VAL A 6 -6.33 14.36 16.57
CA VAL A 6 -7.03 14.54 15.30
C VAL A 6 -6.12 14.27 14.09
N PRO A 7 -4.88 14.69 14.14
CA PRO A 7 -3.96 14.45 13.00
C PRO A 7 -3.86 12.97 12.63
N ALA A 8 -4.17 12.08 13.57
CA ALA A 8 -4.11 10.65 13.31
C ALA A 8 -4.92 10.30 12.08
N VAL A 9 -6.05 10.97 11.90
CA VAL A 9 -6.89 10.73 10.75
C VAL A 9 -6.10 11.05 9.48
N GLY A 10 -5.39 12.18 9.53
CA GLY A 10 -4.58 12.62 8.40
C GLY A 10 -3.43 11.64 8.13
N LEU A 11 -2.89 11.06 9.20
CA LEU A 11 -1.78 10.12 9.07
C LEU A 11 -2.13 8.96 8.14
N THR A 12 -3.35 8.44 8.25
CA THR A 12 -3.75 7.32 7.39
C THR A 12 -4.15 7.79 5.99
N LEU A 13 -4.72 9.00 5.89
CA LEU A 13 -5.14 9.53 4.59
C LEU A 13 -3.96 9.75 3.66
N VAL A 14 -2.82 10.21 4.20
CA VAL A 14 -1.66 10.47 3.37
C VAL A 14 -1.34 9.28 2.47
N PRO A 15 -1.39 8.07 2.99
CA PRO A 15 -1.11 6.86 2.18
C PRO A 15 -2.07 6.71 1.00
N SER A 16 -3.32 7.08 1.21
CA SER A 16 -4.34 6.96 0.16
C SER A 16 -3.98 7.80 -1.07
N LEU A 17 -3.44 8.99 -0.84
CA LEU A 17 -3.09 9.88 -1.95
C LEU A 17 -2.01 9.24 -2.83
N GLY A 18 -1.06 8.54 -2.21
CA GLY A 18 0.01 7.91 -2.95
C GLY A 18 -0.50 6.77 -3.83
N GLY A 19 -1.20 5.83 -3.21
CA GLY A 19 -1.75 4.69 -3.93
C GLY A 19 -2.77 5.10 -4.98
N PHE A 20 -3.56 6.12 -4.64
CA PHE A 20 -4.60 6.59 -5.57
C PHE A 20 -4.02 7.05 -6.90
N MET A 21 -2.96 7.85 -6.85
CA MET A 21 -2.34 8.35 -8.08
C MET A 21 -1.76 7.21 -8.92
N GLY A 22 -1.15 6.23 -8.27
CA GLY A 22 -0.56 5.11 -8.98
C GLY A 22 -1.65 4.29 -9.69
N ALA A 23 -2.76 4.10 -9.02
CA ALA A 23 -3.88 3.34 -9.56
C ALA A 23 -4.58 4.12 -10.66
N TYR A 24 -4.50 5.43 -10.56
CA TYR A 24 -5.13 6.31 -11.54
C TYR A 24 -4.54 6.05 -12.95
N PHE A 25 -3.25 5.75 -13.01
CA PHE A 25 -2.59 5.50 -14.30
C PHE A 25 -3.19 4.32 -15.07
N VAL A 26 -3.36 3.18 -14.39
CA VAL A 26 -3.92 2.01 -15.06
C VAL A 26 -5.40 2.23 -15.33
N ARG A 27 -6.02 2.91 -14.39
CA ARG A 27 -7.43 3.22 -14.45
C ARG A 27 -7.79 4.08 -15.67
N GLY A 28 -6.94 5.04 -15.98
CA GLY A 28 -7.20 5.95 -17.09
C GLY A 28 -6.78 5.36 -18.44
N GLU A 29 -6.02 6.14 -19.20
CA GLU A 29 -5.57 5.72 -20.51
C GLU A 29 -4.79 4.41 -20.43
N GLY A 30 -4.19 4.16 -19.28
CA GLY A 30 -3.42 2.93 -19.10
C GLY A 30 -4.23 1.73 -19.59
N LEU A 31 -5.56 1.79 -19.42
CA LEU A 31 -6.39 0.68 -19.86
C LEU A 31 -6.06 0.34 -21.31
N ARG A 32 -5.84 1.37 -22.11
CA ARG A 32 -5.48 1.15 -23.51
C ARG A 32 -4.15 0.42 -23.57
N TRP A 33 -3.23 0.86 -22.73
CA TRP A 33 -1.90 0.26 -22.66
C TRP A 33 -1.98 -1.20 -22.24
N TYR A 34 -2.86 -1.50 -21.28
CA TYR A 34 -3.03 -2.86 -20.79
C TYR A 34 -3.55 -3.78 -21.88
N ALA A 35 -4.20 -3.22 -22.90
CA ALA A 35 -4.72 -4.06 -23.97
C ALA A 35 -3.63 -5.02 -24.43
N GLY A 36 -2.40 -4.49 -24.54
CA GLY A 36 -1.27 -5.31 -24.93
C GLY A 36 -0.97 -6.34 -23.85
N LEU A 37 -1.23 -5.96 -22.61
CA LEU A 37 -0.99 -6.84 -21.45
C LEU A 37 -2.22 -7.66 -21.13
N GLN A 38 -2.00 -8.87 -20.61
CA GLN A 38 -3.12 -9.73 -20.25
C GLN A 38 -3.35 -9.66 -18.74
N LYS A 39 -4.59 -9.40 -18.35
CA LYS A 39 -4.93 -9.31 -16.93
C LYS A 39 -5.60 -10.60 -16.48
N PRO A 40 -5.24 -11.13 -15.34
CA PRO A 40 -5.82 -12.40 -14.85
C PRO A 40 -7.35 -12.36 -14.76
N SER A 41 -7.98 -13.48 -15.07
CA SER A 41 -9.43 -13.58 -15.03
C SER A 41 -9.99 -13.32 -13.63
N TRP A 42 -9.23 -13.66 -12.60
CA TRP A 42 -9.70 -13.48 -11.22
C TRP A 42 -9.58 -12.01 -10.81
N HIS A 43 -9.11 -11.16 -11.71
CA HIS A 43 -8.97 -9.75 -11.41
C HIS A 43 -10.35 -9.14 -11.11
N PRO A 44 -10.52 -8.52 -9.96
CA PRO A 44 -11.83 -7.88 -9.60
C PRO A 44 -11.97 -6.51 -10.26
N PRO A 45 -13.15 -5.96 -10.27
CA PRO A 45 -13.38 -4.63 -10.90
C PRO A 45 -12.36 -3.62 -10.41
N ARG A 46 -11.89 -2.76 -11.32
CA ARG A 46 -10.89 -1.76 -10.97
C ARG A 46 -11.41 -0.85 -9.86
N TRP A 47 -12.71 -0.53 -9.92
CA TRP A 47 -13.32 0.35 -8.92
C TRP A 47 -13.54 -0.36 -7.59
N THR A 48 -13.57 -1.70 -7.62
CA THR A 48 -13.80 -2.46 -6.39
C THR A 48 -12.65 -2.30 -5.39
N LEU A 49 -11.45 -2.68 -5.81
CA LEU A 49 -10.29 -2.58 -4.93
C LEU A 49 -9.84 -1.13 -4.75
N ALA A 50 -9.98 -0.31 -5.77
CA ALA A 50 -9.54 1.09 -5.67
C ALA A 50 -9.82 1.68 -4.28
N PRO A 51 -11.02 1.54 -3.77
CA PRO A 51 -11.38 2.09 -2.42
C PRO A 51 -10.72 1.36 -1.24
N ILE A 52 -9.90 0.35 -1.52
CA ILE A 52 -9.25 -0.40 -0.45
C ILE A 52 -8.75 0.52 0.65
N TRP A 53 -8.17 1.65 0.26
CA TRP A 53 -7.65 2.59 1.23
C TRP A 53 -8.73 2.95 2.24
N GLY A 54 -9.97 3.00 1.80
CA GLY A 54 -11.07 3.30 2.70
C GLY A 54 -11.14 2.25 3.81
N THR A 55 -10.93 0.99 3.41
CA THR A 55 -10.96 -0.12 4.36
C THR A 55 -9.78 -0.04 5.33
N LEU A 56 -8.57 0.09 4.77
CA LEU A 56 -7.37 0.20 5.58
C LEU A 56 -7.39 1.50 6.37
N TYR A 57 -7.98 2.53 5.77
CA TYR A 57 -8.05 3.84 6.39
C TYR A 57 -8.61 3.79 7.80
N SER A 58 -9.78 3.19 7.96
CA SER A 58 -10.38 3.11 9.28
C SER A 58 -9.58 2.22 10.21
N ALA A 59 -9.03 1.13 9.68
CA ALA A 59 -8.23 0.24 10.52
C ALA A 59 -6.98 0.95 11.01
N MET A 60 -6.32 1.66 10.10
CA MET A 60 -5.11 2.40 10.44
C MET A 60 -5.38 3.48 11.47
N GLY A 61 -6.53 4.14 11.37
CA GLY A 61 -6.87 5.19 12.32
C GLY A 61 -7.15 4.60 13.71
N TYR A 62 -8.12 3.70 13.77
CA TYR A 62 -8.48 3.06 15.03
C TYR A 62 -7.29 2.29 15.61
N GLY A 63 -6.53 1.63 14.74
CA GLY A 63 -5.38 0.88 15.20
C GLY A 63 -4.43 1.78 16.00
N SER A 64 -4.23 2.99 15.50
CA SER A 64 -3.37 3.94 16.18
C SER A 64 -3.95 4.27 17.55
N TYR A 65 -5.27 4.20 17.66
CA TYR A 65 -5.91 4.49 18.94
C TYR A 65 -5.39 3.55 20.01
N ILE A 66 -5.28 2.27 19.68
CA ILE A 66 -4.76 1.29 20.64
C ILE A 66 -3.38 1.72 21.09
N VAL A 67 -2.57 2.16 20.13
CA VAL A 67 -1.23 2.62 20.45
C VAL A 67 -1.31 3.80 21.42
N TRP A 68 -2.28 4.68 21.17
CA TRP A 68 -2.50 5.85 22.01
C TRP A 68 -2.89 5.41 23.44
N LYS A 69 -3.62 4.30 23.54
CA LYS A 69 -4.04 3.80 24.86
C LYS A 69 -2.85 3.36 25.69
N GLU A 70 -1.93 2.63 25.05
CA GLU A 70 -0.76 2.10 25.71
C GLU A 70 0.21 3.20 26.17
N LEU A 71 0.36 4.23 25.35
CA LEU A 71 1.29 5.31 25.67
C LEU A 71 0.62 6.44 26.45
N GLY A 72 -0.69 6.33 26.65
CA GLY A 72 -1.41 7.36 27.38
C GLY A 72 -1.63 8.59 26.51
N GLY A 73 -1.87 8.37 25.23
CA GLY A 73 -2.10 9.45 24.28
C GLY A 73 -0.83 9.88 23.57
N PHE A 74 -0.83 11.08 22.98
CA PHE A 74 0.35 11.55 22.27
C PHE A 74 1.41 12.05 23.24
N THR A 75 2.48 11.29 23.33
CA THR A 75 3.62 11.63 24.18
C THR A 75 4.88 11.42 23.37
N GLU A 76 6.00 11.96 23.84
CA GLU A 76 7.24 11.82 23.08
C GLU A 76 7.41 10.38 22.56
N ASP A 77 7.02 9.40 23.37
CA ASP A 77 7.15 8.00 22.96
C ASP A 77 6.24 7.67 21.77
N ALA A 78 5.01 8.19 21.80
CA ALA A 78 4.04 7.93 20.74
C ALA A 78 4.39 8.67 19.44
N MET A 79 4.96 9.85 19.57
CA MET A 79 5.30 10.66 18.40
C MET A 79 6.26 9.92 17.46
N VAL A 80 7.16 9.13 18.04
CA VAL A 80 8.15 8.39 17.25
C VAL A 80 7.49 7.39 16.27
N PRO A 81 6.73 6.44 16.77
CA PRO A 81 6.07 5.42 15.88
C PRO A 81 5.10 6.04 14.88
N LEU A 82 4.14 6.83 15.37
CA LEU A 82 3.18 7.45 14.48
C LEU A 82 3.89 8.40 13.53
N GLY A 83 4.84 9.16 14.06
CA GLY A 83 5.61 10.09 13.23
C GLY A 83 6.41 9.35 12.17
N LEU A 84 6.99 8.22 12.57
CA LEU A 84 7.80 7.42 11.65
C LEU A 84 6.95 6.99 10.45
N TYR A 85 5.69 6.66 10.72
CA TYR A 85 4.79 6.23 9.66
C TYR A 85 4.65 7.34 8.61
N THR A 86 4.48 8.57 9.07
CA THR A 86 4.34 9.71 8.16
C THR A 86 5.65 9.99 7.42
N GLY A 87 6.77 9.87 8.13
CA GLY A 87 8.07 10.14 7.53
C GLY A 87 8.56 9.01 6.61
N GLN A 88 8.69 7.81 7.16
CA GLN A 88 9.16 6.68 6.38
C GLN A 88 8.29 6.44 5.16
N LEU A 89 6.98 6.53 5.34
CA LEU A 89 6.05 6.31 4.24
C LEU A 89 6.26 7.37 3.14
N ALA A 90 6.53 8.60 3.54
CA ALA A 90 6.74 9.68 2.58
C ALA A 90 7.98 9.41 1.72
N LEU A 91 9.08 9.06 2.38
CA LEU A 91 10.31 8.77 1.65
C LEU A 91 10.09 7.63 0.68
N ASN A 92 9.34 6.63 1.14
CA ASN A 92 9.04 5.48 0.29
C ASN A 92 8.24 5.90 -0.93
N TRP A 93 7.29 6.81 -0.73
CA TRP A 93 6.46 7.31 -1.82
C TRP A 93 7.32 7.91 -2.93
N ALA A 94 8.50 8.42 -2.55
CA ALA A 94 9.41 9.03 -3.52
C ALA A 94 10.06 7.99 -4.46
N TRP A 95 10.04 6.71 -4.07
CA TRP A 95 10.67 5.65 -4.87
C TRP A 95 9.90 5.30 -6.18
N PRO A 96 8.64 4.95 -6.10
CA PRO A 96 7.87 4.56 -7.32
C PRO A 96 8.13 5.49 -8.50
N PRO A 97 9.15 5.24 -9.28
CA PRO A 97 9.44 6.12 -10.44
C PRO A 97 8.25 6.21 -11.40
N ILE A 98 7.44 5.15 -11.37
CA ILE A 98 6.26 5.09 -12.23
C ILE A 98 5.26 6.19 -11.89
N PHE A 99 5.26 6.65 -10.65
CA PHE A 99 4.32 7.71 -10.27
C PHE A 99 4.44 8.88 -11.23
N PHE A 100 5.68 9.26 -11.55
CA PHE A 100 5.93 10.37 -12.45
C PHE A 100 5.41 10.09 -13.87
N GLY A 101 5.76 8.91 -14.41
CA GLY A 101 5.34 8.56 -15.76
C GLY A 101 4.36 7.38 -15.77
N ALA A 102 4.86 6.20 -15.43
CA ALA A 102 4.04 5.00 -15.41
C ALA A 102 3.88 4.43 -16.82
N ARG A 103 4.39 5.15 -17.80
CA ARG A 103 4.29 4.71 -19.18
C ARG A 103 4.86 3.30 -19.34
N GLN A 104 5.91 3.00 -18.59
CA GLN A 104 6.54 1.69 -18.65
C GLN A 104 5.78 0.68 -17.81
N MET A 105 5.77 -0.57 -18.27
CA MET A 105 5.08 -1.65 -17.58
C MET A 105 5.68 -1.94 -16.21
N GLY A 106 6.89 -1.45 -15.97
CA GLY A 106 7.58 -1.70 -14.70
C GLY A 106 6.76 -1.22 -13.47
N TRP A 107 5.44 -1.32 -13.57
CA TRP A 107 4.54 -0.89 -12.50
C TRP A 107 4.75 -1.68 -11.20
N ALA A 108 5.38 -2.85 -11.30
CA ALA A 108 5.59 -3.69 -10.11
C ALA A 108 6.12 -2.88 -8.95
N LEU A 109 6.77 -1.77 -9.26
CA LEU A 109 7.34 -0.92 -8.24
C LEU A 109 6.24 -0.42 -7.30
N ALA A 110 5.02 -0.24 -7.83
CA ALA A 110 3.90 0.23 -7.02
C ALA A 110 3.57 -0.79 -5.93
N ASP A 111 3.35 -2.04 -6.34
CA ASP A 111 3.01 -3.11 -5.41
C ASP A 111 4.10 -3.36 -4.38
N LEU A 112 5.34 -3.43 -4.84
CA LEU A 112 6.45 -3.69 -3.94
C LEU A 112 6.55 -2.59 -2.89
N LEU A 113 6.29 -1.37 -3.33
CA LEU A 113 6.38 -0.22 -2.45
C LEU A 113 5.24 -0.17 -1.42
N LEU A 114 4.00 -0.33 -1.88
CA LEU A 114 2.86 -0.28 -0.97
C LEU A 114 2.78 -1.54 -0.10
N VAL A 115 3.20 -2.67 -0.65
CA VAL A 115 3.15 -3.91 0.10
C VAL A 115 4.11 -3.91 1.29
N SER A 116 5.39 -3.78 0.97
CA SER A 116 6.44 -3.78 2.00
C SER A 116 6.48 -2.50 2.83
N GLY A 117 6.33 -1.36 2.18
CA GLY A 117 6.40 -0.08 2.88
C GLY A 117 5.35 0.03 3.98
N VAL A 118 4.11 -0.23 3.63
CA VAL A 118 3.03 -0.15 4.60
C VAL A 118 3.15 -1.22 5.69
N ALA A 119 3.61 -2.41 5.30
CA ALA A 119 3.73 -3.51 6.24
C ALA A 119 4.96 -3.38 7.14
N THR A 120 6.14 -3.28 6.54
CA THR A 120 7.37 -3.20 7.31
C THR A 120 7.42 -1.98 8.23
N ALA A 121 6.98 -0.83 7.73
CA ALA A 121 7.00 0.39 8.54
C ALA A 121 5.99 0.34 9.69
N THR A 122 4.75 0.00 9.35
CA THR A 122 3.69 -0.05 10.36
C THR A 122 3.95 -1.13 11.40
N THR A 123 4.47 -2.28 10.97
CA THR A 123 4.72 -3.38 11.89
C THR A 123 5.69 -3.01 13.00
N LEU A 124 6.82 -2.40 12.65
CA LEU A 124 7.81 -2.02 13.65
C LEU A 124 7.27 -0.98 14.62
N ALA A 125 6.39 -0.11 14.14
CA ALA A 125 5.85 0.94 15.00
C ALA A 125 4.70 0.45 15.89
N TRP A 126 3.60 0.03 15.27
CA TRP A 126 2.43 -0.42 16.03
C TRP A 126 2.57 -1.82 16.63
N HIS A 127 3.07 -2.78 15.86
CA HIS A 127 3.19 -4.14 16.38
C HIS A 127 4.05 -4.17 17.64
N ARG A 128 5.15 -3.44 17.62
CA ARG A 128 6.05 -3.41 18.76
C ARG A 128 5.38 -2.79 19.99
N VAL A 129 4.70 -1.66 19.78
CA VAL A 129 4.03 -0.98 20.88
C VAL A 129 2.69 -1.62 21.24
N SER A 130 1.87 -1.87 20.22
CA SER A 130 0.55 -2.46 20.43
C SER A 130 0.34 -3.67 19.53
N PRO A 131 0.79 -4.81 19.95
CA PRO A 131 0.64 -6.07 19.15
C PRO A 131 -0.81 -6.34 18.75
N PRO A 132 -1.77 -6.13 19.63
CA PRO A 132 -3.19 -6.40 19.28
C PRO A 132 -3.65 -5.61 18.05
N ALA A 133 -3.06 -4.43 17.86
CA ALA A 133 -3.41 -3.59 16.71
C ALA A 133 -3.11 -4.31 15.41
N ALA A 134 -2.09 -5.15 15.43
CA ALA A 134 -1.71 -5.89 14.23
C ALA A 134 -2.88 -6.74 13.76
N ARG A 135 -3.62 -7.30 14.73
CA ARG A 135 -4.79 -8.12 14.40
C ARG A 135 -5.79 -7.30 13.62
N LEU A 136 -5.98 -6.06 14.04
CA LEU A 136 -6.91 -5.17 13.38
C LEU A 136 -6.61 -5.08 11.89
N LEU A 137 -5.33 -5.12 11.58
CA LEU A 137 -4.88 -5.02 10.20
C LEU A 137 -5.20 -6.27 9.39
N TYR A 138 -6.11 -7.12 9.87
CA TYR A 138 -6.44 -8.33 9.11
C TYR A 138 -6.71 -8.07 7.61
N PRO A 139 -7.40 -7.00 7.23
CA PRO A 139 -7.67 -6.81 5.78
C PRO A 139 -6.41 -6.49 4.98
N TYR A 140 -5.35 -6.06 5.67
CA TYR A 140 -4.12 -5.71 4.98
C TYR A 140 -3.56 -6.90 4.20
N LEU A 141 -3.62 -8.08 4.80
CA LEU A 141 -3.11 -9.27 4.12
C LEU A 141 -3.90 -9.59 2.85
N ALA A 142 -5.21 -9.38 2.90
CA ALA A 142 -6.06 -9.66 1.74
C ALA A 142 -5.73 -8.75 0.57
N TRP A 143 -5.55 -7.46 0.85
CA TRP A 143 -5.23 -6.50 -0.20
C TRP A 143 -3.83 -6.71 -0.75
N LEU A 144 -2.85 -6.80 0.13
CA LEU A 144 -1.46 -7.00 -0.28
C LEU A 144 -1.27 -8.36 -0.94
N ALA A 145 -2.02 -9.36 -0.48
CA ALA A 145 -1.89 -10.71 -1.03
C ALA A 145 -2.22 -10.75 -2.52
N PHE A 146 -3.37 -10.18 -2.89
CA PHE A 146 -3.79 -10.16 -4.30
C PHE A 146 -2.83 -9.33 -5.15
N THR A 147 -2.42 -8.20 -4.62
CA THR A 147 -1.55 -7.31 -5.35
C THR A 147 -0.28 -8.04 -5.80
N THR A 148 0.30 -8.84 -4.91
CA THR A 148 1.52 -9.57 -5.24
C THR A 148 1.27 -10.59 -6.34
N VAL A 149 0.23 -11.40 -6.18
CA VAL A 149 -0.11 -12.42 -7.17
C VAL A 149 -0.55 -11.76 -8.48
N LEU A 150 -1.33 -10.69 -8.34
CA LEU A 150 -1.84 -9.96 -9.50
C LEU A 150 -0.70 -9.50 -10.41
N ASN A 151 0.38 -9.00 -9.80
CA ASN A 151 1.52 -8.50 -10.56
C ASN A 151 2.22 -9.61 -11.35
N TYR A 152 2.38 -10.78 -10.74
CA TYR A 152 3.07 -11.87 -11.43
C TYR A 152 2.35 -12.31 -12.69
N TYR A 153 1.02 -12.39 -12.65
CA TYR A 153 0.28 -12.83 -13.82
C TYR A 153 0.51 -11.88 -15.00
N VAL A 154 0.41 -10.58 -14.74
CA VAL A 154 0.60 -9.60 -15.82
C VAL A 154 2.03 -9.56 -16.30
N TRP A 155 2.99 -9.54 -15.37
CA TRP A 155 4.39 -9.46 -15.75
C TRP A 155 4.81 -10.65 -16.62
N ARG A 156 4.31 -11.84 -16.31
CA ARG A 156 4.66 -13.00 -17.11
C ARG A 156 4.28 -12.82 -18.58
N ASP A 157 3.27 -11.99 -18.83
CA ASP A 157 2.86 -11.77 -20.21
C ASP A 157 4.07 -11.40 -21.07
N ASN A 158 4.97 -10.60 -20.50
CA ASN A 158 6.18 -10.20 -21.21
C ASN A 158 7.41 -10.78 -20.52
N SER A 159 7.17 -11.49 -19.41
CA SER A 159 8.26 -12.11 -18.65
C SER A 159 8.05 -13.62 -18.53
N GLY A 160 9.13 -14.36 -18.33
CA GLY A 160 9.04 -15.81 -18.21
C GLY A 160 9.31 -16.48 -19.56
N ARG A 161 9.63 -15.65 -20.56
CA ARG A 161 9.92 -16.16 -21.90
C ARG A 161 11.04 -17.19 -21.85
N ARG A 162 12.00 -16.98 -20.96
CA ARG A 162 13.14 -17.89 -20.81
C ARG A 162 12.65 -19.31 -20.59
N GLY A 163 11.52 -19.46 -19.91
CA GLY A 163 10.98 -20.78 -19.61
C GLY A 163 10.88 -21.62 -20.89
N GLY A 164 10.59 -20.97 -22.00
CA GLY A 164 10.46 -21.67 -23.27
C GLY A 164 9.05 -22.20 -23.47
N SER A 165 8.13 -21.74 -22.63
CA SER A 165 6.74 -22.17 -22.73
C SER A 165 6.16 -21.80 -24.09
N ARG A 166 6.70 -20.73 -24.68
CA ARG A 166 6.23 -20.28 -25.98
C ARG A 166 6.29 -21.40 -27.01
N LEU A 167 7.33 -22.22 -26.91
CA LEU A 167 7.49 -23.34 -27.84
C LEU A 167 6.30 -24.29 -27.73
N ALA A 168 5.77 -24.41 -26.51
CA ALA A 168 4.63 -25.29 -26.29
C ALA A 168 3.38 -24.70 -26.90
N GLU A 169 2.42 -25.57 -27.16
CA GLU A 169 1.16 -25.15 -27.76
C GLU A 169 0.69 -23.83 -27.15
C1 PKA B . -4.62 -3.33 -12.21
C2 PKA B . -5.95 -3.48 -11.45
C3 PKA B . -5.86 -2.75 -10.08
C4 PKA B . -6.61 -1.43 -10.11
N5 PKA B . -6.41 -3.59 -9.01
C6 PKA B . -7.68 -4.29 -9.24
C7 PKA B . -5.89 -3.54 -7.77
O8 PKA B . -6.31 -4.29 -6.89
C9 PKA B . -4.83 -2.56 -7.45
N18 PKA B . -3.60 -2.64 -8.12
C17 PKA B . -2.59 -1.72 -7.83
C10 PKA B . -5.05 -1.56 -6.50
C11 PKA B . -4.04 -0.65 -6.19
C12 PKA B . -4.24 0.34 -5.23
C16 PKA B . -2.80 -0.72 -6.86
C13 PKA B . -3.24 1.27 -4.94
C14 PKA B . -2.01 1.19 -5.60
C15 PKA B . -1.78 0.19 -6.54
C19 PKA B . -1.29 -1.81 -8.56
C24 PKA B . -0.85 -0.75 -9.35
C23 PKA B . 0.36 -0.85 -10.03
C20 PKA B . -0.51 -2.97 -8.43
C21 PKA B . 0.71 -3.07 -9.12
C22 PKA B . 1.15 -2.01 -9.92
CL PKA B . -1.82 0.69 -9.49
H1C PKA B . -4.81 -3.45 -13.27
H1A PKA B . -3.93 -4.07 -11.88
H1B PKA B . -4.21 -2.34 -12.03
H2A PKA B . -6.14 -4.53 -11.26
H2B PKA B . -6.75 -3.07 -12.02
H3 PKA B . -4.82 -2.55 -9.88
H4C PKA B . -6.73 -1.06 -9.08
H4A PKA B . -7.59 -1.58 -10.54
H4B PKA B . -6.07 -0.70 -10.69
H6A PKA B . -8.07 -4.01 -10.20
H6B PKA B . -8.38 -4.00 -8.48
H6C PKA B . -7.51 -5.35 -9.20
H10 PKA B . -6.00 -1.51 -5.98
H12 PKA B . -5.21 0.41 -4.73
H13 PKA B . -3.42 2.04 -4.21
H14 PKA B . -1.24 1.92 -5.37
H15 PKA B . -0.85 0.17 -7.08
H23 PKA B . 0.67 -0.07 -10.72
H20 PKA B . -0.84 -3.78 -7.79
H21 PKA B . 1.28 -3.98 -9.06
H22 PKA B . 2.03 -2.13 -10.53
N MET A 1 -13.04 14.33 20.64
CA MET A 1 -12.02 14.35 19.61
C MET A 1 -10.97 15.41 19.91
N PRO A 2 -10.11 15.15 20.86
CA PRO A 2 -9.03 16.10 21.25
C PRO A 2 -8.17 16.54 20.07
N GLU A 3 -7.69 17.77 20.14
CA GLU A 3 -6.86 18.32 19.08
C GLU A 3 -5.58 17.48 18.88
N SER A 4 -5.08 16.89 19.96
CA SER A 4 -3.85 16.09 19.87
C SER A 4 -4.01 14.89 18.94
N TRP A 5 -5.09 14.13 19.11
CA TRP A 5 -5.33 12.96 18.27
C TRP A 5 -5.85 13.35 16.89
N VAL A 6 -6.57 14.46 16.83
CA VAL A 6 -7.14 14.94 15.58
C VAL A 6 -6.17 14.75 14.39
N PRO A 7 -4.94 15.17 14.51
CA PRO A 7 -3.97 15.02 13.39
C PRO A 7 -3.79 13.55 12.98
N ALA A 8 -4.14 12.63 13.88
CA ALA A 8 -4.00 11.20 13.60
C ALA A 8 -4.79 10.83 12.35
N VAL A 9 -5.92 11.49 12.13
CA VAL A 9 -6.73 11.21 10.96
C VAL A 9 -5.92 11.49 9.70
N GLY A 10 -5.16 12.59 9.72
CA GLY A 10 -4.34 12.96 8.58
C GLY A 10 -3.30 11.89 8.26
N LEU A 11 -2.76 11.27 9.31
CA LEU A 11 -1.73 10.23 9.13
C LEU A 11 -2.25 9.06 8.29
N THR A 12 -3.48 8.64 8.55
CA THR A 12 -4.03 7.51 7.80
C THR A 12 -4.50 7.90 6.40
N LEU A 13 -5.15 9.04 6.27
CA LEU A 13 -5.65 9.48 4.97
C LEU A 13 -4.51 9.78 3.99
N VAL A 14 -3.40 10.30 4.49
CA VAL A 14 -2.27 10.63 3.61
C VAL A 14 -1.91 9.45 2.70
N PRO A 15 -1.86 8.24 3.21
CA PRO A 15 -1.53 7.06 2.38
C PRO A 15 -2.51 6.86 1.21
N SER A 16 -3.77 7.18 1.44
CA SER A 16 -4.78 7.01 0.41
C SER A 16 -4.47 7.82 -0.85
N LEU A 17 -3.96 9.03 -0.67
CA LEU A 17 -3.63 9.88 -1.81
C LEU A 17 -2.57 9.24 -2.71
N GLY A 18 -1.62 8.56 -2.08
CA GLY A 18 -0.54 7.92 -2.83
C GLY A 18 -1.09 6.84 -3.78
N GLY A 19 -2.05 6.08 -3.30
CA GLY A 19 -2.63 4.99 -4.10
C GLY A 19 -3.31 5.52 -5.37
N PHE A 20 -4.09 6.59 -5.24
CA PHE A 20 -4.80 7.14 -6.39
C PHE A 20 -3.84 7.63 -7.48
N MET A 21 -2.75 8.27 -7.08
CA MET A 21 -1.80 8.79 -8.05
C MET A 21 -1.19 7.67 -8.90
N GLY A 22 -0.89 6.54 -8.27
CA GLY A 22 -0.30 5.43 -8.98
C GLY A 22 -1.34 4.62 -9.74
N ALA A 23 -2.47 4.35 -9.10
CA ALA A 23 -3.54 3.59 -9.71
C ALA A 23 -4.17 4.36 -10.86
N TYR A 24 -4.06 5.67 -10.80
CA TYR A 24 -4.63 6.53 -11.84
C TYR A 24 -4.09 6.11 -13.22
N PHE A 25 -2.83 5.69 -13.26
CA PHE A 25 -2.19 5.29 -14.52
C PHE A 25 -2.90 4.11 -15.19
N VAL A 26 -3.18 3.06 -14.42
CA VAL A 26 -3.84 1.89 -14.98
C VAL A 26 -5.30 2.22 -15.27
N ARG A 27 -5.83 3.08 -14.44
CA ARG A 27 -7.21 3.53 -14.54
C ARG A 27 -7.48 4.31 -15.82
N GLY A 28 -6.53 5.15 -16.21
CA GLY A 28 -6.70 5.99 -17.39
C GLY A 28 -6.29 5.28 -18.68
N GLU A 29 -5.45 5.95 -19.46
CA GLU A 29 -4.98 5.42 -20.74
C GLU A 29 -4.30 4.07 -20.53
N GLY A 30 -3.72 3.87 -19.36
CA GLY A 30 -3.03 2.62 -19.07
C GLY A 30 -3.89 1.44 -19.48
N LEU A 31 -5.21 1.60 -19.40
CA LEU A 31 -6.11 0.51 -19.78
C LEU A 31 -5.75 0.02 -21.18
N ARG A 32 -5.55 0.95 -22.10
CA ARG A 32 -5.17 0.61 -23.47
C ARG A 32 -3.83 -0.12 -23.50
N TRP A 33 -2.92 0.32 -22.65
CA TRP A 33 -1.58 -0.26 -22.58
C TRP A 33 -1.63 -1.77 -22.28
N TYR A 34 -2.54 -2.16 -21.39
CA TYR A 34 -2.67 -3.56 -21.01
C TYR A 34 -3.13 -4.43 -22.18
N ALA A 35 -3.77 -3.84 -23.17
CA ALA A 35 -4.25 -4.63 -24.30
C ALA A 35 -3.16 -5.61 -24.73
N GLY A 36 -1.92 -5.14 -24.73
CA GLY A 36 -0.79 -5.99 -25.09
C GLY A 36 -0.54 -7.04 -24.01
N LEU A 37 -0.78 -6.66 -22.76
CA LEU A 37 -0.59 -7.54 -21.62
C LEU A 37 -1.87 -8.27 -21.24
N GLN A 38 -1.74 -9.45 -20.65
CA GLN A 38 -2.92 -10.22 -20.24
C GLN A 38 -3.18 -10.00 -18.76
N LYS A 39 -4.44 -9.72 -18.41
CA LYS A 39 -4.80 -9.50 -17.01
C LYS A 39 -5.42 -10.77 -16.43
N PRO A 40 -5.23 -11.02 -15.16
CA PRO A 40 -5.79 -12.24 -14.50
C PRO A 40 -7.31 -12.32 -14.66
N SER A 41 -7.79 -13.54 -14.90
CA SER A 41 -9.22 -13.77 -15.10
C SER A 41 -10.04 -13.41 -13.86
N TRP A 42 -9.48 -13.59 -12.66
CA TRP A 42 -10.23 -13.30 -11.45
C TRP A 42 -10.11 -11.83 -11.06
N HIS A 43 -9.49 -11.03 -11.93
CA HIS A 43 -9.33 -9.61 -11.66
C HIS A 43 -10.70 -8.97 -11.39
N PRO A 44 -10.86 -8.32 -10.26
CA PRO A 44 -12.17 -7.66 -9.92
C PRO A 44 -12.24 -6.24 -10.48
N PRO A 45 -13.40 -5.64 -10.47
CA PRO A 45 -13.56 -4.26 -10.99
C PRO A 45 -12.53 -3.29 -10.40
N ARG A 46 -12.00 -2.41 -11.23
CA ARG A 46 -11.00 -1.45 -10.77
C ARG A 46 -11.60 -0.52 -9.70
N TRP A 47 -12.86 -0.16 -9.87
CA TRP A 47 -13.52 0.73 -8.92
C TRP A 47 -13.86 0.01 -7.62
N THR A 48 -13.77 -1.31 -7.61
CA THR A 48 -14.06 -2.09 -6.42
C THR A 48 -12.90 -2.04 -5.43
N LEU A 49 -11.77 -2.61 -5.81
CA LEU A 49 -10.61 -2.61 -4.94
C LEU A 49 -10.08 -1.20 -4.71
N ALA A 50 -10.13 -0.35 -5.72
CA ALA A 50 -9.62 1.01 -5.55
C ALA A 50 -10.06 1.56 -4.18
N PRO A 51 -11.28 1.30 -3.78
CA PRO A 51 -11.81 1.75 -2.46
C PRO A 51 -11.12 1.09 -1.25
N ILE A 52 -10.28 0.09 -1.49
CA ILE A 52 -9.62 -0.61 -0.39
C ILE A 52 -9.13 0.36 0.68
N TRP A 53 -8.56 1.48 0.26
CA TRP A 53 -8.07 2.46 1.20
C TRP A 53 -9.17 2.84 2.19
N GLY A 54 -10.40 2.81 1.71
CA GLY A 54 -11.53 3.15 2.57
C GLY A 54 -11.49 2.31 3.84
N THR A 55 -11.07 1.05 3.70
CA THR A 55 -10.99 0.15 4.84
C THR A 55 -9.64 0.25 5.55
N LEU A 56 -8.55 0.26 4.79
CA LEU A 56 -7.23 0.33 5.39
C LEU A 56 -7.00 1.66 6.14
N TYR A 57 -7.47 2.77 5.58
CA TYR A 57 -7.25 4.05 6.25
C TYR A 57 -7.95 4.07 7.62
N SER A 58 -9.18 3.59 7.64
CA SER A 58 -9.94 3.57 8.90
C SER A 58 -9.23 2.73 9.95
N ALA A 59 -8.67 1.59 9.52
CA ALA A 59 -7.97 0.72 10.45
C ALA A 59 -6.71 1.39 11.00
N MET A 60 -6.03 2.14 10.15
CA MET A 60 -4.81 2.83 10.57
C MET A 60 -5.07 3.86 11.66
N GLY A 61 -6.20 4.56 11.58
CA GLY A 61 -6.51 5.55 12.60
C GLY A 61 -6.74 4.88 13.96
N TYR A 62 -7.67 3.93 13.98
CA TYR A 62 -7.97 3.21 15.21
C TYR A 62 -6.73 2.45 15.68
N GLY A 63 -5.91 1.97 14.75
CA GLY A 63 -4.72 1.25 15.13
C GLY A 63 -3.90 2.09 16.12
N SER A 64 -3.77 3.38 15.82
CA SER A 64 -3.05 4.28 16.69
C SER A 64 -3.76 4.40 18.04
N TYR A 65 -5.08 4.28 18.03
CA TYR A 65 -5.86 4.39 19.27
C TYR A 65 -5.36 3.37 20.29
N ILE A 66 -5.17 2.13 19.86
CA ILE A 66 -4.67 1.10 20.77
C ILE A 66 -3.30 1.50 21.28
N VAL A 67 -2.49 2.06 20.39
CA VAL A 67 -1.15 2.49 20.75
C VAL A 67 -1.20 3.60 21.81
N TRP A 68 -2.16 4.52 21.68
CA TRP A 68 -2.28 5.62 22.63
C TRP A 68 -2.50 5.11 24.04
N LYS A 69 -3.48 4.24 24.20
CA LYS A 69 -3.78 3.72 25.51
C LYS A 69 -2.55 3.09 26.16
N GLU A 70 -1.72 2.44 25.36
CA GLU A 70 -0.51 1.81 25.89
C GLU A 70 0.57 2.81 26.29
N LEU A 71 0.78 3.86 25.48
CA LEU A 71 1.84 4.83 25.76
C LEU A 71 1.36 6.05 26.56
N GLY A 72 0.06 6.20 26.75
CA GLY A 72 -0.45 7.34 27.52
C GLY A 72 -0.98 8.45 26.61
N GLY A 73 -0.79 8.32 25.30
CA GLY A 73 -1.30 9.32 24.36
C GLY A 73 -0.18 9.86 23.46
N PHE A 74 -0.48 10.94 22.75
CA PHE A 74 0.51 11.54 21.85
C PHE A 74 1.73 11.95 22.68
N THR A 75 2.56 10.96 22.98
CA THR A 75 3.77 11.17 23.77
C THR A 75 4.98 10.85 22.92
N GLU A 76 6.12 11.47 23.23
CA GLU A 76 7.32 11.25 22.45
C GLU A 76 7.46 9.76 22.14
N ASP A 77 7.08 8.92 23.10
CA ASP A 77 7.15 7.48 22.88
C ASP A 77 6.24 7.08 21.72
N ALA A 78 5.05 7.67 21.68
CA ALA A 78 4.08 7.38 20.63
C ALA A 78 4.47 8.05 19.31
N MET A 79 5.10 9.21 19.40
CA MET A 79 5.49 9.95 18.19
C MET A 79 6.47 9.14 17.35
N VAL A 80 7.36 8.38 18.00
CA VAL A 80 8.35 7.61 17.26
C VAL A 80 7.69 6.65 16.26
N PRO A 81 6.65 5.95 16.64
CA PRO A 81 5.96 5.02 15.69
C PRO A 81 5.04 5.77 14.72
N LEU A 82 4.04 6.46 15.27
CA LEU A 82 3.10 7.20 14.43
C LEU A 82 3.84 8.24 13.58
N GLY A 83 4.79 8.94 14.19
CA GLY A 83 5.56 9.96 13.47
C GLY A 83 6.36 9.35 12.32
N LEU A 84 7.00 8.21 12.57
CA LEU A 84 7.80 7.55 11.55
C LEU A 84 6.93 7.20 10.34
N TYR A 85 5.70 6.79 10.62
CA TYR A 85 4.78 6.42 9.57
C TYR A 85 4.58 7.58 8.59
N THR A 86 4.45 8.78 9.14
CA THR A 86 4.27 9.96 8.29
C THR A 86 5.50 10.24 7.44
N GLY A 87 6.68 10.11 8.05
CA GLY A 87 7.93 10.40 7.36
C GLY A 87 8.33 9.28 6.38
N GLN A 88 8.54 8.08 6.92
CA GLN A 88 8.96 6.96 6.09
C GLN A 88 7.99 6.72 4.94
N LEU A 89 6.70 6.82 5.22
CA LEU A 89 5.70 6.60 4.18
C LEU A 89 5.81 7.67 3.09
N ALA A 90 6.10 8.91 3.49
CA ALA A 90 6.22 10.00 2.52
C ALA A 90 7.38 9.75 1.55
N LEU A 91 8.55 9.42 2.11
CA LEU A 91 9.70 9.15 1.27
C LEU A 91 9.42 7.95 0.39
N ASN A 92 8.70 6.99 0.95
CA ASN A 92 8.34 5.79 0.21
C ASN A 92 7.52 6.14 -1.03
N TRP A 93 6.60 7.08 -0.87
CA TRP A 93 5.76 7.52 -1.98
C TRP A 93 6.58 8.12 -3.11
N ALA A 94 7.71 8.74 -2.77
CA ALA A 94 8.57 9.37 -3.78
C ALA A 94 9.26 8.33 -4.68
N TRP A 95 9.49 7.14 -4.13
CA TRP A 95 10.17 6.06 -4.87
C TRP A 95 9.49 5.70 -6.20
N PRO A 96 8.27 5.19 -6.18
CA PRO A 96 7.58 4.78 -7.42
C PRO A 96 7.70 5.83 -8.52
N PRO A 97 8.78 5.85 -9.26
CA PRO A 97 8.97 6.84 -10.34
C PRO A 97 7.84 6.76 -11.37
N ILE A 98 7.16 5.63 -11.38
CA ILE A 98 6.06 5.41 -12.32
C ILE A 98 4.95 6.44 -12.16
N PHE A 99 4.81 6.99 -10.96
CA PHE A 99 3.76 7.98 -10.74
C PHE A 99 3.74 9.01 -11.87
N PHE A 100 4.91 9.49 -12.25
CA PHE A 100 5.02 10.47 -13.32
C PHE A 100 4.69 9.90 -14.70
N GLY A 101 5.29 8.75 -15.05
CA GLY A 101 5.07 8.14 -16.36
C GLY A 101 4.32 6.82 -16.28
N ALA A 102 4.96 5.81 -15.70
CA ALA A 102 4.37 4.47 -15.58
C ALA A 102 4.21 3.83 -16.95
N ARG A 103 4.77 4.46 -17.98
CA ARG A 103 4.67 3.93 -19.34
C ARG A 103 5.20 2.50 -19.38
N GLN A 104 6.24 2.22 -18.60
CA GLN A 104 6.83 0.89 -18.57
C GLN A 104 6.15 0.01 -17.51
N MET A 105 6.13 -1.29 -17.79
CA MET A 105 5.52 -2.26 -16.88
C MET A 105 6.22 -2.21 -15.52
N GLY A 106 7.43 -1.66 -15.51
CA GLY A 106 8.24 -1.56 -14.30
C GLY A 106 7.42 -1.16 -13.06
N TRP A 107 6.16 -0.81 -13.26
CA TRP A 107 5.29 -0.39 -12.16
C TRP A 107 5.41 -1.31 -10.95
N ALA A 108 5.94 -2.51 -11.15
CA ALA A 108 6.07 -3.45 -10.05
C ALA A 108 6.49 -2.75 -8.77
N LEU A 109 7.08 -1.59 -8.92
CA LEU A 109 7.52 -0.82 -7.77
C LEU A 109 6.36 -0.47 -6.86
N ALA A 110 5.19 -0.21 -7.45
CA ALA A 110 4.00 0.11 -6.66
C ALA A 110 3.66 -1.10 -5.77
N ASP A 111 3.81 -2.27 -6.35
CA ASP A 111 3.51 -3.52 -5.66
C ASP A 111 4.46 -3.81 -4.50
N LEU A 112 5.76 -3.59 -4.70
CA LEU A 112 6.72 -3.91 -3.64
C LEU A 112 6.57 -2.99 -2.44
N LEU A 113 6.51 -1.68 -2.66
CA LEU A 113 6.36 -0.75 -1.56
C LEU A 113 5.00 -0.90 -0.93
N LEU A 114 4.00 -1.12 -1.76
CA LEU A 114 2.65 -1.30 -1.29
C LEU A 114 2.60 -2.36 -0.21
N VAL A 115 3.11 -3.54 -0.56
CA VAL A 115 3.11 -4.66 0.37
C VAL A 115 4.13 -4.51 1.49
N SER A 116 5.40 -4.48 1.12
CA SER A 116 6.47 -4.36 2.10
C SER A 116 6.49 -3.00 2.80
N GLY A 117 6.27 -1.94 2.04
CA GLY A 117 6.31 -0.60 2.61
C GLY A 117 5.22 -0.36 3.66
N VAL A 118 3.97 -0.63 3.30
CA VAL A 118 2.87 -0.40 4.24
C VAL A 118 2.97 -1.34 5.44
N ALA A 119 3.39 -2.58 5.20
CA ALA A 119 3.49 -3.56 6.27
C ALA A 119 4.77 -3.40 7.11
N THR A 120 5.91 -3.45 6.44
CA THR A 120 7.19 -3.34 7.15
C THR A 120 7.28 -2.08 8.00
N ALA A 121 6.82 -0.96 7.46
CA ALA A 121 6.89 0.30 8.20
C ALA A 121 5.91 0.30 9.36
N THR A 122 4.65 0.03 9.07
CA THR A 122 3.60 0.03 10.10
C THR A 122 3.82 -1.08 11.13
N THR A 123 4.23 -2.25 10.67
CA THR A 123 4.42 -3.38 11.57
C THR A 123 5.43 -3.11 12.67
N LEU A 124 6.59 -2.59 12.32
CA LEU A 124 7.61 -2.31 13.32
C LEU A 124 7.18 -1.23 14.31
N ALA A 125 6.45 -0.24 13.83
CA ALA A 125 6.02 0.86 14.69
C ALA A 125 4.91 0.49 15.68
N TRP A 126 3.80 -0.04 15.17
CA TRP A 126 2.66 -0.37 16.03
C TRP A 126 2.73 -1.74 16.71
N HIS A 127 3.01 -2.79 15.94
CA HIS A 127 3.02 -4.13 16.52
C HIS A 127 3.92 -4.22 17.76
N ARG A 128 5.08 -3.59 17.71
CA ARG A 128 5.97 -3.65 18.87
C ARG A 128 5.33 -3.02 20.10
N VAL A 129 4.68 -1.88 19.92
CA VAL A 129 4.01 -1.21 21.04
C VAL A 129 2.69 -1.86 21.38
N SER A 130 1.86 -2.08 20.35
CA SER A 130 0.54 -2.68 20.55
C SER A 130 0.31 -3.80 19.53
N PRO A 131 0.71 -5.00 19.86
CA PRO A 131 0.54 -6.16 18.95
C PRO A 131 -0.91 -6.35 18.47
N PRO A 132 -1.89 -6.14 19.33
CA PRO A 132 -3.32 -6.33 18.91
C PRO A 132 -3.69 -5.47 17.70
N ALA A 133 -3.04 -4.32 17.55
CA ALA A 133 -3.33 -3.44 16.41
C ALA A 133 -3.00 -4.14 15.11
N ALA A 134 -1.99 -4.99 15.13
CA ALA A 134 -1.60 -5.71 13.95
C ALA A 134 -2.78 -6.55 13.46
N ARG A 135 -3.51 -7.12 14.40
CA ARG A 135 -4.69 -7.94 14.08
C ARG A 135 -5.73 -7.10 13.34
N LEU A 136 -5.88 -5.86 13.78
CA LEU A 136 -6.84 -4.95 13.18
C LEU A 136 -6.62 -4.83 11.67
N LEU A 137 -5.37 -4.77 11.27
CA LEU A 137 -5.03 -4.63 9.86
C LEU A 137 -5.65 -5.74 9.02
N TYR A 138 -5.85 -6.90 9.63
CA TYR A 138 -6.44 -8.07 8.96
C TYR A 138 -6.69 -7.86 7.45
N PRO A 139 -7.63 -7.01 7.08
CA PRO A 139 -7.91 -6.80 5.61
C PRO A 139 -6.67 -6.47 4.79
N TYR A 140 -5.70 -5.80 5.41
CA TYR A 140 -4.48 -5.44 4.70
C TYR A 140 -3.80 -6.70 4.18
N LEU A 141 -3.83 -7.76 4.98
CA LEU A 141 -3.20 -9.01 4.62
C LEU A 141 -3.79 -9.58 3.33
N ALA A 142 -5.11 -9.54 3.21
CA ALA A 142 -5.78 -10.06 2.02
C ALA A 142 -5.50 -9.19 0.79
N TRP A 143 -5.60 -7.88 0.97
CA TRP A 143 -5.37 -6.95 -0.14
C TRP A 143 -3.95 -7.08 -0.68
N LEU A 144 -2.97 -7.16 0.21
CA LEU A 144 -1.58 -7.28 -0.22
C LEU A 144 -1.33 -8.61 -0.94
N ALA A 145 -2.00 -9.67 -0.51
CA ALA A 145 -1.80 -10.98 -1.13
C ALA A 145 -2.18 -10.97 -2.61
N PHE A 146 -3.34 -10.40 -2.92
CA PHE A 146 -3.80 -10.34 -4.31
C PHE A 146 -2.89 -9.47 -5.16
N THR A 147 -2.49 -8.33 -4.63
CA THR A 147 -1.68 -7.42 -5.39
C THR A 147 -0.38 -8.09 -5.87
N THR A 148 0.25 -8.86 -4.99
CA THR A 148 1.50 -9.53 -5.36
C THR A 148 1.29 -10.49 -6.51
N VAL A 149 0.24 -11.31 -6.42
CA VAL A 149 -0.06 -12.27 -7.47
C VAL A 149 -0.53 -11.54 -8.72
N LEU A 150 -1.38 -10.54 -8.50
CA LEU A 150 -1.93 -9.73 -9.57
C LEU A 150 -0.85 -9.13 -10.46
N ASN A 151 0.01 -8.32 -9.87
CA ASN A 151 1.10 -7.69 -10.63
C ASN A 151 2.03 -8.75 -11.20
N TYR A 152 2.28 -9.77 -10.40
CA TYR A 152 3.15 -10.86 -10.79
C TYR A 152 2.62 -11.61 -12.01
N TYR A 153 1.33 -11.88 -12.03
CA TYR A 153 0.73 -12.61 -13.16
C TYR A 153 0.86 -11.84 -14.48
N VAL A 154 0.59 -10.54 -14.44
CA VAL A 154 0.67 -9.72 -15.64
C VAL A 154 2.10 -9.67 -16.18
N TRP A 155 3.05 -9.51 -15.28
CA TRP A 155 4.45 -9.43 -15.66
C TRP A 155 4.89 -10.66 -16.44
N ARG A 156 4.37 -11.83 -16.07
CA ARG A 156 4.73 -13.06 -16.76
C ARG A 156 4.42 -12.97 -18.25
N ASP A 157 3.41 -12.19 -18.61
CA ASP A 157 3.05 -12.05 -20.01
C ASP A 157 4.28 -11.63 -20.80
N ASN A 158 5.07 -10.73 -20.22
CA ASN A 158 6.30 -10.27 -20.88
C ASN A 158 7.54 -10.81 -20.17
N SER A 159 7.67 -10.45 -18.90
CA SER A 159 8.81 -10.89 -18.09
C SER A 159 8.88 -12.41 -17.97
N GLY A 160 7.72 -13.06 -17.97
CA GLY A 160 7.67 -14.50 -17.85
C GLY A 160 8.57 -15.19 -18.89
N ARG A 161 8.68 -14.56 -20.06
CA ARG A 161 9.51 -15.13 -21.13
C ARG A 161 10.60 -14.14 -21.55
N ARG A 162 11.73 -14.67 -21.99
CA ARG A 162 12.86 -13.84 -22.43
C ARG A 162 13.16 -14.12 -23.90
N GLY A 163 13.64 -13.10 -24.61
CA GLY A 163 13.96 -13.26 -26.02
C GLY A 163 15.38 -13.80 -26.19
N GLY A 164 15.79 -13.98 -27.45
CA GLY A 164 17.13 -14.49 -27.74
C GLY A 164 18.14 -13.36 -27.75
N SER A 165 19.38 -13.69 -28.11
CA SER A 165 20.43 -12.69 -28.15
C SER A 165 20.16 -11.69 -29.29
N ARG A 166 20.78 -10.52 -29.20
CA ARG A 166 20.60 -9.50 -30.22
C ARG A 166 20.99 -10.03 -31.60
N LEU A 167 22.02 -10.87 -31.62
CA LEU A 167 22.49 -11.45 -32.87
C LEU A 167 21.39 -12.31 -33.49
N ALA A 168 20.59 -12.94 -32.64
CA ALA A 168 19.50 -13.79 -33.10
C ALA A 168 18.22 -12.98 -33.30
N GLU A 169 18.38 -11.73 -33.72
CA GLU A 169 17.25 -10.83 -33.96
C GLU A 169 16.62 -10.39 -32.64
C1 PKA B . -4.63 -3.10 -11.98
C2 PKA B . -6.00 -3.21 -11.29
C3 PKA B . -5.94 -2.56 -9.90
C4 PKA B . -6.54 -1.15 -9.92
N5 PKA B . -6.65 -3.35 -8.90
C6 PKA B . -7.89 -4.02 -9.26
C7 PKA B . -6.36 -3.18 -7.58
O8 PKA B . -7.02 -3.74 -6.71
C9 PKA B . -5.22 -2.32 -7.20
N18 PKA B . -4.03 -2.38 -7.92
C17 PKA B . -2.96 -1.57 -7.57
C10 PKA B . -5.34 -1.45 -6.10
C11 PKA B . -4.24 -0.64 -5.74
C12 PKA B . -4.34 0.22 -4.65
C16 PKA B . -3.05 -0.70 -6.48
C13 PKA B . -3.26 1.03 -4.29
C14 PKA B . -2.07 0.98 -5.03
C15 PKA B . -1.97 0.10 -6.11
C19 PKA B . -1.71 -1.63 -8.38
C24 PKA B . -1.56 -0.83 -9.51
C23 PKA B . -0.38 -0.92 -10.26
C20 PKA B . -0.69 -2.50 -7.99
C21 PKA B . 0.48 -2.57 -8.73
C22 PKA B . 0.64 -1.80 -9.88
CL PKA B . -2.84 0.24 -9.99
H1C PKA B . -4.26 -2.09 -11.89
H1A PKA B . -4.72 -3.38 -13.01
H1B PKA B . -3.92 -3.77 -11.49
H2A PKA B . -6.26 -4.26 -11.18
H2B PKA B . -6.74 -2.73 -11.90
H3 PKA B . -4.91 -2.48 -9.63
H4C PKA B . -6.77 -0.85 -8.90
H4A PKA B . -7.45 -1.14 -10.49
H4B PKA B . -5.83 -0.46 -10.34
H6A PKA B . -7.72 -5.08 -9.32
H6B PKA B . -8.23 -3.65 -10.21
H6C PKA B . -8.64 -3.82 -8.52
H10 PKA B . -6.23 -1.45 -5.50
H12 PKA B . -5.23 0.21 -4.04
H13 PKA B . -3.31 1.64 -3.40
H14 PKA B . -1.21 1.57 -4.72
H15 PKA B . -1.05 0.06 -6.68
H23 PKA B . -0.32 -0.41 -11.22
H20 PKA B . -0.79 -3.06 -7.07
H21 PKA B . 1.24 -3.30 -8.47
H22 PKA B . 1.48 -1.97 -10.54
N MET A 1 -5.92 18.82 24.73
CA MET A 1 -5.72 19.36 23.40
C MET A 1 -5.91 18.26 22.35
N PRO A 2 -7.14 17.86 22.13
CA PRO A 2 -7.48 16.80 21.15
C PRO A 2 -6.99 17.15 19.74
N GLU A 3 -6.71 18.42 19.51
CA GLU A 3 -6.24 18.88 18.21
C GLU A 3 -4.95 18.17 17.82
N SER A 4 -4.11 17.85 18.80
CA SER A 4 -2.84 17.18 18.52
C SER A 4 -3.08 15.82 17.88
N TRP A 5 -4.08 15.10 18.36
CA TRP A 5 -4.38 13.76 17.83
C TRP A 5 -5.12 13.85 16.49
N VAL A 6 -5.90 14.89 16.31
CA VAL A 6 -6.66 15.05 15.07
C VAL A 6 -5.84 14.66 13.85
N PRO A 7 -4.58 15.01 13.79
CA PRO A 7 -3.73 14.64 12.64
C PRO A 7 -3.73 13.14 12.37
N ALA A 8 -4.09 12.37 13.39
CA ALA A 8 -4.12 10.91 13.25
C ALA A 8 -4.95 10.53 12.04
N VAL A 9 -6.03 11.28 11.79
CA VAL A 9 -6.86 11.01 10.64
C VAL A 9 -6.02 11.20 9.38
N GLY A 10 -5.23 12.28 9.40
CA GLY A 10 -4.36 12.60 8.27
C GLY A 10 -3.27 11.55 8.09
N LEU A 11 -2.80 11.00 9.20
CA LEU A 11 -1.75 9.99 9.16
C LEU A 11 -2.14 8.82 8.26
N THR A 12 -3.38 8.35 8.39
CA THR A 12 -3.84 7.22 7.58
C THR A 12 -4.14 7.63 6.13
N LEU A 13 -4.49 8.90 5.91
CA LEU A 13 -4.80 9.39 4.56
C LEU A 13 -3.55 9.53 3.68
N VAL A 14 -2.42 9.86 4.29
CA VAL A 14 -1.18 10.08 3.54
C VAL A 14 -0.89 9.01 2.47
N PRO A 15 -0.81 7.76 2.84
CA PRO A 15 -0.49 6.68 1.85
C PRO A 15 -1.49 6.62 0.70
N SER A 16 -2.74 6.97 0.98
CA SER A 16 -3.78 6.93 -0.04
C SER A 16 -3.47 7.85 -1.22
N LEU A 17 -2.91 9.03 -0.94
CA LEU A 17 -2.59 9.97 -2.01
C LEU A 17 -1.59 9.37 -2.99
N GLY A 18 -0.61 8.64 -2.47
CA GLY A 18 0.40 8.03 -3.34
C GLY A 18 -0.20 6.90 -4.17
N GLY A 19 -0.85 5.96 -3.50
CA GLY A 19 -1.46 4.83 -4.18
C GLY A 19 -2.55 5.27 -5.16
N PHE A 20 -3.31 6.29 -4.78
CA PHE A 20 -4.40 6.78 -5.62
C PHE A 20 -3.88 7.20 -6.99
N MET A 21 -2.78 7.93 -7.00
CA MET A 21 -2.20 8.38 -8.27
C MET A 21 -1.75 7.20 -9.11
N GLY A 22 -1.18 6.20 -8.46
CA GLY A 22 -0.71 5.00 -9.18
C GLY A 22 -1.88 4.26 -9.82
N ALA A 23 -2.96 4.12 -9.07
CA ALA A 23 -4.15 3.42 -9.58
C ALA A 23 -4.84 4.25 -10.64
N TYR A 24 -4.66 5.56 -10.57
CA TYR A 24 -5.23 6.44 -11.55
C TYR A 24 -4.65 6.14 -12.94
N PHE A 25 -3.37 5.76 -12.97
CA PHE A 25 -2.70 5.47 -14.24
C PHE A 25 -3.34 4.30 -14.99
N VAL A 26 -3.57 3.19 -14.29
CA VAL A 26 -4.16 2.02 -14.94
C VAL A 26 -5.63 2.26 -15.23
N ARG A 27 -6.29 2.97 -14.33
CA ARG A 27 -7.69 3.30 -14.46
C ARG A 27 -7.96 4.14 -15.72
N GLY A 28 -7.01 5.00 -16.07
CA GLY A 28 -7.17 5.87 -17.24
C GLY A 28 -6.84 5.15 -18.56
N GLU A 29 -6.11 5.87 -19.42
CA GLU A 29 -5.71 5.32 -20.72
C GLU A 29 -4.89 4.05 -20.55
N GLY A 30 -4.26 3.91 -19.39
CA GLY A 30 -3.46 2.73 -19.14
C GLY A 30 -4.22 1.48 -19.56
N LEU A 31 -5.55 1.51 -19.42
CA LEU A 31 -6.35 0.35 -19.81
C LEU A 31 -6.00 -0.06 -21.24
N ARG A 32 -5.88 0.91 -22.12
CA ARG A 32 -5.52 0.62 -23.50
C ARG A 32 -4.17 -0.06 -23.56
N TRP A 33 -3.24 0.46 -22.77
CA TRP A 33 -1.89 -0.09 -22.73
C TRP A 33 -1.92 -1.56 -22.29
N TYR A 34 -2.79 -1.88 -21.33
CA TYR A 34 -2.90 -3.24 -20.83
C TYR A 34 -3.42 -4.19 -21.90
N ALA A 35 -4.12 -3.66 -22.91
CA ALA A 35 -4.64 -4.53 -23.95
C ALA A 35 -3.55 -5.47 -24.44
N GLY A 36 -2.34 -4.94 -24.59
CA GLY A 36 -1.20 -5.75 -25.02
C GLY A 36 -0.87 -6.78 -23.94
N LEU A 37 -1.08 -6.37 -22.69
CA LEU A 37 -0.80 -7.23 -21.54
C LEU A 37 -2.03 -8.04 -21.16
N GLN A 38 -1.80 -9.23 -20.62
CA GLN A 38 -2.92 -10.09 -20.21
C GLN A 38 -3.15 -9.94 -18.71
N LYS A 39 -4.36 -9.55 -18.34
CA LYS A 39 -4.70 -9.39 -16.93
C LYS A 39 -5.27 -10.71 -16.40
N PRO A 40 -4.94 -11.08 -15.19
CA PRO A 40 -5.44 -12.36 -14.61
C PRO A 40 -6.97 -12.44 -14.61
N SER A 41 -7.50 -13.62 -14.91
CA SER A 41 -8.95 -13.83 -14.96
C SER A 41 -9.61 -13.56 -13.60
N TRP A 42 -8.90 -13.88 -12.52
CA TRP A 42 -9.47 -13.70 -11.18
C TRP A 42 -9.43 -12.23 -10.75
N HIS A 43 -9.01 -11.35 -11.65
CA HIS A 43 -8.94 -9.93 -11.35
C HIS A 43 -10.35 -9.38 -11.09
N PRO A 44 -10.56 -8.63 -10.02
CA PRO A 44 -11.89 -8.04 -9.73
C PRO A 44 -12.04 -6.65 -10.36
N PRO A 45 -13.23 -6.10 -10.36
CA PRO A 45 -13.44 -4.77 -10.96
C PRO A 45 -12.44 -3.75 -10.44
N ARG A 46 -11.93 -2.91 -11.34
CA ARG A 46 -10.95 -1.91 -10.96
C ARG A 46 -11.51 -0.94 -9.92
N TRP A 47 -12.79 -0.59 -10.07
CA TRP A 47 -13.43 0.34 -9.15
C TRP A 47 -13.69 -0.30 -7.78
N THR A 48 -13.82 -1.62 -7.76
CA THR A 48 -14.09 -2.32 -6.51
C THR A 48 -12.95 -2.19 -5.51
N LEU A 49 -11.76 -2.61 -5.91
CA LEU A 49 -10.60 -2.54 -5.01
C LEU A 49 -10.09 -1.10 -4.84
N ALA A 50 -10.20 -0.28 -5.88
CA ALA A 50 -9.72 1.09 -5.79
C ALA A 50 -9.99 1.71 -4.41
N PRO A 51 -11.20 1.59 -3.90
CA PRO A 51 -11.57 2.16 -2.57
C PRO A 51 -10.97 1.41 -1.36
N ILE A 52 -10.14 0.41 -1.62
CA ILE A 52 -9.55 -0.36 -0.51
C ILE A 52 -9.00 0.56 0.56
N TRP A 53 -8.40 1.67 0.16
CA TRP A 53 -7.84 2.59 1.13
C TRP A 53 -8.88 2.93 2.18
N GLY A 54 -10.14 2.99 1.77
CA GLY A 54 -11.21 3.29 2.72
C GLY A 54 -11.23 2.24 3.82
N THR A 55 -11.05 0.98 3.42
CA THR A 55 -11.04 -0.13 4.38
C THR A 55 -9.84 -0.03 5.31
N LEU A 56 -8.66 0.12 4.74
CA LEU A 56 -7.44 0.24 5.54
C LEU A 56 -7.46 1.56 6.31
N TYR A 57 -8.06 2.57 5.71
CA TYR A 57 -8.14 3.90 6.32
C TYR A 57 -8.72 3.87 7.72
N SER A 58 -9.88 3.26 7.88
CA SER A 58 -10.50 3.22 9.19
C SER A 58 -9.72 2.32 10.16
N ALA A 59 -9.17 1.23 9.64
CA ALA A 59 -8.41 0.33 10.49
C ALA A 59 -7.16 1.02 11.02
N MET A 60 -6.47 1.75 10.14
CA MET A 60 -5.26 2.45 10.55
C MET A 60 -5.56 3.49 11.63
N GLY A 61 -6.71 4.15 11.51
CA GLY A 61 -7.08 5.17 12.50
C GLY A 61 -7.32 4.52 13.86
N TYR A 62 -8.25 3.56 13.88
CA TYR A 62 -8.57 2.86 15.12
C TYR A 62 -7.36 2.09 15.66
N GLY A 63 -6.60 1.47 14.76
CA GLY A 63 -5.43 0.71 15.18
C GLY A 63 -4.47 1.59 15.97
N SER A 64 -4.26 2.81 15.48
CA SER A 64 -3.37 3.73 16.17
C SER A 64 -3.93 4.07 17.54
N TYR A 65 -5.26 4.01 17.67
CA TYR A 65 -5.88 4.31 18.95
C TYR A 65 -5.32 3.37 20.01
N ILE A 66 -5.24 2.08 19.66
CA ILE A 66 -4.70 1.08 20.59
C ILE A 66 -3.30 1.49 21.01
N VAL A 67 -2.49 1.90 20.05
CA VAL A 67 -1.13 2.32 20.34
C VAL A 67 -1.17 3.49 21.33
N TRP A 68 -2.11 4.39 21.09
CA TRP A 68 -2.30 5.56 21.93
C TRP A 68 -2.70 5.13 23.36
N LYS A 69 -3.52 4.08 23.46
CA LYS A 69 -3.95 3.58 24.78
C LYS A 69 -2.75 3.11 25.60
N GLU A 70 -1.84 2.41 24.93
CA GLU A 70 -0.66 1.85 25.59
C GLU A 70 0.28 2.90 26.17
N LEU A 71 0.44 4.03 25.46
CA LEU A 71 1.34 5.07 25.93
C LEU A 71 0.65 6.08 26.82
N GLY A 72 -0.66 5.96 26.97
CA GLY A 72 -1.39 6.89 27.82
C GLY A 72 -1.64 8.23 27.14
N GLY A 73 -1.99 8.18 25.85
CA GLY A 73 -2.26 9.39 25.09
C GLY A 73 -1.11 9.72 24.16
N PHE A 74 -1.11 10.94 23.62
CA PHE A 74 -0.04 11.35 22.73
C PHE A 74 1.05 12.07 23.52
N THR A 75 2.18 11.41 23.64
CA THR A 75 3.32 11.95 24.37
C THR A 75 4.57 11.81 23.51
N GLU A 76 5.62 12.54 23.85
CA GLU A 76 6.85 12.49 23.06
C GLU A 76 7.20 11.06 22.68
N ASP A 77 6.98 10.11 23.59
CA ASP A 77 7.29 8.71 23.28
C ASP A 77 6.42 8.20 22.13
N ALA A 78 5.15 8.58 22.14
CA ALA A 78 4.20 8.15 21.11
C ALA A 78 4.48 8.80 19.75
N MET A 79 5.03 10.00 19.77
CA MET A 79 5.31 10.70 18.53
C MET A 79 6.27 9.89 17.64
N VAL A 80 7.18 9.17 18.29
CA VAL A 80 8.17 8.38 17.55
C VAL A 80 7.53 7.30 16.65
N PRO A 81 6.63 6.49 17.16
CA PRO A 81 5.99 5.42 16.34
C PRO A 81 5.10 5.97 15.23
N LEU A 82 4.05 6.71 15.60
CA LEU A 82 3.16 7.26 14.59
C LEU A 82 3.93 8.23 13.68
N GLY A 83 4.82 9.01 14.27
CA GLY A 83 5.62 9.95 13.51
C GLY A 83 6.46 9.21 12.46
N LEU A 84 7.00 8.06 12.85
CA LEU A 84 7.80 7.26 11.94
C LEU A 84 6.98 6.88 10.71
N TYR A 85 5.71 6.56 10.95
CA TYR A 85 4.83 6.18 9.86
C TYR A 85 4.69 7.30 8.84
N THR A 86 4.49 8.52 9.33
CA THR A 86 4.34 9.67 8.43
C THR A 86 5.64 9.99 7.70
N GLY A 87 6.77 9.90 8.42
CA GLY A 87 8.07 10.22 7.84
C GLY A 87 8.59 9.13 6.90
N GLN A 88 8.78 7.93 7.44
CA GLN A 88 9.31 6.82 6.64
C GLN A 88 8.44 6.57 5.43
N LEU A 89 7.12 6.63 5.60
CA LEU A 89 6.20 6.40 4.51
C LEU A 89 6.39 7.44 3.39
N ALA A 90 6.60 8.69 3.78
CA ALA A 90 6.80 9.74 2.79
C ALA A 90 8.05 9.50 1.95
N LEU A 91 9.15 9.19 2.63
CA LEU A 91 10.39 8.92 1.93
C LEU A 91 10.21 7.72 1.03
N ASN A 92 9.47 6.73 1.50
CA ASN A 92 9.22 5.52 0.73
C ASN A 92 8.48 5.86 -0.56
N TRP A 93 7.49 6.74 -0.48
CA TRP A 93 6.72 7.15 -1.66
C TRP A 93 7.63 7.73 -2.73
N ALA A 94 8.72 8.35 -2.30
CA ALA A 94 9.65 8.95 -3.25
C ALA A 94 10.22 7.90 -4.21
N TRP A 95 10.34 6.66 -3.75
CA TRP A 95 10.90 5.59 -4.58
C TRP A 95 10.10 5.40 -5.89
N PRO A 96 8.79 5.41 -5.83
CA PRO A 96 7.96 5.23 -7.04
C PRO A 96 8.32 6.19 -8.17
N PRO A 97 8.57 5.70 -9.36
CA PRO A 97 8.89 6.57 -10.52
C PRO A 97 7.74 6.59 -11.51
N ILE A 98 6.99 5.48 -11.53
CA ILE A 98 5.86 5.31 -12.44
C ILE A 98 4.79 6.37 -12.25
N PHE A 99 4.67 6.94 -11.06
CA PHE A 99 3.65 7.95 -10.84
C PHE A 99 3.81 9.11 -11.82
N PHE A 100 5.05 9.55 -12.00
CA PHE A 100 5.34 10.66 -12.91
C PHE A 100 5.01 10.31 -14.36
N GLY A 101 5.50 9.16 -14.82
CA GLY A 101 5.26 8.72 -16.20
C GLY A 101 4.38 7.48 -16.25
N ALA A 102 4.83 6.41 -15.61
CA ALA A 102 4.08 5.17 -15.60
C ALA A 102 3.87 4.63 -17.00
N ARG A 103 4.36 5.36 -17.99
CA ARG A 103 4.21 4.93 -19.38
C ARG A 103 4.72 3.51 -19.56
N GLN A 104 5.75 3.16 -18.78
CA GLN A 104 6.33 1.82 -18.86
C GLN A 104 5.61 0.82 -17.97
N MET A 105 5.65 -0.44 -18.37
CA MET A 105 5.00 -1.52 -17.63
C MET A 105 5.60 -1.68 -16.23
N GLY A 106 6.74 -1.06 -15.98
CA GLY A 106 7.41 -1.17 -14.67
C GLY A 106 6.50 -0.79 -13.49
N TRP A 107 5.20 -0.96 -13.67
CA TRP A 107 4.21 -0.64 -12.67
C TRP A 107 4.43 -1.41 -11.34
N ALA A 108 5.18 -2.51 -11.41
CA ALA A 108 5.41 -3.34 -10.23
C ALA A 108 5.98 -2.54 -9.07
N LEU A 109 6.63 -1.44 -9.38
CA LEU A 109 7.22 -0.61 -8.35
C LEU A 109 6.14 -0.22 -7.34
N ALA A 110 4.91 -0.04 -7.84
CA ALA A 110 3.80 0.30 -6.96
C ALA A 110 3.56 -0.85 -5.98
N ASP A 111 3.70 -2.07 -6.49
CA ASP A 111 3.48 -3.27 -5.68
C ASP A 111 4.49 -3.42 -4.54
N LEU A 112 5.77 -3.28 -4.84
CA LEU A 112 6.80 -3.46 -3.82
C LEU A 112 6.65 -2.45 -2.68
N LEU A 113 6.47 -1.18 -3.01
CA LEU A 113 6.30 -0.16 -1.99
C LEU A 113 4.96 -0.34 -1.29
N LEU A 114 3.95 -0.66 -2.07
CA LEU A 114 2.61 -0.87 -1.55
C LEU A 114 2.61 -1.91 -0.43
N VAL A 115 3.10 -3.09 -0.75
CA VAL A 115 3.13 -4.19 0.21
C VAL A 115 4.13 -3.97 1.33
N SER A 116 5.37 -3.76 0.97
CA SER A 116 6.45 -3.55 1.93
C SER A 116 6.32 -2.24 2.69
N GLY A 117 5.97 -1.16 1.97
CA GLY A 117 5.86 0.15 2.61
C GLY A 117 4.85 0.14 3.73
N VAL A 118 3.70 -0.47 3.49
CA VAL A 118 2.65 -0.53 4.50
C VAL A 118 2.98 -1.56 5.58
N ALA A 119 3.43 -2.73 5.15
CA ALA A 119 3.75 -3.80 6.09
C ALA A 119 4.99 -3.49 6.93
N THR A 120 6.10 -3.21 6.28
CA THR A 120 7.35 -2.96 6.99
C THR A 120 7.25 -1.75 7.95
N ALA A 121 6.63 -0.68 7.49
CA ALA A 121 6.52 0.52 8.33
C ALA A 121 5.57 0.31 9.52
N THR A 122 4.32 0.03 9.22
CA THR A 122 3.32 -0.15 10.27
C THR A 122 3.64 -1.33 11.20
N THR A 123 4.11 -2.44 10.64
CA THR A 123 4.40 -3.62 11.44
C THR A 123 5.44 -3.35 12.52
N LEU A 124 6.54 -2.69 12.16
CA LEU A 124 7.60 -2.43 13.14
C LEU A 124 7.16 -1.48 14.26
N ALA A 125 6.33 -0.49 13.95
CA ALA A 125 5.92 0.47 14.96
C ALA A 125 4.79 -0.03 15.87
N TRP A 126 3.63 -0.29 15.27
CA TRP A 126 2.46 -0.71 16.05
C TRP A 126 2.62 -2.07 16.75
N HIS A 127 3.16 -3.07 16.07
CA HIS A 127 3.29 -4.39 16.68
C HIS A 127 4.08 -4.33 17.98
N ARG A 128 5.18 -3.58 17.97
CA ARG A 128 6.01 -3.47 19.16
C ARG A 128 5.25 -2.85 20.33
N VAL A 129 4.50 -1.79 20.05
CA VAL A 129 3.74 -1.12 21.11
C VAL A 129 2.49 -1.90 21.48
N SER A 130 1.78 -2.43 20.48
CA SER A 130 0.56 -3.18 20.74
C SER A 130 0.36 -4.27 19.68
N PRO A 131 0.61 -5.51 20.03
CA PRO A 131 0.44 -6.64 19.07
C PRO A 131 -1.01 -6.81 18.59
N PRO A 132 -1.98 -6.61 19.45
CA PRO A 132 -3.41 -6.78 19.05
C PRO A 132 -3.80 -5.90 17.86
N ALA A 133 -3.15 -4.75 17.72
CA ALA A 133 -3.45 -3.84 16.63
C ALA A 133 -3.18 -4.51 15.28
N ALA A 134 -2.18 -5.37 15.25
CA ALA A 134 -1.84 -6.07 14.02
C ALA A 134 -3.03 -6.89 13.54
N ARG A 135 -3.77 -7.47 14.48
CA ARG A 135 -4.94 -8.26 14.14
C ARG A 135 -5.94 -7.41 13.39
N LEU A 136 -6.11 -6.18 13.85
CA LEU A 136 -7.04 -5.26 13.20
C LEU A 136 -6.71 -5.14 11.72
N LEU A 137 -5.43 -5.14 11.43
CA LEU A 137 -4.95 -4.99 10.06
C LEU A 137 -5.26 -6.22 9.19
N TYR A 138 -6.14 -7.11 9.64
CA TYR A 138 -6.43 -8.29 8.83
C TYR A 138 -6.67 -7.97 7.34
N PRO A 139 -7.36 -6.91 6.98
CA PRO A 139 -7.59 -6.67 5.52
C PRO A 139 -6.30 -6.35 4.77
N TYR A 140 -5.30 -5.86 5.50
CA TYR A 140 -4.03 -5.51 4.88
C TYR A 140 -3.39 -6.74 4.25
N LEU A 141 -3.61 -7.90 4.88
CA LEU A 141 -3.05 -9.15 4.37
C LEU A 141 -3.72 -9.55 3.05
N ALA A 142 -5.05 -9.37 2.98
CA ALA A 142 -5.80 -9.73 1.79
C ALA A 142 -5.48 -8.83 0.60
N TRP A 143 -5.56 -7.51 0.80
CA TRP A 143 -5.29 -6.59 -0.30
C TRP A 143 -3.85 -6.74 -0.79
N LEU A 144 -2.91 -6.79 0.14
CA LEU A 144 -1.52 -6.96 -0.25
C LEU A 144 -1.29 -8.36 -0.85
N ALA A 145 -2.00 -9.35 -0.35
CA ALA A 145 -1.85 -10.71 -0.85
C ALA A 145 -2.24 -10.79 -2.32
N PHE A 146 -3.38 -10.19 -2.68
CA PHE A 146 -3.84 -10.20 -4.06
C PHE A 146 -2.89 -9.43 -4.96
N THR A 147 -2.44 -8.27 -4.50
CA THR A 147 -1.57 -7.45 -5.30
C THR A 147 -0.31 -8.21 -5.72
N THR A 148 0.29 -8.94 -4.79
CA THR A 148 1.51 -9.68 -5.10
C THR A 148 1.28 -10.70 -6.21
N VAL A 149 0.23 -11.51 -6.07
CA VAL A 149 -0.07 -12.51 -7.09
C VAL A 149 -0.49 -11.84 -8.39
N LEU A 150 -1.29 -10.79 -8.25
CA LEU A 150 -1.79 -10.02 -9.38
C LEU A 150 -0.65 -9.46 -10.25
N ASN A 151 0.33 -8.86 -9.60
CA ASN A 151 1.46 -8.28 -10.32
C ASN A 151 2.28 -9.31 -11.10
N TYR A 152 2.49 -10.48 -10.50
CA TYR A 152 3.27 -11.51 -11.17
C TYR A 152 2.59 -12.03 -12.43
N TYR A 153 1.28 -12.22 -12.39
CA TYR A 153 0.58 -12.75 -13.56
C TYR A 153 0.79 -11.84 -14.77
N VAL A 154 0.64 -10.54 -14.58
CA VAL A 154 0.80 -9.60 -15.69
C VAL A 154 2.26 -9.55 -16.16
N TRP A 155 3.19 -9.46 -15.21
CA TRP A 155 4.61 -9.39 -15.55
C TRP A 155 5.08 -10.65 -16.28
N ARG A 156 4.68 -11.82 -15.79
CA ARG A 156 5.09 -13.08 -16.43
C ARG A 156 4.60 -13.15 -17.87
N ASP A 157 3.46 -12.54 -18.15
CA ASP A 157 2.91 -12.57 -19.50
C ASP A 157 3.95 -12.04 -20.48
N ASN A 158 4.65 -10.98 -20.08
CA ASN A 158 5.68 -10.39 -20.93
C ASN A 158 7.07 -10.86 -20.49
N SER A 159 7.40 -10.57 -19.24
CA SER A 159 8.70 -10.94 -18.67
C SER A 159 8.89 -12.45 -18.71
N GLY A 160 7.81 -13.20 -18.57
CA GLY A 160 7.88 -14.66 -18.59
C GLY A 160 7.94 -15.16 -20.03
N ARG A 161 7.98 -16.48 -20.19
CA ARG A 161 8.06 -17.09 -21.52
C ARG A 161 6.81 -17.93 -21.79
N ARG A 162 6.43 -18.01 -23.05
CA ARG A 162 5.26 -18.79 -23.46
C ARG A 162 5.69 -20.05 -24.20
N GLY A 163 4.91 -21.11 -24.08
CA GLY A 163 5.23 -22.36 -24.74
C GLY A 163 4.79 -22.33 -26.20
N GLY A 164 4.98 -23.44 -26.90
CA GLY A 164 4.61 -23.51 -28.31
C GLY A 164 3.13 -23.81 -28.46
N SER A 165 2.69 -23.96 -29.71
CA SER A 165 1.28 -24.25 -29.98
C SER A 165 0.93 -25.67 -29.51
N ARG A 166 -0.36 -25.93 -29.40
CA ARG A 166 -0.82 -27.24 -28.95
C ARG A 166 -0.27 -28.34 -29.85
N LEU A 167 -0.11 -28.02 -31.14
CA LEU A 167 0.42 -28.99 -32.09
C LEU A 167 1.83 -29.42 -31.69
N ALA A 168 2.59 -28.48 -31.13
CA ALA A 168 3.96 -28.77 -30.71
C ALA A 168 3.96 -29.59 -29.43
N GLU A 169 5.05 -30.29 -29.21
CA GLU A 169 5.19 -31.12 -28.03
C GLU A 169 4.57 -30.43 -26.82
C1 PKA B . -4.78 -3.21 -12.07
C2 PKA B . -6.08 -3.43 -11.29
C3 PKA B . -6.02 -2.69 -9.94
C4 PKA B . -6.75 -1.35 -10.02
N5 PKA B . -6.63 -3.50 -8.87
C6 PKA B . -7.80 -4.30 -9.16
C7 PKA B . -6.28 -3.32 -7.58
O8 PKA B . -6.85 -3.94 -6.69
C9 PKA B . -5.19 -2.38 -7.24
N18 PKA B . -3.98 -2.43 -7.94
C17 PKA B . -2.95 -1.55 -7.62
C10 PKA B . -5.37 -1.44 -6.22
C11 PKA B . -4.33 -0.56 -5.89
C12 PKA B . -4.51 0.37 -4.86
C16 PKA B . -3.12 -0.62 -6.60
C13 PKA B . -3.47 1.26 -4.55
C14 PKA B . -2.26 1.20 -5.24
C15 PKA B . -2.08 0.26 -6.26
C19 PKA B . -1.68 -1.60 -8.39
C24 PKA B . -1.44 -0.72 -9.44
C23 PKA B . -0.25 -0.78 -10.16
C20 PKA B . -0.71 -2.55 -8.04
C21 PKA B . 0.49 -2.62 -8.75
C22 PKA B . 0.72 -1.73 -9.81
CL PKA B . -2.65 0.45 -9.87
H1C PKA B . -4.98 -3.28 -13.13
H1A PKA B . -4.06 -3.96 -11.79
H1B PKA B . -4.38 -2.23 -11.85
H2A PKA B . -6.20 -4.49 -11.11
H2B PKA B . -6.91 -3.08 -11.88
H3 PKA B . -5.00 -2.51 -9.71
H4C PKA B . -7.69 -1.47 -10.51
H4A PKA B . -6.14 -0.64 -10.56
H4B PKA B . -6.91 -0.98 -9.00
H6A PKA B . -8.21 -4.03 -10.13
H6B PKA B . -8.55 -4.13 -8.42
H6C PKA B . -7.53 -5.36 -9.17
H10 PKA B . -6.27 -1.46 -5.62
H12 PKA B . -5.39 0.33 -4.24
H13 PKA B . -3.55 1.87 -3.66
H14 PKA B . -1.43 1.83 -4.93
H15 PKA B . -1.15 0.21 -6.79
H23 PKA B . -0.11 -0.17 -11.03
H20 PKA B . -0.87 -3.19 -7.19
H21 PKA B . 1.22 -3.37 -8.51
H22 PKA B . 1.61 -1.86 -10.42
N MET A 1 -6.33 16.92 25.32
CA MET A 1 -7.47 17.14 24.45
C MET A 1 -7.45 16.13 23.30
N PRO A 2 -8.60 15.61 22.92
CA PRO A 2 -8.67 14.62 21.81
C PRO A 2 -8.09 15.18 20.51
N GLU A 3 -7.94 16.50 20.46
CA GLU A 3 -7.41 17.16 19.27
C GLU A 3 -6.07 16.55 18.85
N SER A 4 -5.29 16.11 19.83
CA SER A 4 -3.97 15.52 19.53
C SER A 4 -4.11 14.29 18.62
N TRP A 5 -5.11 13.46 18.89
CA TRP A 5 -5.33 12.25 18.10
C TRP A 5 -5.95 12.56 16.74
N VAL A 6 -6.77 13.61 16.70
CA VAL A 6 -7.45 13.99 15.47
C VAL A 6 -6.53 13.89 14.24
N PRO A 7 -5.35 14.48 14.28
CA PRO A 7 -4.44 14.40 13.10
C PRO A 7 -4.16 12.95 12.71
N ALA A 8 -4.41 12.03 13.65
CA ALA A 8 -4.19 10.62 13.37
C ALA A 8 -4.94 10.23 12.12
N VAL A 9 -6.08 10.89 11.90
CA VAL A 9 -6.87 10.63 10.72
C VAL A 9 -6.06 10.95 9.47
N GLY A 10 -5.32 12.05 9.55
CA GLY A 10 -4.47 12.47 8.44
C GLY A 10 -3.41 11.43 8.13
N LEU A 11 -2.87 10.79 9.17
CA LEU A 11 -1.85 9.78 8.99
C LEU A 11 -2.33 8.65 8.09
N THR A 12 -3.58 8.23 8.28
CA THR A 12 -4.12 7.14 7.45
C THR A 12 -4.49 7.64 6.05
N LEU A 13 -4.96 8.88 5.94
CA LEU A 13 -5.33 9.45 4.64
C LEU A 13 -4.13 9.64 3.73
N VAL A 14 -2.99 9.99 4.31
CA VAL A 14 -1.77 10.25 3.52
C VAL A 14 -1.47 9.12 2.50
N PRO A 15 -1.35 7.89 2.94
CA PRO A 15 -1.04 6.79 1.97
C PRO A 15 -2.09 6.64 0.87
N SER A 16 -3.33 6.94 1.19
CA SER A 16 -4.41 6.82 0.20
C SER A 16 -4.17 7.71 -1.01
N LEU A 17 -3.67 8.92 -0.78
CA LEU A 17 -3.42 9.85 -1.87
C LEU A 17 -2.31 9.37 -2.80
N GLY A 18 -1.27 8.76 -2.24
CA GLY A 18 -0.15 8.28 -3.04
C GLY A 18 -0.56 7.16 -3.99
N GLY A 19 -1.07 6.07 -3.43
CA GLY A 19 -1.48 4.93 -4.22
C GLY A 19 -2.57 5.29 -5.24
N PHE A 20 -3.48 6.17 -4.84
CA PHE A 20 -4.58 6.55 -5.72
C PHE A 20 -4.06 7.12 -7.05
N MET A 21 -3.09 8.03 -6.97
CA MET A 21 -2.54 8.63 -8.17
C MET A 21 -1.88 7.60 -9.08
N GLY A 22 -1.22 6.63 -8.49
CA GLY A 22 -0.55 5.58 -9.27
C GLY A 22 -1.56 4.74 -10.06
N ALA A 23 -2.69 4.45 -9.42
CA ALA A 23 -3.73 3.64 -10.05
C ALA A 23 -4.39 4.37 -11.22
N TYR A 24 -4.41 5.70 -11.16
CA TYR A 24 -5.00 6.48 -12.22
C TYR A 24 -4.35 6.16 -13.58
N PHE A 25 -3.06 5.88 -13.55
CA PHE A 25 -2.32 5.57 -14.79
C PHE A 25 -2.87 4.34 -15.50
N VAL A 26 -3.08 3.25 -14.78
CA VAL A 26 -3.59 2.03 -15.39
C VAL A 26 -5.05 2.22 -15.76
N ARG A 27 -5.72 2.99 -14.94
CA ARG A 27 -7.13 3.31 -15.09
C ARG A 27 -7.43 4.05 -16.40
N GLY A 28 -6.56 4.99 -16.75
CA GLY A 28 -6.77 5.80 -17.93
C GLY A 28 -6.23 5.15 -19.20
N GLU A 29 -5.38 5.89 -19.92
CA GLU A 29 -4.81 5.41 -21.17
C GLU A 29 -4.05 4.10 -20.98
N GLY A 30 -3.53 3.88 -19.78
CA GLY A 30 -2.80 2.66 -19.51
C GLY A 30 -3.59 1.45 -19.98
N LEU A 31 -4.92 1.53 -19.90
CA LEU A 31 -5.77 0.43 -20.33
C LEU A 31 -5.39 0.02 -21.75
N ARG A 32 -5.13 1.00 -22.60
CA ARG A 32 -4.74 0.70 -23.96
C ARG A 32 -3.45 -0.08 -23.96
N TRP A 33 -2.52 0.40 -23.15
CA TRP A 33 -1.22 -0.23 -23.01
C TRP A 33 -1.36 -1.64 -22.46
N TYR A 34 -2.25 -1.81 -21.48
CA TYR A 34 -2.47 -3.12 -20.88
C TYR A 34 -3.06 -4.10 -21.87
N ALA A 35 -3.70 -3.61 -22.91
CA ALA A 35 -4.29 -4.51 -23.90
C ALA A 35 -3.25 -5.53 -24.35
N GLY A 36 -2.01 -5.06 -24.52
CA GLY A 36 -0.92 -5.95 -24.91
C GLY A 36 -0.64 -6.96 -23.79
N LEU A 37 -0.83 -6.50 -22.56
CA LEU A 37 -0.60 -7.34 -21.38
C LEU A 37 -1.89 -8.06 -20.97
N GLN A 38 -1.74 -9.24 -20.40
CA GLN A 38 -2.91 -9.99 -19.96
C GLN A 38 -3.12 -9.82 -18.46
N LYS A 39 -4.35 -9.49 -18.07
CA LYS A 39 -4.67 -9.29 -16.66
C LYS A 39 -5.59 -10.41 -16.18
N PRO A 40 -5.41 -10.88 -14.96
CA PRO A 40 -6.26 -11.99 -14.43
C PRO A 40 -7.74 -11.61 -14.42
N SER A 41 -8.58 -12.52 -14.91
CA SER A 41 -10.01 -12.26 -14.97
C SER A 41 -10.70 -12.55 -13.63
N TRP A 42 -9.98 -13.14 -12.68
CA TRP A 42 -10.57 -13.46 -11.38
C TRP A 42 -10.69 -12.24 -10.49
N HIS A 43 -9.98 -11.17 -10.84
CA HIS A 43 -10.02 -9.96 -10.02
C HIS A 43 -11.34 -9.20 -10.19
N PRO A 44 -11.76 -8.48 -9.19
CA PRO A 44 -13.02 -7.68 -9.24
C PRO A 44 -12.87 -6.38 -10.02
N PRO A 45 -13.95 -5.69 -10.24
CA PRO A 45 -13.95 -4.40 -10.98
C PRO A 45 -12.94 -3.41 -10.41
N ARG A 46 -12.44 -2.53 -11.27
CA ARG A 46 -11.46 -1.54 -10.85
C ARG A 46 -12.01 -0.68 -9.72
N TRP A 47 -13.30 -0.38 -9.78
CA TRP A 47 -13.94 0.46 -8.76
C TRP A 47 -14.14 -0.30 -7.45
N THR A 48 -13.96 -1.63 -7.48
CA THR A 48 -14.13 -2.43 -6.27
C THR A 48 -12.92 -2.30 -5.35
N LEU A 49 -11.77 -2.80 -5.80
CA LEU A 49 -10.57 -2.72 -4.98
C LEU A 49 -10.11 -1.27 -4.81
N ALA A 50 -10.27 -0.45 -5.84
CA ALA A 50 -9.82 0.94 -5.72
C ALA A 50 -10.17 1.50 -4.33
N PRO A 51 -11.35 1.21 -3.85
CA PRO A 51 -11.81 1.67 -2.50
C PRO A 51 -10.99 1.05 -1.35
N ILE A 52 -10.09 0.13 -1.68
CA ILE A 52 -9.27 -0.54 -0.67
C ILE A 52 -8.80 0.41 0.39
N TRP A 53 -8.36 1.59 -0.02
CA TRP A 53 -7.87 2.55 0.94
C TRP A 53 -8.93 2.83 1.99
N GLY A 54 -10.19 2.81 1.58
CA GLY A 54 -11.28 3.04 2.51
C GLY A 54 -11.25 1.98 3.62
N THR A 55 -10.95 0.75 3.21
CA THR A 55 -10.88 -0.37 4.16
C THR A 55 -9.72 -0.18 5.13
N LEU A 56 -8.53 0.05 4.59
CA LEU A 56 -7.36 0.26 5.41
C LEU A 56 -7.46 1.57 6.16
N TYR A 57 -8.14 2.53 5.54
CA TYR A 57 -8.31 3.84 6.12
C TYR A 57 -8.85 3.79 7.55
N SER A 58 -9.92 3.03 7.74
CA SER A 58 -10.49 2.93 9.07
C SER A 58 -9.64 2.08 10.00
N ALA A 59 -9.01 1.04 9.45
CA ALA A 59 -8.19 0.17 10.28
C ALA A 59 -6.98 0.94 10.84
N MET A 60 -6.32 1.71 9.98
CA MET A 60 -5.16 2.47 10.40
C MET A 60 -5.51 3.50 11.46
N GLY A 61 -6.69 4.11 11.34
CA GLY A 61 -7.11 5.12 12.31
C GLY A 61 -7.30 4.51 13.69
N TYR A 62 -8.22 3.56 13.79
CA TYR A 62 -8.49 2.89 15.05
C TYR A 62 -7.25 2.14 15.56
N GLY A 63 -6.48 1.55 14.64
CA GLY A 63 -5.29 0.83 15.05
C GLY A 63 -4.37 1.72 15.89
N SER A 64 -4.18 2.96 15.44
CA SER A 64 -3.34 3.90 16.16
C SER A 64 -3.94 4.21 17.53
N TYR A 65 -5.27 4.17 17.61
CA TYR A 65 -5.95 4.45 18.88
C TYR A 65 -5.47 3.50 19.95
N ILE A 66 -5.36 2.22 19.59
CA ILE A 66 -4.90 1.21 20.54
C ILE A 66 -3.48 1.54 20.99
N VAL A 67 -2.68 2.02 20.05
CA VAL A 67 -1.29 2.36 20.35
C VAL A 67 -1.20 3.48 21.39
N TRP A 68 -2.06 4.50 21.27
CA TRP A 68 -2.02 5.62 22.21
C TRP A 68 -2.27 5.16 23.63
N LYS A 69 -3.33 4.39 23.81
CA LYS A 69 -3.65 3.93 25.14
C LYS A 69 -2.48 3.23 25.78
N GLU A 70 -1.70 2.49 24.97
CA GLU A 70 -0.54 1.79 25.50
C GLU A 70 0.61 2.76 25.82
N LEU A 71 0.87 3.70 24.91
CA LEU A 71 1.96 4.67 25.09
C LEU A 71 1.60 5.79 26.07
N GLY A 72 0.32 6.10 26.21
CA GLY A 72 -0.11 7.15 27.13
C GLY A 72 -0.55 8.45 26.43
N GLY A 73 -0.37 8.52 25.11
CA GLY A 73 -0.82 9.71 24.37
C GLY A 73 0.20 10.16 23.32
N PHE A 74 0.07 11.41 22.89
CA PHE A 74 0.97 11.98 21.88
C PHE A 74 2.19 12.61 22.57
N THR A 75 3.16 11.78 22.90
CA THR A 75 4.39 12.22 23.55
C THR A 75 5.59 11.82 22.72
N GLU A 76 6.75 12.38 23.00
CA GLU A 76 7.94 12.04 22.24
C GLU A 76 8.01 10.54 22.04
N ASP A 77 7.61 9.79 23.06
CA ASP A 77 7.62 8.33 22.97
C ASP A 77 6.66 7.85 21.89
N ALA A 78 5.47 8.45 21.84
CA ALA A 78 4.46 8.06 20.85
C ALA A 78 4.70 8.73 19.50
N MET A 79 5.16 9.96 19.54
CA MET A 79 5.43 10.71 18.33
C MET A 79 6.45 9.99 17.45
N VAL A 80 7.41 9.33 18.07
CA VAL A 80 8.44 8.61 17.33
C VAL A 80 7.84 7.53 16.43
N PRO A 81 7.03 6.64 16.94
CA PRO A 81 6.42 5.55 16.09
C PRO A 81 5.41 6.09 15.08
N LEU A 82 4.37 6.75 15.58
CA LEU A 82 3.35 7.29 14.68
C LEU A 82 3.97 8.30 13.72
N GLY A 83 4.86 9.14 14.25
CA GLY A 83 5.52 10.14 13.44
C GLY A 83 6.36 9.47 12.35
N LEU A 84 6.99 8.35 12.70
CA LEU A 84 7.81 7.60 11.75
C LEU A 84 6.98 7.22 10.54
N TYR A 85 5.74 6.83 10.78
CA TYR A 85 4.84 6.43 9.71
C TYR A 85 4.67 7.59 8.73
N THR A 86 4.48 8.79 9.26
CA THR A 86 4.30 9.96 8.40
C THR A 86 5.58 10.26 7.61
N GLY A 87 6.72 10.11 8.27
CA GLY A 87 8.00 10.40 7.62
C GLY A 87 8.42 9.29 6.66
N GLN A 88 8.59 8.07 7.17
CA GLN A 88 9.01 6.96 6.34
C GLN A 88 8.07 6.74 5.17
N LEU A 89 6.77 6.85 5.43
CA LEU A 89 5.78 6.67 4.38
C LEU A 89 5.97 7.70 3.27
N ALA A 90 6.28 8.93 3.67
CA ALA A 90 6.47 10.00 2.68
C ALA A 90 7.67 9.71 1.80
N LEU A 91 8.80 9.34 2.41
CA LEU A 91 9.99 9.04 1.65
C LEU A 91 9.73 7.88 0.71
N ASN A 92 8.96 6.90 1.18
CA ASN A 92 8.62 5.75 0.39
C ASN A 92 7.83 6.16 -0.86
N TRP A 93 6.91 7.10 -0.67
CA TRP A 93 6.08 7.58 -1.79
C TRP A 93 6.94 8.20 -2.90
N ALA A 94 8.09 8.75 -2.53
CA ALA A 94 8.97 9.38 -3.51
C ALA A 94 9.65 8.37 -4.44
N TRP A 95 9.67 7.09 -4.05
CA TRP A 95 10.32 6.04 -4.85
C TRP A 95 9.58 5.66 -6.15
N PRO A 96 8.32 5.26 -6.08
CA PRO A 96 7.57 4.83 -7.29
C PRO A 96 7.83 5.73 -8.49
N PRO A 97 8.86 5.48 -9.26
CA PRO A 97 9.16 6.32 -10.44
C PRO A 97 8.01 6.34 -11.43
N ILE A 98 7.23 5.25 -11.43
CA ILE A 98 6.09 5.13 -12.33
C ILE A 98 5.06 6.22 -12.07
N PHE A 99 4.90 6.63 -10.82
CA PHE A 99 3.92 7.65 -10.48
C PHE A 99 4.03 8.83 -11.46
N PHE A 100 5.25 9.25 -11.76
CA PHE A 100 5.44 10.37 -12.68
C PHE A 100 5.02 10.02 -14.10
N GLY A 101 5.54 8.91 -14.63
CA GLY A 101 5.22 8.51 -16.01
C GLY A 101 4.43 7.20 -16.06
N ALA A 102 4.98 6.15 -15.46
CA ALA A 102 4.36 4.83 -15.49
C ALA A 102 4.22 4.33 -16.92
N ARG A 103 4.88 5.02 -17.84
CA ARG A 103 4.83 4.63 -19.24
C ARG A 103 5.28 3.18 -19.41
N GLN A 104 6.26 2.78 -18.60
CA GLN A 104 6.79 1.43 -18.66
C GLN A 104 5.98 0.47 -17.79
N MET A 105 5.93 -0.79 -18.21
CA MET A 105 5.20 -1.83 -17.49
C MET A 105 5.77 -2.05 -16.10
N GLY A 106 6.98 -1.55 -15.86
CA GLY A 106 7.64 -1.75 -14.57
C GLY A 106 6.82 -1.21 -13.38
N TRP A 107 5.50 -1.32 -13.48
CA TRP A 107 4.59 -0.85 -12.45
C TRP A 107 4.75 -1.58 -11.11
N ALA A 108 5.36 -2.77 -11.12
CA ALA A 108 5.51 -3.55 -9.89
C ALA A 108 6.04 -2.68 -8.76
N LEU A 109 6.69 -1.60 -9.12
CA LEU A 109 7.23 -0.70 -8.12
C LEU A 109 6.11 -0.21 -7.21
N ALA A 110 4.91 -0.10 -7.77
CA ALA A 110 3.76 0.36 -6.99
C ALA A 110 3.44 -0.65 -5.88
N ASP A 111 3.26 -1.91 -6.26
CA ASP A 111 2.94 -2.96 -5.29
C ASP A 111 4.05 -3.17 -4.27
N LEU A 112 5.29 -3.26 -4.74
CA LEU A 112 6.40 -3.48 -3.84
C LEU A 112 6.52 -2.34 -2.82
N LEU A 113 6.25 -1.12 -3.28
CA LEU A 113 6.33 0.03 -2.43
C LEU A 113 5.27 0.04 -1.34
N LEU A 114 4.02 -0.19 -1.71
CA LEU A 114 2.94 -0.18 -0.74
C LEU A 114 2.93 -1.43 0.12
N VAL A 115 3.31 -2.57 -0.46
CA VAL A 115 3.33 -3.83 0.29
C VAL A 115 4.34 -3.81 1.43
N SER A 116 5.55 -3.33 1.14
CA SER A 116 6.60 -3.29 2.14
C SER A 116 6.55 -2.03 3.00
N GLY A 117 6.23 -0.90 2.39
CA GLY A 117 6.18 0.36 3.11
C GLY A 117 5.22 0.28 4.29
N VAL A 118 4.07 -0.34 4.05
CA VAL A 118 3.06 -0.50 5.11
C VAL A 118 3.47 -1.57 6.10
N ALA A 119 3.86 -2.74 5.58
CA ALA A 119 4.22 -3.85 6.45
C ALA A 119 5.46 -3.58 7.28
N THR A 120 6.57 -3.25 6.64
CA THR A 120 7.81 -3.00 7.38
C THR A 120 7.70 -1.83 8.35
N ALA A 121 7.12 -0.72 7.89
CA ALA A 121 7.00 0.46 8.73
C ALA A 121 6.00 0.26 9.88
N THR A 122 4.76 -0.03 9.53
CA THR A 122 3.72 -0.21 10.54
C THR A 122 3.99 -1.38 11.48
N THR A 123 4.46 -2.50 10.93
CA THR A 123 4.70 -3.68 11.77
C THR A 123 5.71 -3.40 12.87
N LEU A 124 6.81 -2.73 12.56
CA LEU A 124 7.82 -2.46 13.57
C LEU A 124 7.28 -1.55 14.68
N ALA A 125 6.45 -0.58 14.34
CA ALA A 125 5.92 0.34 15.34
C ALA A 125 4.71 -0.21 16.10
N TRP A 126 3.61 -0.42 15.37
CA TRP A 126 2.35 -0.89 16.00
C TRP A 126 2.44 -2.30 16.58
N HIS A 127 3.05 -3.24 15.87
CA HIS A 127 3.10 -4.62 16.37
C HIS A 127 3.79 -4.70 17.73
N ARG A 128 4.97 -4.10 17.83
CA ARG A 128 5.73 -4.14 19.08
C ARG A 128 4.99 -3.41 20.21
N VAL A 129 4.43 -2.25 19.90
CA VAL A 129 3.72 -1.46 20.90
C VAL A 129 2.34 -2.03 21.21
N SER A 130 1.57 -2.33 20.18
CA SER A 130 0.22 -2.86 20.35
C SER A 130 -0.04 -4.07 19.46
N PRO A 131 0.28 -5.24 19.91
CA PRO A 131 0.05 -6.47 19.10
C PRO A 131 -1.40 -6.58 18.61
N PRO A 132 -2.37 -6.28 19.43
CA PRO A 132 -3.80 -6.38 18.98
C PRO A 132 -4.07 -5.52 17.75
N ALA A 133 -3.34 -4.43 17.62
CA ALA A 133 -3.49 -3.54 16.48
C ALA A 133 -3.18 -4.28 15.18
N ALA A 134 -2.28 -5.25 15.27
CA ALA A 134 -1.91 -6.02 14.09
C ALA A 134 -3.11 -6.78 13.55
N ARG A 135 -3.92 -7.34 14.46
CA ARG A 135 -5.10 -8.07 14.07
C ARG A 135 -6.06 -7.17 13.31
N LEU A 136 -6.15 -5.92 13.74
CA LEU A 136 -7.01 -4.95 13.09
C LEU A 136 -6.66 -4.80 11.62
N LEU A 137 -5.37 -4.84 11.33
CA LEU A 137 -4.90 -4.68 9.96
C LEU A 137 -5.52 -5.72 9.03
N TYR A 138 -5.80 -6.90 9.58
CA TYR A 138 -6.39 -8.02 8.83
C TYR A 138 -6.53 -7.74 7.31
N PRO A 139 -7.45 -6.90 6.90
CA PRO A 139 -7.63 -6.64 5.42
C PRO A 139 -6.32 -6.31 4.71
N TYR A 140 -5.34 -5.84 5.47
CA TYR A 140 -4.06 -5.49 4.89
C TYR A 140 -3.46 -6.70 4.17
N LEU A 141 -3.57 -7.87 4.79
CA LEU A 141 -3.02 -9.09 4.19
C LEU A 141 -3.71 -9.36 2.86
N ALA A 142 -5.04 -9.23 2.84
CA ALA A 142 -5.79 -9.45 1.60
C ALA A 142 -5.46 -8.38 0.58
N TRP A 143 -5.33 -7.15 1.07
CA TRP A 143 -5.02 -6.01 0.21
C TRP A 143 -3.68 -6.21 -0.49
N LEU A 144 -2.67 -6.56 0.30
CA LEU A 144 -1.33 -6.80 -0.23
C LEU A 144 -1.24 -8.14 -0.96
N ALA A 145 -2.05 -9.12 -0.54
CA ALA A 145 -2.00 -10.44 -1.16
C ALA A 145 -2.33 -10.39 -2.66
N PHE A 146 -3.47 -9.81 -3.00
CA PHE A 146 -3.86 -9.71 -4.41
C PHE A 146 -2.92 -8.81 -5.19
N THR A 147 -2.59 -7.66 -4.62
CA THR A 147 -1.73 -6.73 -5.31
C THR A 147 -0.41 -7.40 -5.69
N THR A 148 0.16 -8.18 -4.77
CA THR A 148 1.42 -8.86 -5.03
C THR A 148 1.26 -9.95 -6.10
N VAL A 149 0.26 -10.81 -5.91
CA VAL A 149 0.01 -11.89 -6.86
C VAL A 149 -0.40 -11.32 -8.21
N LEU A 150 -1.21 -10.28 -8.16
CA LEU A 150 -1.69 -9.62 -9.37
C LEU A 150 -0.53 -9.18 -10.25
N ASN A 151 0.51 -8.64 -9.63
CA ASN A 151 1.67 -8.16 -10.37
C ASN A 151 2.37 -9.29 -11.11
N TYR A 152 2.52 -10.44 -10.45
CA TYR A 152 3.19 -11.57 -11.07
C TYR A 152 2.43 -12.08 -12.30
N TYR A 153 1.10 -12.04 -12.23
CA TYR A 153 0.32 -12.52 -13.36
C TYR A 153 0.66 -11.73 -14.61
N VAL A 154 0.71 -10.40 -14.49
CA VAL A 154 1.03 -9.56 -15.63
C VAL A 154 2.50 -9.65 -16.02
N TRP A 155 3.38 -9.56 -15.03
CA TRP A 155 4.82 -9.62 -15.28
C TRP A 155 5.22 -10.96 -15.89
N ARG A 156 4.68 -12.05 -15.34
CA ARG A 156 4.99 -13.38 -15.85
C ARG A 156 4.59 -13.53 -17.31
N ASP A 157 3.50 -12.88 -17.69
CA ASP A 157 3.02 -12.97 -19.06
C ASP A 157 4.10 -12.55 -20.05
N ASN A 158 4.84 -11.50 -19.72
CA ASN A 158 5.91 -11.01 -20.59
C ASN A 158 7.26 -11.55 -20.15
N SER A 159 7.65 -11.22 -18.93
CA SER A 159 8.94 -11.64 -18.39
C SER A 159 9.06 -13.17 -18.31
N GLY A 160 7.93 -13.86 -18.20
CA GLY A 160 7.95 -15.32 -18.11
C GLY A 160 8.40 -15.94 -19.42
N ARG A 161 8.94 -17.15 -19.34
CA ARG A 161 9.41 -17.86 -20.52
C ARG A 161 8.72 -19.21 -20.65
N ARG A 162 8.67 -19.73 -21.87
CA ARG A 162 8.01 -21.01 -22.12
C ARG A 162 8.58 -22.08 -21.19
N GLY A 163 9.89 -22.01 -20.94
CA GLY A 163 10.54 -22.98 -20.07
C GLY A 163 9.87 -23.02 -18.69
N GLY A 164 9.32 -21.89 -18.27
CA GLY A 164 8.67 -21.81 -16.97
C GLY A 164 7.62 -22.90 -16.81
N SER A 165 6.97 -23.27 -17.92
CA SER A 165 5.94 -24.30 -17.88
C SER A 165 6.51 -25.59 -17.31
N ARG A 166 7.79 -25.84 -17.56
CA ARG A 166 8.45 -27.04 -17.07
C ARG A 166 8.32 -27.14 -15.55
N LEU A 167 8.35 -26.00 -14.87
CA LEU A 167 8.22 -25.98 -13.42
C LEU A 167 6.77 -25.81 -13.01
N ALA A 168 6.38 -26.46 -11.92
CA ALA A 168 5.01 -26.37 -11.43
C ALA A 168 4.83 -25.13 -10.56
N GLU A 169 3.88 -24.29 -10.90
CA GLU A 169 3.62 -23.08 -10.13
C GLU A 169 2.19 -22.61 -10.34
C1 PKA B . -4.73 -3.12 -12.38
C2 PKA B . -5.98 -3.40 -11.51
C3 PKA B . -5.88 -2.62 -10.18
C4 PKA B . -6.67 -1.31 -10.29
N5 PKA B . -6.40 -3.43 -9.09
C6 PKA B . -7.64 -4.18 -9.27
C7 PKA B . -5.81 -3.43 -7.89
O8 PKA B . -6.13 -4.24 -7.02
C9 PKA B . -4.78 -2.41 -7.57
N18 PKA B . -3.54 -2.46 -8.21
C17 PKA B . -2.57 -1.51 -7.93
C10 PKA B . -5.06 -1.40 -6.65
C11 PKA B . -4.08 -0.45 -6.36
C12 PKA B . -4.36 0.57 -5.42
C16 PKA B . -2.83 -0.49 -6.99
C13 PKA B . -3.39 1.53 -5.13
C14 PKA B . -2.14 1.48 -5.76
C15 PKA B . -1.86 0.48 -6.68
C19 PKA B . -1.25 -1.58 -8.62
C24 PKA B . -0.83 -0.52 -9.43
C23 PKA B . 0.41 -0.60 -10.08
C20 PKA B . -0.44 -2.71 -8.45
C21 PKA B . 0.79 -2.77 -9.10
C22 PKA B . 1.22 -1.73 -9.92
CL PKA B . -1.84 0.88 -9.63
H1C PKA B . -3.97 -3.84 -12.14
H1A PKA B . -4.36 -2.13 -12.18
H1B PKA B . -4.99 -3.20 -13.42
H2A PKA B . -6.03 -4.46 -11.31
H2B PKA B . -6.86 -3.09 -12.05
H3 PKA B . -4.85 -2.39 -10.00
H4C PKA B . -7.68 -1.52 -10.62
H4A PKA B . -6.19 -0.65 -10.99
H4B PKA B . -6.70 -0.84 -9.31
H6A PKA B . -8.14 -4.29 -8.32
H6B PKA B . -7.42 -5.16 -9.67
H6C PKA B . -8.28 -3.65 -9.96
H10 PKA B . -6.05 -1.30 -6.25
H12 PKA B . -5.35 0.67 -5.03
H13 PKA B . -3.64 2.35 -4.49
H14 PKA B . -1.43 2.26 -5.57
H15 PKA B . -0.91 0.46 -7.19
H23 PKA B . 0.70 0.19 -10.75
H20 PKA B . -0.77 -3.51 -7.82
H21 PKA B . 1.40 -3.66 -9.01
H22 PKA B . 2.13 -1.81 -10.48
#